data_9G1W
#
_entry.id   9G1W
#
_cell.length_a   1.000
_cell.length_b   1.000
_cell.length_c   1.000
_cell.angle_alpha   90.00
_cell.angle_beta   90.00
_cell.angle_gamma   90.00
#
_symmetry.space_group_name_H-M   'P 1'
#
_entity_poly.entity_id   1
_entity_poly.type   'polypeptide(L)'
_entity_poly.pdbx_seq_one_letter_code
;MSVLTIGDKRLGAALLDAGLLTDEELQRALERHREVGGSLAEVLVDMGLLSERRIAQTIEDRFGIPLVELHRVEIPPKVK
ALLPAEKAKELKAIPFALDEEAGVVRVAFLNPLDTLSLEEVEDLTGLVVEPYQTTKSAFLYALAKHYPELGLPV
;
_entity_poly.pdbx_strand_id   A
#
# COMPACT_ATOMS: atom_id res chain seq x y z
N MET A 1 15.92 15.28 -7.07
CA MET A 1 15.28 14.82 -8.32
C MET A 1 15.59 13.36 -8.55
N SER A 2 14.54 12.58 -8.82
CA SER A 2 14.57 11.14 -9.07
C SER A 2 13.29 10.82 -9.84
N VAL A 3 13.13 9.58 -10.28
CA VAL A 3 11.94 9.15 -11.01
C VAL A 3 10.88 8.65 -10.00
N LEU A 4 9.66 8.39 -10.49
CA LEU A 4 8.51 7.89 -9.74
C LEU A 4 8.13 6.48 -10.19
N THR A 5 7.28 5.78 -9.43
CA THR A 5 6.84 4.43 -9.76
C THR A 5 5.69 4.45 -10.79
N ILE A 6 5.29 3.27 -11.24
CA ILE A 6 4.19 3.10 -12.21
C ILE A 6 2.91 3.54 -11.50
N GLY A 7 2.70 3.06 -10.27
CA GLY A 7 1.53 3.37 -9.46
C GLY A 7 1.42 4.86 -9.21
N ASP A 8 2.54 5.56 -9.03
CA ASP A 8 2.55 7.01 -8.79
C ASP A 8 1.96 7.74 -9.99
N LYS A 9 2.35 7.36 -11.21
CA LYS A 9 1.83 7.98 -12.43
C LYS A 9 0.32 7.76 -12.49
N ARG A 10 -0.10 6.50 -12.40
CA ARG A 10 -1.51 6.14 -12.48
C ARG A 10 -2.34 6.81 -11.40
N LEU A 11 -1.89 6.82 -10.14
CA LEU A 11 -2.64 7.44 -9.06
C LEU A 11 -2.69 8.94 -9.24
N GLY A 12 -1.60 9.58 -9.68
CA GLY A 12 -1.57 11.02 -9.90
C GLY A 12 -2.66 11.39 -10.90
N ALA A 13 -2.73 10.66 -12.02
CA ALA A 13 -3.73 10.89 -13.03
C ALA A 13 -5.13 10.64 -12.46
N ALA A 14 -5.28 9.62 -11.62
CA ALA A 14 -6.55 9.27 -10.99
C ALA A 14 -7.10 10.42 -10.15
N LEU A 15 -6.24 11.25 -9.53
CA LEU A 15 -6.71 12.37 -8.70
C LEU A 15 -7.49 13.36 -9.55
N LEU A 16 -6.94 13.74 -10.71
CA LEU A 16 -7.55 14.68 -11.64
C LEU A 16 -8.79 14.02 -12.25
N ASP A 17 -8.65 12.78 -12.72
CA ASP A 17 -9.70 11.98 -13.34
C ASP A 17 -10.91 11.78 -12.42
N ALA A 18 -10.70 11.75 -11.10
CA ALA A 18 -11.73 11.58 -10.08
C ALA A 18 -12.23 12.94 -9.56
N GLY A 19 -11.73 14.07 -10.07
CA GLY A 19 -12.15 15.40 -9.67
C GLY A 19 -11.76 15.77 -8.23
N LEU A 20 -10.66 15.19 -7.72
CA LEU A 20 -10.20 15.46 -6.37
C LEU A 20 -9.40 16.75 -6.30
N LEU A 21 -8.51 16.99 -7.26
CA LEU A 21 -7.68 18.20 -7.35
C LEU A 21 -7.32 18.47 -8.81
N THR A 22 -6.77 19.65 -9.07
CA THR A 22 -6.36 20.09 -10.41
C THR A 22 -4.99 19.51 -10.76
N ASP A 23 -4.65 19.48 -12.05
CA ASP A 23 -3.37 18.98 -12.55
C ASP A 23 -2.21 19.83 -12.02
N GLU A 24 -2.43 21.12 -11.74
CA GLU A 24 -1.41 22.01 -11.20
C GLU A 24 -1.02 21.52 -9.80
N GLU A 25 -2.04 21.16 -9.00
CA GLU A 25 -1.89 20.66 -7.64
C GLU A 25 -1.02 19.40 -7.69
N LEU A 26 -1.32 18.50 -8.64
CA LEU A 26 -0.56 17.27 -8.82
C LEU A 26 0.88 17.63 -9.17
N GLN A 27 1.08 18.57 -10.11
CA GLN A 27 2.39 19.00 -10.55
C GLN A 27 3.24 19.46 -9.35
N ARG A 28 2.63 20.19 -8.42
CA ARG A 28 3.33 20.67 -7.23
C ARG A 28 3.66 19.53 -6.25
N ALA A 29 2.80 18.51 -6.16
CA ALA A 29 3.01 17.36 -5.29
C ALA A 29 4.04 16.39 -5.87
N LEU A 30 4.12 16.27 -7.20
CA LEU A 30 5.05 15.37 -7.89
C LEU A 30 6.49 15.66 -7.49
N GLU A 31 6.84 16.93 -7.34
CA GLU A 31 8.19 17.32 -6.93
C GLU A 31 8.41 16.84 -5.49
N ARG A 32 7.46 17.12 -4.60
CA ARG A 32 7.48 16.75 -3.19
C ARG A 32 7.64 15.25 -3.00
N HIS A 33 7.04 14.43 -3.86
CA HIS A 33 7.10 12.98 -3.76
C HIS A 33 8.55 12.47 -3.68
N ARG A 34 9.45 12.97 -4.54
CA ARG A 34 10.84 12.52 -4.50
C ARG A 34 11.58 13.04 -3.28
N GLU A 35 11.14 14.13 -2.64
CA GLU A 35 11.82 14.65 -1.45
C GLU A 35 11.63 13.69 -0.27
N VAL A 36 10.60 12.82 -0.31
CA VAL A 36 10.29 11.85 0.76
C VAL A 36 10.51 10.39 0.32
N GLY A 37 10.66 10.12 -0.97
CA GLY A 37 10.89 8.82 -1.58
C GLY A 37 9.77 7.79 -1.46
N GLY A 38 8.73 8.04 -0.65
CA GLY A 38 7.61 7.12 -0.50
C GLY A 38 6.71 7.23 -1.73
N SER A 39 5.66 6.42 -1.84
CA SER A 39 4.77 6.51 -2.99
C SER A 39 4.07 7.88 -2.97
N LEU A 40 3.56 8.34 -4.12
CA LEU A 40 2.86 9.60 -4.25
C LEU A 40 1.64 9.63 -3.32
N ALA A 41 1.04 8.47 -3.02
CA ALA A 41 -0.10 8.40 -2.13
C ALA A 41 0.32 8.64 -0.67
N GLU A 42 1.56 8.32 -0.29
CA GLU A 42 2.04 8.53 1.07
C GLU A 42 2.15 10.03 1.33
N VAL A 43 2.76 10.79 0.41
CA VAL A 43 2.89 12.24 0.59
C VAL A 43 1.50 12.86 0.72
N LEU A 44 0.47 12.35 0.02
CA LEU A 44 -0.88 12.90 0.11
C LEU A 44 -1.37 12.89 1.56
N VAL A 45 -1.31 11.75 2.27
CA VAL A 45 -1.78 11.70 3.66
C VAL A 45 -0.77 12.37 4.61
N ASP A 46 0.52 12.26 4.33
CA ASP A 46 1.57 12.85 5.15
C ASP A 46 1.47 14.38 5.13
N MET A 47 0.99 14.96 4.04
CA MET A 47 0.80 16.40 3.85
C MET A 47 -0.66 16.78 4.13
N GLY A 48 -1.54 15.81 4.42
CA GLY A 48 -2.95 16.04 4.73
C GLY A 48 -3.79 16.42 3.51
N LEU A 49 -3.27 16.27 2.29
CA LEU A 49 -3.99 16.58 1.06
C LEU A 49 -5.16 15.63 0.90
N LEU A 50 -4.93 14.31 1.03
CA LEU A 50 -5.96 13.28 0.92
C LEU A 50 -5.52 12.06 1.72
N SER A 51 -6.45 11.34 2.36
CA SER A 51 -6.14 10.13 3.12
C SER A 51 -6.29 8.92 2.17
N GLU A 52 -5.77 7.74 2.55
CA GLU A 52 -5.83 6.52 1.70
C GLU A 52 -7.22 6.23 1.15
N ARG A 53 -8.26 6.31 1.99
CA ARG A 53 -9.61 6.01 1.56
C ARG A 53 -10.04 6.84 0.35
N ARG A 54 -9.67 8.12 0.27
CA ARG A 54 -10.05 8.95 -0.88
C ARG A 54 -9.38 8.49 -2.16
N ILE A 55 -8.11 8.07 -2.11
CA ILE A 55 -7.40 7.59 -3.30
C ILE A 55 -8.00 6.23 -3.65
N ALA A 56 -8.11 5.35 -2.66
CA ALA A 56 -8.63 4.00 -2.79
C ALA A 56 -10.04 3.95 -3.37
N GLN A 57 -10.97 4.79 -2.94
CA GLN A 57 -12.37 4.77 -3.42
C GLN A 57 -12.52 4.88 -4.94
N THR A 58 -11.76 5.74 -5.63
CA THR A 58 -11.88 5.84 -7.09
C THR A 58 -11.37 4.52 -7.70
N ILE A 59 -10.16 4.09 -7.31
CA ILE A 59 -9.48 2.88 -7.77
C ILE A 59 -10.29 1.61 -7.49
N GLU A 60 -10.94 1.54 -6.33
CA GLU A 60 -11.75 0.43 -5.85
C GLU A 60 -12.74 0.06 -6.94
N ASP A 61 -13.46 1.06 -7.46
CA ASP A 61 -14.43 0.87 -8.52
C ASP A 61 -13.80 0.88 -9.93
N ARG A 62 -12.81 1.73 -10.18
CA ARG A 62 -12.15 1.84 -11.48
C ARG A 62 -11.38 0.60 -11.92
N PHE A 63 -10.88 -0.19 -10.97
CA PHE A 63 -10.12 -1.40 -11.21
C PHE A 63 -10.86 -2.62 -10.67
N GLY A 64 -11.84 -2.46 -9.79
CA GLY A 64 -12.57 -3.59 -9.23
C GLY A 64 -11.70 -4.31 -8.22
N ILE A 65 -11.03 -3.57 -7.33
CA ILE A 65 -10.14 -4.12 -6.31
C ILE A 65 -10.93 -4.21 -4.98
N PRO A 66 -10.82 -5.31 -4.22
CA PRO A 66 -11.51 -5.51 -2.96
C PRO A 66 -10.85 -4.75 -1.80
N LEU A 67 -11.63 -4.59 -0.72
CA LEU A 67 -11.28 -3.95 0.53
C LEU A 67 -11.69 -4.93 1.64
N VAL A 68 -10.92 -4.98 2.71
CA VAL A 68 -11.14 -5.89 3.84
C VAL A 68 -11.02 -5.13 5.15
N GLU A 69 -11.50 -5.72 6.25
CA GLU A 69 -11.44 -5.15 7.59
C GLU A 69 -10.19 -5.78 8.22
N LEU A 70 -9.01 -5.33 7.80
CA LEU A 70 -7.71 -5.80 8.28
C LEU A 70 -7.46 -5.29 9.70
N HIS A 71 -7.94 -4.07 9.99
CA HIS A 71 -7.81 -3.43 11.29
C HIS A 71 -8.58 -4.22 12.37
N ARG A 72 -9.44 -5.15 11.94
CA ARG A 72 -10.26 -6.02 12.78
C ARG A 72 -9.82 -7.48 12.66
N VAL A 73 -8.58 -7.74 12.23
CA VAL A 73 -8.01 -9.08 12.06
C VAL A 73 -6.69 -9.15 12.83
N GLU A 74 -6.19 -10.36 13.09
CA GLU A 74 -4.93 -10.61 13.77
C GLU A 74 -4.06 -11.40 12.79
N ILE A 75 -2.78 -11.07 12.65
CA ILE A 75 -1.88 -11.78 11.73
C ILE A 75 -1.39 -13.04 12.44
N PRO A 76 -1.68 -14.26 11.94
CA PRO A 76 -1.22 -15.48 12.58
C PRO A 76 0.28 -15.69 12.35
N PRO A 77 0.97 -16.48 13.20
CA PRO A 77 2.39 -16.75 13.01
C PRO A 77 2.61 -17.63 11.77
N LYS A 78 1.52 -18.26 11.30
CA LYS A 78 1.48 -19.13 10.13
C LYS A 78 1.85 -18.33 8.89
N VAL A 79 1.21 -17.17 8.65
CA VAL A 79 1.52 -16.36 7.47
C VAL A 79 2.87 -15.65 7.62
N LYS A 80 3.33 -15.38 8.85
CA LYS A 80 4.62 -14.71 9.06
C LYS A 80 5.76 -15.44 8.36
N ALA A 81 5.62 -16.76 8.13
CA ALA A 81 6.63 -17.56 7.46
C ALA A 81 6.90 -17.07 6.04
N LEU A 82 5.97 -16.34 5.40
CA LEU A 82 6.12 -15.81 4.05
C LEU A 82 7.25 -14.79 4.02
N LEU A 83 7.07 -13.66 4.69
CA LEU A 83 8.04 -12.56 4.75
C LEU A 83 7.92 -11.87 6.11
N PRO A 84 9.03 -11.44 6.72
CA PRO A 84 9.00 -10.77 8.02
C PRO A 84 8.42 -9.36 7.89
N ALA A 85 7.97 -8.79 9.02
CA ALA A 85 7.37 -7.47 9.11
C ALA A 85 8.28 -6.39 8.49
N GLU A 86 9.60 -6.54 8.60
CA GLU A 86 10.56 -5.59 8.04
C GLU A 86 10.41 -5.50 6.52
N LYS A 87 10.26 -6.64 5.84
CA LYS A 87 10.08 -6.74 4.40
C LYS A 87 8.70 -6.17 4.05
N ALA A 88 7.69 -6.53 4.84
CA ALA A 88 6.32 -6.06 4.65
C ALA A 88 6.29 -4.52 4.66
N LYS A 89 7.02 -3.92 5.61
CA LYS A 89 7.11 -2.49 5.79
C LYS A 89 7.66 -1.81 4.54
N GLU A 90 8.80 -2.27 4.00
CA GLU A 90 9.36 -1.63 2.82
C GLU A 90 8.45 -1.84 1.61
N LEU A 91 7.78 -2.98 1.49
CA LEU A 91 6.86 -3.23 0.38
C LEU A 91 5.54 -2.46 0.58
N LYS A 92 5.35 -1.79 1.73
CA LYS A 92 4.14 -1.04 2.09
C LYS A 92 2.91 -1.94 1.95
N ALA A 93 3.11 -3.23 2.27
CA ALA A 93 2.14 -4.31 2.22
C ALA A 93 2.16 -5.11 3.51
N ILE A 94 1.15 -5.97 3.73
CA ILE A 94 1.04 -6.84 4.90
C ILE A 94 0.36 -8.12 4.42
N PRO A 95 1.01 -9.30 4.52
CA PRO A 95 0.36 -10.55 4.13
C PRO A 95 -0.58 -10.94 5.28
N PHE A 96 -1.64 -11.69 4.98
CA PHE A 96 -2.61 -12.16 5.96
C PHE A 96 -2.86 -13.66 5.84
N ALA A 97 -2.77 -14.24 4.64
CA ALA A 97 -2.98 -15.67 4.45
C ALA A 97 -1.83 -16.29 3.66
N LEU A 98 -1.52 -17.54 4.00
CA LEU A 98 -0.50 -18.38 3.40
C LEU A 98 -1.22 -19.67 3.09
N ASP A 99 -1.32 -20.00 1.81
CA ASP A 99 -1.97 -21.22 1.34
C ASP A 99 -0.98 -21.88 0.41
N GLU A 100 -0.10 -22.70 0.99
CA GLU A 100 0.94 -23.40 0.25
C GLU A 100 0.43 -24.61 -0.53
N GLU A 101 -0.76 -25.13 -0.21
CA GLU A 101 -1.28 -26.28 -0.95
C GLU A 101 -1.64 -25.91 -2.39
N ALA A 102 -1.99 -24.65 -2.60
CA ALA A 102 -2.38 -24.09 -3.90
C ALA A 102 -1.38 -23.07 -4.42
N GLY A 103 -0.41 -22.65 -3.60
CA GLY A 103 0.58 -21.68 -4.01
C GLY A 103 -0.05 -20.31 -4.15
N VAL A 104 -0.87 -19.91 -3.17
CA VAL A 104 -1.58 -18.63 -3.16
C VAL A 104 -1.33 -17.95 -1.81
N VAL A 105 -1.27 -16.62 -1.81
CA VAL A 105 -1.08 -15.82 -0.61
C VAL A 105 -2.02 -14.60 -0.71
N ARG A 106 -2.43 -14.03 0.43
CA ARG A 106 -3.32 -12.86 0.46
C ARG A 106 -2.55 -11.73 1.09
N VAL A 107 -2.60 -10.55 0.47
CA VAL A 107 -1.88 -9.38 0.96
C VAL A 107 -2.79 -8.17 0.90
N ALA A 108 -2.49 -7.15 1.68
CA ALA A 108 -3.23 -5.90 1.71
C ALA A 108 -2.15 -4.84 1.72
N PHE A 109 -2.19 -3.88 0.80
CA PHE A 109 -1.21 -2.81 0.72
C PHE A 109 -1.90 -1.47 0.61
N LEU A 110 -1.15 -0.43 0.94
CA LEU A 110 -1.63 0.96 0.93
C LEU A 110 -1.62 1.60 -0.45
N ASN A 111 -1.06 0.94 -1.47
CA ASN A 111 -0.96 1.48 -2.84
C ASN A 111 -1.56 0.50 -3.87
N PRO A 112 -2.89 0.45 -4.08
CA PRO A 112 -3.53 -0.46 -5.03
C PRO A 112 -3.00 -0.37 -6.47
N LEU A 113 -2.57 0.82 -6.92
CA LEU A 113 -2.04 0.99 -8.28
C LEU A 113 -0.56 0.64 -8.37
N ASP A 114 0.12 0.37 -7.26
CA ASP A 114 1.54 0.02 -7.26
C ASP A 114 1.69 -1.45 -7.63
N THR A 115 1.67 -1.71 -8.93
CA THR A 115 1.82 -3.03 -9.52
C THR A 115 3.25 -3.55 -9.32
N LEU A 116 4.25 -2.66 -9.23
CA LEU A 116 5.64 -3.06 -9.04
C LEU A 116 5.80 -3.83 -7.74
N SER A 117 5.18 -3.35 -6.67
CA SER A 117 5.22 -4.02 -5.36
C SER A 117 4.49 -5.38 -5.44
N LEU A 118 3.49 -5.54 -6.32
CA LEU A 118 2.77 -6.80 -6.46
C LEU A 118 3.70 -7.80 -7.13
N GLU A 119 4.35 -7.36 -8.21
CA GLU A 119 5.30 -8.15 -9.00
C GLU A 119 6.45 -8.60 -8.10
N GLU A 120 6.96 -7.71 -7.25
CA GLU A 120 8.04 -8.02 -6.34
C GLU A 120 7.57 -9.08 -5.32
N VAL A 121 6.39 -8.92 -4.75
CA VAL A 121 5.85 -9.87 -3.77
C VAL A 121 5.63 -11.23 -4.42
N GLU A 122 5.12 -11.32 -5.65
CA GLU A 122 4.87 -12.59 -6.31
C GLU A 122 6.19 -13.32 -6.65
N ASP A 123 7.11 -12.66 -7.33
CA ASP A 123 8.38 -13.25 -7.75
C ASP A 123 9.23 -13.66 -6.54
N LEU A 124 9.23 -12.88 -5.47
CA LEU A 124 10.03 -13.21 -4.28
C LEU A 124 9.64 -14.57 -3.66
N THR A 125 8.45 -15.11 -3.93
CA THR A 125 8.03 -16.41 -3.40
C THR A 125 7.66 -17.41 -4.52
N GLY A 126 7.48 -16.95 -5.76
CA GLY A 126 7.11 -17.78 -6.90
C GLY A 126 5.66 -18.26 -6.79
N LEU A 127 4.79 -17.52 -6.09
CA LEU A 127 3.36 -17.84 -5.89
C LEU A 127 2.47 -16.71 -6.41
N VAL A 128 1.16 -16.91 -6.46
CA VAL A 128 0.22 -15.88 -6.91
C VAL A 128 -0.27 -15.19 -5.65
N VAL A 129 -0.60 -13.89 -5.75
CA VAL A 129 -1.04 -13.09 -4.61
C VAL A 129 -2.35 -12.38 -4.91
N GLU A 130 -3.25 -12.35 -3.93
CA GLU A 130 -4.56 -11.70 -4.00
C GLU A 130 -4.39 -10.31 -3.34
N PRO A 131 -4.34 -9.21 -4.11
CA PRO A 131 -4.16 -7.86 -3.58
C PRO A 131 -5.45 -7.18 -3.09
N TYR A 132 -5.48 -6.82 -1.81
CA TYR A 132 -6.58 -6.13 -1.13
C TYR A 132 -6.14 -4.71 -0.70
N GLN A 133 -7.10 -3.88 -0.29
CA GLN A 133 -6.88 -2.49 0.17
C GLN A 133 -6.85 -2.42 1.70
N THR A 134 -6.26 -1.36 2.27
CA THR A 134 -6.14 -1.11 3.71
C THR A 134 -5.78 0.36 3.97
N THR A 135 -5.76 0.80 5.24
CA THR A 135 -5.46 2.17 5.65
C THR A 135 -4.23 2.24 6.56
N LYS A 136 -3.69 3.46 6.78
CA LYS A 136 -2.51 3.72 7.60
C LYS A 136 -2.62 3.17 9.02
N SER A 137 -3.76 3.33 9.69
CA SER A 137 -3.95 2.84 11.05
C SER A 137 -3.78 1.31 11.09
N ALA A 138 -4.39 0.59 10.15
CA ALA A 138 -4.30 -0.85 10.07
C ALA A 138 -2.87 -1.28 9.74
N PHE A 139 -2.19 -0.54 8.87
CA PHE A 139 -0.81 -0.82 8.47
C PHE A 139 0.11 -0.80 9.71
N LEU A 140 0.07 0.30 10.44
CA LEU A 140 0.88 0.49 11.64
C LEU A 140 0.56 -0.54 12.71
N TYR A 141 -0.66 -1.09 12.72
CA TYR A 141 -1.11 -2.09 13.68
C TYR A 141 -0.25 -3.35 13.62
N ALA A 142 -0.11 -3.96 12.43
CA ALA A 142 0.68 -5.18 12.27
C ALA A 142 2.13 -4.92 12.66
N LEU A 143 2.69 -3.79 12.23
CA LEU A 143 4.08 -3.45 12.54
C LEU A 143 4.28 -3.39 14.05
N ALA A 144 3.43 -2.66 14.77
CA ALA A 144 3.53 -2.55 16.23
C ALA A 144 3.41 -3.90 16.92
N LYS A 145 2.64 -4.83 16.34
CA LYS A 145 2.43 -6.15 16.88
C LYS A 145 3.60 -7.11 16.58
N HIS A 146 4.43 -6.82 15.57
CA HIS A 146 5.58 -7.67 15.23
C HIS A 146 6.87 -7.11 15.84
N TYR A 147 7.01 -5.79 16.00
CA TYR A 147 8.21 -5.18 16.57
C TYR A 147 7.86 -4.08 17.59
N PRO A 148 7.24 -4.45 18.74
CA PRO A 148 6.89 -3.50 19.78
C PRO A 148 8.12 -2.93 20.50
N GLU A 149 9.34 -3.44 20.26
CA GLU A 149 10.57 -3.00 20.91
C GLU A 149 10.80 -1.51 20.72
N LEU A 150 10.48 -0.97 19.53
CA LEU A 150 10.65 0.46 19.23
C LEU A 150 9.32 1.21 19.44
N GLY A 151 8.19 0.50 19.44
CA GLY A 151 6.87 1.06 19.63
C GLY A 151 6.54 2.24 18.70
N LEU A 152 7.11 2.27 17.49
CA LEU A 152 6.93 3.32 16.48
C LEU A 152 7.22 4.71 17.08
N PRO A 153 8.49 5.09 17.22
CA PRO A 153 8.88 6.36 17.82
C PRO A 153 8.46 7.57 16.99
N VAL A 154 8.46 8.71 17.69
CA VAL A 154 8.12 10.05 17.22
C VAL A 154 9.41 10.87 17.24
N MET A 1 18.46 10.43 -8.83
CA MET A 1 17.31 10.08 -9.68
C MET A 1 16.11 10.93 -9.32
N SER A 2 15.40 11.46 -10.32
CA SER A 2 14.23 12.31 -10.16
C SER A 2 13.07 11.69 -10.95
N VAL A 3 12.53 10.57 -10.46
CA VAL A 3 11.42 9.87 -11.08
C VAL A 3 10.38 9.45 -10.03
N LEU A 4 9.22 9.01 -10.52
CA LEU A 4 8.05 8.54 -9.79
C LEU A 4 7.86 7.04 -10.00
N THR A 5 7.01 6.40 -9.20
CA THR A 5 6.73 4.98 -9.30
C THR A 5 5.62 4.74 -10.34
N ILE A 6 5.35 3.48 -10.69
CA ILE A 6 4.30 3.15 -11.65
C ILE A 6 2.96 3.46 -10.95
N GLY A 7 2.83 3.13 -9.67
CA GLY A 7 1.65 3.38 -8.87
C GLY A 7 1.33 4.86 -8.86
N ASP A 8 2.35 5.72 -8.71
CA ASP A 8 2.18 7.17 -8.68
C ASP A 8 1.65 7.67 -10.01
N LYS A 9 2.08 7.07 -11.12
CA LYS A 9 1.62 7.43 -12.45
C LYS A 9 0.13 7.08 -12.58
N ARG A 10 -0.21 5.83 -12.28
CA ARG A 10 -1.58 5.34 -12.38
C ARG A 10 -2.51 6.11 -11.44
N LEU A 11 -2.18 6.22 -10.16
CA LEU A 11 -3.01 6.90 -9.17
C LEU A 11 -3.03 8.41 -9.36
N GLY A 12 -1.93 9.02 -9.78
CA GLY A 12 -1.84 10.45 -9.98
C GLY A 12 -2.90 10.94 -10.96
N ALA A 13 -2.95 10.33 -12.14
CA ALA A 13 -3.93 10.72 -13.15
C ALA A 13 -5.36 10.48 -12.64
N ALA A 14 -5.56 9.40 -11.84
CA ALA A 14 -6.87 9.06 -11.29
C ALA A 14 -7.40 10.19 -10.41
N LEU A 15 -6.54 10.98 -9.75
CA LEU A 15 -6.96 12.09 -8.90
C LEU A 15 -7.71 13.14 -9.73
N LEU A 16 -7.23 13.38 -10.95
CA LEU A 16 -7.82 14.33 -11.90
C LEU A 16 -9.14 13.74 -12.38
N ASP A 17 -9.14 12.46 -12.75
CA ASP A 17 -10.33 11.75 -13.22
C ASP A 17 -11.44 11.75 -12.18
N ALA A 18 -11.07 11.63 -10.91
CA ALA A 18 -11.96 11.62 -9.77
C ALA A 18 -12.42 13.04 -9.39
N GLY A 19 -11.78 14.09 -9.93
CA GLY A 19 -12.13 15.46 -9.62
C GLY A 19 -11.70 15.86 -8.21
N LEU A 20 -10.63 15.27 -7.68
CA LEU A 20 -10.12 15.54 -6.34
C LEU A 20 -9.14 16.71 -6.30
N LEU A 21 -8.25 16.82 -7.29
CA LEU A 21 -7.27 17.89 -7.39
C LEU A 21 -6.90 18.15 -8.86
N THR A 22 -6.46 19.37 -9.14
CA THR A 22 -6.07 19.84 -10.46
C THR A 22 -4.75 19.24 -10.92
N ASP A 23 -4.42 19.40 -12.22
CA ASP A 23 -3.16 18.90 -12.77
C ASP A 23 -2.00 19.67 -12.12
N GLU A 24 -2.27 20.94 -11.75
CA GLU A 24 -1.36 21.87 -11.09
C GLU A 24 -0.94 21.31 -9.74
N GLU A 25 -1.91 20.85 -8.95
CA GLU A 25 -1.68 20.30 -7.62
C GLU A 25 -0.91 18.98 -7.72
N LEU A 26 -1.27 18.15 -8.69
CA LEU A 26 -0.63 16.86 -8.91
C LEU A 26 0.84 17.07 -9.25
N GLN A 27 1.11 17.96 -10.22
CA GLN A 27 2.46 18.26 -10.66
C GLN A 27 3.33 18.76 -9.50
N ARG A 28 2.78 19.52 -8.55
CA ARG A 28 3.51 20.01 -7.40
C ARG A 28 3.81 18.85 -6.45
N ALA A 29 2.79 18.07 -6.08
CA ALA A 29 2.94 16.94 -5.17
C ALA A 29 3.97 15.92 -5.68
N LEU A 30 4.05 15.73 -7.00
CA LEU A 30 4.99 14.78 -7.61
C LEU A 30 6.44 15.14 -7.27
N GLU A 31 6.83 16.41 -7.17
CA GLU A 31 8.20 16.75 -6.82
C GLU A 31 8.41 16.41 -5.34
N ARG A 32 7.43 16.76 -4.49
CA ARG A 32 7.52 16.52 -3.06
C ARG A 32 7.70 15.03 -2.74
N HIS A 33 7.16 14.11 -3.55
CA HIS A 33 7.31 12.66 -3.32
C HIS A 33 8.80 12.33 -3.15
N ARG A 34 9.65 12.84 -4.07
CA ARG A 34 11.08 12.60 -4.04
C ARG A 34 11.77 13.18 -2.80
N GLU A 35 11.16 14.16 -2.14
CA GLU A 35 11.72 14.79 -0.95
C GLU A 35 11.34 14.00 0.31
N VAL A 36 10.27 13.19 0.29
CA VAL A 36 9.82 12.41 1.45
C VAL A 36 10.09 10.90 1.28
N GLY A 37 10.40 10.45 0.06
CA GLY A 37 10.67 9.08 -0.29
C GLY A 37 9.36 8.32 -0.54
N GLY A 38 8.35 8.56 0.29
CA GLY A 38 7.03 7.95 0.18
C GLY A 38 6.43 8.39 -1.14
N SER A 39 5.76 7.45 -1.82
CA SER A 39 5.10 7.63 -3.09
C SER A 39 3.98 8.69 -2.99
N LEU A 40 3.34 9.02 -4.11
CA LEU A 40 2.29 10.02 -4.22
C LEU A 40 1.18 9.87 -3.17
N ALA A 41 0.74 8.65 -2.86
CA ALA A 41 -0.32 8.46 -1.86
C ALA A 41 0.18 8.86 -0.47
N GLU A 42 1.44 8.54 -0.13
CA GLU A 42 2.03 8.87 1.16
C GLU A 42 2.24 10.38 1.25
N VAL A 43 2.86 11.02 0.25
CA VAL A 43 3.10 12.46 0.27
C VAL A 43 1.78 13.24 0.37
N LEU A 44 0.71 12.72 -0.22
CA LEU A 44 -0.61 13.35 -0.18
C LEU A 44 -1.09 13.42 1.27
N VAL A 45 -1.06 12.29 1.98
CA VAL A 45 -1.51 12.26 3.37
C VAL A 45 -0.50 12.94 4.29
N ASP A 46 0.80 12.94 3.97
CA ASP A 46 1.83 13.58 4.80
C ASP A 46 1.55 15.08 4.85
N MET A 47 1.13 15.68 3.74
CA MET A 47 0.79 17.10 3.68
C MET A 47 -0.64 17.29 4.21
N GLY A 48 -1.48 16.26 4.13
CA GLY A 48 -2.87 16.27 4.58
C GLY A 48 -3.84 16.63 3.46
N LEU A 49 -3.37 16.70 2.21
CA LEU A 49 -4.12 17.05 1.01
C LEU A 49 -5.30 16.09 0.82
N LEU A 50 -5.06 14.80 0.95
CA LEU A 50 -6.04 13.71 0.83
C LEU A 50 -5.60 12.60 1.79
N SER A 51 -6.44 11.61 2.04
CA SER A 51 -6.15 10.48 2.91
C SER A 51 -6.14 9.21 2.06
N GLU A 52 -5.47 8.15 2.54
CA GLU A 52 -5.37 6.87 1.82
C GLU A 52 -6.78 6.36 1.48
N ARG A 53 -7.71 6.43 2.44
CA ARG A 53 -9.09 5.99 2.24
C ARG A 53 -9.74 6.75 1.10
N ARG A 54 -9.57 8.08 1.01
CA ARG A 54 -10.19 8.87 -0.07
C ARG A 54 -9.76 8.32 -1.44
N ILE A 55 -8.47 8.05 -1.61
CA ILE A 55 -7.94 7.52 -2.85
C ILE A 55 -8.49 6.10 -3.05
N ALA A 56 -8.42 5.25 -2.03
CA ALA A 56 -8.91 3.87 -2.08
C ALA A 56 -10.37 3.82 -2.52
N GLN A 57 -11.22 4.69 -1.99
CA GLN A 57 -12.64 4.76 -2.34
C GLN A 57 -12.86 4.92 -3.85
N THR A 58 -12.15 5.82 -4.53
CA THR A 58 -12.37 6.00 -5.97
C THR A 58 -11.77 4.81 -6.74
N ILE A 59 -10.67 4.22 -6.28
CA ILE A 59 -10.05 3.09 -6.96
C ILE A 59 -10.91 1.82 -6.78
N GLU A 60 -11.60 1.67 -5.65
CA GLU A 60 -12.47 0.54 -5.33
C GLU A 60 -13.48 0.34 -6.46
N ASP A 61 -14.20 1.38 -6.89
CA ASP A 61 -15.17 1.23 -7.98
C ASP A 61 -14.52 1.33 -9.36
N ARG A 62 -13.52 2.20 -9.56
CA ARG A 62 -12.93 2.35 -10.88
C ARG A 62 -12.22 1.08 -11.34
N PHE A 63 -11.47 0.43 -10.46
CA PHE A 63 -10.75 -0.80 -10.78
C PHE A 63 -11.44 -2.05 -10.23
N GLY A 64 -12.46 -1.91 -9.37
CA GLY A 64 -13.17 -3.06 -8.81
C GLY A 64 -12.33 -3.81 -7.77
N ILE A 65 -11.35 -3.16 -7.15
CA ILE A 65 -10.46 -3.77 -6.16
C ILE A 65 -11.11 -3.79 -4.77
N PRO A 66 -11.04 -4.92 -4.04
CA PRO A 66 -11.62 -5.09 -2.71
C PRO A 66 -10.86 -4.33 -1.60
N LEU A 67 -11.45 -4.29 -0.41
CA LEU A 67 -10.94 -3.63 0.79
C LEU A 67 -11.08 -4.54 2.01
N VAL A 68 -10.08 -4.59 2.88
CA VAL A 68 -10.05 -5.38 4.10
C VAL A 68 -9.79 -4.45 5.29
N GLU A 69 -10.14 -4.91 6.49
CA GLU A 69 -10.00 -4.18 7.74
C GLU A 69 -8.99 -4.89 8.64
N LEU A 70 -7.69 -4.77 8.31
CA LEU A 70 -6.61 -5.41 9.07
C LEU A 70 -6.60 -5.03 10.56
N HIS A 71 -7.23 -3.92 10.95
CA HIS A 71 -7.30 -3.49 12.35
C HIS A 71 -8.09 -4.51 13.19
N ARG A 72 -9.11 -5.13 12.60
CA ARG A 72 -9.98 -6.10 13.27
C ARG A 72 -9.65 -7.54 12.91
N VAL A 73 -8.45 -7.83 12.42
CA VAL A 73 -8.07 -9.18 12.06
C VAL A 73 -6.78 -9.57 12.80
N GLU A 74 -6.67 -10.83 13.15
CA GLU A 74 -5.52 -11.40 13.84
C GLU A 74 -4.44 -11.70 12.80
N ILE A 75 -3.16 -11.74 13.18
CA ILE A 75 -2.06 -12.03 12.27
C ILE A 75 -1.24 -13.16 12.91
N PRO A 76 -1.37 -14.41 12.45
CA PRO A 76 -0.64 -15.56 13.00
C PRO A 76 0.79 -15.63 12.47
N PRO A 77 1.68 -16.41 13.10
CA PRO A 77 3.06 -16.54 12.65
C PRO A 77 3.13 -17.36 11.36
N LYS A 78 2.08 -18.11 11.00
CA LYS A 78 2.00 -18.92 9.80
C LYS A 78 2.26 -18.04 8.58
N VAL A 79 1.54 -16.91 8.46
CA VAL A 79 1.75 -16.03 7.33
C VAL A 79 3.09 -15.27 7.48
N LYS A 80 3.54 -15.00 8.71
CA LYS A 80 4.80 -14.30 8.97
C LYS A 80 5.98 -15.06 8.36
N ALA A 81 5.82 -16.37 8.10
CA ALA A 81 6.87 -17.19 7.50
C ALA A 81 7.24 -16.67 6.11
N LEU A 82 6.30 -16.04 5.39
CA LEU A 82 6.56 -15.49 4.06
C LEU A 82 7.57 -14.37 4.16
N LEU A 83 7.23 -13.28 4.88
CA LEU A 83 8.11 -12.14 5.05
C LEU A 83 7.89 -11.45 6.40
N PRO A 84 8.94 -10.90 7.02
CA PRO A 84 8.85 -10.21 8.30
C PRO A 84 8.30 -8.77 8.12
N ALA A 85 8.03 -8.08 9.22
CA ALA A 85 7.51 -6.70 9.27
C ALA A 85 8.43 -5.72 8.56
N GLU A 86 9.75 -5.88 8.71
CA GLU A 86 10.75 -5.01 8.06
C GLU A 86 10.60 -5.10 6.54
N LYS A 87 10.51 -6.32 6.00
CA LYS A 87 10.34 -6.53 4.56
C LYS A 87 8.98 -5.95 4.14
N ALA A 88 7.96 -6.06 4.99
CA ALA A 88 6.64 -5.52 4.69
C ALA A 88 6.71 -3.99 4.58
N LYS A 89 7.58 -3.32 5.34
CA LYS A 89 7.72 -1.87 5.30
C LYS A 89 8.31 -1.42 3.96
N GLU A 90 9.42 -2.03 3.51
CA GLU A 90 10.07 -1.66 2.25
C GLU A 90 9.12 -1.83 1.05
N LEU A 91 8.38 -2.94 1.03
CA LEU A 91 7.42 -3.26 -0.04
C LEU A 91 6.11 -2.47 0.12
N LYS A 92 5.89 -1.87 1.30
CA LYS A 92 4.70 -1.12 1.66
C LYS A 92 3.46 -2.02 1.60
N ALA A 93 3.63 -3.34 1.70
CA ALA A 93 2.58 -4.35 1.65
C ALA A 93 2.70 -5.25 2.87
N ILE A 94 1.57 -5.73 3.40
CA ILE A 94 1.54 -6.58 4.58
C ILE A 94 0.82 -7.89 4.23
N PRO A 95 1.43 -9.07 4.46
CA PRO A 95 0.81 -10.35 4.14
C PRO A 95 -0.26 -10.71 5.19
N PHE A 96 -1.26 -11.51 4.80
CA PHE A 96 -2.34 -11.93 5.70
C PHE A 96 -2.71 -13.42 5.62
N ALA A 97 -2.77 -14.01 4.42
CA ALA A 97 -3.11 -15.41 4.26
C ALA A 97 -2.02 -16.13 3.49
N LEU A 98 -1.92 -17.44 3.69
CA LEU A 98 -0.93 -18.32 3.08
C LEU A 98 -1.55 -19.71 2.92
N ASP A 99 -1.61 -20.16 1.67
CA ASP A 99 -2.11 -21.45 1.23
C ASP A 99 -0.96 -21.98 0.39
N GLU A 100 -0.02 -22.66 1.03
CA GLU A 100 1.14 -23.20 0.31
C GLU A 100 0.70 -24.31 -0.64
N GLU A 101 -0.41 -24.98 -0.33
CA GLU A 101 -0.96 -26.07 -1.12
C GLU A 101 -1.19 -25.63 -2.56
N ALA A 102 -1.92 -24.52 -2.75
CA ALA A 102 -2.23 -23.97 -4.06
C ALA A 102 -1.20 -22.91 -4.49
N GLY A 103 -0.24 -22.58 -3.63
CA GLY A 103 0.78 -21.58 -3.90
C GLY A 103 0.13 -20.20 -3.99
N VAL A 104 -0.84 -19.92 -3.11
CA VAL A 104 -1.58 -18.67 -3.07
C VAL A 104 -1.32 -17.95 -1.75
N VAL A 105 -1.16 -16.64 -1.81
CA VAL A 105 -0.92 -15.80 -0.63
C VAL A 105 -1.79 -14.53 -0.75
N ARG A 106 -2.16 -13.89 0.36
CA ARG A 106 -2.98 -12.65 0.34
C ARG A 106 -2.16 -11.50 0.91
N VAL A 107 -2.21 -10.32 0.29
CA VAL A 107 -1.47 -9.16 0.77
C VAL A 107 -2.41 -7.95 0.82
N ALA A 108 -2.11 -6.99 1.68
CA ALA A 108 -2.88 -5.77 1.85
C ALA A 108 -1.92 -4.59 1.85
N PHE A 109 -2.18 -3.58 1.04
CA PHE A 109 -1.35 -2.38 0.93
C PHE A 109 -2.23 -1.13 0.83
N LEU A 110 -1.61 0.04 0.99
CA LEU A 110 -2.28 1.34 0.92
C LEU A 110 -2.18 1.88 -0.50
N ASN A 111 -1.57 1.15 -1.45
CA ASN A 111 -1.39 1.59 -2.82
C ASN A 111 -1.98 0.58 -3.81
N PRO A 112 -3.31 0.55 -4.02
CA PRO A 112 -3.98 -0.38 -4.93
C PRO A 112 -3.51 -0.36 -6.40
N LEU A 113 -2.86 0.70 -6.87
CA LEU A 113 -2.39 0.80 -8.25
C LEU A 113 -0.88 0.59 -8.34
N ASP A 114 -0.21 0.28 -7.22
CA ASP A 114 1.23 0.04 -7.15
C ASP A 114 1.50 -1.34 -7.74
N THR A 115 1.49 -1.41 -9.07
CA THR A 115 1.71 -2.63 -9.82
C THR A 115 3.12 -3.16 -9.60
N LEU A 116 4.13 -2.29 -9.40
CA LEU A 116 5.49 -2.78 -9.18
C LEU A 116 5.54 -3.58 -7.88
N SER A 117 4.83 -3.17 -6.84
CA SER A 117 4.82 -3.90 -5.58
C SER A 117 4.27 -5.31 -5.81
N LEU A 118 3.31 -5.49 -6.73
CA LEU A 118 2.77 -6.82 -6.98
C LEU A 118 3.85 -7.66 -7.66
N GLU A 119 4.52 -7.11 -8.67
CA GLU A 119 5.59 -7.78 -9.42
C GLU A 119 6.75 -8.12 -8.47
N GLU A 120 7.08 -7.22 -7.54
CA GLU A 120 8.16 -7.39 -6.60
C GLU A 120 7.82 -8.51 -5.60
N VAL A 121 6.59 -8.54 -5.07
CA VAL A 121 6.16 -9.57 -4.12
C VAL A 121 6.01 -10.94 -4.78
N GLU A 122 5.37 -11.00 -5.95
CA GLU A 122 5.16 -12.27 -6.65
C GLU A 122 6.48 -12.90 -7.08
N ASP A 123 7.47 -12.10 -7.51
CA ASP A 123 8.76 -12.62 -7.94
C ASP A 123 9.58 -13.07 -6.73
N LEU A 124 9.47 -12.35 -5.60
CA LEU A 124 10.21 -12.65 -4.38
C LEU A 124 9.94 -14.04 -3.83
N THR A 125 8.77 -14.64 -4.05
CA THR A 125 8.46 -15.98 -3.56
C THR A 125 8.08 -16.96 -4.70
N GLY A 126 7.71 -16.46 -5.89
CA GLY A 126 7.34 -17.34 -6.99
C GLY A 126 5.96 -17.96 -6.76
N LEU A 127 5.09 -17.29 -6.00
CA LEU A 127 3.72 -17.70 -5.67
C LEU A 127 2.79 -16.60 -6.20
N VAL A 128 1.49 -16.88 -6.32
CA VAL A 128 0.53 -15.91 -6.82
C VAL A 128 -0.11 -15.19 -5.63
N VAL A 129 0.05 -13.87 -5.58
CA VAL A 129 -0.45 -13.02 -4.51
C VAL A 129 -1.77 -12.33 -4.89
N GLU A 130 -2.72 -12.28 -3.94
CA GLU A 130 -4.02 -11.65 -4.08
C GLU A 130 -3.85 -10.23 -3.51
N PRO A 131 -4.01 -9.16 -4.31
CA PRO A 131 -3.86 -7.78 -3.88
C PRO A 131 -5.12 -7.15 -3.26
N TYR A 132 -5.08 -6.70 -2.00
CA TYR A 132 -6.20 -6.05 -1.31
C TYR A 132 -5.79 -4.67 -0.77
N GLN A 133 -6.77 -3.84 -0.44
CA GLN A 133 -6.57 -2.50 0.12
C GLN A 133 -6.78 -2.52 1.63
N THR A 134 -6.20 -1.55 2.33
CA THR A 134 -6.32 -1.36 3.77
C THR A 134 -6.09 0.12 4.07
N THR A 135 -6.29 0.53 5.33
CA THR A 135 -6.12 1.90 5.81
C THR A 135 -4.76 2.01 6.53
N LYS A 136 -4.18 3.21 6.65
CA LYS A 136 -2.89 3.38 7.33
C LYS A 136 -3.01 2.98 8.80
N SER A 137 -4.14 3.23 9.46
CA SER A 137 -4.35 2.87 10.84
C SER A 137 -4.09 1.38 11.04
N ALA A 138 -4.71 0.54 10.20
CA ALA A 138 -4.60 -0.90 10.22
C ALA A 138 -3.18 -1.36 9.84
N PHE A 139 -2.53 -0.65 8.90
CA PHE A 139 -1.19 -0.94 8.44
C PHE A 139 -0.21 -0.82 9.62
N LEU A 140 -0.32 0.28 10.37
CA LEU A 140 0.51 0.57 11.54
C LEU A 140 0.28 -0.51 12.60
N TYR A 141 -0.97 -0.99 12.75
CA TYR A 141 -1.32 -2.02 13.72
C TYR A 141 -0.44 -3.26 13.48
N ALA A 142 -0.32 -3.74 12.23
CA ALA A 142 0.51 -4.92 11.94
C ALA A 142 1.98 -4.62 12.27
N LEU A 143 2.52 -3.48 11.82
CA LEU A 143 3.91 -3.14 12.09
C LEU A 143 4.21 -3.17 13.59
N ALA A 144 3.33 -2.59 14.41
CA ALA A 144 3.50 -2.57 15.85
C ALA A 144 3.29 -3.98 16.45
N LYS A 145 2.38 -4.77 15.90
CA LYS A 145 2.08 -6.13 16.38
C LYS A 145 3.25 -7.07 16.18
N HIS A 146 4.00 -6.90 15.09
CA HIS A 146 5.15 -7.75 14.80
C HIS A 146 6.38 -7.39 15.60
N TYR A 147 6.63 -6.10 15.82
CA TYR A 147 7.77 -5.61 16.60
C TYR A 147 7.20 -4.64 17.64
N PRO A 148 6.61 -5.18 18.74
CA PRO A 148 6.00 -4.37 19.78
C PRO A 148 6.97 -3.51 20.58
N GLU A 149 8.27 -3.84 20.60
CA GLU A 149 9.28 -3.10 21.33
C GLU A 149 9.36 -1.64 20.91
N LEU A 150 9.21 -1.35 19.62
CA LEU A 150 9.31 0.01 19.13
C LEU A 150 8.02 0.78 19.35
N GLY A 151 6.86 0.11 19.34
CA GLY A 151 5.54 0.71 19.53
C GLY A 151 5.18 1.81 18.51
N LEU A 152 6.04 2.06 17.53
CA LEU A 152 5.95 3.06 16.45
C LEU A 152 5.91 4.46 17.08
N PRO A 153 7.08 5.06 17.40
CA PRO A 153 7.15 6.39 18.00
C PRO A 153 6.83 7.48 16.98
N VAL A 154 6.82 8.73 17.43
CA VAL A 154 6.54 9.93 16.65
C VAL A 154 7.86 10.66 16.44
N MET A 1 16.23 14.90 -11.28
CA MET A 1 17.07 14.04 -10.43
C MET A 1 16.56 12.59 -10.36
N SER A 2 15.27 12.30 -10.10
CA SER A 2 14.80 10.91 -10.01
C SER A 2 13.38 10.73 -10.57
N VAL A 3 12.86 9.50 -10.53
CA VAL A 3 11.54 9.10 -11.02
C VAL A 3 10.60 8.65 -9.89
N LEU A 4 9.36 8.32 -10.27
CA LEU A 4 8.22 7.84 -9.49
C LEU A 4 7.82 6.40 -9.82
N THR A 5 6.97 5.78 -9.00
CA THR A 5 6.47 4.41 -9.18
C THR A 5 5.50 4.29 -10.36
N ILE A 6 5.06 3.06 -10.69
CA ILE A 6 4.10 2.82 -11.77
C ILE A 6 2.74 3.33 -11.25
N GLY A 7 2.43 2.98 -10.00
CA GLY A 7 1.19 3.35 -9.34
C GLY A 7 1.01 4.85 -9.25
N ASP A 8 2.09 5.62 -9.15
CA ASP A 8 2.03 7.07 -9.05
C ASP A 8 1.48 7.68 -10.32
N LYS A 9 1.93 7.21 -11.49
CA LYS A 9 1.42 7.74 -12.76
C LYS A 9 -0.07 7.43 -12.87
N ARG A 10 -0.46 6.22 -12.48
CA ARG A 10 -1.83 5.75 -12.53
C ARG A 10 -2.74 6.53 -11.58
N LEU A 11 -2.36 6.64 -10.30
CA LEU A 11 -3.15 7.33 -9.29
C LEU A 11 -3.13 8.83 -9.51
N GLY A 12 -2.01 9.40 -9.95
CA GLY A 12 -1.88 10.83 -10.20
C GLY A 12 -2.84 11.24 -11.31
N ALA A 13 -2.78 10.55 -12.45
CA ALA A 13 -3.67 10.87 -13.57
C ALA A 13 -5.14 10.67 -13.17
N ALA A 14 -5.39 9.72 -12.27
CA ALA A 14 -6.71 9.41 -11.76
C ALA A 14 -7.27 10.54 -10.90
N LEU A 15 -6.43 11.32 -10.20
CA LEU A 15 -6.91 12.42 -9.35
C LEU A 15 -7.78 13.37 -10.16
N LEU A 16 -7.37 13.73 -11.39
CA LEU A 16 -8.15 14.64 -12.23
C LEU A 16 -9.44 13.95 -12.69
N ASP A 17 -9.40 12.66 -13.06
CA ASP A 17 -10.61 11.94 -13.51
C ASP A 17 -11.62 11.88 -12.37
N ALA A 18 -11.15 11.69 -11.14
CA ALA A 18 -11.97 11.63 -9.94
C ALA A 18 -12.37 13.03 -9.46
N GLY A 19 -11.87 14.10 -10.09
CA GLY A 19 -12.21 15.47 -9.71
C GLY A 19 -11.68 15.81 -8.32
N LEU A 20 -10.58 15.19 -7.90
CA LEU A 20 -10.01 15.42 -6.57
C LEU A 20 -9.13 16.66 -6.52
N LEU A 21 -8.18 16.84 -7.45
CA LEU A 21 -7.31 18.01 -7.50
C LEU A 21 -6.85 18.27 -8.94
N THR A 22 -6.38 19.50 -9.18
CA THR A 22 -5.90 19.97 -10.47
C THR A 22 -4.62 19.29 -10.96
N ASP A 23 -4.35 19.37 -12.27
CA ASP A 23 -3.14 18.81 -12.86
C ASP A 23 -1.93 19.59 -12.32
N GLU A 24 -2.16 20.87 -12.02
CA GLU A 24 -1.21 21.84 -11.50
C GLU A 24 -0.76 21.43 -10.10
N GLU A 25 -1.70 21.14 -9.18
CA GLU A 25 -1.34 20.74 -7.82
C GLU A 25 -0.71 19.35 -7.86
N LEU A 26 -1.15 18.49 -8.78
CA LEU A 26 -0.60 17.14 -8.95
C LEU A 26 0.86 17.30 -9.34
N GLN A 27 1.16 18.21 -10.28
CA GLN A 27 2.51 18.47 -10.77
C GLN A 27 3.49 18.77 -9.65
N ARG A 28 3.04 19.46 -8.60
CA ARG A 28 3.87 19.79 -7.46
C ARG A 28 4.20 18.51 -6.70
N ALA A 29 3.18 17.69 -6.40
CA ALA A 29 3.35 16.43 -5.69
C ALA A 29 4.28 15.49 -6.46
N LEU A 30 4.21 15.50 -7.80
CA LEU A 30 5.07 14.67 -8.64
C LEU A 30 6.54 15.02 -8.37
N GLU A 31 6.86 16.29 -8.10
CA GLU A 31 8.22 16.72 -7.79
C GLU A 31 8.56 16.37 -6.35
N ARG A 32 7.65 16.71 -5.43
CA ARG A 32 7.75 16.50 -3.99
C ARG A 32 7.99 15.05 -3.62
N HIS A 33 7.56 14.08 -4.44
CA HIS A 33 7.76 12.65 -4.22
C HIS A 33 9.23 12.37 -3.95
N ARG A 34 10.14 12.95 -4.75
CA ARG A 34 11.57 12.71 -4.57
C ARG A 34 12.11 13.27 -3.26
N GLU A 35 11.44 14.22 -2.62
CA GLU A 35 11.87 14.83 -1.38
C GLU A 35 11.55 13.92 -0.19
N VAL A 36 10.43 13.19 -0.24
CA VAL A 36 10.06 12.25 0.82
C VAL A 36 10.59 10.86 0.47
N GLY A 37 10.91 10.63 -0.81
CA GLY A 37 11.41 9.39 -1.38
C GLY A 37 10.27 8.39 -1.58
N GLY A 38 9.16 8.54 -0.85
CA GLY A 38 7.98 7.71 -0.93
C GLY A 38 7.19 8.11 -2.17
N SER A 39 6.25 7.26 -2.53
CA SER A 39 5.38 7.41 -3.69
C SER A 39 4.48 8.66 -3.60
N LEU A 40 3.76 8.96 -4.69
CA LEU A 40 2.83 10.09 -4.81
C LEU A 40 1.76 10.00 -3.72
N ALA A 41 1.35 8.77 -3.40
CA ALA A 41 0.37 8.51 -2.37
C ALA A 41 0.90 8.91 -0.99
N GLU A 42 2.20 8.72 -0.76
CA GLU A 42 2.83 9.06 0.51
C GLU A 42 2.78 10.57 0.69
N VAL A 43 3.23 11.35 -0.29
CA VAL A 43 3.21 12.81 -0.18
C VAL A 43 1.77 13.32 0.05
N LEU A 44 0.76 12.69 -0.55
CA LEU A 44 -0.63 13.11 -0.37
C LEU A 44 -1.03 13.08 1.11
N VAL A 45 -0.80 11.95 1.79
CA VAL A 45 -1.15 11.83 3.20
C VAL A 45 -0.15 12.56 4.12
N ASP A 46 1.14 12.58 3.77
CA ASP A 46 2.20 13.23 4.53
C ASP A 46 1.96 14.74 4.62
N MET A 47 1.52 15.36 3.52
CA MET A 47 1.24 16.79 3.44
C MET A 47 -0.20 17.11 3.87
N GLY A 48 -1.01 16.09 4.20
CA GLY A 48 -2.40 16.24 4.62
C GLY A 48 -3.32 16.65 3.46
N LEU A 49 -2.86 16.58 2.21
CA LEU A 49 -3.63 16.94 1.03
C LEU A 49 -4.90 16.10 0.95
N LEU A 50 -4.76 14.78 1.08
CA LEU A 50 -5.84 13.80 1.03
C LEU A 50 -5.49 12.67 1.98
N SER A 51 -6.42 11.76 2.23
CA SER A 51 -6.19 10.60 3.09
C SER A 51 -6.11 9.38 2.17
N GLU A 52 -5.33 8.38 2.56
CA GLU A 52 -5.13 7.13 1.84
C GLU A 52 -6.46 6.51 1.41
N ARG A 53 -7.42 6.40 2.33
CA ARG A 53 -8.71 5.81 2.00
C ARG A 53 -9.44 6.59 0.92
N ARG A 54 -9.36 7.93 0.86
CA ARG A 54 -10.05 8.69 -0.19
C ARG A 54 -9.59 8.20 -1.57
N ILE A 55 -8.30 7.93 -1.73
CA ILE A 55 -7.74 7.44 -2.99
C ILE A 55 -8.16 5.97 -3.16
N ALA A 56 -8.02 5.14 -2.11
CA ALA A 56 -8.39 3.72 -2.16
C ALA A 56 -9.85 3.52 -2.61
N GLN A 57 -10.76 4.35 -2.13
CA GLN A 57 -12.19 4.32 -2.44
C GLN A 57 -12.42 4.47 -3.94
N THR A 58 -11.80 5.46 -4.60
CA THR A 58 -11.99 5.63 -6.04
C THR A 58 -11.40 4.40 -6.74
N ILE A 59 -10.27 3.84 -6.27
CA ILE A 59 -9.64 2.67 -6.88
C ILE A 59 -10.54 1.43 -6.73
N GLU A 60 -11.34 1.30 -5.66
CA GLU A 60 -12.23 0.16 -5.48
C GLU A 60 -13.26 0.12 -6.62
N ASP A 61 -13.74 1.28 -7.06
CA ASP A 61 -14.71 1.42 -8.15
C ASP A 61 -14.00 1.39 -9.51
N ARG A 62 -12.91 2.15 -9.65
CA ARG A 62 -12.11 2.26 -10.87
C ARG A 62 -11.41 0.99 -11.29
N PHE A 63 -11.05 0.09 -10.37
CA PHE A 63 -10.35 -1.16 -10.70
C PHE A 63 -11.00 -2.41 -10.12
N GLY A 64 -12.01 -2.28 -9.27
CA GLY A 64 -12.67 -3.46 -8.70
C GLY A 64 -11.86 -4.17 -7.63
N ILE A 65 -10.84 -3.53 -7.07
CA ILE A 65 -9.96 -4.09 -6.04
C ILE A 65 -10.72 -3.89 -4.72
N PRO A 66 -11.17 -4.96 -4.03
CA PRO A 66 -11.93 -4.84 -2.80
C PRO A 66 -11.13 -4.47 -1.54
N LEU A 67 -11.86 -3.89 -0.59
CA LEU A 67 -11.43 -3.46 0.72
C LEU A 67 -11.96 -4.48 1.74
N VAL A 68 -11.15 -4.78 2.76
CA VAL A 68 -11.41 -5.69 3.88
C VAL A 68 -10.92 -4.95 5.13
N GLU A 69 -11.30 -5.39 6.33
CA GLU A 69 -10.92 -4.77 7.59
C GLU A 69 -9.69 -5.46 8.20
N LEU A 70 -8.48 -4.97 7.89
CA LEU A 70 -7.24 -5.55 8.44
C LEU A 70 -7.20 -5.33 9.95
N HIS A 71 -7.90 -4.30 10.44
CA HIS A 71 -8.01 -3.93 11.85
C HIS A 71 -8.77 -5.00 12.65
N ARG A 72 -9.40 -5.98 11.99
CA ARG A 72 -10.14 -7.07 12.64
C ARG A 72 -9.49 -8.43 12.42
N VAL A 73 -8.23 -8.50 12.02
CA VAL A 73 -7.54 -9.77 11.82
C VAL A 73 -6.13 -9.66 12.41
N GLU A 74 -5.50 -10.80 12.69
CA GLU A 74 -4.16 -10.92 13.23
C GLU A 74 -3.28 -11.70 12.26
N ILE A 75 -1.96 -11.55 12.36
CA ILE A 75 -1.01 -12.23 11.50
C ILE A 75 -0.36 -13.36 12.33
N PRO A 76 -0.76 -14.64 12.15
CA PRO A 76 -0.17 -15.75 12.89
C PRO A 76 1.26 -16.05 12.37
N PRO A 77 2.05 -16.89 13.06
CA PRO A 77 3.40 -17.21 12.63
C PRO A 77 3.48 -18.06 11.35
N LYS A 78 2.35 -18.61 10.86
CA LYS A 78 2.38 -19.42 9.66
C LYS A 78 2.62 -18.53 8.44
N VAL A 79 1.82 -17.47 8.28
CA VAL A 79 1.98 -16.53 7.17
C VAL A 79 3.30 -15.76 7.32
N LYS A 80 3.86 -15.67 8.53
CA LYS A 80 5.13 -14.99 8.81
C LYS A 80 6.25 -15.64 8.01
N ALA A 81 6.10 -16.90 7.58
CA ALA A 81 7.12 -17.60 6.81
C ALA A 81 7.41 -16.90 5.47
N LEU A 82 6.51 -16.05 4.97
CA LEU A 82 6.72 -15.35 3.71
C LEU A 82 7.79 -14.27 3.86
N LEU A 83 7.53 -13.21 4.63
CA LEU A 83 8.45 -12.10 4.83
C LEU A 83 8.30 -11.45 6.20
N PRO A 84 9.38 -10.91 6.80
CA PRO A 84 9.32 -10.24 8.10
C PRO A 84 8.67 -8.85 7.97
N ALA A 85 8.29 -8.26 9.10
CA ALA A 85 7.66 -6.94 9.14
C ALA A 85 8.52 -5.85 8.48
N GLU A 86 9.85 -5.90 8.54
CA GLU A 86 10.68 -4.87 7.90
C GLU A 86 10.58 -4.94 6.37
N LYS A 87 10.40 -6.13 5.80
CA LYS A 87 10.25 -6.32 4.35
C LYS A 87 8.83 -5.87 3.99
N ALA A 88 7.86 -6.20 4.84
CA ALA A 88 6.47 -5.81 4.65
C ALA A 88 6.41 -4.26 4.68
N LYS A 89 7.13 -3.64 5.63
CA LYS A 89 7.21 -2.20 5.81
C LYS A 89 7.76 -1.53 4.57
N GLU A 90 8.91 -1.95 4.04
CA GLU A 90 9.48 -1.32 2.85
C GLU A 90 8.55 -1.46 1.66
N LEU A 91 7.88 -2.61 1.51
CA LEU A 91 6.94 -2.88 0.42
C LEU A 91 5.59 -2.19 0.63
N LYS A 92 5.35 -1.55 1.78
CA LYS A 92 4.09 -0.88 2.14
C LYS A 92 2.91 -1.88 2.01
N ALA A 93 3.19 -3.18 2.09
CA ALA A 93 2.25 -4.28 1.97
C ALA A 93 2.43 -5.23 3.14
N ILE A 94 1.37 -5.95 3.53
CA ILE A 94 1.44 -6.91 4.64
C ILE A 94 0.56 -8.09 4.23
N PRO A 95 1.07 -9.34 4.25
CA PRO A 95 0.28 -10.51 3.90
C PRO A 95 -0.68 -10.80 5.05
N PHE A 96 -1.75 -11.57 4.78
CA PHE A 96 -2.73 -11.93 5.81
C PHE A 96 -3.27 -13.35 5.71
N ALA A 97 -2.90 -14.09 4.66
CA ALA A 97 -3.31 -15.48 4.45
C ALA A 97 -2.22 -16.14 3.62
N LEU A 98 -2.06 -17.45 3.79
CA LEU A 98 -1.07 -18.27 3.11
C LEU A 98 -1.64 -19.66 2.90
N ASP A 99 -1.80 -20.08 1.65
CA ASP A 99 -2.30 -21.39 1.27
C ASP A 99 -1.22 -21.89 0.33
N GLU A 100 -0.18 -22.53 0.88
CA GLU A 100 0.93 -23.04 0.07
C GLU A 100 0.49 -24.20 -0.81
N GLU A 101 -0.54 -24.93 -0.41
CA GLU A 101 -1.07 -26.06 -1.16
C GLU A 101 -1.58 -25.54 -2.50
N ALA A 102 -2.39 -24.48 -2.45
CA ALA A 102 -2.94 -23.86 -3.64
C ALA A 102 -1.88 -22.96 -4.31
N GLY A 103 -0.87 -22.54 -3.55
CA GLY A 103 0.20 -21.67 -4.01
C GLY A 103 -0.30 -20.23 -4.12
N VAL A 104 -1.20 -19.84 -3.22
CA VAL A 104 -1.84 -18.52 -3.18
C VAL A 104 -1.63 -17.88 -1.81
N VAL A 105 -1.43 -16.56 -1.79
CA VAL A 105 -1.26 -15.78 -0.57
C VAL A 105 -2.15 -14.53 -0.69
N ARG A 106 -2.53 -13.90 0.41
CA ARG A 106 -3.38 -12.69 0.38
C ARG A 106 -2.58 -11.53 0.96
N VAL A 107 -2.65 -10.34 0.37
CA VAL A 107 -1.90 -9.18 0.85
C VAL A 107 -2.76 -7.92 0.76
N ALA A 108 -2.42 -6.90 1.52
CA ALA A 108 -3.10 -5.62 1.52
C ALA A 108 -1.99 -4.58 1.57
N PHE A 109 -2.08 -3.54 0.74
CA PHE A 109 -1.08 -2.48 0.65
C PHE A 109 -1.71 -1.09 0.57
N LEU A 110 -0.90 -0.04 0.65
CA LEU A 110 -1.40 1.34 0.60
C LEU A 110 -1.39 1.92 -0.82
N ASN A 111 -0.87 1.21 -1.83
CA ASN A 111 -0.84 1.66 -3.23
C ASN A 111 -1.53 0.63 -4.12
N PRO A 112 -2.86 0.50 -4.09
CA PRO A 112 -3.59 -0.48 -4.91
C PRO A 112 -3.43 -0.34 -6.44
N LEU A 113 -2.67 0.63 -6.93
CA LEU A 113 -2.42 0.86 -8.36
C LEU A 113 -0.96 0.61 -8.72
N ASP A 114 -0.05 0.38 -7.76
CA ASP A 114 1.35 0.13 -8.10
C ASP A 114 1.52 -1.32 -8.52
N THR A 115 1.51 -1.56 -9.83
CA THR A 115 1.66 -2.88 -10.39
C THR A 115 2.99 -3.50 -9.94
N LEU A 116 4.04 -2.68 -9.80
CA LEU A 116 5.35 -3.15 -9.38
C LEU A 116 5.26 -3.84 -8.04
N SER A 117 4.49 -3.28 -7.10
CA SER A 117 4.35 -3.86 -5.77
C SER A 117 3.85 -5.30 -5.86
N LEU A 118 2.77 -5.54 -6.62
CA LEU A 118 2.22 -6.88 -6.74
C LEU A 118 3.16 -7.82 -7.49
N GLU A 119 3.78 -7.36 -8.58
CA GLU A 119 4.68 -8.17 -9.37
C GLU A 119 5.98 -8.47 -8.60
N GLU A 120 6.42 -7.58 -7.72
CA GLU A 120 7.62 -7.78 -6.91
C GLU A 120 7.29 -8.80 -5.81
N VAL A 121 6.10 -8.70 -5.21
CA VAL A 121 5.65 -9.61 -4.15
C VAL A 121 5.39 -11.02 -4.68
N GLU A 122 4.80 -11.18 -5.86
CA GLU A 122 4.53 -12.51 -6.41
C GLU A 122 5.85 -13.20 -6.73
N ASP A 123 6.79 -12.49 -7.36
CA ASP A 123 8.11 -12.99 -7.74
C ASP A 123 8.96 -13.32 -6.51
N LEU A 124 8.92 -12.48 -5.47
CA LEU A 124 9.71 -12.67 -4.25
C LEU A 124 9.44 -13.97 -3.52
N THR A 125 8.26 -14.58 -3.67
CA THR A 125 7.94 -15.83 -2.99
C THR A 125 7.54 -16.96 -3.96
N GLY A 126 7.28 -16.65 -5.23
CA GLY A 126 6.88 -17.59 -6.26
C GLY A 126 5.41 -18.01 -6.15
N LEU A 127 4.65 -17.47 -5.20
CA LEU A 127 3.23 -17.78 -4.98
C LEU A 127 2.41 -16.58 -5.46
N VAL A 128 1.22 -16.85 -6.01
CA VAL A 128 0.36 -15.80 -6.52
C VAL A 128 -0.20 -15.06 -5.32
N VAL A 129 -0.48 -13.77 -5.47
CA VAL A 129 -0.97 -12.96 -4.39
C VAL A 129 -2.25 -12.23 -4.77
N GLU A 130 -3.20 -12.20 -3.83
CA GLU A 130 -4.48 -11.53 -4.00
C GLU A 130 -4.31 -10.12 -3.42
N PRO A 131 -4.46 -9.05 -4.24
CA PRO A 131 -4.32 -7.66 -3.81
C PRO A 131 -5.59 -7.07 -3.17
N TYR A 132 -5.58 -6.73 -1.89
CA TYR A 132 -6.71 -6.14 -1.17
C TYR A 132 -6.31 -4.73 -0.71
N GLN A 133 -7.28 -3.91 -0.27
CA GLN A 133 -7.01 -2.54 0.20
C GLN A 133 -6.92 -2.47 1.73
N THR A 134 -6.40 -1.36 2.26
CA THR A 134 -6.26 -1.12 3.69
C THR A 134 -6.06 0.37 4.01
N THR A 135 -6.11 0.74 5.29
CA THR A 135 -5.93 2.09 5.81
C THR A 135 -4.58 2.15 6.54
N LYS A 136 -4.10 3.36 6.83
CA LYS A 136 -2.84 3.59 7.54
C LYS A 136 -2.92 2.98 8.94
N SER A 137 -4.01 3.21 9.67
CA SER A 137 -4.22 2.71 11.02
C SER A 137 -4.17 1.18 11.07
N ALA A 138 -4.72 0.50 10.06
CA ALA A 138 -4.72 -0.95 10.00
C ALA A 138 -3.32 -1.47 9.64
N PHE A 139 -2.61 -0.82 8.72
CA PHE A 139 -1.26 -1.22 8.33
C PHE A 139 -0.36 -1.15 9.58
N LEU A 140 -0.50 -0.06 10.35
CA LEU A 140 0.24 0.18 11.58
C LEU A 140 -0.01 -0.90 12.62
N TYR A 141 -1.20 -1.51 12.65
CA TYR A 141 -1.53 -2.55 13.62
C TYR A 141 -0.52 -3.71 13.55
N ALA A 142 -0.33 -4.31 12.37
CA ALA A 142 0.62 -5.41 12.24
C ALA A 142 2.02 -4.92 12.55
N LEU A 143 2.40 -3.73 12.08
CA LEU A 143 3.73 -3.18 12.32
C LEU A 143 4.03 -3.16 13.82
N ALA A 144 3.11 -2.63 14.64
CA ALA A 144 3.28 -2.57 16.08
C ALA A 144 3.41 -3.99 16.66
N LYS A 145 2.55 -4.92 16.23
CA LYS A 145 2.58 -6.29 16.71
C LYS A 145 3.86 -7.06 16.35
N HIS A 146 4.57 -6.65 15.30
CA HIS A 146 5.79 -7.30 14.87
C HIS A 146 7.03 -6.62 15.48
N TYR A 147 6.92 -5.40 15.97
CA TYR A 147 7.99 -4.63 16.60
C TYR A 147 7.40 -3.90 17.82
N PRO A 148 6.89 -4.63 18.82
CA PRO A 148 6.30 -4.02 20.01
C PRO A 148 7.35 -3.32 20.88
N GLU A 149 8.64 -3.52 20.60
CA GLU A 149 9.74 -2.90 21.33
C GLU A 149 9.57 -1.37 21.18
N LEU A 150 9.12 -0.90 20.01
CA LEU A 150 8.89 0.52 19.77
C LEU A 150 7.42 0.83 20.05
N GLY A 151 6.52 -0.13 19.81
CA GLY A 151 5.07 -0.05 20.02
C GLY A 151 4.33 1.11 19.35
N LEU A 152 5.02 1.95 18.56
CA LEU A 152 4.55 3.13 17.83
C LEU A 152 4.37 4.31 18.81
N PRO A 153 5.44 5.05 19.15
CA PRO A 153 5.38 6.20 20.04
C PRO A 153 4.68 7.38 19.35
N VAL A 154 4.74 8.59 19.92
CA VAL A 154 4.11 9.79 19.37
C VAL A 154 5.09 10.96 19.48
N MET A 1 17.01 11.01 -14.19
CA MET A 1 16.80 9.82 -13.36
C MET A 1 15.75 10.12 -12.29
N SER A 2 15.50 9.16 -11.40
CA SER A 2 14.56 9.24 -10.29
C SER A 2 13.14 9.51 -10.76
N VAL A 3 12.58 8.51 -11.45
CA VAL A 3 11.25 8.51 -12.01
C VAL A 3 10.26 7.96 -10.97
N LEU A 4 9.01 8.42 -11.00
CA LEU A 4 7.91 8.01 -10.13
C LEU A 4 7.52 6.53 -10.33
N THR A 5 6.73 5.97 -9.41
CA THR A 5 6.31 4.57 -9.49
C THR A 5 5.10 4.41 -10.44
N ILE A 6 4.74 3.17 -10.77
CA ILE A 6 3.64 2.85 -11.68
C ILE A 6 2.30 3.38 -11.16
N GLY A 7 2.00 3.13 -9.89
CA GLY A 7 0.76 3.56 -9.28
C GLY A 7 0.67 5.07 -9.20
N ASP A 8 1.78 5.78 -9.03
CA ASP A 8 1.80 7.24 -8.93
C ASP A 8 1.24 7.83 -10.22
N LYS A 9 1.59 7.25 -11.37
CA LYS A 9 1.11 7.73 -12.67
C LYS A 9 -0.38 7.53 -12.81
N ARG A 10 -0.82 6.29 -12.58
CA ARG A 10 -2.21 5.87 -12.71
C ARG A 10 -3.09 6.65 -11.73
N LEU A 11 -2.71 6.69 -10.45
CA LEU A 11 -3.45 7.37 -9.41
C LEU A 11 -3.40 8.87 -9.62
N GLY A 12 -2.24 9.47 -9.90
CA GLY A 12 -2.09 10.91 -10.12
C GLY A 12 -3.03 11.38 -11.21
N ALA A 13 -2.96 10.71 -12.38
CA ALA A 13 -3.81 11.04 -13.51
C ALA A 13 -5.29 10.84 -13.18
N ALA A 14 -5.58 9.89 -12.29
CA ALA A 14 -6.92 9.57 -11.84
C ALA A 14 -7.42 10.61 -10.84
N LEU A 15 -6.58 11.29 -10.07
CA LEU A 15 -7.02 12.30 -9.10
C LEU A 15 -7.86 13.37 -9.81
N LEU A 16 -7.41 13.78 -11.01
CA LEU A 16 -8.09 14.78 -11.83
C LEU A 16 -9.42 14.18 -12.32
N ASP A 17 -9.34 12.96 -12.88
CA ASP A 17 -10.47 12.20 -13.40
C ASP A 17 -11.55 11.96 -12.33
N ALA A 18 -11.14 11.87 -11.07
CA ALA A 18 -11.97 11.65 -9.90
C ALA A 18 -12.49 12.97 -9.33
N GLY A 19 -12.12 14.13 -9.89
CA GLY A 19 -12.57 15.42 -9.42
C GLY A 19 -12.04 15.75 -8.02
N LEU A 20 -10.87 15.20 -7.66
CA LEU A 20 -10.29 15.43 -6.34
C LEU A 20 -9.40 16.68 -6.30
N LEU A 21 -8.48 16.82 -7.25
CA LEU A 21 -7.56 17.95 -7.39
C LEU A 21 -7.14 18.13 -8.85
N THR A 22 -6.54 19.28 -9.19
CA THR A 22 -6.09 19.58 -10.55
C THR A 22 -4.73 18.95 -10.86
N ASP A 23 -4.37 18.90 -12.15
CA ASP A 23 -3.08 18.35 -12.60
C ASP A 23 -1.94 19.25 -12.08
N GLU A 24 -2.22 20.54 -11.92
CA GLU A 24 -1.31 21.55 -11.43
C GLU A 24 -0.90 21.22 -9.98
N GLU A 25 -1.85 20.75 -9.18
CA GLU A 25 -1.64 20.37 -7.78
C GLU A 25 -0.74 19.14 -7.76
N LEU A 26 -1.04 18.16 -8.62
CA LEU A 26 -0.29 16.92 -8.76
C LEU A 26 1.15 17.25 -9.15
N GLN A 27 1.34 18.11 -10.14
CA GLN A 27 2.64 18.50 -10.64
C GLN A 27 3.56 18.99 -9.51
N ARG A 28 3.02 19.65 -8.49
CA ARG A 28 3.83 20.13 -7.37
C ARG A 28 4.21 18.96 -6.46
N ALA A 29 3.23 18.13 -6.08
CA ALA A 29 3.43 16.97 -5.21
C ALA A 29 4.45 15.99 -5.78
N LEU A 30 4.53 15.83 -7.11
CA LEU A 30 5.47 14.93 -7.75
C LEU A 30 6.92 15.27 -7.42
N GLU A 31 7.25 16.55 -7.22
CA GLU A 31 8.62 16.93 -6.85
C GLU A 31 8.85 16.55 -5.39
N ARG A 32 7.84 16.81 -4.53
CA ARG A 32 7.85 16.53 -3.10
C ARG A 32 8.14 15.04 -2.84
N HIS A 33 7.57 14.15 -3.67
CA HIS A 33 7.73 12.71 -3.59
C HIS A 33 9.22 12.30 -3.54
N ARG A 34 10.09 12.92 -4.33
CA ARG A 34 11.52 12.59 -4.36
C ARG A 34 12.25 12.99 -3.07
N GLU A 35 11.71 13.92 -2.29
CA GLU A 35 12.32 14.38 -1.04
C GLU A 35 12.00 13.44 0.11
N VAL A 36 10.76 12.92 0.17
CA VAL A 36 10.30 12.02 1.23
C VAL A 36 10.48 10.56 0.85
N GLY A 37 10.58 10.28 -0.45
CA GLY A 37 10.75 8.96 -1.06
C GLY A 37 9.48 8.11 -1.04
N GLY A 38 8.54 8.39 -0.13
CA GLY A 38 7.27 7.68 -0.01
C GLY A 38 6.45 7.96 -1.26
N SER A 39 5.60 7.01 -1.65
CA SER A 39 4.72 7.06 -2.82
C SER A 39 3.86 8.33 -2.89
N LEU A 40 3.25 8.61 -4.05
CA LEU A 40 2.39 9.78 -4.22
C LEU A 40 1.25 9.75 -3.20
N ALA A 41 0.65 8.57 -2.98
CA ALA A 41 -0.43 8.40 -2.02
C ALA A 41 0.05 8.62 -0.59
N GLU A 42 1.34 8.37 -0.32
CA GLU A 42 1.98 8.54 0.98
C GLU A 42 2.17 10.03 1.23
N VAL A 43 2.76 10.78 0.28
CA VAL A 43 2.96 12.22 0.46
C VAL A 43 1.61 12.95 0.54
N LEU A 44 0.59 12.50 -0.20
CA LEU A 44 -0.75 13.10 -0.19
C LEU A 44 -1.32 13.15 1.23
N VAL A 45 -1.27 12.04 1.97
CA VAL A 45 -1.79 12.00 3.33
C VAL A 45 -0.85 12.71 4.30
N ASP A 46 0.46 12.66 4.09
CA ASP A 46 1.44 13.31 4.97
C ASP A 46 1.26 14.82 4.93
N MET A 47 1.01 15.37 3.74
CA MET A 47 0.79 16.80 3.51
C MET A 47 -0.65 17.21 3.84
N GLY A 48 -1.50 16.28 4.27
CA GLY A 48 -2.89 16.53 4.64
C GLY A 48 -3.79 16.88 3.45
N LEU A 49 -3.28 16.76 2.22
CA LEU A 49 -3.99 17.06 0.99
C LEU A 49 -5.20 16.15 0.86
N LEU A 50 -5.02 14.84 1.03
CA LEU A 50 -6.09 13.86 0.95
C LEU A 50 -5.73 12.65 1.82
N SER A 51 -6.71 12.03 2.46
CA SER A 51 -6.46 10.84 3.28
C SER A 51 -6.33 9.66 2.31
N GLU A 52 -5.66 8.56 2.69
CA GLU A 52 -5.50 7.41 1.78
C GLU A 52 -6.86 6.94 1.26
N ARG A 53 -7.89 6.96 2.13
CA ARG A 53 -9.24 6.53 1.74
C ARG A 53 -9.79 7.30 0.55
N ARG A 54 -9.58 8.61 0.44
CA ARG A 54 -10.12 9.36 -0.69
C ARG A 54 -9.61 8.79 -2.02
N ILE A 55 -8.34 8.41 -2.06
CA ILE A 55 -7.70 7.83 -3.25
C ILE A 55 -8.21 6.39 -3.38
N ALA A 56 -8.14 5.61 -2.30
CA ALA A 56 -8.57 4.22 -2.27
C ALA A 56 -9.99 4.01 -2.76
N GLN A 57 -10.95 4.86 -2.37
CA GLN A 57 -12.35 4.77 -2.76
C GLN A 57 -12.53 4.83 -4.27
N THR A 58 -11.92 5.79 -4.96
CA THR A 58 -12.09 5.86 -6.40
C THR A 58 -11.47 4.61 -7.05
N ILE A 59 -10.31 4.14 -6.57
CA ILE A 59 -9.65 2.96 -7.13
C ILE A 59 -10.50 1.71 -6.86
N GLU A 60 -11.11 1.60 -5.68
CA GLU A 60 -11.95 0.50 -5.24
C GLU A 60 -13.04 0.25 -6.28
N ASP A 61 -13.71 1.33 -6.68
CA ASP A 61 -14.78 1.28 -7.66
C ASP A 61 -14.25 1.16 -9.09
N ARG A 62 -13.26 1.97 -9.47
CA ARG A 62 -12.72 1.98 -10.83
C ARG A 62 -12.01 0.67 -11.20
N PHE A 63 -11.50 -0.09 -10.24
CA PHE A 63 -10.80 -1.34 -10.51
C PHE A 63 -11.45 -2.55 -9.84
N GLY A 64 -12.57 -2.39 -9.13
CA GLY A 64 -13.27 -3.50 -8.48
C GLY A 64 -12.37 -4.28 -7.51
N ILE A 65 -11.48 -3.57 -6.81
CA ILE A 65 -10.54 -4.19 -5.87
C ILE A 65 -11.28 -4.35 -4.53
N PRO A 66 -11.15 -5.49 -3.84
CA PRO A 66 -11.81 -5.72 -2.56
C PRO A 66 -11.11 -4.98 -1.41
N LEU A 67 -11.90 -4.52 -0.44
CA LEU A 67 -11.46 -3.80 0.75
C LEU A 67 -11.70 -4.66 1.99
N VAL A 68 -10.76 -4.66 2.94
CA VAL A 68 -10.83 -5.40 4.20
C VAL A 68 -10.26 -4.57 5.36
N GLU A 69 -10.66 -4.91 6.58
CA GLU A 69 -10.24 -4.26 7.81
C GLU A 69 -9.12 -5.07 8.47
N LEU A 70 -7.86 -4.89 8.04
CA LEU A 70 -6.73 -5.62 8.63
C LEU A 70 -6.57 -5.31 10.13
N HIS A 71 -7.21 -4.25 10.60
CA HIS A 71 -7.24 -3.78 11.99
C HIS A 71 -8.06 -4.74 12.87
N ARG A 72 -8.89 -5.59 12.26
CA ARG A 72 -9.77 -6.56 12.93
C ARG A 72 -9.28 -8.01 12.72
N VAL A 73 -8.05 -8.21 12.23
CA VAL A 73 -7.46 -9.52 12.01
C VAL A 73 -6.02 -9.48 12.54
N GLU A 74 -5.43 -10.64 12.80
CA GLU A 74 -4.07 -10.77 13.32
C GLU A 74 -3.19 -11.54 12.34
N ILE A 75 -1.87 -11.39 12.44
CA ILE A 75 -0.91 -12.04 11.56
C ILE A 75 -0.28 -13.25 12.30
N PRO A 76 -0.69 -14.50 12.00
CA PRO A 76 -0.16 -15.71 12.64
C PRO A 76 1.26 -16.05 12.14
N PRO A 77 1.97 -16.98 12.81
CA PRO A 77 3.32 -17.37 12.42
C PRO A 77 3.43 -17.95 11.01
N LYS A 78 2.40 -18.65 10.51
CA LYS A 78 2.45 -19.25 9.18
C LYS A 78 2.72 -18.23 8.09
N VAL A 79 1.93 -17.15 8.02
CA VAL A 79 2.12 -16.13 6.99
C VAL A 79 3.37 -15.29 7.33
N LYS A 80 3.72 -15.13 8.62
CA LYS A 80 4.90 -14.37 9.04
C LYS A 80 6.17 -15.01 8.46
N ALA A 81 6.17 -16.31 8.17
CA ALA A 81 7.33 -16.99 7.60
C ALA A 81 7.69 -16.48 6.20
N LEU A 82 6.78 -15.77 5.52
CA LEU A 82 7.05 -15.23 4.18
C LEU A 82 8.14 -14.17 4.26
N LEU A 83 7.84 -13.04 4.91
CA LEU A 83 8.76 -11.92 5.06
C LEU A 83 8.49 -11.19 6.38
N PRO A 84 9.52 -10.61 7.03
CA PRO A 84 9.35 -9.89 8.28
C PRO A 84 8.67 -8.52 8.07
N ALA A 85 8.28 -7.89 9.18
CA ALA A 85 7.62 -6.58 9.22
C ALA A 85 8.33 -5.53 8.37
N GLU A 86 9.66 -5.46 8.47
CA GLU A 86 10.48 -4.51 7.73
C GLU A 86 10.34 -4.67 6.22
N LYS A 87 10.36 -5.91 5.71
CA LYS A 87 10.22 -6.18 4.28
C LYS A 87 8.83 -5.75 3.82
N ALA A 88 7.82 -5.96 4.64
CA ALA A 88 6.45 -5.57 4.33
C ALA A 88 6.38 -4.04 4.25
N LYS A 89 6.94 -3.36 5.26
CA LYS A 89 6.97 -1.92 5.39
C LYS A 89 7.67 -1.29 4.20
N GLU A 90 8.85 -1.77 3.79
CA GLU A 90 9.55 -1.19 2.64
C GLU A 90 8.77 -1.41 1.33
N LEU A 91 7.89 -2.41 1.28
CA LEU A 91 7.06 -2.70 0.12
C LEU A 91 5.72 -1.94 0.19
N LYS A 92 5.46 -1.16 1.25
CA LYS A 92 4.22 -0.40 1.45
C LYS A 92 3.00 -1.34 1.51
N ALA A 93 3.21 -2.63 1.82
CA ALA A 93 2.20 -3.68 1.89
C ALA A 93 2.35 -4.54 3.14
N ILE A 94 1.36 -5.37 3.49
CA ILE A 94 1.39 -6.27 4.63
C ILE A 94 0.58 -7.53 4.26
N PRO A 95 1.20 -8.73 4.24
CA PRO A 95 0.50 -9.96 3.92
C PRO A 95 -0.41 -10.34 5.10
N PHE A 96 -1.46 -11.14 4.86
CA PHE A 96 -2.37 -11.57 5.92
C PHE A 96 -2.79 -13.04 5.85
N ALA A 97 -2.58 -13.74 4.72
CA ALA A 97 -2.92 -15.15 4.61
C ALA A 97 -1.91 -15.84 3.69
N LEU A 98 -1.71 -17.14 3.90
CA LEU A 98 -0.80 -18.00 3.17
C LEU A 98 -1.49 -19.34 2.91
N ASP A 99 -1.60 -19.71 1.64
CA ASP A 99 -2.20 -20.96 1.21
C ASP A 99 -1.08 -21.61 0.39
N GLU A 100 -0.21 -22.35 1.07
CA GLU A 100 0.93 -23.02 0.42
C GLU A 100 0.50 -24.16 -0.51
N GLU A 101 -0.61 -24.84 -0.20
CA GLU A 101 -1.15 -25.93 -1.01
C GLU A 101 -1.45 -25.44 -2.42
N ALA A 102 -1.98 -24.21 -2.52
CA ALA A 102 -2.35 -23.56 -3.76
C ALA A 102 -1.33 -22.51 -4.21
N GLY A 103 -0.30 -22.22 -3.40
CA GLY A 103 0.72 -21.24 -3.70
C GLY A 103 0.14 -19.83 -3.82
N VAL A 104 -0.75 -19.43 -2.91
CA VAL A 104 -1.39 -18.11 -2.91
C VAL A 104 -1.09 -17.37 -1.62
N VAL A 105 -0.84 -16.06 -1.70
CA VAL A 105 -0.56 -15.21 -0.55
C VAL A 105 -1.48 -13.98 -0.62
N ARG A 106 -2.36 -13.78 0.37
CA ARG A 106 -3.27 -12.63 0.38
C ARG A 106 -2.52 -11.47 1.01
N VAL A 107 -2.58 -10.27 0.42
CA VAL A 107 -1.89 -9.10 0.93
C VAL A 107 -2.80 -7.90 0.88
N ALA A 108 -2.63 -6.97 1.81
CA ALA A 108 -3.39 -5.74 1.87
C ALA A 108 -2.36 -4.63 1.87
N PHE A 109 -2.50 -3.66 0.96
CA PHE A 109 -1.55 -2.56 0.83
C PHE A 109 -2.22 -1.20 0.78
N LEU A 110 -1.39 -0.14 0.82
CA LEU A 110 -1.83 1.25 0.81
C LEU A 110 -1.63 1.91 -0.57
N ASN A 111 -1.34 1.13 -1.61
CA ASN A 111 -1.11 1.57 -2.99
C ASN A 111 -1.81 0.64 -4.00
N PRO A 112 -3.14 0.59 -4.04
CA PRO A 112 -3.94 -0.28 -4.91
C PRO A 112 -3.73 -0.22 -6.43
N LEU A 113 -2.97 0.75 -6.96
CA LEU A 113 -2.69 0.89 -8.39
C LEU A 113 -1.20 0.66 -8.67
N ASP A 114 -0.39 0.38 -7.66
CA ASP A 114 1.03 0.20 -7.85
C ASP A 114 1.45 -1.20 -8.22
N THR A 115 1.50 -1.47 -9.53
CA THR A 115 1.92 -2.78 -10.00
C THR A 115 3.39 -3.01 -9.61
N LEU A 116 4.21 -1.95 -9.47
CA LEU A 116 5.63 -2.00 -9.10
C LEU A 116 5.83 -2.73 -7.77
N SER A 117 4.95 -2.50 -6.80
CA SER A 117 5.05 -3.18 -5.51
C SER A 117 4.55 -4.62 -5.66
N LEU A 118 3.44 -4.82 -6.41
CA LEU A 118 2.83 -6.12 -6.61
C LEU A 118 3.73 -7.13 -7.33
N GLU A 119 4.32 -6.74 -8.46
CA GLU A 119 5.21 -7.56 -9.27
C GLU A 119 6.44 -8.01 -8.48
N GLU A 120 6.87 -7.21 -7.51
CA GLU A 120 8.02 -7.52 -6.66
C GLU A 120 7.62 -8.57 -5.61
N VAL A 121 6.46 -8.37 -4.96
CA VAL A 121 5.95 -9.26 -3.93
C VAL A 121 5.73 -10.68 -4.48
N GLU A 122 5.18 -10.81 -5.69
CA GLU A 122 4.94 -12.12 -6.28
C GLU A 122 6.28 -12.81 -6.55
N ASP A 123 7.19 -12.11 -7.23
CA ASP A 123 8.50 -12.61 -7.60
C ASP A 123 9.36 -13.08 -6.44
N LEU A 124 9.30 -12.35 -5.33
CA LEU A 124 10.08 -12.64 -4.13
C LEU A 124 9.81 -14.03 -3.60
N THR A 125 8.55 -14.36 -3.32
CA THR A 125 8.20 -15.67 -2.78
C THR A 125 7.85 -16.68 -3.90
N GLY A 126 7.56 -16.19 -5.10
CA GLY A 126 7.19 -16.95 -6.28
C GLY A 126 5.81 -17.57 -6.16
N LEU A 127 4.92 -16.97 -5.36
CA LEU A 127 3.55 -17.41 -5.11
C LEU A 127 2.63 -16.30 -5.63
N VAL A 128 1.41 -16.63 -6.08
CA VAL A 128 0.50 -15.63 -6.60
C VAL A 128 0.05 -14.75 -5.45
N VAL A 129 0.18 -13.44 -5.65
CA VAL A 129 -0.18 -12.43 -4.68
C VAL A 129 -1.60 -11.96 -4.99
N GLU A 130 -2.48 -12.01 -4.00
CA GLU A 130 -3.86 -11.58 -4.12
C GLU A 130 -3.95 -10.21 -3.43
N PRO A 131 -4.06 -9.09 -4.18
CA PRO A 131 -4.12 -7.74 -3.64
C PRO A 131 -5.49 -7.28 -3.11
N TYR A 132 -5.49 -6.76 -1.87
CA TYR A 132 -6.66 -6.22 -1.17
C TYR A 132 -6.33 -4.79 -0.70
N GLN A 133 -7.36 -4.02 -0.34
CA GLN A 133 -7.21 -2.65 0.14
C GLN A 133 -7.27 -2.61 1.66
N THR A 134 -6.75 -1.54 2.26
CA THR A 134 -6.71 -1.28 3.69
C THR A 134 -6.34 0.20 3.91
N THR A 135 -6.18 0.64 5.16
CA THR A 135 -5.85 2.00 5.57
C THR A 135 -4.65 2.03 6.52
N LYS A 136 -4.09 3.22 6.78
CA LYS A 136 -2.93 3.38 7.66
C LYS A 136 -3.19 2.82 9.06
N SER A 137 -4.39 2.95 9.62
CA SER A 137 -4.72 2.43 10.94
C SER A 137 -4.40 0.95 11.06
N ALA A 138 -4.81 0.16 10.06
CA ALA A 138 -4.58 -1.27 10.00
C ALA A 138 -3.12 -1.59 9.73
N PHE A 139 -2.45 -0.81 8.88
CA PHE A 139 -1.03 -0.98 8.57
C PHE A 139 -0.24 -0.89 9.88
N LEU A 140 -0.52 0.14 10.67
CA LEU A 140 0.10 0.39 11.96
C LEU A 140 -0.17 -0.75 12.94
N TYR A 141 -1.34 -1.40 12.89
CA TYR A 141 -1.65 -2.50 13.79
C TYR A 141 -0.62 -3.62 13.64
N ALA A 142 -0.41 -4.12 12.42
CA ALA A 142 0.57 -5.18 12.18
C ALA A 142 1.99 -4.74 12.54
N LEU A 143 2.34 -3.46 12.31
CA LEU A 143 3.67 -2.95 12.64
C LEU A 143 3.91 -3.06 14.15
N ALA A 144 2.91 -2.72 14.96
CA ALA A 144 3.01 -2.80 16.41
C ALA A 144 2.95 -4.26 16.86
N LYS A 145 2.13 -5.09 16.20
CA LYS A 145 1.97 -6.51 16.50
C LYS A 145 3.30 -7.23 16.36
N HIS A 146 4.01 -6.98 15.26
CA HIS A 146 5.29 -7.59 14.99
C HIS A 146 6.41 -7.09 15.90
N TYR A 147 6.44 -5.79 16.24
CA TYR A 147 7.49 -5.23 17.10
C TYR A 147 6.87 -4.57 18.34
N PRO A 148 6.40 -5.35 19.32
CA PRO A 148 5.82 -4.81 20.54
C PRO A 148 6.88 -4.13 21.43
N GLU A 149 8.17 -4.34 21.16
CA GLU A 149 9.26 -3.73 21.93
C GLU A 149 9.19 -2.20 21.85
N LEU A 150 8.78 -1.68 20.69
CA LEU A 150 8.62 -0.24 20.46
C LEU A 150 7.15 0.13 20.37
N GLY A 151 6.28 -0.78 19.91
CA GLY A 151 4.84 -0.55 19.80
C GLY A 151 4.47 0.73 19.05
N LEU A 152 5.39 1.28 18.24
CA LEU A 152 5.29 2.50 17.45
C LEU A 152 5.12 3.72 18.38
N PRO A 153 6.22 4.34 18.83
CA PRO A 153 6.14 5.53 19.67
C PRO A 153 5.72 6.72 18.80
N VAL A 154 5.49 7.86 19.45
CA VAL A 154 5.14 9.10 18.77
C VAL A 154 6.43 9.89 18.67
N MET A 1 15.83 13.02 -12.93
CA MET A 1 16.38 12.71 -11.60
C MET A 1 15.26 12.19 -10.72
N SER A 2 15.46 11.04 -10.07
CA SER A 2 14.52 10.35 -9.18
C SER A 2 13.16 10.06 -9.84
N VAL A 3 12.95 8.84 -10.36
CA VAL A 3 11.67 8.51 -10.99
C VAL A 3 10.58 8.30 -9.92
N LEU A 4 9.36 8.01 -10.38
CA LEU A 4 8.16 7.75 -9.61
C LEU A 4 7.77 6.28 -9.81
N THR A 5 6.91 5.70 -8.97
CA THR A 5 6.49 4.31 -9.11
C THR A 5 5.37 4.18 -10.17
N ILE A 6 4.97 2.95 -10.46
CA ILE A 6 3.90 2.67 -11.41
C ILE A 6 2.62 3.21 -10.77
N GLY A 7 2.43 2.90 -9.49
CA GLY A 7 1.27 3.33 -8.71
C GLY A 7 1.17 4.84 -8.65
N ASP A 8 2.29 5.55 -8.55
CA ASP A 8 2.31 7.00 -8.49
C ASP A 8 1.77 7.58 -9.79
N LYS A 9 2.23 7.09 -10.95
CA LYS A 9 1.76 7.56 -12.26
C LYS A 9 0.26 7.33 -12.40
N ARG A 10 -0.14 6.08 -12.18
CA ARG A 10 -1.51 5.61 -12.28
C ARG A 10 -2.43 6.40 -11.36
N LEU A 11 -2.10 6.56 -10.08
CA LEU A 11 -2.93 7.29 -9.14
C LEU A 11 -2.92 8.79 -9.43
N GLY A 12 -1.80 9.35 -9.92
CA GLY A 12 -1.71 10.76 -10.23
C GLY A 12 -2.82 11.16 -11.21
N ALA A 13 -2.94 10.42 -12.32
CA ALA A 13 -3.98 10.70 -13.30
C ALA A 13 -5.38 10.46 -12.71
N ALA A 14 -5.51 9.51 -11.77
CA ALA A 14 -6.77 9.19 -11.11
C ALA A 14 -7.32 10.35 -10.29
N LEU A 15 -6.46 11.21 -9.73
CA LEU A 15 -6.89 12.35 -8.92
C LEU A 15 -7.71 13.29 -9.81
N LEU A 16 -7.15 13.62 -10.98
CA LEU A 16 -7.79 14.49 -11.95
C LEU A 16 -9.03 13.82 -12.51
N ASP A 17 -8.95 12.51 -12.78
CA ASP A 17 -10.06 11.70 -13.31
C ASP A 17 -11.29 11.75 -12.42
N ALA A 18 -11.08 11.87 -11.10
CA ALA A 18 -12.13 11.95 -10.09
C ALA A 18 -12.49 13.39 -9.72
N GLY A 19 -11.80 14.39 -10.25
CA GLY A 19 -12.07 15.79 -9.96
C GLY A 19 -11.75 16.10 -8.49
N LEU A 20 -10.80 15.40 -7.88
CA LEU A 20 -10.43 15.59 -6.47
C LEU A 20 -9.56 16.82 -6.23
N LEU A 21 -8.59 17.09 -7.11
CA LEU A 21 -7.70 18.26 -7.05
C LEU A 21 -7.23 18.63 -8.47
N THR A 22 -6.68 19.83 -8.64
CA THR A 22 -6.22 20.33 -9.94
C THR A 22 -4.97 19.64 -10.49
N ASP A 23 -4.71 19.84 -11.79
CA ASP A 23 -3.55 19.28 -12.47
C ASP A 23 -2.29 19.99 -11.97
N GLU A 24 -2.47 21.25 -11.56
CA GLU A 24 -1.46 22.13 -11.02
C GLU A 24 -0.98 21.58 -9.68
N GLU A 25 -1.92 21.25 -8.78
CA GLU A 25 -1.64 20.69 -7.47
C GLU A 25 -0.88 19.37 -7.67
N LEU A 26 -1.41 18.52 -8.54
CA LEU A 26 -0.84 17.23 -8.88
C LEU A 26 0.61 17.44 -9.30
N GLN A 27 0.87 18.35 -10.24
CA GLN A 27 2.22 18.63 -10.73
C GLN A 27 3.12 19.19 -9.63
N ARG A 28 2.59 19.99 -8.70
CA ARG A 28 3.37 20.58 -7.63
C ARG A 28 3.84 19.52 -6.65
N ALA A 29 2.95 18.60 -6.30
CA ALA A 29 3.22 17.51 -5.37
C ALA A 29 4.21 16.50 -5.97
N LEU A 30 4.24 16.34 -7.30
CA LEU A 30 5.16 15.39 -7.96
C LEU A 30 6.60 15.69 -7.56
N GLU A 31 7.02 16.96 -7.60
CA GLU A 31 8.38 17.31 -7.24
C GLU A 31 8.69 16.94 -5.78
N ARG A 32 7.80 17.33 -4.86
CA ARG A 32 7.93 17.07 -3.41
C ARG A 32 8.02 15.57 -3.13
N HIS A 33 7.25 14.75 -3.86
CA HIS A 33 7.24 13.30 -3.71
C HIS A 33 8.66 12.74 -3.82
N ARG A 34 9.52 13.30 -4.69
CA ARG A 34 10.89 12.81 -4.82
C ARG A 34 11.78 13.28 -3.67
N GLU A 35 11.47 14.42 -3.06
CA GLU A 35 12.26 14.96 -1.94
C GLU A 35 12.09 14.06 -0.71
N VAL A 36 10.91 13.45 -0.53
CA VAL A 36 10.64 12.56 0.60
C VAL A 36 10.97 11.12 0.21
N GLY A 37 10.91 10.76 -1.09
CA GLY A 37 11.23 9.42 -1.55
C GLY A 37 10.17 8.38 -1.19
N GLY A 38 8.98 8.81 -0.76
CA GLY A 38 7.86 7.95 -0.39
C GLY A 38 6.83 7.98 -1.52
N SER A 39 5.89 7.03 -1.49
CA SER A 39 4.84 6.92 -2.49
C SER A 39 3.99 8.19 -2.52
N LEU A 40 3.35 8.47 -3.66
CA LEU A 40 2.53 9.65 -3.83
C LEU A 40 1.41 9.76 -2.80
N ALA A 41 0.75 8.65 -2.41
CA ALA A 41 -0.31 8.73 -1.41
C ALA A 41 0.26 9.00 -0.02
N GLU A 42 1.45 8.48 0.28
CA GLU A 42 2.12 8.66 1.56
C GLU A 42 2.43 10.15 1.74
N VAL A 43 2.91 10.84 0.70
CA VAL A 43 3.20 12.25 0.78
C VAL A 43 1.89 13.05 0.73
N LEU A 44 0.87 12.61 -0.02
CA LEU A 44 -0.42 13.31 -0.09
C LEU A 44 -1.06 13.47 1.28
N VAL A 45 -1.00 12.44 2.14
CA VAL A 45 -1.58 12.52 3.47
C VAL A 45 -0.71 13.42 4.37
N ASP A 46 0.62 13.43 4.19
CA ASP A 46 1.53 14.28 4.97
C ASP A 46 1.31 15.75 4.59
N MET A 47 1.06 16.00 3.31
CA MET A 47 0.79 17.32 2.73
C MET A 47 -0.65 17.77 3.00
N GLY A 48 -1.50 16.90 3.57
CA GLY A 48 -2.90 17.19 3.86
C GLY A 48 -3.77 17.31 2.60
N LEU A 49 -3.18 17.21 1.42
CA LEU A 49 -3.82 17.35 0.11
C LEU A 49 -4.93 16.34 -0.05
N LEU A 50 -4.70 15.05 0.27
CA LEU A 50 -5.74 14.03 0.17
C LEU A 50 -5.50 12.99 1.25
N SER A 51 -6.60 12.46 1.76
CA SER A 51 -6.59 11.43 2.79
C SER A 51 -6.41 10.08 2.11
N GLU A 52 -5.83 9.12 2.84
CA GLU A 52 -5.58 7.76 2.37
C GLU A 52 -6.86 7.16 1.76
N ARG A 53 -8.02 7.47 2.35
CA ARG A 53 -9.30 6.98 1.89
C ARG A 53 -9.66 7.50 0.51
N ARG A 54 -9.39 8.76 0.14
CA ARG A 54 -9.73 9.22 -1.21
C ARG A 54 -8.96 8.44 -2.26
N ILE A 55 -7.71 8.08 -1.97
CA ILE A 55 -6.90 7.32 -2.91
C ILE A 55 -7.53 5.93 -3.02
N ALA A 56 -7.77 5.28 -1.87
CA ALA A 56 -8.33 3.96 -1.79
C ALA A 56 -9.72 3.82 -2.44
N GLN A 57 -10.65 4.71 -2.12
CA GLN A 57 -12.02 4.70 -2.61
C GLN A 57 -12.15 4.98 -4.10
N THR A 58 -11.39 5.91 -4.66
CA THR A 58 -11.50 6.18 -6.10
C THR A 58 -10.98 4.96 -6.87
N ILE A 59 -9.92 4.30 -6.38
CA ILE A 59 -9.33 3.14 -7.03
C ILE A 59 -10.24 1.92 -6.84
N GLU A 60 -10.85 1.76 -5.66
CA GLU A 60 -11.75 0.67 -5.31
C GLU A 60 -12.84 0.54 -6.38
N ASP A 61 -13.41 1.67 -6.81
CA ASP A 61 -14.46 1.68 -7.82
C ASP A 61 -13.90 1.64 -9.25
N ARG A 62 -12.86 2.41 -9.55
CA ARG A 62 -12.26 2.47 -10.88
C ARG A 62 -11.62 1.17 -11.33
N PHE A 63 -11.14 0.33 -10.40
CA PHE A 63 -10.48 -0.94 -10.72
C PHE A 63 -11.25 -2.13 -10.14
N GLY A 64 -12.21 -1.91 -9.24
CA GLY A 64 -13.01 -2.99 -8.64
C GLY A 64 -12.22 -3.80 -7.61
N ILE A 65 -11.23 -3.20 -6.96
CA ILE A 65 -10.42 -3.87 -5.95
C ILE A 65 -11.24 -3.79 -4.65
N PRO A 66 -11.59 -4.91 -4.00
CA PRO A 66 -12.39 -4.91 -2.78
C PRO A 66 -11.62 -4.39 -1.56
N LEU A 67 -12.25 -4.29 -0.38
CA LEU A 67 -11.67 -3.82 0.88
C LEU A 67 -11.98 -4.80 2.01
N VAL A 68 -11.10 -4.88 3.01
CA VAL A 68 -11.15 -5.71 4.21
C VAL A 68 -10.69 -4.86 5.40
N GLU A 69 -10.91 -5.32 6.64
CA GLU A 69 -10.55 -4.61 7.86
C GLU A 69 -9.38 -5.27 8.59
N LEU A 70 -8.15 -5.10 8.09
CA LEU A 70 -6.95 -5.68 8.72
C LEU A 70 -6.68 -5.13 10.11
N HIS A 71 -7.31 -4.02 10.50
CA HIS A 71 -7.15 -3.41 11.81
C HIS A 71 -7.77 -4.30 12.91
N ARG A 72 -8.77 -5.11 12.55
CA ARG A 72 -9.49 -6.01 13.46
C ARG A 72 -9.26 -7.49 13.12
N VAL A 73 -8.18 -7.85 12.41
CA VAL A 73 -7.96 -9.25 12.04
C VAL A 73 -6.71 -9.82 12.70
N GLU A 74 -6.77 -11.11 13.05
CA GLU A 74 -5.68 -11.83 13.66
C GLU A 74 -4.77 -12.39 12.55
N ILE A 75 -3.46 -12.16 12.67
CA ILE A 75 -2.47 -12.62 11.71
C ILE A 75 -1.80 -13.83 12.39
N PRO A 76 -2.09 -15.07 11.98
CA PRO A 76 -1.51 -16.26 12.58
C PRO A 76 0.00 -16.35 12.29
N PRO A 77 0.74 -17.20 13.02
CA PRO A 77 2.17 -17.33 12.82
C PRO A 77 2.54 -17.94 11.47
N LYS A 78 1.62 -18.68 10.84
CA LYS A 78 1.82 -19.33 9.56
C LYS A 78 2.03 -18.32 8.44
N VAL A 79 1.14 -17.34 8.25
CA VAL A 79 1.33 -16.37 7.18
C VAL A 79 2.61 -15.56 7.42
N LYS A 80 2.95 -15.28 8.68
CA LYS A 80 4.16 -14.53 9.02
C LYS A 80 5.41 -15.26 8.51
N ALA A 81 5.36 -16.56 8.25
CA ALA A 81 6.51 -17.33 7.77
C ALA A 81 7.01 -16.82 6.42
N LEU A 82 6.18 -16.17 5.60
CA LEU A 82 6.57 -15.67 4.29
C LEU A 82 7.65 -14.59 4.42
N LEU A 83 7.36 -13.46 5.09
CA LEU A 83 8.33 -12.38 5.25
C LEU A 83 8.19 -11.61 6.57
N PRO A 84 9.31 -11.09 7.10
CA PRO A 84 9.31 -10.33 8.34
C PRO A 84 8.67 -8.95 8.11
N ALA A 85 8.24 -8.29 9.20
CA ALA A 85 7.60 -6.99 9.14
C ALA A 85 8.51 -5.93 8.47
N GLU A 86 9.84 -6.04 8.59
CA GLU A 86 10.79 -5.11 7.98
C GLU A 86 10.69 -5.18 6.45
N LYS A 87 10.59 -6.39 5.88
CA LYS A 87 10.45 -6.56 4.44
C LYS A 87 9.05 -6.06 4.07
N ALA A 88 8.04 -6.37 4.90
CA ALA A 88 6.67 -5.92 4.67
C ALA A 88 6.60 -4.39 4.64
N LYS A 89 7.42 -3.72 5.47
CA LYS A 89 7.52 -2.27 5.60
C LYS A 89 8.12 -1.65 4.34
N GLU A 90 9.18 -2.24 3.77
CA GLU A 90 9.78 -1.69 2.55
C GLU A 90 8.90 -1.98 1.34
N LEU A 91 8.25 -3.15 1.32
CA LEU A 91 7.36 -3.53 0.23
C LEU A 91 6.05 -2.77 0.37
N LYS A 92 5.79 -2.14 1.53
CA LYS A 92 4.58 -1.37 1.82
C LYS A 92 3.35 -2.28 1.59
N ALA A 93 3.48 -3.58 1.92
CA ALA A 93 2.46 -4.60 1.76
C ALA A 93 2.60 -5.57 2.92
N ILE A 94 1.49 -6.15 3.42
CA ILE A 94 1.52 -7.08 4.55
C ILE A 94 0.56 -8.24 4.24
N PRO A 95 1.01 -9.51 4.27
CA PRO A 95 0.16 -10.66 4.01
C PRO A 95 -0.70 -11.00 5.22
N PHE A 96 -1.86 -11.61 4.95
CA PHE A 96 -2.85 -12.03 5.94
C PHE A 96 -3.20 -13.51 5.79
N ALA A 97 -3.09 -14.07 4.58
CA ALA A 97 -3.38 -15.47 4.31
C ALA A 97 -2.20 -16.12 3.60
N LEU A 98 -2.06 -17.44 3.76
CA LEU A 98 -1.01 -18.26 3.19
C LEU A 98 -1.62 -19.62 2.85
N ASP A 99 -1.65 -19.96 1.57
CA ASP A 99 -2.18 -21.22 1.05
C ASP A 99 -1.02 -21.88 0.35
N GLU A 100 -0.24 -22.68 1.05
CA GLU A 100 0.92 -23.35 0.43
C GLU A 100 0.44 -24.47 -0.51
N GLU A 101 -0.78 -24.97 -0.31
CA GLU A 101 -1.39 -26.03 -1.09
C GLU A 101 -1.84 -25.53 -2.47
N ALA A 102 -2.37 -24.31 -2.52
CA ALA A 102 -2.84 -23.68 -3.74
C ALA A 102 -1.78 -22.73 -4.31
N GLY A 103 -0.75 -22.41 -3.53
CA GLY A 103 0.33 -21.51 -3.90
C GLY A 103 -0.22 -20.09 -4.01
N VAL A 104 -1.07 -19.67 -3.07
CA VAL A 104 -1.70 -18.36 -3.06
C VAL A 104 -1.36 -17.60 -1.77
N VAL A 105 -1.12 -16.30 -1.89
CA VAL A 105 -0.81 -15.41 -0.77
C VAL A 105 -1.69 -14.16 -0.90
N ARG A 106 -2.57 -13.89 0.07
CA ARG A 106 -3.46 -12.72 0.04
C ARG A 106 -2.75 -11.62 0.81
N VAL A 107 -2.32 -10.56 0.12
CA VAL A 107 -1.59 -9.43 0.70
C VAL A 107 -2.39 -8.15 0.61
N ALA A 108 -2.23 -7.25 1.59
CA ALA A 108 -2.93 -5.98 1.62
C ALA A 108 -1.90 -4.86 1.67
N PHE A 109 -2.06 -3.84 0.84
CA PHE A 109 -1.14 -2.71 0.75
C PHE A 109 -1.87 -1.36 0.70
N LEU A 110 -1.08 -0.28 0.84
CA LEU A 110 -1.55 1.11 0.86
C LEU A 110 -1.66 1.74 -0.53
N ASN A 111 -0.90 1.26 -1.52
CA ASN A 111 -0.92 1.81 -2.88
C ASN A 111 -1.52 0.75 -3.82
N PRO A 112 -2.86 0.65 -3.96
CA PRO A 112 -3.52 -0.34 -4.81
C PRO A 112 -3.16 -0.33 -6.29
N LEU A 113 -2.34 0.61 -6.77
CA LEU A 113 -1.90 0.71 -8.16
C LEU A 113 -0.39 0.45 -8.28
N ASP A 114 0.29 0.12 -7.17
CA ASP A 114 1.71 -0.16 -7.16
C ASP A 114 1.93 -1.54 -7.77
N THR A 115 2.01 -1.58 -9.09
CA THR A 115 2.20 -2.82 -9.83
C THR A 115 3.57 -3.40 -9.55
N LEU A 116 4.61 -2.56 -9.35
CA LEU A 116 5.95 -3.10 -9.07
C LEU A 116 5.96 -3.80 -7.73
N SER A 117 5.40 -3.19 -6.68
CA SER A 117 5.39 -3.87 -5.39
C SER A 117 4.61 -5.18 -5.51
N LEU A 118 3.58 -5.24 -6.36
CA LEU A 118 2.80 -6.46 -6.54
C LEU A 118 3.70 -7.57 -7.10
N GLU A 119 4.41 -7.31 -8.21
CA GLU A 119 5.29 -8.31 -8.81
C GLU A 119 6.42 -8.69 -7.84
N GLU A 120 6.92 -7.73 -7.05
CA GLU A 120 8.00 -7.94 -6.09
C GLU A 120 7.53 -8.88 -4.96
N VAL A 121 6.24 -8.83 -4.59
CA VAL A 121 5.69 -9.68 -3.55
C VAL A 121 5.63 -11.13 -4.04
N GLU A 122 5.13 -11.38 -5.26
CA GLU A 122 5.01 -12.73 -5.82
C GLU A 122 6.36 -13.31 -6.22
N ASP A 123 7.21 -12.53 -6.90
CA ASP A 123 8.53 -12.96 -7.39
C ASP A 123 9.41 -13.49 -6.25
N LEU A 124 9.37 -12.84 -5.09
CA LEU A 124 10.15 -13.24 -3.92
C LEU A 124 9.70 -14.56 -3.29
N THR A 125 8.48 -15.07 -3.57
CA THR A 125 7.99 -16.32 -2.98
C THR A 125 7.59 -17.39 -4.02
N GLY A 126 7.39 -17.00 -5.29
CA GLY A 126 7.01 -17.89 -6.37
C GLY A 126 5.56 -18.37 -6.26
N LEU A 127 4.72 -17.67 -5.49
CA LEU A 127 3.31 -17.96 -5.26
C LEU A 127 2.48 -16.82 -5.85
N VAL A 128 1.23 -17.05 -6.24
CA VAL A 128 0.40 -16.01 -6.84
C VAL A 128 -0.13 -15.09 -5.74
N VAL A 129 0.03 -13.79 -5.93
CA VAL A 129 -0.38 -12.77 -4.99
C VAL A 129 -1.78 -12.23 -5.30
N GLU A 130 -2.60 -12.10 -4.26
CA GLU A 130 -3.97 -11.59 -4.33
C GLU A 130 -3.92 -10.19 -3.68
N PRO A 131 -4.06 -9.10 -4.45
CA PRO A 131 -3.99 -7.73 -3.94
C PRO A 131 -5.25 -7.21 -3.23
N TYR A 132 -5.14 -6.95 -1.93
CA TYR A 132 -6.19 -6.43 -1.04
C TYR A 132 -5.82 -5.01 -0.59
N GLN A 133 -6.76 -4.28 0.00
CA GLN A 133 -6.60 -2.92 0.49
C GLN A 133 -6.39 -2.90 2.01
N THR A 134 -5.91 -1.76 2.54
CA THR A 134 -5.63 -1.53 3.95
C THR A 134 -5.95 -0.06 4.24
N THR A 135 -5.47 0.44 5.38
CA THR A 135 -5.58 1.80 5.89
C THR A 135 -4.30 2.01 6.73
N LYS A 136 -3.93 3.24 7.07
CA LYS A 136 -2.71 3.46 7.87
C LYS A 136 -2.80 2.69 9.20
N SER A 137 -3.91 2.82 9.93
CA SER A 137 -4.12 2.14 11.20
C SER A 137 -3.98 0.62 11.05
N ALA A 138 -4.57 0.04 9.99
CA ALA A 138 -4.51 -1.40 9.73
C ALA A 138 -3.09 -1.88 9.39
N PHE A 139 -2.33 -1.05 8.68
CA PHE A 139 -0.95 -1.32 8.28
C PHE A 139 -0.06 -1.27 9.54
N LEU A 140 -0.13 -0.16 10.27
CA LEU A 140 0.63 0.08 11.49
C LEU A 140 0.37 -0.99 12.55
N TYR A 141 -0.86 -1.56 12.60
CA TYR A 141 -1.25 -2.60 13.54
C TYR A 141 -0.29 -3.79 13.43
N ALA A 142 -0.10 -4.33 12.23
CA ALA A 142 0.80 -5.46 12.02
C ALA A 142 2.24 -5.05 12.30
N LEU A 143 2.62 -3.82 11.94
CA LEU A 143 3.97 -3.31 12.16
C LEU A 143 4.27 -3.36 13.66
N ALA A 144 3.40 -2.78 14.48
CA ALA A 144 3.53 -2.75 15.93
C ALA A 144 3.45 -4.15 16.53
N LYS A 145 2.62 -5.04 15.96
CA LYS A 145 2.48 -6.42 16.44
C LYS A 145 3.81 -7.16 16.29
N HIS A 146 4.45 -7.08 15.12
CA HIS A 146 5.71 -7.76 14.89
C HIS A 146 6.87 -7.08 15.61
N TYR A 147 6.89 -5.74 15.68
CA TYR A 147 7.96 -4.98 16.34
C TYR A 147 7.39 -4.10 17.45
N PRO A 148 6.94 -4.71 18.57
CA PRO A 148 6.41 -3.95 19.69
C PRO A 148 7.53 -3.20 20.41
N GLU A 149 8.80 -3.54 20.13
CA GLU A 149 9.99 -2.95 20.71
C GLU A 149 10.07 -1.44 20.46
N LEU A 150 9.42 -0.94 19.42
CA LEU A 150 9.39 0.48 19.09
C LEU A 150 8.09 1.08 19.56
N GLY A 151 7.02 0.28 19.70
CA GLY A 151 5.70 0.72 20.13
C GLY A 151 5.03 1.66 19.12
N LEU A 152 5.62 1.84 17.94
CA LEU A 152 5.21 2.70 16.85
C LEU A 152 5.13 4.14 17.39
N PRO A 153 6.28 4.82 17.48
CA PRO A 153 6.37 6.19 17.98
C PRO A 153 5.65 7.24 17.13
N VAL A 154 5.75 8.48 17.55
CA VAL A 154 5.12 9.66 16.95
C VAL A 154 6.20 10.61 16.42
N MET A 1 15.71 9.99 -4.97
CA MET A 1 15.15 9.23 -6.10
C MET A 1 15.02 10.17 -7.28
N SER A 2 15.16 9.69 -8.52
CA SER A 2 15.06 10.50 -9.72
C SER A 2 13.70 10.43 -10.43
N VAL A 3 12.85 9.46 -10.09
CA VAL A 3 11.53 9.28 -10.70
C VAL A 3 10.51 8.96 -9.60
N LEU A 4 9.27 8.66 -10.00
CA LEU A 4 8.11 8.27 -9.22
C LEU A 4 7.77 6.81 -9.58
N THR A 5 6.91 6.16 -8.80
CA THR A 5 6.53 4.77 -9.03
C THR A 5 5.50 4.61 -10.17
N ILE A 6 5.21 3.37 -10.55
CA ILE A 6 4.23 3.05 -11.59
C ILE A 6 2.87 3.49 -11.02
N GLY A 7 2.60 3.11 -9.77
CA GLY A 7 1.37 3.44 -9.08
C GLY A 7 1.14 4.93 -9.03
N ASP A 8 2.18 5.73 -8.79
CA ASP A 8 2.08 7.19 -8.72
C ASP A 8 1.58 7.76 -10.04
N LYS A 9 2.04 7.22 -11.17
CA LYS A 9 1.58 7.69 -12.48
C LYS A 9 0.12 7.36 -12.67
N ARG A 10 -0.29 6.14 -12.30
CA ARG A 10 -1.66 5.69 -12.45
C ARG A 10 -2.61 6.43 -11.50
N LEU A 11 -2.31 6.50 -10.20
CA LEU A 11 -3.17 7.17 -9.22
C LEU A 11 -3.10 8.68 -9.36
N GLY A 12 -1.96 9.26 -9.71
CA GLY A 12 -1.81 10.71 -9.85
C GLY A 12 -2.77 11.23 -10.91
N ALA A 13 -2.72 10.64 -12.12
CA ALA A 13 -3.61 11.07 -13.19
C ALA A 13 -5.07 10.85 -12.80
N ALA A 14 -5.35 9.83 -11.99
CA ALA A 14 -6.69 9.53 -11.52
C ALA A 14 -7.25 10.64 -10.64
N LEU A 15 -6.40 11.38 -9.90
CA LEU A 15 -6.86 12.47 -9.04
C LEU A 15 -7.67 13.48 -9.86
N LEU A 16 -7.27 13.69 -11.13
CA LEU A 16 -7.94 14.60 -12.02
C LEU A 16 -9.30 14.05 -12.41
N ASP A 17 -9.39 12.79 -12.86
CA ASP A 17 -10.65 12.16 -13.27
C ASP A 17 -11.61 12.07 -12.09
N ALA A 18 -11.10 11.75 -10.91
CA ALA A 18 -11.87 11.60 -9.69
C ALA A 18 -12.36 12.94 -9.13
N GLY A 19 -11.94 14.08 -9.70
CA GLY A 19 -12.35 15.40 -9.26
C GLY A 19 -11.82 15.70 -7.86
N LEU A 20 -10.72 15.06 -7.45
CA LEU A 20 -10.13 15.26 -6.14
C LEU A 20 -9.37 16.57 -6.10
N LEU A 21 -8.53 16.82 -7.09
CA LEU A 21 -7.74 18.03 -7.25
C LEU A 21 -7.43 18.26 -8.73
N THR A 22 -7.03 19.48 -9.12
CA THR A 22 -6.72 19.84 -10.49
C THR A 22 -5.33 19.34 -10.91
N ASP A 23 -4.98 19.50 -12.20
CA ASP A 23 -3.68 19.06 -12.69
C ASP A 23 -2.53 19.81 -12.03
N GLU A 24 -2.66 21.13 -11.82
CA GLU A 24 -1.62 21.94 -11.19
C GLU A 24 -1.30 21.48 -9.77
N GLU A 25 -2.29 20.93 -9.07
CA GLU A 25 -2.10 20.45 -7.72
C GLU A 25 -1.22 19.20 -7.75
N LEU A 26 -1.47 18.29 -8.70
CA LEU A 26 -0.67 17.08 -8.86
C LEU A 26 0.72 17.49 -9.33
N GLN A 27 0.77 18.41 -10.30
CA GLN A 27 1.99 18.89 -10.90
C GLN A 27 3.00 19.36 -9.86
N ARG A 28 2.56 20.19 -8.90
CA ARG A 28 3.47 20.64 -7.86
C ARG A 28 3.74 19.54 -6.84
N ALA A 29 2.70 18.80 -6.40
CA ALA A 29 2.86 17.73 -5.42
C ALA A 29 3.86 16.67 -5.86
N LEU A 30 4.01 16.42 -7.17
CA LEU A 30 4.94 15.43 -7.70
C LEU A 30 6.37 15.72 -7.21
N GLU A 31 6.76 16.98 -7.00
CA GLU A 31 8.09 17.35 -6.54
C GLU A 31 8.39 16.73 -5.17
N ARG A 32 7.40 16.69 -4.29
CA ARG A 32 7.49 16.17 -2.93
C ARG A 32 7.92 14.71 -2.87
N HIS A 33 7.55 13.86 -3.85
CA HIS A 33 7.92 12.45 -3.88
C HIS A 33 9.44 12.29 -3.76
N ARG A 34 10.20 13.00 -4.58
CA ARG A 34 11.66 12.90 -4.56
C ARG A 34 12.27 13.39 -3.24
N GLU A 35 11.58 14.20 -2.46
CA GLU A 35 12.11 14.72 -1.19
C GLU A 35 11.97 13.71 -0.05
N VAL A 36 10.79 13.13 0.13
CA VAL A 36 10.54 12.19 1.22
C VAL A 36 10.79 10.74 0.80
N GLY A 37 10.97 10.49 -0.49
CA GLY A 37 11.24 9.16 -1.04
C GLY A 37 10.08 8.18 -0.93
N GLY A 38 8.90 8.63 -0.48
CA GLY A 38 7.70 7.81 -0.36
C GLY A 38 6.82 8.11 -1.55
N SER A 39 6.00 7.12 -1.96
CA SER A 39 5.07 7.19 -3.08
C SER A 39 4.13 8.40 -2.95
N LEU A 40 3.53 8.86 -4.05
CA LEU A 40 2.60 9.98 -4.13
C LEU A 40 1.51 9.83 -3.07
N ALA A 41 0.92 8.65 -2.94
CA ALA A 41 -0.12 8.36 -1.97
C ALA A 41 0.39 8.53 -0.52
N GLU A 42 1.60 8.05 -0.25
CA GLU A 42 2.25 8.10 1.06
C GLU A 42 2.52 9.57 1.46
N VAL A 43 2.98 10.41 0.52
CA VAL A 43 3.24 11.81 0.81
C VAL A 43 1.91 12.59 0.87
N LEU A 44 0.91 12.24 0.05
CA LEU A 44 -0.40 12.91 0.01
C LEU A 44 -1.08 12.91 1.38
N VAL A 45 -1.06 11.77 2.08
CA VAL A 45 -1.70 11.67 3.39
C VAL A 45 -0.92 12.50 4.42
N ASP A 46 0.42 12.43 4.42
CA ASP A 46 1.28 13.16 5.35
C ASP A 46 1.19 14.67 5.17
N MET A 47 1.12 15.13 3.93
CA MET A 47 0.99 16.55 3.59
C MET A 47 -0.43 17.06 3.84
N GLY A 48 -1.36 16.22 4.28
CA GLY A 48 -2.74 16.59 4.56
C GLY A 48 -3.56 16.99 3.32
N LEU A 49 -2.97 16.84 2.13
CA LEU A 49 -3.60 17.18 0.86
C LEU A 49 -4.86 16.36 0.60
N LEU A 50 -4.81 15.05 0.84
CA LEU A 50 -5.92 14.13 0.64
C LEU A 50 -5.85 13.03 1.68
N SER A 51 -6.88 12.20 1.75
CA SER A 51 -7.00 11.07 2.67
C SER A 51 -6.84 9.78 1.83
N GLU A 52 -6.29 8.74 2.46
CA GLU A 52 -6.02 7.42 1.87
C GLU A 52 -7.26 6.87 1.16
N ARG A 53 -8.40 6.92 1.86
CA ARG A 53 -9.67 6.43 1.39
C ARG A 53 -10.13 7.04 0.09
N ARG A 54 -9.91 8.33 -0.18
CA ARG A 54 -10.40 8.90 -1.44
C ARG A 54 -9.77 8.24 -2.64
N ILE A 55 -8.46 8.02 -2.58
CA ILE A 55 -7.70 7.38 -3.63
C ILE A 55 -8.14 5.91 -3.68
N ALA A 56 -8.09 5.20 -2.55
CA ALA A 56 -8.46 3.80 -2.45
C ALA A 56 -9.88 3.52 -3.00
N GLN A 57 -10.87 4.31 -2.61
CA GLN A 57 -12.27 4.19 -3.02
C GLN A 57 -12.41 4.35 -4.53
N THR A 58 -11.73 5.31 -5.16
CA THR A 58 -11.86 5.45 -6.60
C THR A 58 -11.20 4.26 -7.30
N ILE A 59 -10.10 3.73 -6.73
CA ILE A 59 -9.40 2.58 -7.30
C ILE A 59 -10.32 1.36 -7.16
N GLU A 60 -11.05 1.21 -6.05
CA GLU A 60 -11.97 0.10 -5.83
C GLU A 60 -13.00 0.10 -6.96
N ASP A 61 -13.47 1.29 -7.34
CA ASP A 61 -14.46 1.46 -8.40
C ASP A 61 -13.89 1.22 -9.80
N ARG A 62 -12.77 1.83 -10.18
CA ARG A 62 -12.19 1.65 -11.53
C ARG A 62 -11.35 0.38 -11.70
N PHE A 63 -10.98 -0.35 -10.65
CA PHE A 63 -10.14 -1.54 -10.75
C PHE A 63 -10.70 -2.78 -10.06
N GLY A 64 -11.81 -2.70 -9.32
CA GLY A 64 -12.40 -3.85 -8.64
C GLY A 64 -11.49 -4.47 -7.60
N ILE A 65 -10.62 -3.67 -6.97
CA ILE A 65 -9.69 -4.16 -5.95
C ILE A 65 -10.53 -4.15 -4.65
N PRO A 66 -10.73 -5.30 -4.00
CA PRO A 66 -11.54 -5.41 -2.79
C PRO A 66 -10.95 -4.70 -1.59
N LEU A 67 -11.81 -4.10 -0.76
CA LEU A 67 -11.43 -3.37 0.45
C LEU A 67 -11.99 -4.12 1.66
N VAL A 68 -11.11 -4.73 2.44
CA VAL A 68 -11.46 -5.49 3.64
C VAL A 68 -11.18 -4.62 4.87
N GLU A 69 -11.83 -4.94 5.99
CA GLU A 69 -11.66 -4.22 7.24
C GLU A 69 -10.42 -4.80 7.91
N LEU A 70 -9.24 -4.47 7.37
CA LEU A 70 -7.98 -4.99 7.89
C LEU A 70 -7.75 -4.57 9.34
N HIS A 71 -8.25 -3.41 9.77
CA HIS A 71 -8.08 -2.93 11.14
C HIS A 71 -8.71 -3.89 12.17
N ARG A 72 -9.68 -4.73 11.79
CA ARG A 72 -10.31 -5.69 12.70
C ARG A 72 -9.82 -7.13 12.44
N VAL A 73 -8.95 -7.34 11.47
CA VAL A 73 -8.41 -8.65 11.16
C VAL A 73 -7.25 -8.93 12.12
N GLU A 74 -6.87 -10.20 12.22
CA GLU A 74 -5.75 -10.68 13.00
C GLU A 74 -4.82 -11.32 11.99
N ILE A 75 -3.51 -11.33 12.24
CA ILE A 75 -2.52 -11.91 11.34
C ILE A 75 -1.92 -13.10 12.10
N PRO A 76 -2.13 -14.34 11.65
CA PRO A 76 -1.57 -15.51 12.32
C PRO A 76 -0.04 -15.59 12.15
N PRO A 77 0.68 -16.37 12.97
CA PRO A 77 2.13 -16.48 12.85
C PRO A 77 2.53 -17.34 11.65
N LYS A 78 1.62 -18.15 11.10
CA LYS A 78 1.90 -19.03 9.98
C LYS A 78 2.24 -18.20 8.74
N VAL A 79 1.41 -17.22 8.38
CA VAL A 79 1.66 -16.37 7.22
C VAL A 79 2.92 -15.51 7.43
N LYS A 80 3.31 -15.21 8.69
CA LYS A 80 4.48 -14.40 8.98
C LYS A 80 5.79 -15.02 8.45
N ALA A 81 5.79 -16.33 8.15
CA ALA A 81 6.95 -17.02 7.63
C ALA A 81 7.35 -16.55 6.23
N LEU A 82 6.46 -15.94 5.44
CA LEU A 82 6.74 -15.47 4.08
C LEU A 82 7.78 -14.34 4.06
N LEU A 83 7.51 -13.20 4.71
CA LEU A 83 8.41 -12.07 4.74
C LEU A 83 8.32 -11.30 6.06
N PRO A 84 9.46 -10.82 6.62
CA PRO A 84 9.45 -10.08 7.88
C PRO A 84 8.82 -8.69 7.69
N ALA A 85 8.46 -8.04 8.81
CA ALA A 85 7.85 -6.72 8.84
C ALA A 85 8.71 -5.69 8.06
N GLU A 86 10.04 -5.77 8.14
CA GLU A 86 10.96 -4.86 7.44
C GLU A 86 10.83 -4.98 5.91
N LYS A 87 10.61 -6.19 5.39
CA LYS A 87 10.44 -6.45 3.96
C LYS A 87 9.04 -5.99 3.56
N ALA A 88 8.06 -6.28 4.41
CA ALA A 88 6.68 -5.87 4.20
C ALA A 88 6.62 -4.33 4.09
N LYS A 89 7.36 -3.63 4.96
CA LYS A 89 7.45 -2.18 5.01
C LYS A 89 8.00 -1.60 3.71
N GLU A 90 9.13 -2.10 3.20
CA GLU A 90 9.69 -1.54 1.95
C GLU A 90 8.73 -1.73 0.77
N LEU A 91 7.94 -2.81 0.76
CA LEU A 91 6.97 -3.07 -0.30
C LEU A 91 5.63 -2.37 -0.04
N LYS A 92 5.46 -1.78 1.15
CA LYS A 92 4.26 -1.08 1.64
C LYS A 92 3.06 -2.02 1.61
N ALA A 93 3.29 -3.33 1.69
CA ALA A 93 2.28 -4.37 1.65
C ALA A 93 2.49 -5.31 2.83
N ILE A 94 1.41 -5.86 3.38
CA ILE A 94 1.46 -6.77 4.52
C ILE A 94 0.51 -7.94 4.19
N PRO A 95 0.95 -9.20 4.34
CA PRO A 95 0.11 -10.35 4.04
C PRO A 95 -0.94 -10.59 5.14
N PHE A 96 -1.93 -11.41 4.84
CA PHE A 96 -3.02 -11.77 5.73
C PHE A 96 -3.09 -13.28 5.94
N ALA A 97 -3.20 -14.06 4.87
CA ALA A 97 -3.28 -15.53 4.94
C ALA A 97 -2.40 -16.15 3.87
N LEU A 98 -2.17 -17.46 4.00
CA LEU A 98 -1.32 -18.27 3.13
C LEU A 98 -1.89 -19.65 2.84
N ASP A 99 -1.73 -20.09 1.59
CA ASP A 99 -2.12 -21.39 1.05
C ASP A 99 -0.84 -21.91 0.41
N GLU A 100 0.01 -22.63 1.14
CA GLU A 100 1.25 -23.15 0.56
C GLU A 100 0.93 -24.24 -0.47
N GLU A 101 -0.22 -24.90 -0.32
CA GLU A 101 -0.69 -25.96 -1.20
C GLU A 101 -1.03 -25.39 -2.57
N ALA A 102 -1.88 -24.36 -2.58
CA ALA A 102 -2.30 -23.70 -3.80
C ALA A 102 -1.25 -22.71 -4.29
N GLY A 103 -0.27 -22.38 -3.45
CA GLY A 103 0.78 -21.43 -3.76
C GLY A 103 0.13 -20.06 -3.93
N VAL A 104 -0.80 -19.70 -3.03
CA VAL A 104 -1.53 -18.44 -3.05
C VAL A 104 -1.37 -17.76 -1.69
N VAL A 105 -1.17 -16.44 -1.71
CA VAL A 105 -1.05 -15.64 -0.51
C VAL A 105 -2.00 -14.44 -0.66
N ARG A 106 -2.44 -13.82 0.42
CA ARG A 106 -3.34 -12.65 0.35
C ARG A 106 -2.57 -11.49 0.94
N VAL A 107 -2.58 -10.32 0.29
CA VAL A 107 -1.85 -9.15 0.76
C VAL A 107 -2.73 -7.91 0.73
N ALA A 108 -2.37 -6.91 1.52
CA ALA A 108 -3.09 -5.65 1.61
C ALA A 108 -2.05 -4.53 1.65
N PHE A 109 -2.10 -3.59 0.70
CA PHE A 109 -1.16 -2.46 0.58
C PHE A 109 -1.86 -1.10 0.57
N LEU A 110 -1.06 -0.04 0.62
CA LEU A 110 -1.51 1.34 0.63
C LEU A 110 -1.36 2.04 -0.73
N ASN A 111 -0.83 1.34 -1.75
CA ASN A 111 -0.65 1.85 -3.11
C ASN A 111 -1.28 0.83 -4.06
N PRO A 112 -2.62 0.59 -4.02
CA PRO A 112 -3.29 -0.39 -4.87
C PRO A 112 -3.11 -0.31 -6.39
N LEU A 113 -2.44 0.71 -6.93
CA LEU A 113 -2.20 0.84 -8.38
C LEU A 113 -0.73 0.62 -8.74
N ASP A 114 0.17 0.43 -7.76
CA ASP A 114 1.58 0.19 -8.05
C ASP A 114 1.76 -1.29 -8.34
N THR A 115 1.75 -1.66 -9.63
CA THR A 115 1.93 -3.05 -10.03
C THR A 115 3.25 -3.59 -9.52
N LEU A 116 4.28 -2.74 -9.40
CA LEU A 116 5.60 -3.14 -8.91
C LEU A 116 5.47 -3.81 -7.54
N SER A 117 4.75 -3.22 -6.58
CA SER A 117 4.60 -3.83 -5.27
C SER A 117 3.95 -5.21 -5.31
N LEU A 118 3.02 -5.46 -6.24
CA LEU A 118 2.37 -6.76 -6.33
C LEU A 118 3.32 -7.77 -6.95
N GLU A 119 3.95 -7.39 -8.06
CA GLU A 119 4.90 -8.22 -8.79
C GLU A 119 6.07 -8.58 -7.87
N GLU A 120 6.49 -7.68 -6.98
CA GLU A 120 7.58 -7.91 -6.04
C GLU A 120 7.20 -9.05 -5.09
N VAL A 121 5.98 -9.03 -4.55
CA VAL A 121 5.51 -10.06 -3.64
C VAL A 121 5.43 -11.40 -4.37
N GLU A 122 5.00 -11.42 -5.63
CA GLU A 122 4.88 -12.66 -6.38
C GLU A 122 6.25 -13.24 -6.78
N ASP A 123 7.16 -12.41 -7.28
CA ASP A 123 8.49 -12.79 -7.74
C ASP A 123 9.44 -13.17 -6.59
N LEU A 124 9.41 -12.46 -5.47
CA LEU A 124 10.30 -12.74 -4.35
C LEU A 124 10.15 -14.15 -3.78
N THR A 125 8.98 -14.80 -3.85
CA THR A 125 8.80 -16.16 -3.34
C THR A 125 8.29 -17.18 -4.38
N GLY A 126 7.83 -16.74 -5.55
CA GLY A 126 7.33 -17.65 -6.57
C GLY A 126 5.91 -18.15 -6.30
N LEU A 127 5.08 -17.40 -5.56
CA LEU A 127 3.69 -17.73 -5.24
C LEU A 127 2.81 -16.60 -5.75
N VAL A 128 1.53 -16.86 -6.06
CA VAL A 128 0.62 -15.83 -6.56
C VAL A 128 0.09 -15.08 -5.35
N VAL A 129 -0.26 -13.81 -5.52
CA VAL A 129 -0.75 -12.99 -4.44
C VAL A 129 -2.06 -12.30 -4.83
N GLU A 130 -3.02 -12.27 -3.90
CA GLU A 130 -4.33 -11.65 -4.08
C GLU A 130 -4.21 -10.23 -3.50
N PRO A 131 -4.29 -9.17 -4.34
CA PRO A 131 -4.19 -7.78 -3.91
C PRO A 131 -5.48 -7.19 -3.32
N TYR A 132 -5.50 -6.87 -2.02
CA TYR A 132 -6.63 -6.26 -1.31
C TYR A 132 -6.23 -4.84 -0.88
N GLN A 133 -7.19 -4.00 -0.53
CA GLN A 133 -6.96 -2.63 -0.06
C GLN A 133 -7.02 -2.64 1.48
N THR A 134 -6.55 -1.56 2.11
CA THR A 134 -6.51 -1.41 3.56
C THR A 134 -6.26 0.07 3.94
N THR A 135 -6.13 0.37 5.23
CA THR A 135 -5.89 1.70 5.79
C THR A 135 -4.59 1.73 6.59
N LYS A 136 -4.06 2.94 6.89
CA LYS A 136 -2.81 3.11 7.64
C LYS A 136 -2.89 2.53 9.06
N SER A 137 -4.02 2.62 9.76
CA SER A 137 -4.15 2.09 11.12
C SER A 137 -3.79 0.59 11.17
N ALA A 138 -4.21 -0.19 10.17
CA ALA A 138 -3.92 -1.62 10.12
C ALA A 138 -2.44 -1.88 9.85
N PHE A 139 -1.78 -1.02 9.05
CA PHE A 139 -0.36 -1.13 8.74
C PHE A 139 0.40 -1.00 10.05
N LEU A 140 0.10 0.09 10.78
CA LEU A 140 0.70 0.42 12.06
C LEU A 140 0.54 -0.76 13.02
N TYR A 141 -0.65 -1.36 13.10
CA TYR A 141 -0.91 -2.49 13.98
C TYR A 141 0.01 -3.67 13.68
N ALA A 142 0.19 -4.06 12.42
CA ALA A 142 1.06 -5.17 12.04
C ALA A 142 2.53 -4.82 12.27
N LEU A 143 2.92 -3.57 12.00
CA LEU A 143 4.28 -3.09 12.18
C LEU A 143 4.63 -3.19 13.66
N ALA A 144 3.80 -2.60 14.52
CA ALA A 144 3.97 -2.60 15.96
C ALA A 144 3.96 -4.02 16.54
N LYS A 145 3.05 -4.89 16.10
CA LYS A 145 3.01 -6.27 16.63
C LYS A 145 4.32 -7.01 16.32
N HIS A 146 4.94 -6.73 15.17
CA HIS A 146 6.18 -7.38 14.78
C HIS A 146 7.40 -6.73 15.43
N TYR A 147 7.42 -5.41 15.60
CA TYR A 147 8.51 -4.66 16.21
C TYR A 147 7.95 -3.82 17.37
N PRO A 148 7.58 -4.47 18.49
CA PRO A 148 7.02 -3.78 19.65
C PRO A 148 8.03 -2.88 20.37
N GLU A 149 9.30 -2.83 19.95
CA GLU A 149 10.30 -1.99 20.59
C GLU A 149 10.05 -0.51 20.28
N LEU A 150 9.34 -0.20 19.19
CA LEU A 150 9.06 1.18 18.82
C LEU A 150 7.62 1.54 19.17
N GLY A 151 6.69 0.58 19.14
CA GLY A 151 5.27 0.82 19.43
C GLY A 151 4.59 1.78 18.44
N LEU A 152 5.36 2.31 17.48
CA LEU A 152 5.05 3.27 16.43
C LEU A 152 4.84 4.63 17.11
N PRO A 153 5.94 5.38 17.36
CA PRO A 153 5.90 6.68 18.03
C PRO A 153 5.38 7.79 17.11
N VAL A 154 5.49 9.02 17.60
CA VAL A 154 5.11 10.27 16.97
C VAL A 154 6.23 11.20 17.35
N MET A 1 18.28 14.34 -9.89
CA MET A 1 16.82 14.23 -9.80
C MET A 1 16.46 12.77 -9.54
N SER A 2 15.23 12.31 -9.82
CA SER A 2 14.80 10.92 -9.60
C SER A 2 13.48 10.68 -10.34
N VAL A 3 12.84 9.54 -10.08
CA VAL A 3 11.58 9.13 -10.70
C VAL A 3 10.57 8.62 -9.67
N LEU A 4 9.32 8.52 -10.12
CA LEU A 4 8.14 8.06 -9.43
C LEU A 4 7.76 6.68 -9.97
N THR A 5 6.87 5.96 -9.28
CA THR A 5 6.48 4.63 -9.70
C THR A 5 5.37 4.64 -10.78
N ILE A 6 5.04 3.46 -11.30
CA ILE A 6 4.00 3.28 -12.31
C ILE A 6 2.65 3.49 -11.59
N GLY A 7 2.55 3.02 -10.34
CA GLY A 7 1.35 3.17 -9.52
C GLY A 7 1.11 4.64 -9.26
N ASP A 8 2.17 5.41 -8.99
CA ASP A 8 2.11 6.84 -8.73
C ASP A 8 1.54 7.55 -9.96
N LYS A 9 1.96 7.12 -11.15
CA LYS A 9 1.48 7.69 -12.42
C LYS A 9 -0.01 7.40 -12.60
N ARG A 10 -0.41 6.13 -12.50
CA ARG A 10 -1.82 5.76 -12.67
C ARG A 10 -2.69 6.45 -11.65
N LEU A 11 -2.27 6.53 -10.37
CA LEU A 11 -3.06 7.20 -9.34
C LEU A 11 -3.07 8.70 -9.62
N GLY A 12 -1.96 9.28 -10.10
CA GLY A 12 -1.87 10.70 -10.43
C GLY A 12 -2.97 11.04 -11.44
N ALA A 13 -3.10 10.22 -12.49
CA ALA A 13 -4.12 10.40 -13.51
C ALA A 13 -5.51 10.20 -12.88
N ALA A 14 -5.64 9.21 -12.00
CA ALA A 14 -6.90 8.89 -11.33
C ALA A 14 -7.40 10.05 -10.48
N LEU A 15 -6.55 10.86 -9.86
CA LEU A 15 -6.98 11.99 -9.03
C LEU A 15 -7.73 13.01 -9.89
N LEU A 16 -7.20 13.33 -11.07
CA LEU A 16 -7.81 14.27 -12.02
C LEU A 16 -9.14 13.69 -12.50
N ASP A 17 -9.09 12.44 -12.93
CA ASP A 17 -10.20 11.66 -13.46
C ASP A 17 -11.31 11.41 -12.42
N ALA A 18 -11.00 11.53 -11.14
CA ALA A 18 -11.92 11.37 -10.02
C ALA A 18 -12.48 12.73 -9.58
N GLY A 19 -12.03 13.83 -10.18
CA GLY A 19 -12.48 15.17 -9.83
C GLY A 19 -11.97 15.56 -8.45
N LEU A 20 -10.82 15.03 -8.02
CA LEU A 20 -10.27 15.33 -6.70
C LEU A 20 -9.39 16.59 -6.71
N LEU A 21 -8.50 16.74 -7.70
CA LEU A 21 -7.60 17.87 -7.85
C LEU A 21 -7.24 18.09 -9.32
N THR A 22 -6.58 19.20 -9.63
CA THR A 22 -6.16 19.60 -10.98
C THR A 22 -4.71 19.15 -11.27
N ASP A 23 -4.32 19.12 -12.55
CA ASP A 23 -2.98 18.70 -12.99
C ASP A 23 -1.85 19.59 -12.42
N GLU A 24 -2.11 20.89 -12.20
CA GLU A 24 -1.11 21.79 -11.63
C GLU A 24 -0.79 21.33 -10.19
N GLU A 25 -1.79 20.90 -9.43
CA GLU A 25 -1.66 20.42 -8.07
C GLU A 25 -0.91 19.08 -8.10
N LEU A 26 -1.20 18.22 -9.09
CA LEU A 26 -0.53 16.93 -9.24
C LEU A 26 0.96 17.16 -9.40
N GLN A 27 1.32 18.02 -10.36
CA GLN A 27 2.68 18.38 -10.70
C GLN A 27 3.48 18.83 -9.47
N ARG A 28 2.88 19.67 -8.63
CA ARG A 28 3.56 20.16 -7.43
C ARG A 28 3.83 19.05 -6.42
N ALA A 29 2.94 18.04 -6.34
CA ALA A 29 3.11 16.93 -5.42
C ALA A 29 4.21 15.97 -5.87
N LEU A 30 4.46 15.85 -7.18
CA LEU A 30 5.48 14.95 -7.71
C LEU A 30 6.86 15.32 -7.17
N GLU A 31 7.14 16.62 -7.07
CA GLU A 31 8.41 17.09 -6.55
C GLU A 31 8.51 16.73 -5.06
N ARG A 32 7.43 16.87 -4.28
CA ARG A 32 7.49 16.52 -2.86
C ARG A 32 7.78 15.04 -2.71
N HIS A 33 7.17 14.20 -3.56
CA HIS A 33 7.40 12.77 -3.53
C HIS A 33 8.90 12.50 -3.63
N ARG A 34 9.63 13.26 -4.44
CA ARG A 34 11.07 13.08 -4.62
C ARG A 34 11.87 13.47 -3.38
N GLU A 35 11.33 14.29 -2.48
CA GLU A 35 12.00 14.70 -1.25
C GLU A 35 11.80 13.64 -0.15
N VAL A 36 10.63 12.99 -0.11
CA VAL A 36 10.33 11.96 0.91
C VAL A 36 10.68 10.55 0.45
N GLY A 37 10.70 10.31 -0.87
CA GLY A 37 10.99 9.03 -1.48
C GLY A 37 9.83 8.03 -1.39
N GLY A 38 8.70 8.41 -0.81
CA GLY A 38 7.51 7.58 -0.66
C GLY A 38 6.59 7.76 -1.85
N SER A 39 5.68 6.81 -2.08
CA SER A 39 4.71 6.82 -3.17
C SER A 39 3.84 8.09 -3.12
N LEU A 40 3.16 8.40 -4.23
CA LEU A 40 2.29 9.57 -4.33
C LEU A 40 1.18 9.54 -3.27
N ALA A 41 0.67 8.36 -2.94
CA ALA A 41 -0.38 8.24 -1.92
C ALA A 41 0.20 8.51 -0.53
N GLU A 42 1.46 8.15 -0.28
CA GLU A 42 2.13 8.37 0.99
C GLU A 42 2.36 9.87 1.15
N VAL A 43 2.94 10.54 0.15
CA VAL A 43 3.19 11.97 0.25
C VAL A 43 1.88 12.75 0.38
N LEU A 44 0.78 12.32 -0.24
CA LEU A 44 -0.51 12.99 -0.15
C LEU A 44 -0.94 13.07 1.31
N VAL A 45 -0.93 11.95 2.05
CA VAL A 45 -1.32 11.96 3.45
C VAL A 45 -0.19 12.58 4.30
N ASP A 46 1.08 12.44 3.90
CA ASP A 46 2.21 13.02 4.65
C ASP A 46 2.10 14.55 4.68
N MET A 47 1.55 15.13 3.61
CA MET A 47 1.32 16.55 3.45
C MET A 47 -0.06 16.95 3.98
N GLY A 48 -0.90 15.98 4.37
CA GLY A 48 -2.23 16.24 4.89
C GLY A 48 -3.16 16.78 3.79
N LEU A 49 -2.92 16.45 2.53
CA LEU A 49 -3.73 16.91 1.40
C LEU A 49 -4.97 16.04 1.25
N LEU A 50 -4.77 14.72 1.25
CA LEU A 50 -5.81 13.71 1.13
C LEU A 50 -5.38 12.51 1.96
N SER A 51 -6.32 11.80 2.58
CA SER A 51 -6.01 10.62 3.39
C SER A 51 -6.14 9.39 2.49
N GLU A 52 -5.49 8.30 2.88
CA GLU A 52 -5.42 7.01 2.18
C GLU A 52 -6.77 6.48 1.70
N ARG A 53 -7.79 6.45 2.58
CA ARG A 53 -9.11 5.92 2.23
C ARG A 53 -9.71 6.66 1.03
N ARG A 54 -9.61 7.99 0.94
CA ARG A 54 -10.17 8.73 -0.20
C ARG A 54 -9.51 8.31 -1.51
N ILE A 55 -8.20 8.06 -1.53
CA ILE A 55 -7.51 7.66 -2.77
C ILE A 55 -8.04 6.26 -3.14
N ALA A 56 -8.13 5.35 -2.17
CA ALA A 56 -8.60 3.98 -2.35
C ALA A 56 -10.03 3.90 -2.89
N GLN A 57 -10.97 4.69 -2.39
CA GLN A 57 -12.37 4.67 -2.80
C GLN A 57 -12.59 4.85 -4.30
N THR A 58 -11.85 5.75 -4.96
CA THR A 58 -12.05 5.95 -6.39
C THR A 58 -11.49 4.76 -7.19
N ILE A 59 -10.40 4.15 -6.70
CA ILE A 59 -9.72 3.03 -7.33
C ILE A 59 -10.57 1.77 -7.17
N GLU A 60 -11.14 1.54 -5.99
CA GLU A 60 -12.00 0.39 -5.69
C GLU A 60 -13.12 0.30 -6.73
N ASP A 61 -13.73 1.44 -7.06
CA ASP A 61 -14.82 1.46 -8.04
C ASP A 61 -14.28 1.24 -9.46
N ARG A 62 -13.26 1.98 -9.88
CA ARG A 62 -12.69 1.88 -11.23
C ARG A 62 -12.01 0.56 -11.56
N PHE A 63 -11.47 -0.18 -10.59
CA PHE A 63 -10.76 -1.44 -10.81
C PHE A 63 -11.41 -2.66 -10.16
N GLY A 64 -12.43 -2.51 -9.32
CA GLY A 64 -13.06 -3.68 -8.69
C GLY A 64 -12.16 -4.33 -7.64
N ILE A 65 -11.24 -3.56 -7.05
CA ILE A 65 -10.32 -4.04 -6.01
C ILE A 65 -11.12 -3.86 -4.71
N PRO A 66 -11.47 -4.94 -3.97
CA PRO A 66 -12.24 -4.83 -2.75
C PRO A 66 -11.41 -4.31 -1.57
N LEU A 67 -12.08 -4.07 -0.45
CA LEU A 67 -11.52 -3.59 0.80
C LEU A 67 -11.78 -4.61 1.89
N VAL A 68 -10.79 -4.83 2.76
CA VAL A 68 -10.82 -5.77 3.88
C VAL A 68 -10.52 -5.01 5.16
N GLU A 69 -10.78 -5.62 6.32
CA GLU A 69 -10.56 -5.00 7.63
C GLU A 69 -9.47 -5.72 8.41
N LEU A 70 -8.21 -5.42 8.08
CA LEU A 70 -7.04 -5.97 8.75
C LEU A 70 -7.06 -5.55 10.22
N HIS A 71 -7.68 -4.40 10.55
CA HIS A 71 -7.76 -3.89 11.91
C HIS A 71 -8.45 -4.87 12.90
N ARG A 72 -9.21 -5.85 12.40
CA ARG A 72 -9.88 -6.87 13.21
C ARG A 72 -9.30 -8.28 12.95
N VAL A 73 -8.32 -8.42 12.07
CA VAL A 73 -7.72 -9.70 11.73
C VAL A 73 -6.44 -9.89 12.55
N GLU A 74 -6.03 -11.14 12.75
CA GLU A 74 -4.82 -11.50 13.47
C GLU A 74 -3.85 -12.00 12.41
N ILE A 75 -2.54 -11.85 12.64
CA ILE A 75 -1.52 -12.31 11.73
C ILE A 75 -0.89 -13.50 12.46
N PRO A 76 -1.21 -14.74 12.09
CA PRO A 76 -0.65 -15.91 12.76
C PRO A 76 0.82 -16.10 12.41
N PRO A 77 1.56 -16.95 13.15
CA PRO A 77 2.96 -17.20 12.87
C PRO A 77 3.17 -17.93 11.54
N LYS A 78 2.12 -18.49 10.91
CA LYS A 78 2.26 -19.18 9.64
C LYS A 78 2.58 -18.21 8.52
N VAL A 79 1.79 -17.14 8.37
CA VAL A 79 2.04 -16.17 7.31
C VAL A 79 3.34 -15.40 7.61
N LYS A 80 3.67 -15.19 8.89
CA LYS A 80 4.90 -14.50 9.26
C LYS A 80 6.13 -15.26 8.74
N ALA A 81 6.02 -16.59 8.57
CA ALA A 81 7.13 -17.39 8.07
C ALA A 81 7.51 -17.01 6.63
N LEU A 82 6.64 -16.32 5.88
CA LEU A 82 6.92 -15.90 4.52
C LEU A 82 8.00 -14.83 4.56
N LEU A 83 7.67 -13.66 5.12
CA LEU A 83 8.58 -12.52 5.21
C LEU A 83 8.33 -11.68 6.46
N PRO A 84 9.38 -11.06 7.04
CA PRO A 84 9.25 -10.22 8.23
C PRO A 84 8.60 -8.88 7.90
N ALA A 85 8.03 -8.21 8.90
CA ALA A 85 7.35 -6.92 8.76
C ALA A 85 8.23 -5.87 8.06
N GLU A 86 9.55 -5.87 8.22
CA GLU A 86 10.44 -4.91 7.56
C GLU A 86 10.40 -5.12 6.04
N LYS A 87 10.40 -6.38 5.58
CA LYS A 87 10.34 -6.71 4.17
C LYS A 87 8.98 -6.31 3.62
N ALA A 88 7.95 -6.34 4.48
CA ALA A 88 6.59 -5.95 4.13
C ALA A 88 6.52 -4.42 4.04
N LYS A 89 7.18 -3.73 4.97
CA LYS A 89 7.26 -2.28 5.12
C LYS A 89 7.86 -1.63 3.89
N GLU A 90 9.00 -2.12 3.40
CA GLU A 90 9.63 -1.56 2.19
C GLU A 90 8.70 -1.78 0.98
N LEU A 91 7.85 -2.80 1.04
CA LEU A 91 6.88 -3.14 0.01
C LEU A 91 5.56 -2.39 0.22
N LYS A 92 5.46 -1.58 1.28
CA LYS A 92 4.29 -0.79 1.66
C LYS A 92 3.03 -1.69 1.78
N ALA A 93 3.19 -2.99 2.03
CA ALA A 93 2.12 -3.96 2.14
C ALA A 93 2.28 -4.81 3.41
N ILE A 94 1.30 -5.66 3.72
CA ILE A 94 1.30 -6.55 4.89
C ILE A 94 0.66 -7.89 4.48
N PRO A 95 1.38 -9.02 4.54
CA PRO A 95 0.81 -10.34 4.22
C PRO A 95 -0.08 -10.74 5.40
N PHE A 96 -1.26 -11.30 5.15
CA PHE A 96 -2.17 -11.71 6.23
C PHE A 96 -2.72 -13.12 6.11
N ALA A 97 -2.74 -13.73 4.92
CA ALA A 97 -3.24 -15.10 4.73
C ALA A 97 -2.23 -15.89 3.90
N LEU A 98 -2.21 -17.20 4.09
CA LEU A 98 -1.28 -18.10 3.40
C LEU A 98 -2.00 -19.39 3.03
N ASP A 99 -2.02 -19.74 1.75
CA ASP A 99 -2.61 -20.96 1.25
C ASP A 99 -1.46 -21.57 0.45
N GLU A 100 -0.61 -22.32 1.14
CA GLU A 100 0.57 -22.94 0.52
C GLU A 100 0.16 -24.07 -0.41
N GLU A 101 -0.92 -24.77 -0.05
CA GLU A 101 -1.49 -25.88 -0.79
C GLU A 101 -1.98 -25.42 -2.16
N ALA A 102 -2.44 -24.17 -2.26
CA ALA A 102 -2.92 -23.57 -3.48
C ALA A 102 -1.84 -22.68 -4.12
N GLY A 103 -0.74 -22.43 -3.42
CA GLY A 103 0.34 -21.61 -3.91
C GLY A 103 -0.11 -20.16 -4.04
N VAL A 104 -0.89 -19.66 -3.08
CA VAL A 104 -1.42 -18.29 -3.07
C VAL A 104 -1.24 -17.68 -1.68
N VAL A 105 -1.07 -16.36 -1.62
CA VAL A 105 -0.92 -15.59 -0.38
C VAL A 105 -1.79 -14.33 -0.49
N ARG A 106 -2.34 -13.82 0.61
CA ARG A 106 -3.16 -12.60 0.60
C ARG A 106 -2.35 -11.50 1.26
N VAL A 107 -2.32 -10.31 0.65
CA VAL A 107 -1.58 -9.17 1.15
C VAL A 107 -2.50 -7.94 1.10
N ALA A 108 -2.22 -6.91 1.90
CA ALA A 108 -3.01 -5.69 1.92
C ALA A 108 -2.07 -4.49 1.90
N PHE A 109 -2.33 -3.51 1.03
CA PHE A 109 -1.52 -2.31 0.87
C PHE A 109 -2.38 -1.05 0.70
N LEU A 110 -1.74 0.12 0.73
CA LEU A 110 -2.34 1.46 0.60
C LEU A 110 -2.18 1.99 -0.84
N ASN A 111 -1.39 1.33 -1.68
CA ASN A 111 -1.07 1.67 -3.06
C ASN A 111 -1.68 0.64 -4.04
N PRO A 112 -3.01 0.45 -4.12
CA PRO A 112 -3.61 -0.55 -5.02
C PRO A 112 -3.17 -0.45 -6.48
N LEU A 113 -2.99 0.75 -7.04
CA LEU A 113 -2.57 0.89 -8.44
C LEU A 113 -1.09 0.57 -8.67
N ASP A 114 -0.31 0.33 -7.61
CA ASP A 114 1.11 0.03 -7.73
C ASP A 114 1.33 -1.43 -8.08
N THR A 115 1.34 -1.70 -9.37
CA THR A 115 1.54 -3.03 -9.95
C THR A 115 2.94 -3.54 -9.62
N LEU A 116 3.94 -2.64 -9.55
CA LEU A 116 5.32 -3.03 -9.23
C LEU A 116 5.37 -3.69 -7.86
N SER A 117 4.70 -3.12 -6.86
CA SER A 117 4.69 -3.68 -5.52
C SER A 117 4.05 -5.08 -5.53
N LEU A 118 3.09 -5.35 -6.41
CA LEU A 118 2.49 -6.68 -6.48
C LEU A 118 3.47 -7.63 -7.17
N GLU A 119 4.12 -7.15 -8.25
CA GLU A 119 5.12 -7.85 -9.05
C GLU A 119 6.33 -8.21 -8.20
N GLU A 120 6.61 -7.42 -7.16
CA GLU A 120 7.72 -7.67 -6.24
C GLU A 120 7.31 -8.86 -5.36
N VAL A 121 6.16 -8.82 -4.69
CA VAL A 121 5.75 -9.91 -3.82
C VAL A 121 5.62 -11.23 -4.58
N GLU A 122 5.03 -11.25 -5.78
CA GLU A 122 4.85 -12.48 -6.54
C GLU A 122 6.18 -13.20 -6.83
N ASP A 123 7.18 -12.50 -7.37
CA ASP A 123 8.47 -13.14 -7.67
C ASP A 123 9.28 -13.42 -6.41
N LEU A 124 9.23 -12.53 -5.42
CA LEU A 124 9.98 -12.68 -4.17
C LEU A 124 9.60 -13.96 -3.41
N THR A 125 8.45 -14.57 -3.69
CA THR A 125 8.00 -15.80 -3.05
C THR A 125 7.75 -16.95 -4.05
N GLY A 126 7.62 -16.65 -5.35
CA GLY A 126 7.37 -17.64 -6.41
C GLY A 126 5.93 -18.15 -6.38
N LEU A 127 4.99 -17.37 -5.82
CA LEU A 127 3.57 -17.68 -5.68
C LEU A 127 2.75 -16.51 -6.24
N VAL A 128 1.44 -16.68 -6.33
CA VAL A 128 0.55 -15.63 -6.80
C VAL A 128 0.06 -14.94 -5.53
N VAL A 129 -0.18 -13.63 -5.59
CA VAL A 129 -0.59 -12.83 -4.45
C VAL A 129 -1.92 -12.12 -4.72
N GLU A 130 -2.79 -12.08 -3.73
CA GLU A 130 -4.10 -11.46 -3.76
C GLU A 130 -3.96 -10.03 -3.20
N PRO A 131 -4.09 -8.98 -4.04
CA PRO A 131 -3.96 -7.59 -3.63
C PRO A 131 -5.22 -6.97 -3.00
N TYR A 132 -5.18 -6.71 -1.69
CA TYR A 132 -6.29 -6.10 -0.97
C TYR A 132 -5.89 -4.70 -0.49
N GLN A 133 -6.87 -3.92 -0.03
CA GLN A 133 -6.66 -2.56 0.44
C GLN A 133 -6.68 -2.49 1.97
N THR A 134 -6.13 -1.42 2.54
CA THR A 134 -6.05 -1.14 3.97
C THR A 134 -5.87 0.36 4.16
N THR A 135 -5.74 0.85 5.39
CA THR A 135 -5.54 2.25 5.75
C THR A 135 -4.39 2.32 6.77
N LYS A 136 -3.81 3.51 6.96
CA LYS A 136 -2.68 3.74 7.86
C LYS A 136 -2.88 3.18 9.27
N SER A 137 -4.03 3.41 9.90
CA SER A 137 -4.25 2.91 11.27
C SER A 137 -4.09 1.38 11.33
N ALA A 138 -4.76 0.62 10.45
CA ALA A 138 -4.65 -0.83 10.45
C ALA A 138 -3.23 -1.28 10.07
N PHE A 139 -2.58 -0.56 9.16
CA PHE A 139 -1.24 -0.87 8.72
C PHE A 139 -0.27 -0.85 9.91
N LEU A 140 -0.27 0.25 10.66
CA LEU A 140 0.59 0.46 11.83
C LEU A 140 0.44 -0.64 12.89
N TYR A 141 -0.76 -1.21 13.02
CA TYR A 141 -1.08 -2.27 13.97
C TYR A 141 -0.12 -3.45 13.76
N ALA A 142 -0.01 -3.93 12.51
CA ALA A 142 0.84 -5.05 12.14
C ALA A 142 2.30 -4.77 12.49
N LEU A 143 2.81 -3.59 12.12
CA LEU A 143 4.20 -3.20 12.39
C LEU A 143 4.49 -3.34 13.88
N ALA A 144 3.65 -2.74 14.73
CA ALA A 144 3.83 -2.81 16.19
C ALA A 144 3.77 -4.27 16.69
N LYS A 145 2.84 -5.08 16.17
CA LYS A 145 2.72 -6.48 16.58
C LYS A 145 3.99 -7.28 16.26
N HIS A 146 4.61 -7.03 15.11
CA HIS A 146 5.82 -7.73 14.69
C HIS A 146 7.05 -7.15 15.40
N TYR A 147 7.04 -5.86 15.72
CA TYR A 147 8.14 -5.15 16.37
C TYR A 147 7.65 -4.51 17.68
N PRO A 148 7.35 -5.34 18.70
CA PRO A 148 6.87 -4.85 19.99
C PRO A 148 7.93 -4.05 20.73
N GLU A 149 9.20 -4.09 20.28
CA GLU A 149 10.27 -3.33 20.91
C GLU A 149 10.13 -1.84 20.57
N LEU A 150 9.40 -1.49 19.50
CA LEU A 150 9.21 -0.10 19.10
C LEU A 150 7.78 0.35 19.38
N GLY A 151 6.79 -0.56 19.31
CA GLY A 151 5.36 -0.32 19.57
C GLY A 151 4.64 0.78 18.77
N LEU A 152 5.38 1.70 18.17
CA LEU A 152 5.07 2.88 17.35
C LEU A 152 5.27 4.11 18.25
N PRO A 153 6.49 4.64 18.36
CA PRO A 153 6.75 5.82 19.17
C PRO A 153 6.28 7.07 18.43
N VAL A 154 6.29 8.20 19.12
CA VAL A 154 5.89 9.51 18.63
C VAL A 154 7.03 10.46 18.99
N MET A 1 15.73 14.34 -11.91
CA MET A 1 16.60 14.03 -10.76
C MET A 1 16.16 12.78 -9.98
N SER A 2 14.90 12.33 -10.06
CA SER A 2 14.40 11.15 -9.37
C SER A 2 13.13 10.70 -10.11
N VAL A 3 12.53 9.56 -9.76
CA VAL A 3 11.32 9.06 -10.40
C VAL A 3 10.31 8.59 -9.34
N LEU A 4 9.08 8.33 -9.78
CA LEU A 4 7.94 7.85 -9.00
C LEU A 4 7.60 6.43 -9.46
N THR A 5 6.76 5.73 -8.70
CA THR A 5 6.35 4.35 -8.99
C THR A 5 5.31 4.26 -10.12
N ILE A 6 4.97 3.03 -10.53
CA ILE A 6 3.98 2.79 -11.56
C ILE A 6 2.64 3.21 -10.96
N GLY A 7 2.38 2.80 -9.71
CA GLY A 7 1.15 3.12 -8.99
C GLY A 7 0.92 4.61 -8.87
N ASP A 8 2.00 5.38 -8.76
CA ASP A 8 1.92 6.84 -8.65
C ASP A 8 1.43 7.40 -9.98
N LYS A 9 1.99 6.93 -11.10
CA LYS A 9 1.56 7.37 -12.43
C LYS A 9 0.09 6.99 -12.63
N ARG A 10 -0.29 5.80 -12.17
CA ARG A 10 -1.66 5.30 -12.29
C ARG A 10 -2.62 6.16 -11.48
N LEU A 11 -2.33 6.44 -10.21
CA LEU A 11 -3.21 7.22 -9.35
C LEU A 11 -3.21 8.72 -9.67
N GLY A 12 -2.10 9.31 -10.13
CA GLY A 12 -2.03 10.73 -10.44
C GLY A 12 -3.12 11.13 -11.43
N ALA A 13 -3.21 10.44 -12.56
CA ALA A 13 -4.21 10.73 -13.59
C ALA A 13 -5.63 10.50 -13.06
N ALA A 14 -5.79 9.55 -12.12
CA ALA A 14 -7.06 9.21 -11.51
C ALA A 14 -7.58 10.34 -10.62
N LEU A 15 -6.70 11.15 -10.00
CA LEU A 15 -7.11 12.27 -9.15
C LEU A 15 -7.93 13.25 -9.98
N LEU A 16 -7.41 13.58 -11.17
CA LEU A 16 -8.02 14.48 -12.13
C LEU A 16 -9.34 13.87 -12.58
N ASP A 17 -9.31 12.59 -12.98
CA ASP A 17 -10.47 11.84 -13.45
C ASP A 17 -11.61 11.84 -12.43
N ALA A 18 -11.29 11.75 -11.14
CA ALA A 18 -12.25 11.73 -10.04
C ALA A 18 -12.65 13.14 -9.58
N GLY A 19 -12.09 14.19 -10.19
CA GLY A 19 -12.43 15.57 -9.83
C GLY A 19 -11.97 15.91 -8.42
N LEU A 20 -10.91 15.28 -7.91
CA LEU A 20 -10.41 15.53 -6.56
C LEU A 20 -9.57 16.81 -6.54
N LEU A 21 -8.63 16.95 -7.48
CA LEU A 21 -7.76 18.10 -7.63
C LEU A 21 -7.35 18.20 -9.10
N THR A 22 -7.09 19.42 -9.59
CA THR A 22 -6.70 19.68 -10.96
C THR A 22 -5.30 19.14 -11.29
N ASP A 23 -4.94 19.12 -12.58
CA ASP A 23 -3.61 18.65 -13.01
C ASP A 23 -2.53 19.57 -12.48
N GLU A 24 -2.87 20.85 -12.30
CA GLU A 24 -2.03 21.93 -11.82
C GLU A 24 -1.59 21.70 -10.39
N GLU A 25 -2.52 21.41 -9.48
CA GLU A 25 -2.19 21.16 -8.08
C GLU A 25 -1.32 19.91 -7.98
N LEU A 26 -1.61 18.91 -8.83
CA LEU A 26 -0.85 17.67 -8.86
C LEU A 26 0.56 17.97 -9.39
N GLN A 27 0.69 18.78 -10.45
CA GLN A 27 1.97 19.13 -11.04
C GLN A 27 2.93 19.74 -10.02
N ARG A 28 2.42 20.52 -9.05
CA ARG A 28 3.27 21.10 -8.02
C ARG A 28 3.65 20.01 -7.01
N ALA A 29 2.63 19.30 -6.49
CA ALA A 29 2.80 18.24 -5.51
C ALA A 29 3.68 17.09 -5.99
N LEU A 30 3.70 16.79 -7.29
CA LEU A 30 4.49 15.72 -7.90
C LEU A 30 5.97 15.92 -7.62
N GLU A 31 6.45 17.16 -7.62
CA GLU A 31 7.85 17.44 -7.33
C GLU A 31 8.15 17.05 -5.88
N ARG A 32 7.17 17.24 -4.97
CA ARG A 32 7.33 16.91 -3.56
C ARG A 32 7.60 15.42 -3.38
N HIS A 33 7.13 14.53 -4.28
CA HIS A 33 7.41 13.10 -4.17
C HIS A 33 8.91 12.92 -4.11
N ARG A 34 9.66 13.54 -5.03
CA ARG A 34 11.12 13.44 -5.06
C ARG A 34 11.72 13.93 -3.75
N GLU A 35 11.14 14.97 -3.17
CA GLU A 35 11.65 15.54 -1.94
C GLU A 35 11.48 14.62 -0.71
N VAL A 36 10.64 13.57 -0.75
CA VAL A 36 10.47 12.67 0.39
C VAL A 36 10.69 11.20 0.08
N GLY A 37 10.54 10.76 -1.17
CA GLY A 37 10.75 9.38 -1.62
C GLY A 37 9.58 8.43 -1.35
N GLY A 38 8.62 8.80 -0.50
CA GLY A 38 7.46 7.98 -0.21
C GLY A 38 6.54 7.96 -1.44
N SER A 39 5.58 7.04 -1.49
CA SER A 39 4.65 6.93 -2.60
C SER A 39 3.86 8.23 -2.78
N LEU A 40 3.29 8.47 -3.97
CA LEU A 40 2.52 9.68 -4.24
C LEU A 40 1.36 9.80 -3.24
N ALA A 41 0.74 8.66 -2.90
CA ALA A 41 -0.35 8.59 -1.94
C ALA A 41 0.13 8.95 -0.53
N GLU A 42 1.39 8.64 -0.20
CA GLU A 42 2.01 8.90 1.09
C GLU A 42 2.31 10.39 1.22
N VAL A 43 2.97 10.99 0.23
CA VAL A 43 3.27 12.42 0.28
C VAL A 43 1.94 13.21 0.30
N LEU A 44 0.90 12.74 -0.40
CA LEU A 44 -0.41 13.38 -0.44
C LEU A 44 -1.01 13.50 0.96
N VAL A 45 -1.08 12.39 1.70
CA VAL A 45 -1.64 12.40 3.04
C VAL A 45 -0.74 13.20 3.99
N ASP A 46 0.58 13.19 3.81
CA ASP A 46 1.53 13.93 4.65
C ASP A 46 1.37 15.45 4.44
N MET A 47 0.93 15.84 3.25
CA MET A 47 0.69 17.23 2.86
C MET A 47 -0.74 17.64 3.21
N GLY A 48 -1.59 16.69 3.64
CA GLY A 48 -2.98 16.94 3.98
C GLY A 48 -3.81 17.29 2.76
N LEU A 49 -3.23 17.22 1.55
CA LEU A 49 -3.86 17.53 0.27
C LEU A 49 -5.09 16.68 0.02
N LEU A 50 -4.97 15.38 0.26
CA LEU A 50 -5.99 14.36 0.09
C LEU A 50 -5.91 13.43 1.31
N SER A 51 -6.86 12.50 1.43
CA SER A 51 -6.91 11.54 2.52
C SER A 51 -6.72 10.13 1.95
N GLU A 52 -6.16 9.24 2.77
CA GLU A 52 -5.88 7.84 2.45
C GLU A 52 -7.09 7.12 1.85
N ARG A 53 -8.29 7.40 2.36
CA ARG A 53 -9.50 6.77 1.89
C ARG A 53 -9.88 7.23 0.49
N ARG A 54 -9.61 8.47 0.08
CA ARG A 54 -9.98 8.92 -1.26
C ARG A 54 -9.21 8.16 -2.34
N ILE A 55 -7.92 7.89 -2.10
CA ILE A 55 -7.07 7.17 -3.04
C ILE A 55 -7.70 5.78 -3.20
N ALA A 56 -7.91 5.08 -2.09
CA ALA A 56 -8.48 3.74 -2.07
C ALA A 56 -9.87 3.67 -2.69
N GLN A 57 -10.75 4.61 -2.34
CA GLN A 57 -12.12 4.66 -2.82
C GLN A 57 -12.24 4.74 -4.34
N THR A 58 -11.49 5.64 -4.99
CA THR A 58 -11.58 5.72 -6.44
C THR A 58 -11.08 4.41 -7.05
N ILE A 59 -10.03 3.81 -6.49
CA ILE A 59 -9.45 2.55 -6.98
C ILE A 59 -10.43 1.38 -6.75
N GLU A 60 -11.16 1.36 -5.65
CA GLU A 60 -12.11 0.31 -5.32
C GLU A 60 -13.14 0.15 -6.44
N ASP A 61 -13.69 1.27 -6.91
CA ASP A 61 -14.69 1.23 -7.97
C ASP A 61 -14.04 1.17 -9.36
N ARG A 62 -13.04 2.01 -9.65
CA ARG A 62 -12.36 2.06 -10.95
C ARG A 62 -11.58 0.79 -11.30
N PHE A 63 -11.15 -0.03 -10.34
CA PHE A 63 -10.38 -1.25 -10.59
C PHE A 63 -10.95 -2.51 -9.92
N GLY A 64 -11.99 -2.41 -9.10
CA GLY A 64 -12.60 -3.57 -8.45
C GLY A 64 -11.71 -4.25 -7.42
N ILE A 65 -10.77 -3.53 -6.81
CA ILE A 65 -9.86 -4.06 -5.79
C ILE A 65 -10.64 -3.99 -4.47
N PRO A 66 -10.98 -5.13 -3.82
CA PRO A 66 -11.76 -5.13 -2.59
C PRO A 66 -11.00 -4.63 -1.36
N LEU A 67 -11.78 -4.20 -0.37
CA LEU A 67 -11.32 -3.67 0.89
C LEU A 67 -11.66 -4.63 2.04
N VAL A 68 -10.69 -4.82 2.93
CA VAL A 68 -10.75 -5.66 4.12
C VAL A 68 -10.08 -4.86 5.24
N GLU A 69 -10.25 -5.24 6.51
CA GLU A 69 -9.67 -4.53 7.65
C GLU A 69 -8.55 -5.33 8.29
N LEU A 70 -7.28 -4.95 8.09
CA LEU A 70 -6.17 -5.67 8.71
C LEU A 70 -6.24 -5.46 10.24
N HIS A 71 -6.86 -4.36 10.67
CA HIS A 71 -7.07 -3.97 12.07
C HIS A 71 -8.13 -4.85 12.75
N ARG A 72 -8.78 -5.75 11.99
CA ARG A 72 -9.79 -6.70 12.45
C ARG A 72 -9.30 -8.15 12.30
N VAL A 73 -8.01 -8.38 12.03
CA VAL A 73 -7.46 -9.72 11.87
C VAL A 73 -6.11 -9.86 12.58
N GLU A 74 -5.66 -11.10 12.80
CA GLU A 74 -4.40 -11.44 13.44
C GLU A 74 -3.45 -12.07 12.42
N ILE A 75 -2.15 -12.05 12.73
CA ILE A 75 -1.13 -12.62 11.86
C ILE A 75 -0.69 -13.95 12.50
N PRO A 76 -1.14 -15.10 11.98
CA PRO A 76 -0.75 -16.40 12.52
C PRO A 76 0.73 -16.66 12.18
N PRO A 77 1.36 -17.69 12.79
CA PRO A 77 2.75 -18.00 12.52
C PRO A 77 2.96 -18.55 11.10
N LYS A 78 1.92 -19.15 10.51
CA LYS A 78 1.97 -19.72 9.16
C LYS A 78 2.24 -18.69 8.08
N VAL A 79 1.48 -17.59 8.00
CA VAL A 79 1.72 -16.59 6.96
C VAL A 79 3.08 -15.91 7.16
N LYS A 80 3.53 -15.79 8.42
CA LYS A 80 4.82 -15.18 8.77
C LYS A 80 5.99 -15.95 8.15
N ALA A 81 5.79 -17.20 7.71
CA ALA A 81 6.84 -17.99 7.08
C ALA A 81 7.26 -17.34 5.75
N LEU A 82 6.41 -16.52 5.12
CA LEU A 82 6.72 -15.86 3.86
C LEU A 82 7.83 -14.83 4.05
N LEU A 83 7.55 -13.74 4.77
CA LEU A 83 8.50 -12.66 5.02
C LEU A 83 8.23 -11.99 6.38
N PRO A 84 9.24 -11.37 7.00
CA PRO A 84 9.08 -10.68 8.27
C PRO A 84 8.47 -9.27 8.08
N ALA A 85 8.12 -8.61 9.19
CA ALA A 85 7.54 -7.27 9.25
C ALA A 85 8.41 -6.24 8.52
N GLU A 86 9.72 -6.29 8.76
CA GLU A 86 10.73 -5.41 8.20
C GLU A 86 10.75 -5.41 6.67
N LYS A 87 10.72 -6.57 6.02
CA LYS A 87 10.74 -6.66 4.56
C LYS A 87 9.39 -6.30 3.95
N ALA A 88 8.29 -6.54 4.66
CA ALA A 88 6.96 -6.22 4.15
C ALA A 88 6.77 -4.69 4.16
N LYS A 89 7.26 -4.01 5.20
CA LYS A 89 7.13 -2.56 5.34
C LYS A 89 7.75 -1.78 4.19
N GLU A 90 8.91 -2.19 3.66
CA GLU A 90 9.52 -1.45 2.55
C GLU A 90 8.58 -1.35 1.34
N LEU A 91 7.81 -2.41 1.06
CA LEU A 91 6.85 -2.45 -0.05
C LEU A 91 5.50 -1.84 0.36
N LYS A 92 5.34 -1.40 1.62
CA LYS A 92 4.14 -0.78 2.17
C LYS A 92 2.93 -1.74 2.03
N ALA A 93 3.20 -3.03 2.15
CA ALA A 93 2.28 -4.14 2.05
C ALA A 93 2.45 -5.04 3.27
N ILE A 94 1.41 -5.81 3.66
CA ILE A 94 1.44 -6.74 4.79
C ILE A 94 0.51 -7.91 4.41
N PRO A 95 0.94 -9.17 4.53
CA PRO A 95 0.13 -10.34 4.19
C PRO A 95 -0.85 -10.71 5.31
N PHE A 96 -1.84 -11.56 5.00
CA PHE A 96 -2.83 -12.01 5.99
C PHE A 96 -3.33 -13.44 5.79
N ALA A 97 -3.03 -14.12 4.67
CA ALA A 97 -3.45 -15.50 4.43
C ALA A 97 -2.35 -16.20 3.64
N LEU A 98 -2.22 -17.51 3.83
CA LEU A 98 -1.23 -18.36 3.19
C LEU A 98 -1.83 -19.74 3.00
N ASP A 99 -2.00 -20.14 1.75
CA ASP A 99 -2.54 -21.44 1.37
C ASP A 99 -1.51 -22.02 0.41
N GLU A 100 -0.51 -22.72 0.94
CA GLU A 100 0.55 -23.33 0.13
C GLU A 100 0.03 -24.50 -0.70
N GLU A 101 -1.11 -25.05 -0.31
CA GLU A 101 -1.80 -26.17 -0.95
C GLU A 101 -2.37 -25.74 -2.31
N ALA A 102 -2.69 -24.45 -2.43
CA ALA A 102 -3.22 -23.81 -3.64
C ALA A 102 -2.19 -22.82 -4.20
N GLY A 103 -1.11 -22.57 -3.47
CA GLY A 103 -0.04 -21.64 -3.80
C GLY A 103 -0.56 -20.21 -3.84
N VAL A 104 -1.37 -19.78 -2.87
CA VAL A 104 -1.94 -18.44 -2.83
C VAL A 104 -1.56 -17.71 -1.54
N VAL A 105 -1.22 -16.42 -1.66
CA VAL A 105 -0.85 -15.56 -0.53
C VAL A 105 -1.66 -14.26 -0.62
N ARG A 106 -2.49 -13.95 0.39
CA ARG A 106 -3.28 -12.71 0.36
C ARG A 106 -2.49 -11.61 1.01
N VAL A 107 -2.50 -10.42 0.40
CA VAL A 107 -1.78 -9.26 0.89
C VAL A 107 -2.65 -8.03 0.67
N ALA A 108 -2.48 -7.02 1.52
CA ALA A 108 -3.21 -5.78 1.39
C ALA A 108 -2.16 -4.68 1.47
N PHE A 109 -2.27 -3.62 0.66
CA PHE A 109 -1.29 -2.55 0.64
C PHE A 109 -1.89 -1.15 0.55
N LEU A 110 -1.02 -0.16 0.71
CA LEU A 110 -1.31 1.27 0.71
C LEU A 110 -1.18 1.92 -0.67
N ASN A 111 -0.68 1.18 -1.67
CA ASN A 111 -0.51 1.65 -3.05
C ASN A 111 -1.20 0.65 -3.98
N PRO A 112 -2.53 0.48 -3.90
CA PRO A 112 -3.27 -0.50 -4.70
C PRO A 112 -3.09 -0.54 -6.22
N LEU A 113 -2.42 0.44 -6.85
CA LEU A 113 -2.21 0.45 -8.29
C LEU A 113 -0.74 0.25 -8.66
N ASP A 114 0.18 0.07 -7.70
CA ASP A 114 1.58 -0.13 -8.03
C ASP A 114 1.77 -1.59 -8.43
N THR A 115 1.69 -1.85 -9.73
CA THR A 115 1.85 -3.18 -10.28
C THR A 115 3.27 -3.72 -9.99
N LEU A 116 4.28 -2.86 -9.89
CA LEU A 116 5.65 -3.28 -9.62
C LEU A 116 5.72 -4.03 -8.28
N SER A 117 5.06 -3.51 -7.26
CA SER A 117 5.04 -4.15 -5.95
C SER A 117 4.34 -5.51 -6.07
N LEU A 118 3.25 -5.60 -6.83
CA LEU A 118 2.52 -6.87 -6.99
C LEU A 118 3.40 -7.91 -7.68
N GLU A 119 4.26 -7.47 -8.60
CA GLU A 119 5.20 -8.30 -9.33
C GLU A 119 6.38 -8.71 -8.42
N GLU A 120 6.71 -7.90 -7.41
CA GLU A 120 7.77 -8.14 -6.45
C GLU A 120 7.36 -9.22 -5.43
N VAL A 121 6.21 -9.02 -4.78
CA VAL A 121 5.69 -9.91 -3.75
C VAL A 121 5.56 -11.36 -4.22
N GLU A 122 5.05 -11.59 -5.43
CA GLU A 122 4.90 -12.95 -5.96
C GLU A 122 6.25 -13.54 -6.34
N ASP A 123 7.09 -12.78 -7.06
CA ASP A 123 8.41 -13.20 -7.52
C ASP A 123 9.32 -13.62 -6.37
N LEU A 124 9.12 -13.03 -5.18
CA LEU A 124 9.89 -13.33 -3.98
C LEU A 124 9.52 -14.69 -3.37
N THR A 125 8.35 -15.25 -3.66
CA THR A 125 7.91 -16.53 -3.10
C THR A 125 7.55 -17.63 -4.12
N GLY A 126 7.23 -17.27 -5.36
CA GLY A 126 6.85 -18.19 -6.41
C GLY A 126 5.40 -18.67 -6.28
N LEU A 127 4.58 -18.00 -5.47
CA LEU A 127 3.16 -18.27 -5.21
C LEU A 127 2.35 -17.09 -5.78
N VAL A 128 1.06 -17.27 -6.08
CA VAL A 128 0.25 -16.19 -6.63
C VAL A 128 -0.20 -15.29 -5.48
N VAL A 129 -0.07 -13.99 -5.70
CA VAL A 129 -0.40 -12.96 -4.75
C VAL A 129 -1.83 -12.46 -5.01
N GLU A 130 -2.59 -12.23 -3.94
CA GLU A 130 -3.98 -11.74 -3.97
C GLU A 130 -3.99 -10.29 -3.47
N PRO A 131 -4.14 -9.28 -4.35
CA PRO A 131 -4.17 -7.86 -4.00
C PRO A 131 -5.48 -7.32 -3.39
N TYR A 132 -5.44 -6.93 -2.12
CA TYR A 132 -6.55 -6.35 -1.35
C TYR A 132 -6.15 -4.93 -0.91
N GLN A 133 -7.09 -4.11 -0.41
CA GLN A 133 -6.81 -2.75 0.05
C GLN A 133 -6.69 -2.70 1.58
N THR A 134 -6.03 -1.66 2.10
CA THR A 134 -5.81 -1.43 3.54
C THR A 134 -5.81 0.07 3.85
N THR A 135 -5.65 0.47 5.12
CA THR A 135 -5.61 1.84 5.61
C THR A 135 -4.36 2.04 6.49
N LYS A 136 -4.00 3.29 6.81
CA LYS A 136 -2.84 3.65 7.64
C LYS A 136 -2.91 2.97 8.99
N SER A 137 -4.05 3.06 9.69
CA SER A 137 -4.22 2.47 11.01
C SER A 137 -4.03 0.95 10.96
N ALA A 138 -4.57 0.31 9.91
CA ALA A 138 -4.48 -1.12 9.68
C ALA A 138 -3.03 -1.54 9.52
N PHE A 139 -2.28 -0.84 8.66
CA PHE A 139 -0.87 -1.10 8.40
C PHE A 139 -0.06 -1.00 9.69
N LEU A 140 -0.21 0.13 10.40
CA LEU A 140 0.50 0.38 11.65
C LEU A 140 0.19 -0.69 12.70
N TYR A 141 -1.01 -1.29 12.69
CA TYR A 141 -1.41 -2.32 13.62
C TYR A 141 -0.43 -3.51 13.54
N ALA A 142 -0.25 -4.07 12.34
CA ALA A 142 0.65 -5.20 12.16
C ALA A 142 2.11 -4.84 12.47
N LEU A 143 2.51 -3.57 12.30
CA LEU A 143 3.88 -3.15 12.62
C LEU A 143 4.06 -3.27 14.13
N ALA A 144 3.15 -2.66 14.91
CA ALA A 144 3.19 -2.71 16.36
C ALA A 144 3.07 -4.15 16.85
N LYS A 145 2.18 -4.95 16.25
CA LYS A 145 1.95 -6.35 16.61
C LYS A 145 3.23 -7.18 16.47
N HIS A 146 4.05 -6.92 15.44
CA HIS A 146 5.30 -7.64 15.22
C HIS A 146 6.47 -7.05 16.01
N TYR A 147 6.38 -5.81 16.45
CA TYR A 147 7.42 -5.13 17.20
C TYR A 147 6.80 -4.40 18.40
N PRO A 148 6.29 -5.15 19.39
CA PRO A 148 5.70 -4.53 20.56
C PRO A 148 6.78 -3.83 21.39
N GLU A 149 8.05 -4.21 21.21
CA GLU A 149 9.21 -3.64 21.89
C GLU A 149 9.29 -2.13 21.68
N LEU A 150 8.86 -1.63 20.51
CA LEU A 150 8.85 -0.19 20.19
C LEU A 150 7.43 0.37 20.14
N GLY A 151 6.41 -0.43 19.80
CA GLY A 151 5.02 0.01 19.74
C GLY A 151 4.73 1.23 18.85
N LEU A 152 5.65 1.61 17.97
CA LEU A 152 5.57 2.75 17.04
C LEU A 152 5.35 4.08 17.76
N PRO A 153 6.42 4.73 18.25
CA PRO A 153 6.32 6.03 18.91
C PRO A 153 6.26 7.13 17.85
N VAL A 154 5.73 8.31 18.20
CA VAL A 154 5.59 9.51 17.37
C VAL A 154 4.62 9.33 16.19
N MET A 1 19.44 11.84 -11.16
CA MET A 1 18.48 11.07 -11.97
C MET A 1 17.62 10.23 -11.03
N SER A 2 16.35 10.61 -10.88
CA SER A 2 15.35 9.96 -10.03
C SER A 2 14.08 9.79 -10.88
N VAL A 3 13.23 8.79 -10.59
CA VAL A 3 11.99 8.55 -11.34
C VAL A 3 10.91 8.12 -10.36
N LEU A 4 9.65 8.51 -10.61
CA LEU A 4 8.51 8.13 -9.77
C LEU A 4 8.13 6.66 -10.00
N THR A 5 7.29 6.12 -9.13
CA THR A 5 6.84 4.73 -9.18
C THR A 5 5.70 4.55 -10.22
N ILE A 6 5.28 3.30 -10.46
CA ILE A 6 4.20 2.96 -11.39
C ILE A 6 2.87 3.38 -10.75
N GLY A 7 2.68 3.03 -9.47
CA GLY A 7 1.48 3.35 -8.73
C GLY A 7 1.26 4.85 -8.70
N ASP A 8 2.34 5.61 -8.53
CA ASP A 8 2.33 7.07 -8.47
C ASP A 8 1.76 7.67 -9.75
N LYS A 9 2.28 7.27 -10.91
CA LYS A 9 1.81 7.77 -12.21
C LYS A 9 0.31 7.58 -12.34
N ARG A 10 -0.12 6.34 -12.13
CA ARG A 10 -1.50 5.92 -12.23
C ARG A 10 -2.41 6.64 -11.23
N LEU A 11 -2.06 6.66 -9.95
CA LEU A 11 -2.88 7.29 -8.90
C LEU A 11 -2.90 8.80 -9.04
N GLY A 12 -1.84 9.42 -9.56
CA GLY A 12 -1.75 10.87 -9.75
C GLY A 12 -2.67 11.29 -10.89
N ALA A 13 -2.54 10.66 -12.07
CA ALA A 13 -3.37 10.98 -13.22
C ALA A 13 -4.86 10.74 -12.88
N ALA A 14 -5.14 9.77 -12.01
CA ALA A 14 -6.49 9.44 -11.59
C ALA A 14 -7.15 10.59 -10.83
N LEU A 15 -6.38 11.43 -10.12
CA LEU A 15 -6.94 12.56 -9.36
C LEU A 15 -7.76 13.47 -10.27
N LEU A 16 -7.27 13.69 -11.49
CA LEU A 16 -7.90 14.50 -12.51
C LEU A 16 -9.22 13.83 -12.91
N ASP A 17 -9.17 12.53 -13.21
CA ASP A 17 -10.33 11.72 -13.62
C ASP A 17 -11.40 11.64 -12.55
N ALA A 18 -11.00 11.63 -11.27
CA ALA A 18 -11.88 11.56 -10.12
C ALA A 18 -12.37 12.96 -9.73
N GLY A 19 -11.84 14.03 -10.33
CA GLY A 19 -12.23 15.40 -10.04
C GLY A 19 -11.78 15.85 -8.64
N LEU A 20 -10.79 15.18 -8.05
CA LEU A 20 -10.31 15.49 -6.71
C LEU A 20 -9.49 16.78 -6.62
N LEU A 21 -8.51 16.97 -7.51
CA LEU A 21 -7.66 18.16 -7.54
C LEU A 21 -7.23 18.48 -8.96
N THR A 22 -6.63 19.65 -9.19
CA THR A 22 -6.17 20.08 -10.50
C THR A 22 -4.83 19.42 -10.87
N ASP A 23 -4.54 19.35 -12.16
CA ASP A 23 -3.28 18.79 -12.66
C ASP A 23 -2.08 19.60 -12.12
N GLU A 24 -2.33 20.89 -11.83
CA GLU A 24 -1.40 21.89 -11.29
C GLU A 24 -1.00 21.54 -9.84
N GLU A 25 -1.98 21.24 -8.97
CA GLU A 25 -1.77 20.89 -7.55
C GLU A 25 -0.97 19.57 -7.49
N LEU A 26 -1.16 18.70 -8.48
CA LEU A 26 -0.46 17.41 -8.59
C LEU A 26 0.97 17.65 -9.04
N GLN A 27 1.20 18.54 -10.01
CA GLN A 27 2.51 18.82 -10.57
C GLN A 27 3.55 19.17 -9.50
N ARG A 28 3.21 20.03 -8.54
CA ARG A 28 4.15 20.39 -7.48
C ARG A 28 4.48 19.14 -6.64
N ALA A 29 3.48 18.31 -6.33
CA ALA A 29 3.68 17.11 -5.54
C ALA A 29 4.59 16.11 -6.25
N LEU A 30 4.60 16.09 -7.60
CA LEU A 30 5.46 15.19 -8.37
C LEU A 30 6.92 15.47 -8.00
N GLU A 31 7.25 16.73 -7.75
CA GLU A 31 8.57 17.18 -7.33
C GLU A 31 8.77 16.87 -5.84
N ARG A 32 7.76 17.19 -5.01
CA ARG A 32 7.81 16.98 -3.55
C ARG A 32 8.07 15.51 -3.21
N HIS A 33 7.62 14.57 -4.05
CA HIS A 33 7.80 13.13 -3.86
C HIS A 33 9.29 12.78 -3.62
N ARG A 34 10.23 13.39 -4.35
CA ARG A 34 11.66 13.12 -4.19
C ARG A 34 12.22 13.59 -2.84
N GLU A 35 11.55 14.53 -2.18
CA GLU A 35 11.99 15.04 -0.90
C GLU A 35 11.57 14.13 0.25
N VAL A 36 10.46 13.40 0.10
CA VAL A 36 9.90 12.52 1.14
C VAL A 36 10.12 11.03 0.85
N GLY A 37 10.40 10.65 -0.39
CA GLY A 37 10.65 9.28 -0.82
C GLY A 37 9.48 8.31 -0.62
N GLY A 38 8.28 8.82 -0.33
CA GLY A 38 7.08 8.04 -0.15
C GLY A 38 6.25 8.20 -1.41
N SER A 39 5.38 7.25 -1.70
CA SER A 39 4.50 7.27 -2.86
C SER A 39 3.63 8.53 -2.84
N LEU A 40 2.99 8.89 -3.94
CA LEU A 40 2.14 10.08 -4.05
C LEU A 40 1.07 10.15 -2.94
N ALA A 41 0.51 9.01 -2.54
CA ALA A 41 -0.49 8.95 -1.48
C ALA A 41 0.08 9.39 -0.13
N GLU A 42 1.39 9.21 0.09
CA GLU A 42 2.08 9.57 1.31
C GLU A 42 2.20 11.10 1.38
N VAL A 43 2.54 11.77 0.28
CA VAL A 43 2.65 13.22 0.30
C VAL A 43 1.23 13.81 0.35
N LEU A 44 0.25 13.21 -0.32
CA LEU A 44 -1.14 13.68 -0.33
C LEU A 44 -1.66 13.77 1.11
N VAL A 45 -1.52 12.69 1.88
CA VAL A 45 -2.00 12.66 3.26
C VAL A 45 -1.15 13.55 4.16
N ASP A 46 0.18 13.58 4.02
CA ASP A 46 1.04 14.42 4.87
C ASP A 46 0.76 15.91 4.62
N MET A 47 0.40 16.29 3.40
CA MET A 47 0.07 17.66 3.01
C MET A 47 -1.40 17.98 3.37
N GLY A 48 -2.18 16.98 3.79
CA GLY A 48 -3.58 17.15 4.13
C GLY A 48 -4.45 17.46 2.90
N LEU A 49 -3.92 17.23 1.69
CA LEU A 49 -4.61 17.48 0.44
C LEU A 49 -5.78 16.51 0.30
N LEU A 50 -5.52 15.22 0.50
CA LEU A 50 -6.52 14.17 0.40
C LEU A 50 -6.20 13.14 1.48
N SER A 51 -7.24 12.55 2.03
CA SER A 51 -7.14 11.54 3.06
C SER A 51 -6.86 10.18 2.44
N GLU A 52 -6.37 9.23 3.24
CA GLU A 52 -6.04 7.86 2.81
C GLU A 52 -7.21 7.23 2.03
N ARG A 53 -8.41 7.32 2.59
CA ARG A 53 -9.61 6.75 1.98
C ARG A 53 -9.95 7.37 0.63
N ARG A 54 -9.68 8.66 0.36
CA ARG A 54 -10.02 9.24 -0.93
C ARG A 54 -9.37 8.46 -2.06
N ILE A 55 -8.08 8.11 -1.89
CA ILE A 55 -7.31 7.35 -2.87
C ILE A 55 -7.93 5.94 -2.94
N ALA A 56 -8.11 5.31 -1.78
CA ALA A 56 -8.66 3.96 -1.68
C ALA A 56 -10.02 3.81 -2.38
N GLN A 57 -10.96 4.72 -2.13
CA GLN A 57 -12.32 4.74 -2.66
C GLN A 57 -12.38 4.82 -4.18
N THR A 58 -11.65 5.75 -4.81
CA THR A 58 -11.70 5.85 -6.27
C THR A 58 -11.11 4.58 -6.91
N ILE A 59 -10.07 3.98 -6.35
CA ILE A 59 -9.47 2.77 -6.92
C ILE A 59 -10.40 1.56 -6.67
N GLU A 60 -10.99 1.47 -5.48
CA GLU A 60 -11.92 0.42 -5.06
C GLU A 60 -13.03 0.27 -6.09
N ASP A 61 -13.54 1.40 -6.57
CA ASP A 61 -14.61 1.48 -7.53
C ASP A 61 -14.15 1.33 -8.99
N ARG A 62 -13.10 2.07 -9.40
CA ARG A 62 -12.57 2.02 -10.77
C ARG A 62 -11.96 0.67 -11.14
N PHE A 63 -11.44 -0.10 -10.18
CA PHE A 63 -10.80 -1.39 -10.43
C PHE A 63 -11.47 -2.56 -9.71
N GLY A 64 -12.48 -2.34 -8.86
CA GLY A 64 -13.12 -3.44 -8.16
C GLY A 64 -12.17 -4.21 -7.26
N ILE A 65 -11.20 -3.53 -6.66
CA ILE A 65 -10.22 -4.15 -5.77
C ILE A 65 -10.92 -4.22 -4.40
N PRO A 66 -10.90 -5.38 -3.72
CA PRO A 66 -11.55 -5.55 -2.43
C PRO A 66 -10.77 -4.91 -1.28
N LEU A 67 -11.52 -4.44 -0.28
CA LEU A 67 -11.01 -3.80 0.93
C LEU A 67 -11.31 -4.78 2.08
N VAL A 68 -10.47 -4.75 3.12
CA VAL A 68 -10.55 -5.57 4.32
C VAL A 68 -10.11 -4.72 5.49
N GLU A 69 -10.39 -5.16 6.72
CA GLU A 69 -10.03 -4.47 7.95
C GLU A 69 -8.85 -5.22 8.55
N LEU A 70 -7.60 -4.78 8.27
CA LEU A 70 -6.42 -5.46 8.84
C LEU A 70 -6.39 -5.34 10.37
N HIS A 71 -7.08 -4.33 10.93
CA HIS A 71 -7.16 -4.12 12.38
C HIS A 71 -8.20 -5.12 12.97
N ARG A 72 -8.92 -5.88 12.14
CA ARG A 72 -9.92 -6.85 12.53
C ARG A 72 -9.49 -8.29 12.21
N VAL A 73 -8.20 -8.56 11.99
CA VAL A 73 -7.71 -9.91 11.71
C VAL A 73 -6.44 -10.15 12.52
N GLU A 74 -6.03 -11.41 12.65
CA GLU A 74 -4.82 -11.82 13.36
C GLU A 74 -3.85 -12.27 12.26
N ILE A 75 -2.54 -12.16 12.52
CA ILE A 75 -1.51 -12.57 11.57
C ILE A 75 -0.75 -13.66 12.32
N PRO A 76 -1.01 -14.94 12.02
CA PRO A 76 -0.36 -16.06 12.71
C PRO A 76 1.08 -16.32 12.25
N PRO A 77 1.82 -17.18 12.99
CA PRO A 77 3.20 -17.51 12.64
C PRO A 77 3.30 -18.19 11.27
N LYS A 78 2.23 -18.83 10.78
CA LYS A 78 2.21 -19.50 9.49
C LYS A 78 2.50 -18.50 8.36
N VAL A 79 1.77 -17.39 8.30
CA VAL A 79 2.01 -16.40 7.25
C VAL A 79 3.32 -15.65 7.55
N LYS A 80 3.71 -15.51 8.82
CA LYS A 80 4.95 -14.83 9.20
C LYS A 80 6.16 -15.48 8.53
N ALA A 81 6.10 -16.78 8.20
CA ALA A 81 7.21 -17.51 7.57
C ALA A 81 7.58 -16.92 6.21
N LEU A 82 6.64 -16.29 5.50
CA LEU A 82 6.87 -15.68 4.20
C LEU A 82 7.88 -14.55 4.35
N LEU A 83 7.47 -13.47 5.05
CA LEU A 83 8.30 -12.30 5.28
C LEU A 83 8.04 -11.63 6.64
N PRO A 84 9.08 -11.01 7.25
CA PRO A 84 8.96 -10.31 8.52
C PRO A 84 8.29 -8.94 8.29
N ALA A 85 7.80 -8.30 9.36
CA ALA A 85 7.13 -7.00 9.30
C ALA A 85 7.99 -5.92 8.63
N GLU A 86 9.33 -6.00 8.75
CA GLU A 86 10.23 -5.02 8.13
C GLU A 86 10.13 -5.10 6.61
N LYS A 87 10.02 -6.31 6.02
CA LYS A 87 9.91 -6.44 4.57
C LYS A 87 8.54 -5.91 4.15
N ALA A 88 7.53 -6.14 4.98
CA ALA A 88 6.18 -5.67 4.74
C ALA A 88 6.17 -4.13 4.70
N LYS A 89 7.05 -3.48 5.50
CA LYS A 89 7.15 -2.03 5.56
C LYS A 89 7.72 -1.48 4.25
N GLU A 90 8.87 -1.99 3.78
CA GLU A 90 9.49 -1.51 2.55
C GLU A 90 8.59 -1.74 1.32
N LEU A 91 7.83 -2.85 1.29
CA LEU A 91 6.92 -3.16 0.18
C LEU A 91 5.59 -2.41 0.29
N LYS A 92 5.29 -1.83 1.47
CA LYS A 92 4.07 -1.08 1.78
C LYS A 92 2.83 -1.99 1.73
N ALA A 93 2.99 -3.29 1.89
CA ALA A 93 1.95 -4.30 1.86
C ALA A 93 2.18 -5.30 2.99
N ILE A 94 1.14 -5.87 3.57
CA ILE A 94 1.25 -6.82 4.67
C ILE A 94 0.34 -8.04 4.42
N PRO A 95 0.86 -9.28 4.45
CA PRO A 95 0.05 -10.47 4.24
C PRO A 95 -0.64 -10.88 5.53
N PHE A 96 -1.79 -11.52 5.40
CA PHE A 96 -2.60 -11.98 6.53
C PHE A 96 -2.98 -13.46 6.42
N ALA A 97 -2.88 -14.06 5.24
CA ALA A 97 -3.21 -15.44 4.99
C ALA A 97 -2.10 -16.10 4.17
N LEU A 98 -2.01 -17.42 4.27
CA LEU A 98 -1.04 -18.27 3.59
C LEU A 98 -1.78 -19.54 3.23
N ASP A 99 -1.93 -19.81 1.93
CA ASP A 99 -2.63 -20.98 1.42
C ASP A 99 -1.64 -21.65 0.48
N GLU A 100 -0.78 -22.53 1.00
CA GLU A 100 0.23 -23.22 0.20
C GLU A 100 -0.38 -24.37 -0.59
N GLU A 101 -1.54 -24.86 -0.15
CA GLU A 101 -2.29 -25.93 -0.81
C GLU A 101 -2.76 -25.43 -2.19
N ALA A 102 -2.96 -24.12 -2.32
CA ALA A 102 -3.37 -23.45 -3.55
C ALA A 102 -2.19 -22.63 -4.11
N GLY A 103 -1.17 -22.38 -3.28
CA GLY A 103 0.03 -21.61 -3.59
C GLY A 103 -0.29 -20.12 -3.69
N VAL A 104 -1.23 -19.60 -2.90
CA VAL A 104 -1.66 -18.20 -2.91
C VAL A 104 -1.39 -17.51 -1.56
N VAL A 105 -0.98 -16.24 -1.61
CA VAL A 105 -0.75 -15.41 -0.41
C VAL A 105 -1.60 -14.15 -0.52
N ARG A 106 -2.53 -13.91 0.40
CA ARG A 106 -3.37 -12.70 0.36
C ARG A 106 -2.62 -11.58 1.06
N VAL A 107 -2.46 -10.43 0.39
CA VAL A 107 -1.74 -9.28 0.91
C VAL A 107 -2.60 -8.03 0.80
N ALA A 108 -2.52 -7.13 1.79
CA ALA A 108 -3.29 -5.89 1.80
C ALA A 108 -2.32 -4.71 1.79
N PHE A 109 -2.52 -3.76 0.87
CA PHE A 109 -1.67 -2.57 0.72
C PHE A 109 -2.49 -1.29 0.58
N LEU A 110 -1.81 -0.15 0.65
CA LEU A 110 -2.36 1.20 0.55
C LEU A 110 -2.28 1.76 -0.87
N ASN A 111 -1.48 1.16 -1.75
CA ASN A 111 -1.30 1.59 -3.14
C ASN A 111 -1.86 0.53 -4.10
N PRO A 112 -3.19 0.35 -4.22
CA PRO A 112 -3.74 -0.66 -5.11
C PRO A 112 -3.30 -0.53 -6.58
N LEU A 113 -3.00 0.68 -7.07
CA LEU A 113 -2.54 0.88 -8.45
C LEU A 113 -1.06 0.57 -8.62
N ASP A 114 -0.33 0.29 -7.55
CA ASP A 114 1.10 -0.01 -7.56
C ASP A 114 1.36 -1.44 -8.01
N THR A 115 1.51 -1.62 -9.31
CA THR A 115 1.78 -2.90 -9.94
C THR A 115 3.15 -3.44 -9.50
N LEU A 116 4.13 -2.57 -9.20
CA LEU A 116 5.46 -2.99 -8.76
C LEU A 116 5.36 -3.69 -7.42
N SER A 117 4.56 -3.13 -6.51
CA SER A 117 4.37 -3.71 -5.18
C SER A 117 3.87 -5.16 -5.33
N LEU A 118 3.01 -5.43 -6.30
CA LEU A 118 2.48 -6.77 -6.55
C LEU A 118 3.49 -7.68 -7.23
N GLU A 119 4.10 -7.21 -8.32
CA GLU A 119 5.07 -7.96 -9.11
C GLU A 119 6.37 -8.25 -8.35
N GLU A 120 6.77 -7.42 -7.39
CA GLU A 120 7.97 -7.69 -6.62
C GLU A 120 7.61 -8.82 -5.63
N VAL A 121 6.40 -8.82 -5.06
CA VAL A 121 5.98 -9.84 -4.10
C VAL A 121 5.80 -11.20 -4.79
N GLU A 122 5.28 -11.29 -6.01
CA GLU A 122 5.13 -12.61 -6.65
C GLU A 122 6.53 -13.19 -6.88
N ASP A 123 7.45 -12.42 -7.48
CA ASP A 123 8.80 -12.87 -7.76
C ASP A 123 9.60 -13.19 -6.50
N LEU A 124 9.45 -12.41 -5.42
CA LEU A 124 10.19 -12.61 -4.17
C LEU A 124 9.94 -14.00 -3.56
N THR A 125 8.81 -14.65 -3.85
CA THR A 125 8.53 -15.99 -3.33
C THR A 125 8.28 -17.02 -4.44
N GLY A 126 8.09 -16.60 -5.69
CA GLY A 126 7.83 -17.49 -6.82
C GLY A 126 6.41 -18.08 -6.76
N LEU A 127 5.47 -17.38 -6.12
CA LEU A 127 4.06 -17.78 -5.93
C LEU A 127 3.10 -16.66 -6.37
N VAL A 128 1.78 -16.86 -6.32
CA VAL A 128 0.80 -15.85 -6.71
C VAL A 128 0.34 -15.12 -5.45
N VAL A 129 -0.03 -13.86 -5.58
CA VAL A 129 -0.47 -13.00 -4.50
C VAL A 129 -1.84 -12.39 -4.83
N GLU A 130 -2.74 -12.34 -3.84
CA GLU A 130 -4.11 -11.81 -3.93
C GLU A 130 -4.06 -10.35 -3.45
N PRO A 131 -4.18 -9.34 -4.34
CA PRO A 131 -4.12 -7.92 -3.99
C PRO A 131 -5.39 -7.31 -3.36
N TYR A 132 -5.28 -6.93 -2.08
CA TYR A 132 -6.33 -6.30 -1.28
C TYR A 132 -5.93 -4.87 -0.88
N GLN A 133 -6.90 -4.09 -0.42
CA GLN A 133 -6.74 -2.72 0.03
C GLN A 133 -6.76 -2.67 1.57
N THR A 134 -6.27 -1.57 2.14
CA THR A 134 -6.22 -1.37 3.59
C THR A 134 -6.09 0.13 3.89
N THR A 135 -6.12 0.48 5.18
CA THR A 135 -5.99 1.84 5.70
C THR A 135 -4.68 1.93 6.48
N LYS A 136 -4.18 3.13 6.74
CA LYS A 136 -2.94 3.33 7.48
C LYS A 136 -3.11 2.81 8.90
N SER A 137 -4.23 3.08 9.56
CA SER A 137 -4.46 2.60 10.93
C SER A 137 -4.32 1.07 11.00
N ALA A 138 -4.87 0.37 10.01
CA ALA A 138 -4.83 -1.08 9.94
C ALA A 138 -3.43 -1.58 9.63
N PHE A 139 -2.73 -0.93 8.70
CA PHE A 139 -1.36 -1.27 8.30
C PHE A 139 -0.43 -1.14 9.51
N LEU A 140 -0.49 0.00 10.19
CA LEU A 140 0.33 0.31 11.37
C LEU A 140 0.09 -0.70 12.50
N TYR A 141 -1.13 -1.21 12.68
CA TYR A 141 -1.43 -2.18 13.73
C TYR A 141 -0.56 -3.43 13.56
N ALA A 142 -0.51 -4.00 12.36
CA ALA A 142 0.31 -5.19 12.11
C ALA A 142 1.77 -4.93 12.48
N LEU A 143 2.32 -3.77 12.09
CA LEU A 143 3.70 -3.42 12.38
C LEU A 143 3.89 -3.38 13.90
N ALA A 144 3.05 -2.62 14.62
CA ALA A 144 3.12 -2.50 16.06
C ALA A 144 2.97 -3.86 16.77
N LYS A 145 2.17 -4.78 16.21
CA LYS A 145 1.97 -6.10 16.79
C LYS A 145 3.19 -7.00 16.55
N HIS A 146 3.93 -6.81 15.46
CA HIS A 146 5.11 -7.61 15.15
C HIS A 146 6.37 -7.07 15.83
N TYR A 147 6.48 -5.76 16.07
CA TYR A 147 7.62 -5.15 16.72
C TYR A 147 7.14 -4.36 17.94
N PRO A 148 6.62 -5.05 18.97
CA PRO A 148 6.12 -4.41 20.18
C PRO A 148 7.21 -3.71 20.99
N GLU A 149 8.49 -4.02 20.77
CA GLU A 149 9.59 -3.36 21.48
C GLU A 149 9.57 -1.87 21.21
N LEU A 150 9.23 -1.47 19.98
CA LEU A 150 9.17 -0.07 19.61
C LEU A 150 7.78 0.48 19.89
N GLY A 151 6.75 -0.37 19.82
CA GLY A 151 5.38 0.04 20.06
C GLY A 151 4.91 1.14 19.10
N LEU A 152 5.58 1.25 17.94
CA LEU A 152 5.37 2.20 16.86
C LEU A 152 5.37 3.63 17.42
N PRO A 153 6.57 4.17 17.74
CA PRO A 153 6.75 5.49 18.30
C PRO A 153 6.78 6.55 17.20
N VAL A 154 7.00 7.80 17.61
CA VAL A 154 7.08 8.98 16.75
C VAL A 154 5.74 9.14 16.04
N MET A 1 18.04 13.41 -12.10
CA MET A 1 17.18 12.27 -12.50
C MET A 1 16.10 12.07 -11.46
N SER A 2 14.83 12.01 -11.87
CA SER A 2 13.69 11.84 -10.98
C SER A 2 12.74 10.79 -11.56
N VAL A 3 12.33 9.80 -10.78
CA VAL A 3 11.42 8.72 -11.17
C VAL A 3 10.38 8.57 -10.06
N LEU A 4 9.15 8.23 -10.44
CA LEU A 4 7.99 7.97 -9.58
C LEU A 4 7.56 6.52 -9.73
N THR A 5 6.70 6.00 -8.86
CA THR A 5 6.24 4.62 -8.95
C THR A 5 5.13 4.48 -10.02
N ILE A 6 4.69 3.24 -10.29
CA ILE A 6 3.63 2.99 -11.26
C ILE A 6 2.33 3.50 -10.61
N GLY A 7 2.19 3.25 -9.30
CA GLY A 7 1.05 3.65 -8.50
C GLY A 7 0.89 5.15 -8.49
N ASP A 8 1.99 5.90 -8.42
CA ASP A 8 1.96 7.35 -8.39
C ASP A 8 1.32 7.88 -9.67
N LYS A 9 1.76 7.38 -10.84
CA LYS A 9 1.20 7.77 -12.13
C LYS A 9 -0.28 7.47 -12.19
N ARG A 10 -0.64 6.22 -11.90
CA ARG A 10 -2.02 5.73 -11.94
C ARG A 10 -2.93 6.47 -10.99
N LEU A 11 -2.57 6.60 -9.71
CA LEU A 11 -3.42 7.28 -8.74
C LEU A 11 -3.46 8.78 -8.99
N GLY A 12 -2.38 9.36 -9.55
CA GLY A 12 -2.29 10.78 -9.87
C GLY A 12 -3.30 11.11 -10.96
N ALA A 13 -3.28 10.37 -12.07
CA ALA A 13 -4.23 10.58 -13.17
C ALA A 13 -5.67 10.44 -12.67
N ALA A 14 -5.89 9.51 -11.72
CA ALA A 14 -7.20 9.27 -11.12
C ALA A 14 -7.71 10.51 -10.38
N LEU A 15 -6.84 11.36 -9.82
CA LEU A 15 -7.25 12.58 -9.11
C LEU A 15 -7.97 13.49 -10.08
N LEU A 16 -7.37 13.71 -11.25
CA LEU A 16 -7.91 14.54 -12.31
C LEU A 16 -9.23 13.92 -12.78
N ASP A 17 -9.20 12.61 -13.03
CA ASP A 17 -10.34 11.81 -13.48
C ASP A 17 -11.52 11.86 -12.51
N ALA A 18 -11.23 12.04 -11.21
CA ALA A 18 -12.19 12.12 -10.11
C ALA A 18 -12.58 13.56 -9.78
N GLY A 19 -11.97 14.57 -10.41
CA GLY A 19 -12.29 15.98 -10.14
C GLY A 19 -11.85 16.38 -8.73
N LEU A 20 -10.83 15.71 -8.17
CA LEU A 20 -10.35 16.00 -6.82
C LEU A 20 -9.41 17.21 -6.84
N LEU A 21 -8.44 17.24 -7.75
CA LEU A 21 -7.50 18.34 -7.90
C LEU A 21 -7.02 18.40 -9.35
N THR A 22 -6.66 19.59 -9.81
CA THR A 22 -6.17 19.87 -11.16
C THR A 22 -4.86 19.13 -11.45
N ASP A 23 -4.54 18.93 -12.74
CA ASP A 23 -3.30 18.27 -13.14
C ASP A 23 -2.10 19.13 -12.73
N GLU A 24 -2.30 20.44 -12.77
CA GLU A 24 -1.36 21.48 -12.41
C GLU A 24 -1.06 21.40 -10.91
N GLU A 25 -2.08 21.18 -10.09
CA GLU A 25 -1.93 21.06 -8.64
C GLU A 25 -1.18 19.76 -8.36
N LEU A 26 -1.52 18.67 -9.05
CA LEU A 26 -0.85 17.38 -8.87
C LEU A 26 0.64 17.55 -9.18
N GLN A 27 0.95 18.32 -10.23
CA GLN A 27 2.30 18.56 -10.69
C GLN A 27 3.22 19.08 -9.58
N ARG A 28 2.68 19.78 -8.57
CA ARG A 28 3.47 20.28 -7.46
C ARG A 28 3.95 19.08 -6.64
N ALA A 29 3.03 18.22 -6.20
CA ALA A 29 3.34 17.03 -5.41
C ALA A 29 4.25 16.05 -6.16
N LEU A 30 4.18 16.01 -7.50
CA LEU A 30 5.02 15.12 -8.32
C LEU A 30 6.51 15.35 -8.06
N GLU A 31 6.91 16.58 -7.73
CA GLU A 31 8.31 16.91 -7.42
C GLU A 31 8.67 16.34 -6.05
N ARG A 32 7.75 16.54 -5.09
CA ARG A 32 7.83 16.15 -3.69
C ARG A 32 8.06 14.67 -3.44
N HIS A 33 7.55 13.75 -4.28
CA HIS A 33 7.75 12.32 -4.06
C HIS A 33 9.24 11.99 -3.89
N ARG A 34 10.09 12.54 -4.75
CA ARG A 34 11.52 12.29 -4.72
C ARG A 34 12.19 12.96 -3.51
N GLU A 35 11.57 13.97 -2.90
CA GLU A 35 12.12 14.65 -1.73
C GLU A 35 11.90 13.81 -0.48
N VAL A 36 10.68 13.29 -0.26
CA VAL A 36 10.36 12.50 0.93
C VAL A 36 10.53 10.99 0.73
N GLY A 37 10.67 10.52 -0.51
CA GLY A 37 10.83 9.12 -0.86
C GLY A 37 9.50 8.37 -0.90
N GLY A 38 8.55 8.67 -0.02
CA GLY A 38 7.25 8.02 0.02
C GLY A 38 6.45 8.41 -1.23
N SER A 39 5.60 7.50 -1.71
CA SER A 39 4.73 7.62 -2.87
C SER A 39 3.79 8.84 -2.80
N LEU A 40 3.11 9.14 -3.90
CA LEU A 40 2.17 10.25 -4.01
C LEU A 40 1.12 10.17 -2.90
N ALA A 41 0.67 8.97 -2.52
CA ALA A 41 -0.31 8.80 -1.46
C ALA A 41 0.24 9.22 -0.09
N GLU A 42 1.56 9.11 0.13
CA GLU A 42 2.23 9.48 1.37
C GLU A 42 2.30 11.00 1.49
N VAL A 43 2.69 11.70 0.43
CA VAL A 43 2.77 13.17 0.44
C VAL A 43 1.36 13.75 0.51
N LEU A 44 0.38 13.17 -0.18
CA LEU A 44 -0.99 13.66 -0.19
C LEU A 44 -1.54 13.80 1.24
N VAL A 45 -1.39 12.77 2.07
CA VAL A 45 -1.88 12.82 3.44
C VAL A 45 -0.97 13.67 4.34
N ASP A 46 0.36 13.65 4.16
CA ASP A 46 1.31 14.43 4.97
C ASP A 46 1.06 15.93 4.81
N MET A 47 0.77 16.36 3.58
CA MET A 47 0.50 17.75 3.26
C MET A 47 -1.00 18.07 3.50
N GLY A 48 -1.82 17.10 3.92
CA GLY A 48 -3.23 17.27 4.19
C GLY A 48 -4.08 17.55 2.94
N LEU A 49 -3.49 17.43 1.76
CA LEU A 49 -4.11 17.68 0.45
C LEU A 49 -5.33 16.78 0.25
N LEU A 50 -5.20 15.49 0.55
CA LEU A 50 -6.24 14.47 0.45
C LEU A 50 -6.09 13.53 1.64
N SER A 51 -7.04 12.62 1.83
CA SER A 51 -7.02 11.66 2.92
C SER A 51 -6.77 10.26 2.36
N GLU A 52 -6.23 9.37 3.19
CA GLU A 52 -5.90 7.99 2.83
C GLU A 52 -7.05 7.26 2.14
N ARG A 53 -8.28 7.45 2.60
CA ARG A 53 -9.43 6.77 2.00
C ARG A 53 -9.81 7.38 0.66
N ARG A 54 -9.58 8.67 0.37
CA ARG A 54 -9.93 9.21 -0.95
C ARG A 54 -9.16 8.48 -2.03
N ILE A 55 -7.87 8.19 -1.78
CA ILE A 55 -7.05 7.49 -2.76
C ILE A 55 -7.61 6.06 -2.91
N ALA A 56 -7.75 5.32 -1.82
CA ALA A 56 -8.25 3.95 -1.88
C ALA A 56 -9.65 3.81 -2.48
N GLN A 57 -10.62 4.60 -2.05
CA GLN A 57 -12.01 4.55 -2.50
C GLN A 57 -12.16 4.96 -3.96
N THR A 58 -11.42 5.97 -4.44
CA THR A 58 -11.55 6.36 -5.85
C THR A 58 -10.97 5.25 -6.74
N ILE A 59 -9.93 4.56 -6.26
CA ILE A 59 -9.30 3.47 -6.98
C ILE A 59 -10.24 2.26 -6.98
N GLU A 60 -10.94 1.99 -5.86
CA GLU A 60 -11.87 0.87 -5.75
C GLU A 60 -12.89 0.89 -6.88
N ASP A 61 -13.57 2.02 -7.08
CA ASP A 61 -14.58 2.16 -8.13
C ASP A 61 -14.05 1.77 -9.50
N ARG A 62 -12.83 2.22 -9.82
CA ARG A 62 -12.15 2.00 -11.08
C ARG A 62 -11.42 0.68 -11.24
N PHE A 63 -11.14 -0.08 -10.18
CA PHE A 63 -10.40 -1.34 -10.30
C PHE A 63 -11.05 -2.56 -9.64
N GLY A 64 -12.14 -2.39 -8.88
CA GLY A 64 -12.82 -3.49 -8.20
C GLY A 64 -11.95 -4.17 -7.15
N ILE A 65 -11.15 -3.40 -6.42
CA ILE A 65 -10.27 -3.93 -5.39
C ILE A 65 -11.04 -4.10 -4.08
N PRO A 66 -11.06 -5.31 -3.50
CA PRO A 66 -11.77 -5.55 -2.25
C PRO A 66 -11.04 -4.93 -1.06
N LEU A 67 -11.83 -4.48 -0.08
CA LEU A 67 -11.35 -3.87 1.14
C LEU A 67 -11.62 -4.79 2.31
N VAL A 68 -10.64 -4.91 3.20
CA VAL A 68 -10.70 -5.72 4.40
C VAL A 68 -10.22 -4.81 5.54
N GLU A 69 -10.46 -5.18 6.79
CA GLU A 69 -10.07 -4.42 7.97
C GLU A 69 -9.03 -5.23 8.72
N LEU A 70 -7.74 -4.97 8.47
CA LEU A 70 -6.64 -5.69 9.11
C LEU A 70 -6.64 -5.53 10.64
N HIS A 71 -7.20 -4.44 11.16
CA HIS A 71 -7.23 -4.22 12.60
C HIS A 71 -8.06 -5.30 13.31
N ARG A 72 -9.09 -5.85 12.65
CA ARG A 72 -9.94 -6.87 13.23
C ARG A 72 -9.40 -8.29 13.02
N VAL A 73 -8.19 -8.46 12.48
CA VAL A 73 -7.62 -9.77 12.21
C VAL A 73 -6.22 -9.89 12.84
N GLU A 74 -5.72 -11.13 12.94
CA GLU A 74 -4.44 -11.52 13.52
C GLU A 74 -3.49 -12.13 12.49
N ILE A 75 -2.19 -12.16 12.77
CA ILE A 75 -1.20 -12.78 11.88
C ILE A 75 -0.83 -14.11 12.52
N PRO A 76 -1.34 -15.25 12.01
CA PRO A 76 -1.00 -16.56 12.55
C PRO A 76 0.45 -16.88 12.13
N PRO A 77 1.08 -17.88 12.77
CA PRO A 77 2.46 -18.24 12.47
C PRO A 77 2.70 -18.70 11.03
N LYS A 78 1.73 -19.31 10.36
CA LYS A 78 1.93 -19.79 9.00
C LYS A 78 2.20 -18.64 8.03
N VAL A 79 1.35 -17.60 7.99
CA VAL A 79 1.63 -16.49 7.08
C VAL A 79 2.84 -15.70 7.60
N LYS A 80 3.11 -15.70 8.91
CA LYS A 80 4.27 -15.00 9.48
C LYS A 80 5.58 -15.56 8.90
N ALA A 81 5.61 -16.81 8.44
CA ALA A 81 6.78 -17.43 7.87
C ALA A 81 7.19 -16.83 6.52
N LEU A 82 6.31 -16.11 5.80
CA LEU A 82 6.61 -15.54 4.49
C LEU A 82 7.70 -14.49 4.52
N LEU A 83 7.48 -13.33 5.16
CA LEU A 83 8.46 -12.25 5.22
C LEU A 83 8.33 -11.48 6.52
N PRO A 84 9.42 -10.91 7.06
CA PRO A 84 9.37 -10.15 8.29
C PRO A 84 8.62 -8.82 8.09
N ALA A 85 8.23 -8.19 9.20
CA ALA A 85 7.51 -6.92 9.22
C ALA A 85 8.30 -5.83 8.48
N GLU A 86 9.63 -5.84 8.62
CA GLU A 86 10.55 -4.88 8.01
C GLU A 86 10.54 -4.98 6.48
N LYS A 87 10.59 -6.17 5.89
CA LYS A 87 10.54 -6.34 4.43
C LYS A 87 9.20 -5.77 3.97
N ALA A 88 8.12 -6.17 4.65
CA ALA A 88 6.77 -5.71 4.38
C ALA A 88 6.66 -4.17 4.50
N LYS A 89 7.45 -3.55 5.37
CA LYS A 89 7.45 -2.11 5.61
C LYS A 89 7.82 -1.29 4.38
N GLU A 90 8.83 -1.68 3.60
CA GLU A 90 9.20 -0.91 2.40
C GLU A 90 8.21 -1.14 1.27
N LEU A 91 7.62 -2.33 1.22
CA LEU A 91 6.65 -2.73 0.22
C LEU A 91 5.28 -2.10 0.52
N LYS A 92 5.09 -1.56 1.73
CA LYS A 92 3.85 -0.94 2.23
C LYS A 92 2.67 -1.90 2.02
N ALA A 93 2.98 -3.20 2.09
CA ALA A 93 2.10 -4.33 1.91
C ALA A 93 2.41 -5.33 3.01
N ILE A 94 1.40 -6.06 3.51
CA ILE A 94 1.55 -7.04 4.58
C ILE A 94 0.65 -8.22 4.19
N PRO A 95 1.11 -9.48 4.25
CA PRO A 95 0.27 -10.62 3.88
C PRO A 95 -0.69 -10.95 5.03
N PHE A 96 -1.79 -11.67 4.75
CA PHE A 96 -2.78 -12.07 5.76
C PHE A 96 -3.35 -13.47 5.49
N ALA A 97 -2.84 -14.19 4.50
CA ALA A 97 -3.26 -15.54 4.16
C ALA A 97 -2.12 -16.20 3.41
N LEU A 98 -1.98 -17.50 3.59
CA LEU A 98 -0.97 -18.34 2.97
C LEU A 98 -1.63 -19.69 2.78
N ASP A 99 -1.79 -20.10 1.54
CA ASP A 99 -2.37 -21.36 1.16
C ASP A 99 -1.33 -21.94 0.21
N GLU A 100 -0.31 -22.64 0.76
CA GLU A 100 0.75 -23.24 -0.06
C GLU A 100 0.21 -24.44 -0.84
N GLU A 101 -0.95 -24.95 -0.42
CA GLU A 101 -1.69 -26.06 -0.97
C GLU A 101 -2.23 -25.67 -2.35
N ALA A 102 -2.46 -24.38 -2.56
CA ALA A 102 -2.94 -23.74 -3.77
C ALA A 102 -1.84 -22.87 -4.39
N GLY A 103 -0.78 -22.59 -3.62
CA GLY A 103 0.35 -21.76 -4.01
C GLY A 103 -0.07 -20.28 -4.01
N VAL A 104 -1.04 -19.90 -3.17
CA VAL A 104 -1.58 -18.55 -3.09
C VAL A 104 -1.29 -17.86 -1.76
N VAL A 105 -1.14 -16.53 -1.80
CA VAL A 105 -0.91 -15.66 -0.64
C VAL A 105 -1.80 -14.42 -0.83
N ARG A 106 -2.38 -13.87 0.24
CA ARG A 106 -3.24 -12.68 0.16
C ARG A 106 -2.50 -11.54 0.82
N VAL A 107 -2.52 -10.33 0.24
CA VAL A 107 -1.81 -9.19 0.79
C VAL A 107 -2.66 -7.94 0.72
N ALA A 108 -2.58 -7.08 1.73
CA ALA A 108 -3.31 -5.82 1.80
C ALA A 108 -2.24 -4.74 1.75
N PHE A 109 -2.38 -3.74 0.87
CA PHE A 109 -1.39 -2.68 0.74
C PHE A 109 -1.96 -1.27 0.56
N LEU A 110 -1.07 -0.30 0.75
CA LEU A 110 -1.32 1.13 0.68
C LEU A 110 -1.06 1.74 -0.70
N ASN A 111 -0.56 0.98 -1.68
CA ASN A 111 -0.30 1.48 -3.03
C ASN A 111 -1.03 0.53 -4.01
N PRO A 112 -2.38 0.46 -3.99
CA PRO A 112 -3.19 -0.44 -4.82
C PRO A 112 -2.92 -0.45 -6.32
N LEU A 113 -2.37 0.61 -6.91
CA LEU A 113 -2.10 0.68 -8.35
C LEU A 113 -0.61 0.59 -8.66
N ASP A 114 0.23 0.33 -7.64
CA ASP A 114 1.66 0.21 -7.86
C ASP A 114 1.96 -1.24 -8.18
N THR A 115 2.01 -1.55 -9.47
CA THR A 115 2.28 -2.90 -9.94
C THR A 115 3.68 -3.37 -9.57
N LEU A 116 4.65 -2.45 -9.44
CA LEU A 116 6.04 -2.74 -9.11
C LEU A 116 6.19 -3.53 -7.81
N SER A 117 5.60 -3.06 -6.72
CA SER A 117 5.70 -3.79 -5.45
C SER A 117 4.94 -5.11 -5.52
N LEU A 118 3.87 -5.22 -6.32
CA LEU A 118 3.11 -6.46 -6.42
C LEU A 118 3.95 -7.54 -7.10
N GLU A 119 4.65 -7.20 -8.19
CA GLU A 119 5.51 -8.16 -8.89
C GLU A 119 6.73 -8.48 -8.02
N GLU A 120 7.13 -7.55 -7.13
CA GLU A 120 8.25 -7.73 -6.23
C GLU A 120 7.85 -8.78 -5.17
N VAL A 121 6.66 -8.60 -4.59
CA VAL A 121 6.05 -9.42 -3.56
C VAL A 121 5.86 -10.87 -4.02
N GLU A 122 5.24 -11.11 -5.17
CA GLU A 122 4.99 -12.46 -5.66
C GLU A 122 6.26 -13.25 -5.96
N ASP A 123 7.15 -12.69 -6.77
CA ASP A 123 8.39 -13.35 -7.17
C ASP A 123 9.30 -13.70 -5.99
N LEU A 124 9.33 -12.84 -4.96
CA LEU A 124 10.17 -13.03 -3.78
C LEU A 124 9.86 -14.34 -3.04
N THR A 125 8.66 -14.90 -3.20
CA THR A 125 8.26 -16.15 -2.56
C THR A 125 7.82 -17.22 -3.58
N GLY A 126 7.58 -16.85 -4.85
CA GLY A 126 7.16 -17.77 -5.88
C GLY A 126 5.71 -18.25 -5.73
N LEU A 127 4.85 -17.44 -5.09
CA LEU A 127 3.44 -17.76 -4.86
C LEU A 127 2.61 -16.65 -5.48
N VAL A 128 1.41 -16.98 -6.01
CA VAL A 128 0.55 -15.99 -6.62
C VAL A 128 -0.04 -15.14 -5.51
N VAL A 129 0.07 -13.83 -5.70
CA VAL A 129 -0.42 -12.85 -4.73
C VAL A 129 -1.82 -12.37 -5.12
N GLU A 130 -2.69 -12.28 -4.13
CA GLU A 130 -4.08 -11.83 -4.23
C GLU A 130 -4.09 -10.46 -3.56
N PRO A 131 -4.15 -9.35 -4.31
CA PRO A 131 -4.13 -7.99 -3.79
C PRO A 131 -5.45 -7.49 -3.16
N TYR A 132 -5.35 -6.83 -2.01
CA TYR A 132 -6.43 -6.24 -1.21
C TYR A 132 -6.02 -4.82 -0.75
N GLN A 133 -6.97 -4.04 -0.23
CA GLN A 133 -6.75 -2.68 0.28
C GLN A 133 -6.69 -2.64 1.82
N THR A 134 -6.21 -1.52 2.36
CA THR A 134 -6.07 -1.29 3.80
C THR A 134 -6.10 0.22 4.07
N THR A 135 -5.75 0.63 5.29
CA THR A 135 -5.66 2.02 5.75
C THR A 135 -4.31 2.13 6.46
N LYS A 136 -3.77 3.34 6.66
CA LYS A 136 -2.50 3.54 7.36
C LYS A 136 -2.62 2.91 8.74
N SER A 137 -3.74 3.16 9.42
CA SER A 137 -4.07 2.64 10.74
C SER A 137 -3.97 1.11 10.79
N ALA A 138 -4.57 0.43 9.80
CA ALA A 138 -4.58 -1.02 9.69
C ALA A 138 -3.19 -1.58 9.35
N PHE A 139 -2.47 -0.95 8.43
CA PHE A 139 -1.12 -1.36 8.03
C PHE A 139 -0.21 -1.28 9.26
N LEU A 140 -0.23 -0.14 9.95
CA LEU A 140 0.57 0.12 11.14
C LEU A 140 0.22 -0.84 12.28
N TYR A 141 -1.01 -1.37 12.33
CA TYR A 141 -1.42 -2.33 13.36
C TYR A 141 -0.48 -3.53 13.32
N ALA A 142 -0.28 -4.13 12.14
CA ALA A 142 0.62 -5.27 12.00
C ALA A 142 2.06 -4.88 12.28
N LEU A 143 2.49 -3.70 11.82
CA LEU A 143 3.86 -3.22 12.05
C LEU A 143 4.12 -3.21 13.55
N ALA A 144 3.25 -2.58 14.34
CA ALA A 144 3.36 -2.50 15.78
C ALA A 144 3.22 -3.88 16.43
N LYS A 145 2.26 -4.71 15.99
CA LYS A 145 2.06 -6.04 16.59
C LYS A 145 3.30 -6.91 16.41
N HIS A 146 4.03 -6.77 15.29
CA HIS A 146 5.24 -7.53 15.01
C HIS A 146 6.49 -6.89 15.62
N TYR A 147 6.43 -5.62 16.04
CA TYR A 147 7.56 -4.91 16.65
C TYR A 147 7.03 -4.23 17.92
N PRO A 148 6.57 -5.02 18.92
CA PRO A 148 6.02 -4.47 20.14
C PRO A 148 7.07 -3.80 21.03
N GLU A 149 8.37 -4.05 20.83
CA GLU A 149 9.44 -3.44 21.61
C GLU A 149 9.45 -1.92 21.41
N LEU A 150 9.04 -1.46 20.22
CA LEU A 150 8.96 -0.05 19.88
C LEU A 150 7.51 0.40 19.78
N GLY A 151 6.57 -0.50 19.47
CA GLY A 151 5.14 -0.21 19.37
C GLY A 151 4.82 1.04 18.54
N LEU A 152 5.60 1.28 17.48
CA LEU A 152 5.49 2.42 16.57
C LEU A 152 5.42 3.76 17.33
N PRO A 153 6.57 4.32 17.74
CA PRO A 153 6.57 5.59 18.44
C PRO A 153 6.20 6.73 17.48
N VAL A 154 5.97 7.91 18.04
CA VAL A 154 5.61 9.12 17.32
C VAL A 154 4.21 8.87 16.72
N MET A 1 17.72 14.82 -10.16
CA MET A 1 16.39 14.45 -10.64
C MET A 1 16.16 12.98 -10.30
N SER A 2 14.92 12.64 -9.93
CA SER A 2 14.52 11.29 -9.56
C SER A 2 13.31 10.89 -10.41
N VAL A 3 12.83 9.66 -10.25
CA VAL A 3 11.69 9.12 -10.99
C VAL A 3 10.54 8.80 -10.04
N LEU A 4 9.39 8.43 -10.61
CA LEU A 4 8.15 8.04 -9.94
C LEU A 4 7.87 6.56 -10.18
N THR A 5 6.94 5.98 -9.43
CA THR A 5 6.59 4.56 -9.56
C THR A 5 5.52 4.31 -10.61
N ILE A 6 5.24 3.04 -10.88
CA ILE A 6 4.23 2.60 -11.84
C ILE A 6 2.86 3.03 -11.29
N GLY A 7 2.62 2.76 -10.01
CA GLY A 7 1.37 3.11 -9.34
C GLY A 7 1.16 4.60 -9.25
N ASP A 8 2.22 5.37 -9.09
CA ASP A 8 2.12 6.83 -8.98
C ASP A 8 1.59 7.43 -10.28
N LYS A 9 1.98 6.87 -11.43
CA LYS A 9 1.52 7.32 -12.74
C LYS A 9 0.02 7.10 -12.85
N ARG A 10 -0.39 5.87 -12.58
CA ARG A 10 -1.78 5.43 -12.65
C ARG A 10 -2.67 6.16 -11.64
N LEU A 11 -2.28 6.22 -10.37
CA LEU A 11 -3.05 6.85 -9.31
C LEU A 11 -3.07 8.36 -9.38
N GLY A 12 -1.93 9.01 -9.61
CA GLY A 12 -1.81 10.47 -9.66
C GLY A 12 -2.67 11.07 -10.74
N ALA A 13 -2.53 10.60 -11.98
CA ALA A 13 -3.32 11.13 -13.07
C ALA A 13 -4.81 10.87 -12.81
N ALA A 14 -5.14 9.68 -12.28
CA ALA A 14 -6.50 9.29 -11.95
C ALA A 14 -7.16 10.26 -10.97
N LEU A 15 -6.40 10.94 -10.10
CA LEU A 15 -6.97 11.90 -9.15
C LEU A 15 -7.76 12.99 -9.89
N LEU A 16 -7.28 13.42 -11.07
CA LEU A 16 -7.94 14.43 -11.90
C LEU A 16 -9.23 13.82 -12.43
N ASP A 17 -9.14 12.58 -12.92
CA ASP A 17 -10.26 11.81 -13.46
C ASP A 17 -11.34 11.65 -12.39
N ALA A 18 -10.94 11.59 -11.12
CA ALA A 18 -11.79 11.47 -9.93
C ALA A 18 -12.21 12.84 -9.37
N GLY A 19 -11.71 13.96 -9.92
CA GLY A 19 -12.02 15.31 -9.51
C GLY A 19 -11.44 15.69 -8.14
N LEU A 20 -10.47 14.91 -7.63
CA LEU A 20 -9.87 15.15 -6.33
C LEU A 20 -8.94 16.36 -6.32
N LEU A 21 -8.16 16.59 -7.37
CA LEU A 21 -7.25 17.75 -7.49
C LEU A 21 -7.03 18.10 -8.96
N THR A 22 -6.40 19.24 -9.23
CA THR A 22 -6.10 19.70 -10.58
C THR A 22 -4.70 19.23 -11.01
N ASP A 23 -4.43 19.26 -12.32
CA ASP A 23 -3.13 18.85 -12.87
C ASP A 23 -1.98 19.76 -12.38
N GLU A 24 -2.30 21.02 -12.10
CA GLU A 24 -1.35 22.03 -11.64
C GLU A 24 -0.89 21.69 -10.22
N GLU A 25 -1.84 21.45 -9.31
CA GLU A 25 -1.53 21.11 -7.93
C GLU A 25 -0.86 19.73 -7.88
N LEU A 26 -1.21 18.83 -8.81
CA LEU A 26 -0.65 17.50 -8.92
C LEU A 26 0.84 17.60 -9.25
N GLN A 27 1.23 18.43 -10.21
CA GLN A 27 2.63 18.59 -10.60
C GLN A 27 3.50 18.96 -9.38
N ARG A 28 2.97 19.74 -8.44
CA ARG A 28 3.71 20.11 -7.24
C ARG A 28 4.04 18.86 -6.42
N ALA A 29 3.03 18.05 -6.12
CA ALA A 29 3.18 16.82 -5.34
C ALA A 29 4.09 15.83 -6.07
N LEU A 30 4.00 15.75 -7.40
CA LEU A 30 4.83 14.85 -8.19
C LEU A 30 6.31 15.20 -7.99
N GLU A 31 6.66 16.48 -7.78
CA GLU A 31 8.03 16.86 -7.51
C GLU A 31 8.32 16.54 -6.02
N ARG A 32 7.39 16.86 -5.11
CA ARG A 32 7.54 16.65 -3.66
C ARG A 32 7.83 15.21 -3.24
N HIS A 33 7.10 14.21 -3.76
CA HIS A 33 7.32 12.82 -3.36
C HIS A 33 8.78 12.36 -3.50
N ARG A 34 9.51 12.91 -4.47
CA ARG A 34 10.91 12.59 -4.73
C ARG A 34 11.83 12.89 -3.56
N GLU A 35 11.45 13.76 -2.63
CA GLU A 35 12.29 14.08 -1.48
C GLU A 35 11.97 13.15 -0.31
N VAL A 36 10.72 12.67 -0.19
CA VAL A 36 10.31 11.77 0.89
C VAL A 36 10.42 10.29 0.47
N GLY A 37 10.79 10.02 -0.79
CA GLY A 37 11.00 8.72 -1.41
C GLY A 37 9.82 7.75 -1.51
N GLY A 38 8.75 7.96 -0.76
CA GLY A 38 7.61 7.09 -0.79
C GLY A 38 6.77 7.31 -2.04
N SER A 39 5.81 6.42 -2.25
CA SER A 39 4.86 6.47 -3.35
C SER A 39 4.04 7.76 -3.18
N LEU A 40 3.48 8.30 -4.25
CA LEU A 40 2.68 9.53 -4.29
C LEU A 40 1.61 9.55 -3.20
N ALA A 41 0.99 8.40 -2.91
CA ALA A 41 -0.04 8.28 -1.91
C ALA A 41 0.45 8.68 -0.51
N GLU A 42 1.75 8.52 -0.17
CA GLU A 42 2.26 8.90 1.15
C GLU A 42 2.40 10.42 1.21
N VAL A 43 3.08 11.06 0.25
CA VAL A 43 3.25 12.51 0.25
C VAL A 43 1.89 13.22 0.25
N LEU A 44 0.88 12.64 -0.41
CA LEU A 44 -0.46 13.20 -0.47
C LEU A 44 -1.04 13.36 0.93
N VAL A 45 -1.01 12.30 1.75
CA VAL A 45 -1.54 12.36 3.11
C VAL A 45 -0.57 13.11 4.03
N ASP A 46 0.74 12.96 3.83
CA ASP A 46 1.77 13.63 4.63
C ASP A 46 1.59 15.14 4.57
N MET A 47 1.24 15.66 3.39
CA MET A 47 0.99 17.08 3.12
C MET A 47 -0.48 17.45 3.36
N GLY A 48 -1.32 16.50 3.81
CA GLY A 48 -2.73 16.70 4.09
C GLY A 48 -3.61 16.95 2.88
N LEU A 49 -3.07 16.90 1.66
CA LEU A 49 -3.78 17.16 0.41
C LEU A 49 -4.96 16.21 0.25
N LEU A 50 -4.73 14.91 0.43
CA LEU A 50 -5.77 13.90 0.31
C LEU A 50 -5.52 12.80 1.31
N SER A 51 -6.59 12.22 1.84
CA SER A 51 -6.49 11.12 2.79
C SER A 51 -6.37 9.84 1.97
N GLU A 52 -5.73 8.81 2.53
CA GLU A 52 -5.56 7.50 1.88
C GLU A 52 -6.91 7.00 1.41
N ARG A 53 -7.93 7.14 2.26
CA ARG A 53 -9.31 6.74 1.98
C ARG A 53 -9.82 7.41 0.71
N ARG A 54 -9.50 8.67 0.44
CA ARG A 54 -9.99 9.33 -0.78
C ARG A 54 -9.41 8.66 -2.01
N ILE A 55 -8.12 8.27 -1.99
CA ILE A 55 -7.47 7.60 -3.10
C ILE A 55 -8.13 6.21 -3.23
N ALA A 56 -8.24 5.48 -2.11
CA ALA A 56 -8.83 4.16 -2.04
C ALA A 56 -10.26 4.12 -2.57
N GLN A 57 -11.12 5.04 -2.14
CA GLN A 57 -12.52 5.14 -2.53
C GLN A 57 -12.69 5.21 -4.06
N THR A 58 -11.80 5.92 -4.77
CA THR A 58 -11.94 5.99 -6.22
C THR A 58 -11.46 4.69 -6.87
N ILE A 59 -10.25 4.22 -6.51
CA ILE A 59 -9.65 3.01 -7.08
C ILE A 59 -10.51 1.76 -6.79
N GLU A 60 -11.12 1.67 -5.61
CA GLU A 60 -11.96 0.56 -5.18
C GLU A 60 -13.03 0.30 -6.23
N ASP A 61 -13.70 1.35 -6.71
CA ASP A 61 -14.73 1.23 -7.73
C ASP A 61 -14.19 1.22 -9.17
N ARG A 62 -13.13 1.98 -9.46
CA ARG A 62 -12.53 2.07 -10.81
C ARG A 62 -11.80 0.81 -11.25
N PHE A 63 -11.30 0.00 -10.30
CA PHE A 63 -10.54 -1.22 -10.58
C PHE A 63 -11.13 -2.45 -9.87
N GLY A 64 -12.23 -2.30 -9.13
CA GLY A 64 -12.87 -3.40 -8.42
C GLY A 64 -11.90 -4.06 -7.44
N ILE A 65 -11.15 -3.27 -6.65
CA ILE A 65 -10.19 -3.79 -5.69
C ILE A 65 -10.81 -3.64 -4.30
N PRO A 66 -11.16 -4.75 -3.61
CA PRO A 66 -11.78 -4.72 -2.30
C PRO A 66 -10.85 -4.29 -1.15
N LEU A 67 -11.49 -4.04 0.00
CA LEU A 67 -10.91 -3.59 1.26
C LEU A 67 -11.14 -4.62 2.35
N VAL A 68 -10.18 -4.79 3.26
CA VAL A 68 -10.28 -5.73 4.38
C VAL A 68 -10.06 -4.97 5.68
N GLU A 69 -10.62 -5.48 6.78
CA GLU A 69 -10.47 -4.89 8.10
C GLU A 69 -9.19 -5.51 8.65
N LEU A 70 -8.03 -5.00 8.21
CA LEU A 70 -6.76 -5.53 8.70
C LEU A 70 -6.62 -5.30 10.22
N HIS A 71 -7.46 -4.42 10.79
CA HIS A 71 -7.51 -4.12 12.20
C HIS A 71 -8.22 -5.25 12.96
N ARG A 72 -8.98 -6.12 12.30
CA ARG A 72 -9.68 -7.25 12.92
C ARG A 72 -9.07 -8.59 12.51
N VAL A 73 -8.29 -8.64 11.44
CA VAL A 73 -7.66 -9.88 10.99
C VAL A 73 -6.48 -10.17 11.92
N GLU A 74 -5.98 -11.40 11.91
CA GLU A 74 -4.85 -11.86 12.69
C GLU A 74 -3.75 -12.28 11.72
N ILE A 75 -2.50 -12.28 12.15
CA ILE A 75 -1.38 -12.67 11.30
C ILE A 75 -0.63 -13.74 12.12
N PRO A 76 -0.83 -15.04 11.83
CA PRO A 76 -0.16 -16.12 12.54
C PRO A 76 1.27 -16.30 12.02
N PRO A 77 2.11 -17.10 12.69
CA PRO A 77 3.47 -17.34 12.25
C PRO A 77 3.48 -18.02 10.87
N LYS A 78 2.41 -18.76 10.53
CA LYS A 78 2.27 -19.47 9.26
C LYS A 78 2.44 -18.52 8.08
N VAL A 79 1.72 -17.39 8.08
CA VAL A 79 1.82 -16.43 6.99
C VAL A 79 3.11 -15.61 7.15
N LYS A 80 3.54 -15.34 8.40
CA LYS A 80 4.76 -14.58 8.67
C LYS A 80 5.99 -15.30 8.09
N ALA A 81 5.93 -16.62 7.88
CA ALA A 81 7.02 -17.39 7.31
C ALA A 81 7.36 -16.90 5.89
N LEU A 82 6.42 -16.26 5.19
CA LEU A 82 6.65 -15.73 3.85
C LEU A 82 7.70 -14.64 3.91
N LEU A 83 7.45 -13.60 4.71
CA LEU A 83 8.37 -12.48 4.86
C LEU A 83 8.29 -11.85 6.24
N PRO A 84 9.40 -11.31 6.77
CA PRO A 84 9.38 -10.64 8.06
C PRO A 84 8.64 -9.31 7.89
N ALA A 85 8.11 -8.77 8.99
CA ALA A 85 7.35 -7.51 9.05
C ALA A 85 8.06 -6.37 8.30
N GLU A 86 9.39 -6.28 8.40
CA GLU A 86 10.23 -5.27 7.76
C GLU A 86 10.17 -5.35 6.24
N LYS A 87 10.28 -6.54 5.65
CA LYS A 87 10.25 -6.71 4.19
C LYS A 87 8.87 -6.30 3.68
N ALA A 88 7.83 -6.54 4.47
CA ALA A 88 6.48 -6.16 4.13
C ALA A 88 6.37 -4.63 4.22
N LYS A 89 6.95 -4.01 5.28
CA LYS A 89 6.95 -2.57 5.53
C LYS A 89 7.61 -1.85 4.34
N GLU A 90 8.74 -2.38 3.85
CA GLU A 90 9.50 -1.85 2.72
C GLU A 90 8.62 -1.87 1.45
N LEU A 91 7.85 -2.94 1.27
CA LEU A 91 6.93 -3.14 0.15
C LEU A 91 5.59 -2.45 0.37
N LYS A 92 5.43 -1.69 1.46
CA LYS A 92 4.20 -0.96 1.82
C LYS A 92 2.99 -1.92 1.92
N ALA A 93 3.24 -3.19 2.22
CA ALA A 93 2.26 -4.25 2.34
C ALA A 93 2.34 -4.99 3.67
N ILE A 94 1.38 -5.89 3.93
CA ILE A 94 1.25 -6.71 5.13
C ILE A 94 0.62 -8.05 4.68
N PRO A 95 1.21 -9.21 5.03
CA PRO A 95 0.66 -10.51 4.68
C PRO A 95 -0.46 -10.88 5.66
N PHE A 96 -1.49 -11.62 5.24
CA PHE A 96 -2.57 -12.01 6.15
C PHE A 96 -3.17 -13.40 5.92
N ALA A 97 -2.90 -14.08 4.79
CA ALA A 97 -3.42 -15.41 4.53
C ALA A 97 -2.46 -16.14 3.59
N LEU A 98 -2.04 -17.35 3.97
CA LEU A 98 -1.13 -18.19 3.20
C LEU A 98 -1.83 -19.50 2.89
N ASP A 99 -1.94 -19.85 1.61
CA ASP A 99 -2.54 -21.10 1.17
C ASP A 99 -1.50 -21.74 0.25
N GLU A 100 -0.60 -22.51 0.86
CA GLU A 100 0.49 -23.24 0.21
C GLU A 100 -0.06 -24.28 -0.77
N GLU A 101 -1.26 -24.76 -0.50
CA GLU A 101 -1.98 -25.73 -1.29
C GLU A 101 -2.32 -25.21 -2.69
N ALA A 102 -2.52 -23.90 -2.84
CA ALA A 102 -2.84 -23.26 -4.12
C ALA A 102 -1.72 -22.32 -4.58
N GLY A 103 -0.74 -22.07 -3.71
CA GLY A 103 0.38 -21.19 -3.97
C GLY A 103 -0.14 -19.76 -4.09
N VAL A 104 -1.06 -19.36 -3.20
CA VAL A 104 -1.67 -18.04 -3.17
C VAL A 104 -1.38 -17.39 -1.82
N VAL A 105 -1.04 -16.09 -1.83
CA VAL A 105 -0.75 -15.35 -0.61
C VAL A 105 -1.57 -14.05 -0.65
N ARG A 106 -2.49 -13.83 0.30
CA ARG A 106 -3.29 -12.61 0.33
C ARG A 106 -2.50 -11.54 1.05
N VAL A 107 -2.37 -10.36 0.46
CA VAL A 107 -1.62 -9.26 1.05
C VAL A 107 -2.51 -8.01 1.03
N ALA A 108 -2.22 -7.04 1.89
CA ALA A 108 -2.96 -5.80 1.98
C ALA A 108 -1.96 -4.65 1.95
N PHE A 109 -2.18 -3.68 1.06
CA PHE A 109 -1.30 -2.51 0.92
C PHE A 109 -2.11 -1.23 0.74
N LEU A 110 -1.40 -0.10 0.76
CA LEU A 110 -1.94 1.26 0.60
C LEU A 110 -1.62 1.80 -0.80
N ASN A 111 -1.09 0.95 -1.68
CA ASN A 111 -0.71 1.30 -3.05
C ASN A 111 -1.41 0.30 -3.98
N PRO A 112 -2.74 0.41 -4.14
CA PRO A 112 -3.53 -0.50 -4.97
C PRO A 112 -3.23 -0.49 -6.47
N LEU A 113 -2.48 0.49 -7.00
CA LEU A 113 -2.15 0.55 -8.42
C LEU A 113 -0.66 0.37 -8.68
N ASP A 114 0.18 0.24 -7.64
CA ASP A 114 1.61 0.07 -7.83
C ASP A 114 1.91 -1.38 -8.20
N THR A 115 1.76 -1.67 -9.49
CA THR A 115 1.97 -2.99 -10.07
C THR A 115 3.42 -3.42 -9.87
N LEU A 116 4.40 -2.50 -9.76
CA LEU A 116 5.79 -2.89 -9.52
C LEU A 116 5.81 -3.69 -8.21
N SER A 117 5.22 -3.12 -7.16
CA SER A 117 5.13 -3.72 -5.84
C SER A 117 4.33 -5.03 -5.89
N LEU A 118 3.37 -5.17 -6.82
CA LEU A 118 2.58 -6.38 -6.95
C LEU A 118 3.45 -7.51 -7.46
N GLU A 119 4.14 -7.31 -8.59
CA GLU A 119 5.01 -8.32 -9.18
C GLU A 119 6.24 -8.57 -8.31
N GLU A 120 6.75 -7.55 -7.62
CA GLU A 120 7.90 -7.67 -6.75
C GLU A 120 7.57 -8.64 -5.60
N VAL A 121 6.33 -8.64 -5.11
CA VAL A 121 5.92 -9.53 -4.02
C VAL A 121 5.75 -10.96 -4.50
N GLU A 122 5.08 -11.20 -5.64
CA GLU A 122 4.90 -12.58 -6.09
C GLU A 122 6.25 -13.18 -6.48
N ASP A 123 7.09 -12.48 -7.25
CA ASP A 123 8.37 -13.02 -7.68
C ASP A 123 9.33 -13.27 -6.51
N LEU A 124 9.29 -12.45 -5.45
CA LEU A 124 10.16 -12.64 -4.29
C LEU A 124 9.91 -13.98 -3.58
N THR A 125 8.71 -14.56 -3.71
CA THR A 125 8.35 -15.83 -3.07
C THR A 125 7.92 -16.94 -4.05
N GLY A 126 7.67 -16.62 -5.32
CA GLY A 126 7.26 -17.60 -6.31
C GLY A 126 5.82 -18.08 -6.10
N LEU A 127 4.94 -17.27 -5.49
CA LEU A 127 3.52 -17.59 -5.21
C LEU A 127 2.70 -16.40 -5.69
N VAL A 128 1.45 -16.59 -6.11
CA VAL A 128 0.63 -15.48 -6.60
C VAL A 128 0.14 -14.66 -5.43
N VAL A 129 0.11 -13.35 -5.61
CA VAL A 129 -0.32 -12.40 -4.61
C VAL A 129 -1.76 -11.96 -4.88
N GLU A 130 -2.57 -11.85 -3.83
CA GLU A 130 -3.96 -11.39 -3.88
C GLU A 130 -3.94 -9.93 -3.38
N PRO A 131 -4.21 -8.92 -4.23
CA PRO A 131 -4.19 -7.51 -3.87
C PRO A 131 -5.42 -6.96 -3.11
N TYR A 132 -5.30 -6.68 -1.82
CA TYR A 132 -6.38 -6.11 -1.01
C TYR A 132 -5.97 -4.73 -0.51
N GLN A 133 -6.96 -3.91 -0.12
CA GLN A 133 -6.72 -2.57 0.40
C GLN A 133 -6.85 -2.60 1.93
N THR A 134 -6.30 -1.58 2.57
CA THR A 134 -6.28 -1.37 4.01
C THR A 134 -6.10 0.16 4.20
N THR A 135 -5.87 0.66 5.42
CA THR A 135 -5.67 2.07 5.73
C THR A 135 -4.52 2.14 6.74
N LYS A 136 -3.86 3.29 6.92
CA LYS A 136 -2.76 3.40 7.88
C LYS A 136 -3.21 2.98 9.28
N SER A 137 -4.46 3.26 9.67
CA SER A 137 -5.00 2.89 10.97
C SER A 137 -4.88 1.37 11.18
N ALA A 138 -5.27 0.59 10.17
CA ALA A 138 -5.22 -0.86 10.20
C ALA A 138 -3.80 -1.37 9.94
N PHE A 139 -3.06 -0.73 9.03
CA PHE A 139 -1.70 -1.08 8.65
C PHE A 139 -0.76 -1.05 9.86
N LEU A 140 -0.81 0.05 10.61
CA LEU A 140 0.02 0.25 11.79
C LEU A 140 -0.21 -0.84 12.83
N TYR A 141 -1.40 -1.47 12.88
CA TYR A 141 -1.66 -2.53 13.85
C TYR A 141 -0.66 -3.67 13.63
N ALA A 142 -0.42 -4.11 12.38
CA ALA A 142 0.53 -5.18 12.11
C ALA A 142 1.94 -4.75 12.52
N LEU A 143 2.30 -3.48 12.30
CA LEU A 143 3.61 -2.95 12.64
C LEU A 143 3.79 -3.05 14.15
N ALA A 144 2.85 -2.52 14.94
CA ALA A 144 2.90 -2.56 16.39
C ALA A 144 2.84 -4.01 16.90
N LYS A 145 2.06 -4.87 16.24
CA LYS A 145 1.93 -6.27 16.61
C LYS A 145 3.27 -6.98 16.45
N HIS A 146 3.98 -6.77 15.34
CA HIS A 146 5.26 -7.42 15.10
C HIS A 146 6.40 -6.77 15.90
N TYR A 147 6.32 -5.47 16.19
CA TYR A 147 7.30 -4.70 16.94
C TYR A 147 6.63 -4.01 18.13
N PRO A 148 6.16 -4.77 19.14
CA PRO A 148 5.51 -4.20 20.31
C PRO A 148 6.47 -3.32 21.12
N GLU A 149 7.77 -3.62 21.06
CA GLU A 149 8.82 -2.89 21.76
C GLU A 149 8.81 -1.41 21.42
N LEU A 150 8.53 -1.05 20.16
CA LEU A 150 8.49 0.36 19.78
C LEU A 150 7.09 0.92 19.95
N GLY A 151 6.06 0.08 19.77
CA GLY A 151 4.66 0.44 19.87
C GLY A 151 4.33 1.75 19.14
N LEU A 152 4.95 1.98 17.98
CA LEU A 152 4.85 3.15 17.12
C LEU A 152 4.97 4.47 17.91
N PRO A 153 6.19 4.99 18.13
CA PRO A 153 6.38 6.23 18.88
C PRO A 153 5.91 7.45 18.08
N VAL A 154 5.90 8.62 18.72
CA VAL A 154 5.50 9.90 18.14
C VAL A 154 6.48 10.19 17.02
N MET A 1 17.22 13.76 -8.94
CA MET A 1 16.14 13.77 -9.94
C MET A 1 15.70 12.33 -10.21
N SER A 2 14.85 11.78 -9.35
CA SER A 2 14.30 10.43 -9.45
C SER A 2 13.09 10.37 -10.41
N VAL A 3 12.47 9.21 -10.54
CA VAL A 3 11.29 8.95 -11.36
C VAL A 3 10.19 8.35 -10.48
N LEU A 4 8.95 8.50 -10.91
CA LEU A 4 7.75 7.98 -10.24
C LEU A 4 7.59 6.49 -10.51
N THR A 5 6.71 5.84 -9.76
CA THR A 5 6.39 4.42 -9.87
C THR A 5 5.19 4.26 -10.83
N ILE A 6 4.84 3.00 -11.16
CA ILE A 6 3.71 2.69 -12.02
C ILE A 6 2.45 3.13 -11.27
N GLY A 7 2.35 2.75 -9.99
CA GLY A 7 1.24 3.09 -9.11
C GLY A 7 1.04 4.58 -9.00
N ASP A 8 2.12 5.35 -8.80
CA ASP A 8 2.01 6.80 -8.68
C ASP A 8 1.49 7.40 -9.97
N LYS A 9 1.90 6.84 -11.11
CA LYS A 9 1.45 7.29 -12.42
C LYS A 9 -0.06 7.07 -12.53
N ARG A 10 -0.50 5.84 -12.27
CA ARG A 10 -1.90 5.45 -12.36
C ARG A 10 -2.75 6.27 -11.40
N LEU A 11 -2.36 6.33 -10.12
CA LEU A 11 -3.10 7.05 -9.09
C LEU A 11 -3.07 8.56 -9.32
N GLY A 12 -1.96 9.14 -9.78
CA GLY A 12 -1.84 10.57 -10.02
C GLY A 12 -2.92 11.04 -10.98
N ALA A 13 -3.05 10.37 -12.14
CA ALA A 13 -4.07 10.74 -13.11
C ALA A 13 -5.48 10.47 -12.57
N ALA A 14 -5.62 9.45 -11.71
CA ALA A 14 -6.91 9.11 -11.13
C ALA A 14 -7.41 10.24 -10.23
N LEU A 15 -6.53 11.02 -9.60
CA LEU A 15 -6.93 12.15 -8.73
C LEU A 15 -7.79 13.14 -9.52
N LEU A 16 -7.41 13.38 -10.77
CA LEU A 16 -8.10 14.30 -11.67
C LEU A 16 -9.47 13.70 -12.04
N ASP A 17 -9.49 12.43 -12.47
CA ASP A 17 -10.71 11.71 -12.86
C ASP A 17 -11.72 11.68 -11.70
N ALA A 18 -11.21 11.51 -10.48
CA ALA A 18 -11.95 11.44 -9.24
C ALA A 18 -12.44 12.80 -8.75
N GLY A 19 -12.08 13.91 -9.41
CA GLY A 19 -12.53 15.23 -8.98
C GLY A 19 -11.89 15.66 -7.67
N LEU A 20 -10.68 15.20 -7.34
CA LEU A 20 -10.03 15.54 -6.08
C LEU A 20 -9.14 16.77 -6.17
N LEU A 21 -8.27 16.86 -7.18
CA LEU A 21 -7.37 18.00 -7.34
C LEU A 21 -7.04 18.25 -8.81
N THR A 22 -6.46 19.41 -9.09
CA THR A 22 -6.09 19.81 -10.43
C THR A 22 -4.73 19.21 -10.84
N ASP A 23 -4.50 19.15 -12.14
CA ASP A 23 -3.24 18.62 -12.67
C ASP A 23 -2.06 19.50 -12.23
N GLU A 24 -2.31 20.79 -12.02
CA GLU A 24 -1.30 21.75 -11.60
C GLU A 24 -0.93 21.52 -10.13
N GLU A 25 -1.89 21.13 -9.28
CA GLU A 25 -1.60 20.89 -7.87
C GLU A 25 -0.74 19.62 -7.78
N LEU A 26 -1.08 18.61 -8.58
CA LEU A 26 -0.37 17.33 -8.65
C LEU A 26 1.09 17.55 -9.06
N GLN A 27 1.37 18.51 -9.95
CA GLN A 27 2.73 18.80 -10.40
C GLN A 27 3.65 19.06 -9.19
N ARG A 28 3.14 19.75 -8.17
CA ARG A 28 3.88 20.02 -6.95
C ARG A 28 3.97 18.79 -6.07
N ALA A 29 2.91 17.99 -5.97
CA ALA A 29 2.93 16.78 -5.14
C ALA A 29 4.00 15.82 -5.67
N LEU A 30 4.23 15.78 -6.99
CA LEU A 30 5.23 14.92 -7.61
C LEU A 30 6.62 15.35 -7.17
N GLU A 31 6.89 16.66 -7.07
CA GLU A 31 8.18 17.17 -6.62
C GLU A 31 8.37 16.67 -5.18
N ARG A 32 7.34 16.83 -4.36
CA ARG A 32 7.30 16.43 -2.96
C ARG A 32 7.63 14.95 -2.81
N HIS A 33 7.07 14.09 -3.66
CA HIS A 33 7.33 12.65 -3.61
C HIS A 33 8.83 12.38 -3.76
N ARG A 34 9.55 13.13 -4.60
CA ARG A 34 10.99 12.91 -4.78
C ARG A 34 11.76 13.49 -3.59
N GLU A 35 11.20 14.44 -2.86
CA GLU A 35 11.84 15.04 -1.71
C GLU A 35 11.74 14.13 -0.49
N VAL A 36 10.68 13.33 -0.34
CA VAL A 36 10.48 12.46 0.82
C VAL A 36 10.60 10.96 0.53
N GLY A 37 10.68 10.53 -0.73
CA GLY A 37 10.82 9.14 -1.13
C GLY A 37 9.58 8.26 -1.01
N GLY A 38 8.48 8.77 -0.44
CA GLY A 38 7.25 8.00 -0.29
C GLY A 38 6.47 8.00 -1.60
N SER A 39 5.43 7.18 -1.69
CA SER A 39 4.60 7.14 -2.89
C SER A 39 3.84 8.46 -2.98
N LEU A 40 3.23 8.73 -4.14
CA LEU A 40 2.45 9.94 -4.35
C LEU A 40 1.33 9.97 -3.32
N ALA A 41 0.67 8.83 -3.09
CA ALA A 41 -0.41 8.73 -2.12
C ALA A 41 0.12 8.94 -0.69
N GLU A 42 1.37 8.59 -0.40
CA GLU A 42 1.96 8.76 0.91
C GLU A 42 2.31 10.23 1.12
N VAL A 43 2.98 10.89 0.17
CA VAL A 43 3.32 12.30 0.33
C VAL A 43 2.05 13.16 0.38
N LEU A 44 1.00 12.79 -0.38
CA LEU A 44 -0.25 13.53 -0.38
C LEU A 44 -0.78 13.59 1.04
N VAL A 45 -0.83 12.47 1.76
CA VAL A 45 -1.31 12.46 3.13
C VAL A 45 -0.25 13.06 4.09
N ASP A 46 1.04 12.93 3.78
CA ASP A 46 2.12 13.49 4.61
C ASP A 46 1.96 15.00 4.70
N MET A 47 1.59 15.63 3.57
CA MET A 47 1.35 17.06 3.45
C MET A 47 -0.07 17.37 3.97
N GLY A 48 -0.98 16.39 3.97
CA GLY A 48 -2.36 16.50 4.41
C GLY A 48 -3.30 16.91 3.27
N LEU A 49 -2.79 16.93 2.03
CA LEU A 49 -3.51 17.32 0.82
C LEU A 49 -4.72 16.42 0.61
N LEU A 50 -4.57 15.10 0.73
CA LEU A 50 -5.64 14.11 0.58
C LEU A 50 -5.39 12.97 1.57
N SER A 51 -6.33 12.03 1.72
CA SER A 51 -6.23 10.88 2.63
C SER A 51 -6.16 9.60 1.81
N GLU A 52 -5.47 8.55 2.32
CA GLU A 52 -5.37 7.28 1.60
C GLU A 52 -6.76 6.74 1.27
N ARG A 53 -7.69 6.84 2.24
CA ARG A 53 -9.07 6.37 2.10
C ARG A 53 -9.76 6.99 0.88
N ARG A 54 -9.54 8.29 0.65
CA ARG A 54 -10.17 8.95 -0.48
C ARG A 54 -9.60 8.41 -1.79
N ILE A 55 -8.27 8.30 -1.91
CA ILE A 55 -7.63 7.76 -3.11
C ILE A 55 -8.10 6.32 -3.32
N ALA A 56 -8.17 5.53 -2.25
CA ALA A 56 -8.57 4.15 -2.28
C ALA A 56 -9.98 3.96 -2.86
N GLN A 57 -10.92 4.85 -2.52
CA GLN A 57 -12.29 4.73 -3.04
C GLN A 57 -12.34 4.96 -4.55
N THR A 58 -11.65 5.96 -5.11
CA THR A 58 -11.71 6.14 -6.57
C THR A 58 -11.21 4.83 -7.21
N ILE A 59 -10.13 4.26 -6.67
CA ILE A 59 -9.51 3.03 -7.14
C ILE A 59 -10.49 1.84 -7.02
N GLU A 60 -11.34 1.79 -5.98
CA GLU A 60 -12.32 0.71 -5.79
C GLU A 60 -13.24 0.68 -7.01
N ASP A 61 -13.85 1.81 -7.36
CA ASP A 61 -14.76 1.89 -8.50
C ASP A 61 -14.07 1.87 -9.86
N ARG A 62 -12.81 2.31 -9.92
CA ARG A 62 -12.04 2.35 -11.15
C ARG A 62 -11.56 0.99 -11.59
N PHE A 63 -10.98 0.20 -10.69
CA PHE A 63 -10.42 -1.11 -11.00
C PHE A 63 -11.19 -2.29 -10.41
N GLY A 64 -12.14 -2.06 -9.49
CA GLY A 64 -12.91 -3.12 -8.86
C GLY A 64 -12.13 -3.84 -7.76
N ILE A 65 -11.20 -3.15 -7.11
CA ILE A 65 -10.32 -3.71 -6.07
C ILE A 65 -11.04 -3.75 -4.70
N PRO A 66 -10.92 -4.84 -3.92
CA PRO A 66 -11.54 -5.00 -2.61
C PRO A 66 -10.83 -4.27 -1.45
N LEU A 67 -11.36 -4.37 -0.22
CA LEU A 67 -10.83 -3.77 1.01
C LEU A 67 -11.08 -4.69 2.20
N VAL A 68 -10.17 -4.70 3.18
CA VAL A 68 -10.27 -5.49 4.41
C VAL A 68 -10.02 -4.56 5.60
N GLU A 69 -10.65 -4.85 6.74
CA GLU A 69 -10.51 -4.07 7.95
C GLU A 69 -9.35 -4.71 8.71
N LEU A 70 -8.12 -4.48 8.24
CA LEU A 70 -6.92 -5.06 8.84
C LEU A 70 -6.73 -4.75 10.34
N HIS A 71 -7.41 -3.75 10.89
CA HIS A 71 -7.31 -3.38 12.31
C HIS A 71 -8.14 -4.36 13.17
N ARG A 72 -9.09 -5.07 12.58
CA ARG A 72 -9.99 -6.03 13.19
C ARG A 72 -9.56 -7.48 12.95
N VAL A 73 -8.41 -7.67 12.32
CA VAL A 73 -7.83 -8.97 12.00
C VAL A 73 -6.43 -9.04 12.63
N GLU A 74 -5.89 -10.24 12.79
CA GLU A 74 -4.56 -10.48 13.33
C GLU A 74 -3.74 -11.23 12.27
N ILE A 75 -2.41 -11.18 12.36
CA ILE A 75 -1.53 -11.83 11.40
C ILE A 75 -0.84 -13.01 12.14
N PRO A 76 -1.27 -14.26 11.94
CA PRO A 76 -0.67 -15.41 12.62
C PRO A 76 0.75 -15.74 12.11
N PRO A 77 1.55 -16.53 12.84
CA PRO A 77 2.90 -16.86 12.40
C PRO A 77 2.90 -17.74 11.14
N LYS A 78 1.77 -18.40 10.85
CA LYS A 78 1.62 -19.25 9.68
C LYS A 78 1.89 -18.43 8.41
N VAL A 79 1.40 -17.19 8.33
CA VAL A 79 1.62 -16.36 7.14
C VAL A 79 2.98 -15.63 7.20
N LYS A 80 3.47 -15.22 8.39
CA LYS A 80 4.76 -14.52 8.50
C LYS A 80 5.95 -15.32 7.94
N ALA A 81 5.78 -16.63 7.71
CA ALA A 81 6.81 -17.50 7.15
C ALA A 81 7.20 -17.00 5.75
N LEU A 82 6.31 -16.27 5.07
CA LEU A 82 6.56 -15.73 3.73
C LEU A 82 7.63 -14.65 3.85
N LEU A 83 7.35 -13.59 4.61
CA LEU A 83 8.25 -12.46 4.81
C LEU A 83 8.08 -11.84 6.19
N PRO A 84 9.15 -11.28 6.79
CA PRO A 84 9.08 -10.63 8.08
C PRO A 84 8.50 -9.22 7.89
N ALA A 85 8.01 -8.61 8.98
CA ALA A 85 7.40 -7.28 8.97
C ALA A 85 8.33 -6.21 8.38
N GLU A 86 9.66 -6.36 8.53
CA GLU A 86 10.64 -5.42 8.00
C GLU A 86 10.53 -5.36 6.46
N LYS A 87 10.46 -6.53 5.79
CA LYS A 87 10.34 -6.60 4.34
C LYS A 87 8.97 -6.06 3.92
N ALA A 88 7.93 -6.44 4.66
CA ALA A 88 6.56 -6.00 4.39
C ALA A 88 6.50 -4.46 4.40
N LYS A 89 7.15 -3.83 5.39
CA LYS A 89 7.20 -2.38 5.55
C LYS A 89 7.85 -1.71 4.35
N GLU A 90 9.04 -2.16 3.91
CA GLU A 90 9.70 -1.54 2.75
C GLU A 90 8.82 -1.68 1.50
N LEU A 91 8.09 -2.79 1.36
CA LEU A 91 7.19 -3.06 0.24
C LEU A 91 5.85 -2.32 0.37
N LYS A 92 5.58 -1.66 1.50
CA LYS A 92 4.35 -0.91 1.78
C LYS A 92 3.14 -1.84 1.89
N ALA A 93 3.34 -3.13 2.19
CA ALA A 93 2.34 -4.17 2.29
C ALA A 93 2.40 -4.93 3.63
N ILE A 94 1.44 -5.83 3.85
CA ILE A 94 1.29 -6.68 5.03
C ILE A 94 0.69 -8.02 4.57
N PRO A 95 1.29 -9.17 4.91
CA PRO A 95 0.75 -10.47 4.53
C PRO A 95 -0.44 -10.81 5.44
N PHE A 96 -1.38 -11.67 5.02
CA PHE A 96 -2.53 -12.04 5.85
C PHE A 96 -2.85 -13.54 5.82
N ALA A 97 -2.96 -14.14 4.63
CA ALA A 97 -3.27 -15.55 4.49
C ALA A 97 -2.23 -16.22 3.61
N LEU A 98 -1.95 -17.48 3.94
CA LEU A 98 -1.00 -18.35 3.29
C LEU A 98 -1.74 -19.66 3.10
N ASP A 99 -1.91 -20.03 1.84
CA ASP A 99 -2.56 -21.24 1.39
C ASP A 99 -1.53 -21.86 0.45
N GLU A 100 -0.61 -22.66 0.98
CA GLU A 100 0.43 -23.29 0.17
C GLU A 100 -0.10 -24.48 -0.60
N GLU A 101 -1.22 -25.09 -0.19
CA GLU A 101 -1.80 -26.24 -0.91
C GLU A 101 -2.16 -25.84 -2.35
N ALA A 102 -2.49 -24.57 -2.57
CA ALA A 102 -2.85 -23.99 -3.85
C ALA A 102 -1.78 -22.98 -4.31
N GLY A 103 -0.74 -22.75 -3.50
CA GLY A 103 0.33 -21.81 -3.81
C GLY A 103 -0.17 -20.37 -3.94
N VAL A 104 -1.11 -19.95 -3.09
CA VAL A 104 -1.69 -18.62 -3.11
C VAL A 104 -1.44 -17.91 -1.78
N VAL A 105 -1.20 -16.60 -1.83
CA VAL A 105 -0.98 -15.77 -0.63
C VAL A 105 -1.88 -14.54 -0.72
N ARG A 106 -2.28 -13.96 0.41
CA ARG A 106 -3.14 -12.76 0.43
C ARG A 106 -2.33 -11.64 1.06
N VAL A 107 -2.26 -10.47 0.42
CA VAL A 107 -1.49 -9.34 0.95
C VAL A 107 -2.41 -8.11 0.97
N ALA A 108 -2.09 -7.11 1.79
CA ALA A 108 -2.85 -5.88 1.93
C ALA A 108 -1.87 -4.71 1.92
N PHE A 109 -2.04 -3.72 1.04
CA PHE A 109 -1.15 -2.56 0.95
C PHE A 109 -1.91 -1.23 0.93
N LEU A 110 -1.18 -0.13 1.17
CA LEU A 110 -1.75 1.21 1.17
C LEU A 110 -1.81 1.79 -0.25
N ASN A 111 -1.07 1.22 -1.21
CA ASN A 111 -1.05 1.67 -2.60
C ASN A 111 -1.71 0.61 -3.50
N PRO A 112 -3.06 0.53 -3.61
CA PRO A 112 -3.70 -0.47 -4.46
C PRO A 112 -3.31 -0.47 -5.93
N LEU A 113 -2.75 0.62 -6.47
CA LEU A 113 -2.34 0.69 -7.88
C LEU A 113 -0.84 0.42 -8.06
N ASP A 114 -0.07 0.25 -6.98
CA ASP A 114 1.37 0.00 -7.03
C ASP A 114 1.63 -1.41 -7.56
N THR A 115 1.68 -1.50 -8.89
CA THR A 115 1.90 -2.74 -9.61
C THR A 115 3.31 -3.29 -9.29
N LEU A 116 4.29 -2.40 -9.08
CA LEU A 116 5.66 -2.82 -8.75
C LEU A 116 5.65 -3.55 -7.42
N SER A 117 4.94 -3.02 -6.41
CA SER A 117 4.86 -3.65 -5.11
C SER A 117 4.30 -5.07 -5.25
N LEU A 118 3.41 -5.33 -6.23
CA LEU A 118 2.84 -6.65 -6.45
C LEU A 118 3.85 -7.61 -7.11
N GLU A 119 4.45 -7.21 -8.24
CA GLU A 119 5.41 -8.05 -8.96
C GLU A 119 6.67 -8.31 -8.13
N GLU A 120 7.11 -7.33 -7.33
CA GLU A 120 8.27 -7.44 -6.47
C GLU A 120 8.01 -8.49 -5.38
N VAL A 121 6.76 -8.63 -4.94
CA VAL A 121 6.29 -9.56 -3.92
C VAL A 121 6.18 -11.01 -4.40
N GLU A 122 5.48 -11.23 -5.52
CA GLU A 122 5.21 -12.55 -6.07
C GLU A 122 6.43 -13.33 -6.57
N ASP A 123 7.31 -12.68 -7.34
CA ASP A 123 8.50 -13.32 -7.89
C ASP A 123 9.41 -13.96 -6.85
N LEU A 124 9.48 -13.38 -5.64
CA LEU A 124 10.34 -13.89 -4.57
C LEU A 124 9.93 -15.28 -4.08
N THR A 125 8.67 -15.66 -4.22
CA THR A 125 8.20 -16.96 -3.75
C THR A 125 7.59 -17.82 -4.85
N GLY A 126 7.25 -17.25 -6.01
CA GLY A 126 6.65 -18.04 -7.08
C GLY A 126 5.23 -18.48 -6.71
N LEU A 127 4.57 -17.72 -5.84
CA LEU A 127 3.20 -17.97 -5.36
C LEU A 127 2.38 -16.79 -5.87
N VAL A 128 1.15 -17.05 -6.29
CA VAL A 128 0.26 -16.02 -6.81
C VAL A 128 -0.22 -15.24 -5.58
N VAL A 129 -0.47 -13.93 -5.73
CA VAL A 129 -0.87 -13.06 -4.64
C VAL A 129 -2.20 -12.37 -4.89
N GLU A 130 -3.06 -12.33 -3.87
CA GLU A 130 -4.36 -11.69 -3.91
C GLU A 130 -4.11 -10.28 -3.35
N PRO A 131 -4.19 -9.22 -4.18
CA PRO A 131 -3.95 -7.84 -3.78
C PRO A 131 -5.16 -7.15 -3.11
N TYR A 132 -5.09 -6.89 -1.81
CA TYR A 132 -6.16 -6.22 -1.06
C TYR A 132 -5.65 -4.85 -0.57
N GLN A 133 -6.59 -4.03 -0.11
CA GLN A 133 -6.32 -2.70 0.42
C GLN A 133 -6.40 -2.68 1.95
N THR A 134 -5.88 -1.61 2.55
CA THR A 134 -5.89 -1.35 3.98
C THR A 134 -5.71 0.17 4.14
N THR A 135 -5.97 0.71 5.33
CA THR A 135 -5.86 2.12 5.69
C THR A 135 -4.66 2.26 6.63
N LYS A 136 -4.05 3.45 6.77
CA LYS A 136 -2.89 3.60 7.66
C LYS A 136 -3.14 3.12 9.09
N SER A 137 -4.23 3.53 9.73
CA SER A 137 -4.49 3.11 11.11
C SER A 137 -4.50 1.57 11.23
N ALA A 138 -5.05 0.87 10.22
CA ALA A 138 -5.11 -0.57 10.21
C ALA A 138 -3.74 -1.18 9.90
N PHE A 139 -3.00 -0.59 8.96
CA PHE A 139 -1.69 -1.02 8.53
C PHE A 139 -0.70 -1.06 9.70
N LEU A 140 -0.63 0.04 10.46
CA LEU A 140 0.28 0.15 11.60
C LEU A 140 0.09 -0.93 12.67
N TYR A 141 -1.11 -1.51 12.80
CA TYR A 141 -1.39 -2.54 13.79
C TYR A 141 -0.44 -3.73 13.64
N ALA A 142 -0.19 -4.19 12.41
CA ALA A 142 0.71 -5.33 12.18
C ALA A 142 2.13 -4.97 12.61
N LEU A 143 2.59 -3.75 12.28
CA LEU A 143 3.92 -3.28 12.64
C LEU A 143 4.06 -3.21 14.16
N ALA A 144 3.05 -2.69 14.86
CA ALA A 144 3.04 -2.57 16.32
C ALA A 144 3.12 -3.97 16.97
N LYS A 145 2.47 -4.96 16.37
CA LYS A 145 2.43 -6.34 16.86
C LYS A 145 3.73 -7.11 16.58
N HIS A 146 4.40 -6.86 15.44
CA HIS A 146 5.64 -7.54 15.08
C HIS A 146 6.88 -6.90 15.70
N TYR A 147 6.84 -5.60 15.98
CA TYR A 147 7.94 -4.87 16.60
C TYR A 147 7.41 -4.23 17.89
N PRO A 148 7.06 -5.04 18.91
CA PRO A 148 6.56 -4.50 20.17
C PRO A 148 7.66 -3.71 20.89
N GLU A 149 8.93 -3.91 20.54
CA GLU A 149 10.10 -3.25 21.10
C GLU A 149 9.99 -1.73 20.96
N LEU A 150 9.45 -1.27 19.83
CA LEU A 150 9.25 0.16 19.56
C LEU A 150 7.78 0.53 19.60
N GLY A 151 6.86 -0.37 19.26
CA GLY A 151 5.43 -0.10 19.28
C GLY A 151 4.99 1.05 18.36
N LEU A 152 5.84 1.41 17.39
CA LEU A 152 5.68 2.46 16.40
C LEU A 152 5.35 3.82 17.04
N PRO A 153 6.37 4.56 17.50
CA PRO A 153 6.17 5.88 18.11
C PRO A 153 5.76 6.91 17.04
N VAL A 154 5.43 8.12 17.48
CA VAL A 154 5.01 9.21 16.60
C VAL A 154 5.91 10.40 16.84
N MET A 1 17.44 11.55 -10.23
CA MET A 1 16.38 10.83 -9.54
C MET A 1 15.08 11.64 -9.54
N SER A 2 14.23 11.47 -10.55
CA SER A 2 12.95 12.18 -10.68
C SER A 2 11.79 11.27 -11.09
N VAL A 3 12.02 9.96 -11.16
CA VAL A 3 11.01 8.98 -11.53
C VAL A 3 9.98 8.84 -10.40
N LEU A 4 8.75 8.47 -10.78
CA LEU A 4 7.58 8.22 -9.96
C LEU A 4 7.21 6.74 -10.01
N THR A 5 6.35 6.26 -9.13
CA THR A 5 5.95 4.85 -9.13
C THR A 5 4.89 4.61 -10.23
N ILE A 6 4.64 3.35 -10.57
CA ILE A 6 3.64 2.98 -11.57
C ILE A 6 2.28 3.46 -11.05
N GLY A 7 2.04 3.23 -9.75
CA GLY A 7 0.80 3.60 -9.07
C GLY A 7 0.62 5.10 -9.01
N ASP A 8 1.68 5.86 -8.73
CA ASP A 8 1.63 7.32 -8.64
C ASP A 8 1.16 7.90 -9.96
N LYS A 9 1.51 7.24 -11.06
CA LYS A 9 1.10 7.67 -12.40
C LYS A 9 -0.38 7.40 -12.60
N ARG A 10 -0.84 6.15 -12.39
CA ARG A 10 -2.24 5.79 -12.60
C ARG A 10 -3.14 6.55 -11.62
N LEU A 11 -2.83 6.53 -10.33
CA LEU A 11 -3.62 7.20 -9.30
C LEU A 11 -3.60 8.70 -9.53
N GLY A 12 -2.44 9.29 -9.84
CA GLY A 12 -2.31 10.72 -10.09
C GLY A 12 -3.25 11.12 -11.22
N ALA A 13 -3.19 10.39 -12.35
CA ALA A 13 -4.05 10.67 -13.49
C ALA A 13 -5.53 10.58 -13.08
N ALA A 14 -5.87 9.62 -12.23
CA ALA A 14 -7.22 9.40 -11.73
C ALA A 14 -7.67 10.54 -10.83
N LEU A 15 -6.78 11.24 -10.10
CA LEU A 15 -7.17 12.35 -9.24
C LEU A 15 -7.91 13.40 -10.07
N LEU A 16 -7.42 13.67 -11.29
CA LEU A 16 -8.03 14.62 -12.22
C LEU A 16 -9.38 14.06 -12.66
N ASP A 17 -9.41 12.78 -13.06
CA ASP A 17 -10.61 12.09 -13.52
C ASP A 17 -11.73 12.11 -12.48
N ALA A 18 -11.36 11.97 -11.21
CA ALA A 18 -12.27 11.98 -10.06
C ALA A 18 -12.63 13.41 -9.63
N GLY A 19 -11.98 14.42 -10.22
CA GLY A 19 -12.19 15.84 -9.92
C GLY A 19 -11.69 16.17 -8.52
N LEU A 20 -10.78 15.36 -7.96
CA LEU A 20 -10.24 15.58 -6.62
C LEU A 20 -9.35 16.82 -6.63
N LEU A 21 -8.42 16.91 -7.59
CA LEU A 21 -7.48 18.02 -7.76
C LEU A 21 -7.08 18.15 -9.24
N THR A 22 -6.46 19.25 -9.61
CA THR A 22 -6.01 19.56 -10.97
C THR A 22 -4.68 18.90 -11.32
N ASP A 23 -4.30 18.95 -12.60
CA ASP A 23 -3.03 18.40 -13.06
C ASP A 23 -1.88 19.25 -12.50
N GLU A 24 -2.14 20.54 -12.26
CA GLU A 24 -1.21 21.52 -11.71
C GLU A 24 -0.85 21.12 -10.28
N GLU A 25 -1.87 20.86 -9.45
CA GLU A 25 -1.65 20.48 -8.06
C GLU A 25 -0.81 19.20 -7.98
N LEU A 26 -1.06 18.28 -8.92
CA LEU A 26 -0.35 17.01 -9.03
C LEU A 26 1.08 17.28 -9.48
N GLN A 27 1.29 18.11 -10.49
CA GLN A 27 2.60 18.46 -11.03
C GLN A 27 3.51 18.99 -9.90
N ARG A 28 2.94 19.74 -8.96
CA ARG A 28 3.66 20.30 -7.80
C ARG A 28 4.01 19.19 -6.82
N ALA A 29 3.01 18.40 -6.42
CA ALA A 29 3.13 17.30 -5.49
C ALA A 29 4.12 16.22 -5.92
N LEU A 30 4.17 15.92 -7.22
CA LEU A 30 5.08 14.90 -7.76
C LEU A 30 6.53 15.20 -7.42
N GLU A 31 6.93 16.46 -7.26
CA GLU A 31 8.31 16.78 -6.91
C GLU A 31 8.59 16.34 -5.47
N ARG A 32 7.64 16.54 -4.55
CA ARG A 32 7.80 16.18 -3.13
C ARG A 32 8.11 14.69 -2.96
N HIS A 33 7.57 13.81 -3.80
CA HIS A 33 7.83 12.36 -3.74
C HIS A 33 9.34 12.10 -3.77
N ARG A 34 10.11 12.88 -4.53
CA ARG A 34 11.55 12.70 -4.61
C ARG A 34 12.26 13.20 -3.37
N GLU A 35 11.65 14.09 -2.59
CA GLU A 35 12.24 14.61 -1.38
C GLU A 35 11.91 13.69 -0.20
N VAL A 36 10.69 13.14 -0.12
CA VAL A 36 10.28 12.27 0.99
C VAL A 36 10.42 10.77 0.73
N GLY A 37 10.59 10.33 -0.53
CA GLY A 37 10.72 8.92 -0.91
C GLY A 37 9.37 8.17 -0.90
N GLY A 38 8.43 8.59 -0.06
CA GLY A 38 7.11 7.99 0.05
C GLY A 38 6.33 8.24 -1.25
N SER A 39 5.48 7.28 -1.60
CA SER A 39 4.62 7.28 -2.78
C SER A 39 3.68 8.48 -2.76
N LEU A 40 3.04 8.79 -3.90
CA LEU A 40 2.10 9.92 -4.02
C LEU A 40 1.02 9.85 -2.93
N ALA A 41 0.53 8.65 -2.60
CA ALA A 41 -0.48 8.47 -1.57
C ALA A 41 0.05 8.83 -0.17
N GLU A 42 1.30 8.49 0.14
CA GLU A 42 1.92 8.80 1.42
C GLU A 42 2.08 10.30 1.57
N VAL A 43 2.61 10.97 0.53
CA VAL A 43 2.77 12.42 0.59
C VAL A 43 1.38 13.07 0.66
N LEU A 44 0.35 12.53 0.00
CA LEU A 44 -1.00 13.10 0.03
C LEU A 44 -1.52 13.15 1.48
N VAL A 45 -1.38 12.07 2.25
CA VAL A 45 -1.85 12.07 3.64
C VAL A 45 -0.93 12.90 4.54
N ASP A 46 0.39 12.86 4.32
CA ASP A 46 1.38 13.59 5.10
C ASP A 46 1.20 15.09 4.94
N MET A 47 0.81 15.54 3.75
CA MET A 47 0.57 16.93 3.42
C MET A 47 -0.85 17.36 3.79
N GLY A 48 -1.70 16.44 4.26
CA GLY A 48 -3.08 16.77 4.63
C GLY A 48 -3.90 17.17 3.40
N LEU A 49 -3.54 16.65 2.22
CA LEU A 49 -4.21 16.94 0.96
C LEU A 49 -5.40 16.01 0.77
N LEU A 50 -5.19 14.71 0.94
CA LEU A 50 -6.22 13.68 0.80
C LEU A 50 -5.94 12.57 1.80
N SER A 51 -6.95 11.76 2.11
CA SER A 51 -6.87 10.65 3.04
C SER A 51 -6.69 9.39 2.19
N GLU A 52 -5.99 8.37 2.69
CA GLU A 52 -5.75 7.13 1.93
C GLU A 52 -7.07 6.48 1.50
N ARG A 53 -8.04 6.38 2.42
CA ARG A 53 -9.34 5.77 2.11
C ARG A 53 -9.97 6.49 0.94
N ARG A 54 -9.86 7.82 0.83
CA ARG A 54 -10.43 8.58 -0.28
C ARG A 54 -9.82 8.13 -1.61
N ILE A 55 -8.48 7.99 -1.70
CA ILE A 55 -7.82 7.55 -2.94
C ILE A 55 -8.33 6.14 -3.25
N ALA A 56 -8.27 5.24 -2.27
CA ALA A 56 -8.71 3.86 -2.44
C ALA A 56 -10.20 3.79 -2.82
N GLN A 57 -11.03 4.76 -2.42
CA GLN A 57 -12.46 4.81 -2.71
C GLN A 57 -12.68 4.98 -4.21
N THR A 58 -12.00 5.95 -4.84
CA THR A 58 -12.17 6.14 -6.27
C THR A 58 -11.59 4.94 -7.02
N ILE A 59 -10.41 4.44 -6.60
CA ILE A 59 -9.75 3.31 -7.25
C ILE A 59 -10.59 2.03 -7.14
N GLU A 60 -11.27 1.81 -6.02
CA GLU A 60 -12.09 0.62 -5.77
C GLU A 60 -13.04 0.42 -6.94
N ASP A 61 -13.81 1.43 -7.33
CA ASP A 61 -14.73 1.27 -8.46
C ASP A 61 -14.05 1.48 -9.81
N ARG A 62 -13.01 2.30 -9.90
CA ARG A 62 -12.31 2.53 -11.17
C ARG A 62 -11.61 1.26 -11.66
N PHE A 63 -11.26 0.31 -10.79
CA PHE A 63 -10.58 -0.93 -11.17
C PHE A 63 -11.25 -2.20 -10.64
N GLY A 64 -12.20 -2.11 -9.71
CA GLY A 64 -12.87 -3.27 -9.13
C GLY A 64 -11.93 -3.95 -8.14
N ILE A 65 -11.27 -3.20 -7.26
CA ILE A 65 -10.33 -3.72 -6.25
C ILE A 65 -11.00 -3.65 -4.87
N PRO A 66 -11.06 -4.75 -4.09
CA PRO A 66 -11.69 -4.80 -2.78
C PRO A 66 -10.93 -4.03 -1.69
N LEU A 67 -11.49 -4.00 -0.48
CA LEU A 67 -10.95 -3.34 0.71
C LEU A 67 -11.23 -4.23 1.92
N VAL A 68 -10.31 -4.25 2.89
CA VAL A 68 -10.45 -5.04 4.11
C VAL A 68 -10.14 -4.20 5.33
N GLU A 69 -10.62 -4.66 6.49
CA GLU A 69 -10.45 -4.03 7.78
C GLU A 69 -9.31 -4.76 8.48
N LEU A 70 -8.07 -4.45 8.12
CA LEU A 70 -6.87 -5.07 8.71
C LEU A 70 -6.82 -4.79 10.22
N HIS A 71 -7.44 -3.70 10.69
CA HIS A 71 -7.48 -3.38 12.13
C HIS A 71 -8.38 -4.38 12.87
N ARG A 72 -9.27 -5.08 12.15
CA ARG A 72 -10.21 -6.07 12.64
C ARG A 72 -9.73 -7.48 12.25
N VAL A 73 -8.45 -7.67 11.91
CA VAL A 73 -7.90 -8.96 11.52
C VAL A 73 -6.64 -9.24 12.34
N GLU A 74 -6.24 -10.50 12.41
CA GLU A 74 -5.06 -10.97 13.13
C GLU A 74 -4.13 -11.63 12.11
N ILE A 75 -2.82 -11.63 12.41
CA ILE A 75 -1.79 -12.19 11.55
C ILE A 75 -1.17 -13.39 12.29
N PRO A 76 -1.51 -14.63 11.92
CA PRO A 76 -0.95 -15.81 12.56
C PRO A 76 0.53 -15.96 12.17
N PRO A 77 1.32 -16.77 12.89
CA PRO A 77 2.72 -16.96 12.56
C PRO A 77 2.89 -17.65 11.19
N LYS A 78 1.88 -18.40 10.76
CA LYS A 78 1.90 -19.12 9.49
C LYS A 78 2.21 -18.20 8.33
N VAL A 79 1.49 -17.08 8.21
CA VAL A 79 1.72 -16.15 7.12
C VAL A 79 3.00 -15.33 7.36
N LYS A 80 3.39 -15.10 8.63
CA LYS A 80 4.60 -14.33 8.93
C LYS A 80 5.86 -15.05 8.40
N ALA A 81 5.76 -16.36 8.09
CA ALA A 81 6.85 -17.14 7.54
C ALA A 81 7.16 -16.68 6.10
N LEU A 82 6.25 -15.95 5.44
CA LEU A 82 6.44 -15.45 4.09
C LEU A 82 7.53 -14.38 4.10
N LEU A 83 7.31 -13.29 4.82
CA LEU A 83 8.28 -12.20 4.90
C LEU A 83 8.18 -11.52 6.26
N PRO A 84 9.31 -11.09 6.85
CA PRO A 84 9.31 -10.42 8.14
C PRO A 84 8.70 -9.01 8.01
N ALA A 85 8.31 -8.43 9.15
CA ALA A 85 7.70 -7.10 9.30
C ALA A 85 8.48 -6.05 8.50
N GLU A 86 9.81 -6.01 8.65
CA GLU A 86 10.69 -5.07 7.97
C GLU A 86 10.59 -5.18 6.45
N LYS A 87 10.61 -6.38 5.87
CA LYS A 87 10.50 -6.53 4.42
C LYS A 87 9.10 -6.08 3.98
N ALA A 88 8.06 -6.40 4.77
CA ALA A 88 6.71 -5.99 4.44
C ALA A 88 6.60 -4.46 4.45
N LYS A 89 7.31 -3.79 5.38
CA LYS A 89 7.32 -2.34 5.52
C LYS A 89 7.88 -1.68 4.28
N GLU A 90 9.06 -2.11 3.80
CA GLU A 90 9.62 -1.52 2.59
C GLU A 90 8.69 -1.76 1.40
N LEU A 91 8.00 -2.92 1.35
CA LEU A 91 7.03 -3.24 0.30
C LEU A 91 5.71 -2.48 0.49
N LYS A 92 5.59 -1.67 1.55
CA LYS A 92 4.43 -0.85 1.91
C LYS A 92 3.14 -1.68 2.08
N ALA A 93 3.27 -2.96 2.39
CA ALA A 93 2.17 -3.90 2.56
C ALA A 93 2.23 -4.65 3.90
N ILE A 94 1.19 -5.43 4.19
CA ILE A 94 1.04 -6.27 5.38
C ILE A 94 0.27 -7.53 4.92
N PRO A 95 0.77 -8.74 5.18
CA PRO A 95 0.11 -9.98 4.79
C PRO A 95 -1.02 -10.36 5.77
N PHE A 96 -1.79 -11.41 5.47
CA PHE A 96 -2.89 -11.88 6.31
C PHE A 96 -3.03 -13.40 6.23
N ALA A 97 -3.10 -13.97 5.03
CA ALA A 97 -3.25 -15.42 4.86
C ALA A 97 -2.23 -15.95 3.87
N LEU A 98 -1.97 -17.24 3.99
CA LEU A 98 -1.03 -17.99 3.17
C LEU A 98 -1.65 -19.34 2.89
N ASP A 99 -1.54 -19.78 1.64
CA ASP A 99 -2.03 -21.05 1.17
C ASP A 99 -0.80 -21.63 0.50
N GLU A 100 0.06 -22.34 1.23
CA GLU A 100 1.26 -22.90 0.58
C GLU A 100 0.84 -24.00 -0.40
N GLU A 101 -0.28 -24.67 -0.14
CA GLU A 101 -0.82 -25.73 -0.96
C GLU A 101 -1.17 -25.18 -2.35
N ALA A 102 -1.95 -24.09 -2.39
CA ALA A 102 -2.34 -23.47 -3.65
C ALA A 102 -1.18 -22.64 -4.21
N GLY A 103 -0.26 -22.21 -3.34
CA GLY A 103 0.88 -21.39 -3.71
C GLY A 103 0.39 -19.96 -3.89
N VAL A 104 -0.44 -19.48 -2.94
CA VAL A 104 -1.03 -18.16 -2.94
C VAL A 104 -0.69 -17.45 -1.61
N VAL A 105 -0.49 -16.14 -1.68
CA VAL A 105 -0.20 -15.26 -0.56
C VAL A 105 -1.23 -14.15 -0.60
N ARG A 106 -1.84 -13.79 0.52
CA ARG A 106 -2.88 -12.75 0.59
C ARG A 106 -2.27 -11.57 1.35
N VAL A 107 -2.18 -10.40 0.70
CA VAL A 107 -1.57 -9.21 1.27
C VAL A 107 -2.44 -7.99 0.98
N ALA A 108 -2.33 -6.96 1.83
CA ALA A 108 -3.05 -5.72 1.71
C ALA A 108 -2.03 -4.58 1.66
N PHE A 109 -2.22 -3.60 0.77
CA PHE A 109 -1.32 -2.47 0.58
C PHE A 109 -1.99 -1.11 0.38
N LEU A 110 -1.18 -0.04 0.41
CA LEU A 110 -1.61 1.36 0.22
C LEU A 110 -1.58 1.77 -1.25
N ASN A 111 -0.80 1.09 -2.11
CA ASN A 111 -0.68 1.42 -3.53
C ASN A 111 -1.32 0.33 -4.37
N PRO A 112 -2.65 0.33 -4.55
CA PRO A 112 -3.36 -0.67 -5.33
C PRO A 112 -3.05 -0.60 -6.83
N LEU A 113 -2.44 0.48 -7.31
CA LEU A 113 -2.11 0.65 -8.71
C LEU A 113 -0.61 0.56 -8.97
N ASP A 114 0.21 0.44 -7.92
CA ASP A 114 1.66 0.31 -8.10
C ASP A 114 1.96 -1.17 -8.30
N THR A 115 1.77 -1.63 -9.54
CA THR A 115 2.00 -3.00 -9.93
C THR A 115 3.45 -3.42 -9.59
N LEU A 116 4.43 -2.49 -9.56
CA LEU A 116 5.83 -2.80 -9.24
C LEU A 116 5.90 -3.52 -7.89
N SER A 117 5.18 -3.02 -6.89
CA SER A 117 5.17 -3.62 -5.57
C SER A 117 4.44 -4.98 -5.58
N LEU A 118 3.46 -5.17 -6.48
CA LEU A 118 2.72 -6.42 -6.58
C LEU A 118 3.61 -7.50 -7.20
N GLU A 119 4.21 -7.22 -8.36
CA GLU A 119 5.08 -8.14 -9.05
C GLU A 119 6.33 -8.40 -8.19
N GLU A 120 6.78 -7.43 -7.39
CA GLU A 120 7.93 -7.63 -6.52
C GLU A 120 7.57 -8.67 -5.47
N VAL A 121 6.35 -8.63 -4.91
CA VAL A 121 5.92 -9.61 -3.91
C VAL A 121 5.75 -11.00 -4.51
N GLU A 122 5.34 -11.13 -5.78
CA GLU A 122 5.17 -12.45 -6.40
C GLU A 122 6.54 -13.05 -6.68
N ASP A 123 7.42 -12.29 -7.31
CA ASP A 123 8.76 -12.70 -7.68
C ASP A 123 9.66 -12.95 -6.48
N LEU A 124 9.43 -12.27 -5.37
CA LEU A 124 10.22 -12.43 -4.14
C LEU A 124 10.03 -13.81 -3.53
N THR A 125 8.93 -14.51 -3.80
CA THR A 125 8.66 -15.82 -3.24
C THR A 125 8.43 -16.93 -4.27
N GLY A 126 7.85 -16.63 -5.44
CA GLY A 126 7.56 -17.62 -6.46
C GLY A 126 6.13 -18.16 -6.27
N LEU A 127 5.22 -17.37 -5.68
CA LEU A 127 3.82 -17.67 -5.37
C LEU A 127 2.95 -16.50 -5.86
N VAL A 128 1.66 -16.72 -6.15
CA VAL A 128 0.78 -15.64 -6.62
C VAL A 128 0.31 -14.82 -5.43
N VAL A 129 0.23 -13.51 -5.60
CA VAL A 129 -0.20 -12.57 -4.58
C VAL A 129 -1.63 -12.11 -4.87
N GLU A 130 -2.48 -12.11 -3.84
CA GLU A 130 -3.87 -11.69 -3.91
C GLU A 130 -3.88 -10.21 -3.50
N PRO A 131 -4.35 -9.29 -4.37
CA PRO A 131 -4.36 -7.85 -4.12
C PRO A 131 -5.48 -7.29 -3.22
N TYR A 132 -5.18 -6.96 -1.95
CA TYR A 132 -6.13 -6.36 -1.02
C TYR A 132 -5.70 -4.92 -0.67
N GLN A 133 -6.57 -4.14 -0.03
CA GLN A 133 -6.31 -2.75 0.35
C GLN A 133 -6.49 -2.57 1.85
N THR A 134 -5.84 -1.57 2.46
CA THR A 134 -5.94 -1.29 3.89
C THR A 134 -5.59 0.18 4.19
N THR A 135 -6.09 0.74 5.30
CA THR A 135 -5.86 2.12 5.74
C THR A 135 -4.51 2.25 6.45
N LYS A 136 -3.91 3.46 6.49
CA LYS A 136 -2.60 3.71 7.13
C LYS A 136 -2.61 3.25 8.58
N SER A 137 -3.63 3.63 9.34
CA SER A 137 -3.80 3.29 10.74
C SER A 137 -3.71 1.77 10.94
N ALA A 138 -4.38 1.01 10.08
CA ALA A 138 -4.45 -0.45 10.12
C ALA A 138 -3.10 -1.10 9.79
N PHE A 139 -2.28 -0.47 8.94
CA PHE A 139 -0.96 -0.97 8.56
C PHE A 139 -0.03 -0.78 9.76
N LEU A 140 -0.01 0.42 10.34
CA LEU A 140 0.80 0.80 11.48
C LEU A 140 0.58 -0.11 12.69
N TYR A 141 -0.62 -0.68 12.83
CA TYR A 141 -0.93 -1.59 13.92
C TYR A 141 -0.09 -2.87 13.82
N ALA A 142 0.08 -3.44 12.62
CA ALA A 142 0.88 -4.66 12.43
C ALA A 142 2.35 -4.46 12.80
N LEU A 143 2.89 -3.24 12.63
CA LEU A 143 4.28 -2.94 12.96
C LEU A 143 4.48 -3.18 14.46
N ALA A 144 3.63 -2.55 15.28
CA ALA A 144 3.69 -2.69 16.73
C ALA A 144 3.50 -4.15 17.12
N LYS A 145 2.52 -4.84 16.51
CA LYS A 145 2.24 -6.24 16.82
C LYS A 145 3.41 -7.15 16.48
N HIS A 146 4.14 -6.92 15.38
CA HIS A 146 5.28 -7.77 15.02
C HIS A 146 6.56 -7.37 15.75
N TYR A 147 6.68 -6.13 16.20
CA TYR A 147 7.84 -5.65 16.95
C TYR A 147 7.32 -5.10 18.28
N PRO A 148 6.81 -5.97 19.17
CA PRO A 148 6.27 -5.55 20.46
C PRO A 148 7.36 -4.95 21.34
N GLU A 149 8.63 -5.28 21.09
CA GLU A 149 9.76 -4.77 21.85
C GLU A 149 9.79 -3.23 21.80
N LEU A 150 9.43 -2.63 20.66
CA LEU A 150 9.39 -1.18 20.46
C LEU A 150 7.96 -0.64 20.38
N GLY A 151 6.98 -1.49 20.03
CA GLY A 151 5.56 -1.16 19.93
C GLY A 151 5.26 0.17 19.21
N LEU A 152 5.90 0.40 18.06
CA LEU A 152 5.80 1.60 17.22
C LEU A 152 5.96 2.87 18.07
N PRO A 153 7.21 3.23 18.43
CA PRO A 153 7.49 4.39 19.25
C PRO A 153 7.56 5.68 18.41
N VAL A 154 6.41 6.18 17.99
CA VAL A 154 6.22 7.39 17.16
C VAL A 154 6.74 7.11 15.76
N MET A 1 17.76 11.19 -11.31
CA MET A 1 16.40 11.08 -11.87
C MET A 1 15.36 10.81 -10.80
N SER A 2 15.55 9.82 -9.91
CA SER A 2 14.66 9.39 -8.84
C SER A 2 13.22 9.41 -9.34
N VAL A 3 12.95 8.55 -10.32
CA VAL A 3 11.66 8.44 -10.95
C VAL A 3 10.64 7.83 -9.97
N LEU A 4 9.45 8.41 -9.97
CA LEU A 4 8.32 7.98 -9.15
C LEU A 4 7.90 6.56 -9.55
N THR A 5 7.08 5.93 -8.71
CA THR A 5 6.64 4.57 -8.98
C THR A 5 5.66 4.53 -10.16
N ILE A 6 5.32 3.31 -10.59
CA ILE A 6 4.38 3.07 -11.68
C ILE A 6 3.00 3.49 -11.16
N GLY A 7 2.64 3.04 -9.95
CA GLY A 7 1.36 3.34 -9.33
C GLY A 7 1.17 4.82 -9.05
N ASP A 8 2.25 5.53 -8.76
CA ASP A 8 2.21 6.97 -8.49
C ASP A 8 1.67 7.70 -9.70
N LYS A 9 2.09 7.30 -10.91
CA LYS A 9 1.63 7.91 -12.16
C LYS A 9 0.15 7.63 -12.32
N ARG A 10 -0.22 6.35 -12.24
CA ARG A 10 -1.60 5.89 -12.40
C ARG A 10 -2.55 6.57 -11.43
N LEU A 11 -2.22 6.59 -10.14
CA LEU A 11 -3.08 7.20 -9.12
C LEU A 11 -3.10 8.72 -9.28
N GLY A 12 -2.00 9.35 -9.71
CA GLY A 12 -1.92 10.79 -9.92
C GLY A 12 -2.95 11.20 -10.96
N ALA A 13 -2.92 10.55 -12.14
CA ALA A 13 -3.87 10.83 -13.22
C ALA A 13 -5.30 10.56 -12.73
N ALA A 14 -5.48 9.58 -11.83
CA ALA A 14 -6.78 9.26 -11.27
C ALA A 14 -7.35 10.42 -10.46
N LEU A 15 -6.51 11.27 -9.85
CA LEU A 15 -6.98 12.42 -9.07
C LEU A 15 -7.73 13.37 -10.00
N LEU A 16 -7.18 13.60 -11.20
CA LEU A 16 -7.73 14.46 -12.24
C LEU A 16 -9.05 13.84 -12.69
N ASP A 17 -9.05 12.54 -13.00
CA ASP A 17 -10.24 11.81 -13.46
C ASP A 17 -11.36 11.82 -12.42
N ALA A 18 -10.99 11.69 -11.14
CA ALA A 18 -11.92 11.70 -10.04
C ALA A 18 -12.43 13.13 -9.78
N GLY A 19 -11.74 14.15 -10.28
CA GLY A 19 -12.09 15.55 -10.10
C GLY A 19 -11.77 16.03 -8.69
N LEU A 20 -10.80 15.42 -8.02
CA LEU A 20 -10.42 15.76 -6.65
C LEU A 20 -9.51 16.98 -6.60
N LEU A 21 -8.55 17.07 -7.54
CA LEU A 21 -7.61 18.16 -7.67
C LEU A 21 -7.22 18.31 -9.15
N THR A 22 -6.51 19.38 -9.51
CA THR A 22 -6.08 19.66 -10.88
C THR A 22 -4.69 19.09 -11.19
N ASP A 23 -4.31 19.13 -12.46
CA ASP A 23 -2.99 18.67 -12.89
C ASP A 23 -1.92 19.60 -12.32
N GLU A 24 -2.24 20.90 -12.21
CA GLU A 24 -1.37 21.93 -11.65
C GLU A 24 -1.08 21.66 -10.17
N GLU A 25 -2.09 21.19 -9.41
CA GLU A 25 -1.92 20.87 -7.99
C GLU A 25 -1.08 19.60 -7.86
N LEU A 26 -1.26 18.63 -8.77
CA LEU A 26 -0.48 17.39 -8.75
C LEU A 26 0.97 17.71 -9.08
N GLN A 27 1.22 18.71 -9.95
CA GLN A 27 2.54 19.13 -10.38
C GLN A 27 3.46 19.39 -9.18
N ARG A 28 2.99 20.18 -8.21
CA ARG A 28 3.79 20.50 -7.02
C ARG A 28 4.10 19.26 -6.17
N ALA A 29 3.20 18.28 -6.12
CA ALA A 29 3.39 17.04 -5.36
C ALA A 29 4.36 16.09 -6.08
N LEU A 30 4.38 16.09 -7.43
CA LEU A 30 5.26 15.24 -8.23
C LEU A 30 6.71 15.43 -7.81
N GLU A 31 7.11 16.69 -7.64
CA GLU A 31 8.46 17.03 -7.25
C GLU A 31 8.70 16.69 -5.79
N ARG A 32 7.78 17.06 -4.88
CA ARG A 32 7.90 16.80 -3.45
C ARG A 32 8.09 15.32 -3.14
N HIS A 33 7.55 14.40 -3.97
CA HIS A 33 7.70 12.97 -3.75
C HIS A 33 9.18 12.58 -3.59
N ARG A 34 10.08 13.10 -4.42
CA ARG A 34 11.49 12.73 -4.34
C ARG A 34 12.16 13.18 -3.04
N GLU A 35 11.61 14.17 -2.33
CA GLU A 35 12.21 14.65 -1.09
C GLU A 35 11.84 13.72 0.09
N VAL A 36 10.72 13.00 -0.02
CA VAL A 36 10.20 12.09 1.02
C VAL A 36 10.33 10.61 0.65
N GLY A 37 10.44 10.30 -0.64
CA GLY A 37 10.55 8.97 -1.24
C GLY A 37 9.26 8.15 -1.17
N GLY A 38 8.36 8.41 -0.22
CA GLY A 38 7.10 7.71 -0.06
C GLY A 38 6.25 7.88 -1.32
N SER A 39 5.35 6.93 -1.58
CA SER A 39 4.46 6.97 -2.74
C SER A 39 3.60 8.24 -2.74
N LEU A 40 2.98 8.54 -3.89
CA LEU A 40 2.12 9.70 -4.05
C LEU A 40 0.99 9.66 -3.00
N ALA A 41 0.51 8.46 -2.68
CA ALA A 41 -0.54 8.27 -1.70
C ALA A 41 -0.10 8.73 -0.30
N GLU A 42 1.17 8.58 0.07
CA GLU A 42 1.67 9.03 1.38
C GLU A 42 1.86 10.55 1.37
N VAL A 43 2.56 11.08 0.38
CA VAL A 43 2.82 12.52 0.31
C VAL A 43 1.49 13.32 0.26
N LEU A 44 0.44 12.82 -0.40
CA LEU A 44 -0.84 13.51 -0.47
C LEU A 44 -1.40 13.76 0.92
N VAL A 45 -1.49 12.73 1.76
CA VAL A 45 -2.03 12.89 3.11
C VAL A 45 -1.02 13.63 3.99
N ASP A 46 0.29 13.45 3.79
CA ASP A 46 1.30 14.15 4.59
C ASP A 46 1.26 15.65 4.35
N MET A 47 0.87 16.07 3.14
CA MET A 47 0.73 17.47 2.73
C MET A 47 -0.69 17.98 3.05
N GLY A 48 -1.59 17.11 3.53
CA GLY A 48 -2.97 17.42 3.92
C GLY A 48 -3.87 17.68 2.71
N LEU A 49 -3.44 17.25 1.53
CA LEU A 49 -4.14 17.43 0.27
C LEU A 49 -5.33 16.49 0.16
N LEU A 50 -5.16 15.19 0.41
CA LEU A 50 -6.24 14.21 0.33
C LEU A 50 -6.05 13.12 1.37
N SER A 51 -7.13 12.47 1.78
CA SER A 51 -7.11 11.40 2.75
C SER A 51 -6.81 10.07 2.06
N GLU A 52 -6.22 9.12 2.79
CA GLU A 52 -5.90 7.79 2.28
C GLU A 52 -7.17 7.14 1.70
N ARG A 53 -8.31 7.32 2.37
CA ARG A 53 -9.59 6.77 1.97
C ARG A 53 -10.05 7.37 0.64
N ARG A 54 -9.78 8.64 0.32
CA ARG A 54 -10.21 9.19 -0.98
C ARG A 54 -9.49 8.43 -2.09
N ILE A 55 -8.17 8.20 -1.95
CA ILE A 55 -7.40 7.46 -2.95
C ILE A 55 -8.01 6.06 -3.06
N ALA A 56 -8.23 5.38 -1.92
CA ALA A 56 -8.80 4.04 -1.91
C ALA A 56 -10.12 3.99 -2.70
N GLN A 57 -11.04 4.92 -2.46
CA GLN A 57 -12.34 4.98 -3.13
C GLN A 57 -12.24 5.04 -4.67
N THR A 58 -11.43 5.92 -5.26
CA THR A 58 -11.34 5.99 -6.72
C THR A 58 -10.69 4.72 -7.30
N ILE A 59 -9.72 4.12 -6.61
CA ILE A 59 -9.07 2.92 -7.13
C ILE A 59 -10.04 1.73 -7.00
N GLU A 60 -10.68 1.59 -5.84
CA GLU A 60 -11.64 0.55 -5.53
C GLU A 60 -12.73 0.55 -6.59
N ASP A 61 -13.25 1.72 -6.94
CA ASP A 61 -14.30 1.84 -7.92
C ASP A 61 -13.83 1.60 -9.36
N ARG A 62 -12.72 2.23 -9.79
CA ARG A 62 -12.21 2.07 -11.15
C ARG A 62 -11.72 0.65 -11.46
N PHE A 63 -11.28 -0.12 -10.48
CA PHE A 63 -10.77 -1.49 -10.71
C PHE A 63 -11.56 -2.59 -10.01
N GLY A 64 -12.52 -2.28 -9.13
CA GLY A 64 -13.30 -3.28 -8.42
C GLY A 64 -12.45 -4.11 -7.46
N ILE A 65 -11.45 -3.50 -6.81
CA ILE A 65 -10.53 -4.18 -5.90
C ILE A 65 -11.17 -4.28 -4.51
N PRO A 66 -11.05 -5.42 -3.80
CA PRO A 66 -11.63 -5.58 -2.48
C PRO A 66 -10.90 -4.73 -1.44
N LEU A 67 -11.58 -4.50 -0.33
CA LEU A 67 -11.13 -3.73 0.83
C LEU A 67 -11.49 -4.57 2.04
N VAL A 68 -10.57 -4.71 3.00
CA VAL A 68 -10.77 -5.51 4.21
C VAL A 68 -10.28 -4.75 5.44
N GLU A 69 -10.75 -5.16 6.61
CA GLU A 69 -10.41 -4.57 7.90
C GLU A 69 -9.25 -5.36 8.48
N LEU A 70 -8.00 -4.93 8.24
CA LEU A 70 -6.82 -5.60 8.78
C LEU A 70 -6.80 -5.48 10.30
N HIS A 71 -7.56 -4.54 10.87
CA HIS A 71 -7.67 -4.32 12.30
C HIS A 71 -8.56 -5.42 12.91
N ARG A 72 -9.33 -6.17 12.10
CA ARG A 72 -10.23 -7.24 12.53
C ARG A 72 -9.75 -8.62 12.06
N VAL A 73 -8.45 -8.76 11.79
CA VAL A 73 -7.84 -10.02 11.38
C VAL A 73 -6.54 -10.10 12.18
N GLU A 74 -5.99 -11.30 12.35
CA GLU A 74 -4.74 -11.50 13.06
C GLU A 74 -3.74 -12.10 12.09
N ILE A 75 -2.45 -11.87 12.35
CA ILE A 75 -1.36 -12.35 11.53
C ILE A 75 -0.77 -13.52 12.33
N PRO A 76 -1.08 -14.78 11.97
CA PRO A 76 -0.58 -15.95 12.67
C PRO A 76 0.88 -16.23 12.33
N PRO A 77 1.56 -17.12 13.10
CA PRO A 77 2.94 -17.47 12.82
C PRO A 77 3.07 -18.20 11.47
N LYS A 78 1.94 -18.67 10.89
CA LYS A 78 1.89 -19.37 9.62
C LYS A 78 2.30 -18.43 8.48
N VAL A 79 1.69 -17.24 8.38
CA VAL A 79 2.02 -16.30 7.31
C VAL A 79 3.41 -15.67 7.57
N LYS A 80 3.87 -15.67 8.83
CA LYS A 80 5.19 -15.13 9.18
C LYS A 80 6.28 -16.01 8.53
N ALA A 81 5.97 -17.26 8.17
CA ALA A 81 6.90 -18.17 7.54
C ALA A 81 7.39 -17.62 6.19
N LEU A 82 6.53 -16.90 5.47
CA LEU A 82 6.86 -16.33 4.16
C LEU A 82 7.95 -15.28 4.29
N LEU A 83 7.65 -14.16 4.96
CA LEU A 83 8.57 -13.04 5.15
C LEU A 83 8.32 -12.30 6.46
N PRO A 84 9.35 -11.67 7.05
CA PRO A 84 9.24 -10.92 8.30
C PRO A 84 8.54 -9.56 8.08
N ALA A 85 8.21 -8.87 9.17
CA ALA A 85 7.55 -7.57 9.14
C ALA A 85 8.40 -6.56 8.37
N GLU A 86 9.73 -6.55 8.56
CA GLU A 86 10.63 -5.63 7.87
C GLU A 86 10.50 -5.75 6.34
N LYS A 87 10.41 -6.96 5.79
CA LYS A 87 10.27 -7.16 4.35
C LYS A 87 8.92 -6.66 3.88
N ALA A 88 7.87 -6.89 4.67
CA ALA A 88 6.54 -6.44 4.34
C ALA A 88 6.56 -4.91 4.27
N LYS A 89 7.17 -4.28 5.27
CA LYS A 89 7.32 -2.85 5.44
C LYS A 89 8.08 -2.22 4.29
N GLU A 90 9.26 -2.71 3.91
CA GLU A 90 10.05 -2.15 2.80
C GLU A 90 9.30 -2.24 1.46
N LEU A 91 8.39 -3.21 1.32
CA LEU A 91 7.57 -3.45 0.13
C LEU A 91 6.21 -2.74 0.22
N LYS A 92 5.95 -2.01 1.31
CA LYS A 92 4.73 -1.25 1.58
C LYS A 92 3.46 -2.12 1.65
N ALA A 93 3.55 -3.41 1.99
CA ALA A 93 2.41 -4.31 2.06
C ALA A 93 2.48 -5.23 3.28
N ILE A 94 1.42 -6.02 3.54
CA ILE A 94 1.38 -6.95 4.66
C ILE A 94 0.67 -8.23 4.19
N PRO A 95 1.33 -9.40 4.18
CA PRO A 95 0.67 -10.65 3.79
C PRO A 95 -0.18 -11.04 5.01
N PHE A 96 -1.44 -11.42 4.79
CA PHE A 96 -2.38 -11.79 5.85
C PHE A 96 -3.05 -13.17 5.66
N ALA A 97 -2.71 -13.90 4.60
CA ALA A 97 -3.23 -15.24 4.33
C ALA A 97 -2.10 -15.99 3.62
N LEU A 98 -1.98 -17.29 3.90
CA LEU A 98 -0.97 -18.16 3.32
C LEU A 98 -1.67 -19.46 2.95
N ASP A 99 -1.71 -19.76 1.66
CA ASP A 99 -2.32 -20.97 1.14
C ASP A 99 -1.27 -21.59 0.25
N GLU A 100 -0.39 -22.39 0.83
CA GLU A 100 0.70 -23.07 0.11
C GLU A 100 0.15 -24.17 -0.80
N GLU A 101 -1.08 -24.59 -0.54
CA GLU A 101 -1.81 -25.61 -1.25
C GLU A 101 -2.13 -25.16 -2.68
N ALA A 102 -2.36 -23.85 -2.85
CA ALA A 102 -2.66 -23.22 -4.12
C ALA A 102 -1.55 -22.25 -4.53
N GLY A 103 -0.55 -22.03 -3.67
CA GLY A 103 0.53 -21.11 -3.94
C GLY A 103 -0.03 -19.69 -3.96
N VAL A 104 -0.99 -19.36 -3.08
CA VAL A 104 -1.61 -18.03 -3.04
C VAL A 104 -1.35 -17.35 -1.70
N VAL A 105 -1.01 -16.06 -1.77
CA VAL A 105 -0.79 -15.23 -0.56
C VAL A 105 -1.63 -13.96 -0.67
N ARG A 106 -2.57 -13.71 0.24
CA ARG A 106 -3.38 -12.49 0.17
C ARG A 106 -2.54 -11.40 0.85
N VAL A 107 -2.41 -10.23 0.22
CA VAL A 107 -1.62 -9.13 0.76
C VAL A 107 -2.47 -7.87 0.83
N ALA A 108 -2.30 -7.08 1.89
CA ALA A 108 -3.03 -5.85 2.12
C ALA A 108 -2.07 -4.65 2.13
N PHE A 109 -2.30 -3.69 1.24
CA PHE A 109 -1.48 -2.48 1.10
C PHE A 109 -2.35 -1.24 0.86
N LEU A 110 -1.79 -0.05 1.06
CA LEU A 110 -2.45 1.26 0.86
C LEU A 110 -2.15 1.79 -0.53
N ASN A 111 -1.51 0.99 -1.39
CA ASN A 111 -1.11 1.38 -2.75
C ASN A 111 -1.67 0.41 -3.80
N PRO A 112 -3.01 0.21 -3.92
CA PRO A 112 -3.61 -0.72 -4.89
C PRO A 112 -3.30 -0.50 -6.37
N LEU A 113 -2.85 0.70 -6.78
CA LEU A 113 -2.48 0.98 -8.17
C LEU A 113 -0.98 0.75 -8.37
N ASP A 114 -0.23 0.49 -7.30
CA ASP A 114 1.20 0.25 -7.36
C ASP A 114 1.45 -1.17 -7.82
N THR A 115 1.46 -1.33 -9.14
CA THR A 115 1.65 -2.59 -9.83
C THR A 115 2.98 -3.21 -9.38
N LEU A 116 4.03 -2.38 -9.21
CA LEU A 116 5.34 -2.85 -8.75
C LEU A 116 5.21 -3.53 -7.40
N SER A 117 4.56 -2.94 -6.40
CA SER A 117 4.43 -3.57 -5.10
C SER A 117 3.80 -4.96 -5.21
N LEU A 118 2.88 -5.18 -6.15
CA LEU A 118 2.26 -6.50 -6.34
C LEU A 118 3.21 -7.45 -7.06
N GLU A 119 3.74 -7.04 -8.21
CA GLU A 119 4.66 -7.80 -9.06
C GLU A 119 5.95 -8.17 -8.32
N GLU A 120 6.37 -7.35 -7.37
CA GLU A 120 7.57 -7.59 -6.58
C GLU A 120 7.30 -8.72 -5.59
N VAL A 121 6.11 -8.73 -4.97
CA VAL A 121 5.72 -9.75 -4.00
C VAL A 121 5.51 -11.10 -4.68
N GLU A 122 4.95 -11.12 -5.90
CA GLU A 122 4.70 -12.35 -6.65
C GLU A 122 6.05 -12.98 -7.01
N ASP A 123 6.94 -12.19 -7.61
CA ASP A 123 8.28 -12.57 -8.04
C ASP A 123 9.19 -12.98 -6.88
N LEU A 124 9.07 -12.31 -5.71
CA LEU A 124 9.92 -12.61 -4.56
C LEU A 124 9.81 -14.05 -4.09
N THR A 125 8.69 -14.71 -4.33
CA THR A 125 8.48 -16.11 -3.95
C THR A 125 8.16 -16.96 -5.19
N GLY A 126 7.85 -16.35 -6.34
CA GLY A 126 7.52 -17.08 -7.55
C GLY A 126 6.16 -17.77 -7.42
N LEU A 127 5.26 -17.21 -6.59
CA LEU A 127 3.90 -17.68 -6.29
C LEU A 127 2.92 -16.55 -6.62
N VAL A 128 1.59 -16.74 -6.50
CA VAL A 128 0.63 -15.69 -6.82
C VAL A 128 0.25 -14.96 -5.55
N VAL A 129 -0.11 -13.69 -5.69
CA VAL A 129 -0.49 -12.83 -4.61
C VAL A 129 -1.83 -12.19 -4.95
N GLU A 130 -2.79 -12.23 -4.02
CA GLU A 130 -4.11 -11.65 -4.21
C GLU A 130 -4.07 -10.25 -3.57
N PRO A 131 -4.19 -9.17 -4.34
CA PRO A 131 -4.16 -7.82 -3.79
C PRO A 131 -5.45 -7.41 -3.08
N TYR A 132 -5.29 -6.81 -1.90
CA TYR A 132 -6.35 -6.30 -1.05
C TYR A 132 -5.90 -4.91 -0.54
N GLN A 133 -6.86 -4.11 -0.08
CA GLN A 133 -6.61 -2.76 0.43
C GLN A 133 -6.68 -2.71 1.96
N THR A 134 -6.17 -1.63 2.56
CA THR A 134 -6.16 -1.42 4.01
C THR A 134 -6.01 0.08 4.32
N THR A 135 -5.94 0.43 5.61
CA THR A 135 -5.79 1.81 6.10
C THR A 135 -4.47 1.94 6.89
N LYS A 136 -3.98 3.17 7.11
CA LYS A 136 -2.72 3.45 7.83
C LYS A 136 -2.78 2.87 9.24
N SER A 137 -3.86 3.11 9.98
CA SER A 137 -4.02 2.59 11.33
C SER A 137 -3.96 1.05 11.31
N ALA A 138 -4.69 0.42 10.39
CA ALA A 138 -4.74 -1.04 10.27
C ALA A 138 -3.38 -1.62 9.86
N PHE A 139 -2.63 -0.92 9.01
CA PHE A 139 -1.31 -1.30 8.52
C PHE A 139 -0.33 -1.26 9.69
N LEU A 140 -0.29 -0.15 10.43
CA LEU A 140 0.59 0.06 11.58
C LEU A 140 0.37 -1.00 12.66
N TYR A 141 -0.84 -1.57 12.78
CA TYR A 141 -1.17 -2.58 13.77
C TYR A 141 -0.24 -3.80 13.65
N ALA A 142 -0.09 -4.37 12.44
CA ALA A 142 0.77 -5.54 12.23
C ALA A 142 2.22 -5.22 12.57
N LEU A 143 2.70 -4.07 12.08
CA LEU A 143 4.06 -3.62 12.30
C LEU A 143 4.34 -3.51 13.80
N ALA A 144 3.48 -2.79 14.54
CA ALA A 144 3.62 -2.64 15.98
C ALA A 144 3.61 -4.01 16.65
N LYS A 145 2.74 -4.93 16.20
CA LYS A 145 2.68 -6.27 16.78
C LYS A 145 4.02 -6.99 16.63
N HIS A 146 4.65 -6.91 15.46
CA HIS A 146 5.92 -7.58 15.23
C HIS A 146 7.11 -6.85 15.84
N TYR A 147 7.05 -5.56 16.16
CA TYR A 147 8.16 -4.84 16.78
C TYR A 147 7.65 -3.83 17.82
N PRO A 148 7.09 -4.30 18.95
CA PRO A 148 6.56 -3.44 20.00
C PRO A 148 7.66 -2.78 20.82
N GLU A 149 8.93 -3.12 20.59
CA GLU A 149 10.08 -2.58 21.31
C GLU A 149 10.19 -1.07 21.16
N LEU A 150 9.85 -0.55 19.98
CA LEU A 150 9.89 0.89 19.75
C LEU A 150 8.58 1.53 20.23
N GLY A 151 7.49 0.76 20.34
CA GLY A 151 6.16 1.17 20.77
C GLY A 151 5.43 2.14 19.84
N LEU A 152 6.18 3.02 19.18
CA LEU A 152 5.87 4.09 18.24
C LEU A 152 6.15 5.33 19.11
N PRO A 153 7.39 5.86 19.14
CA PRO A 153 7.78 7.00 19.96
C PRO A 153 7.11 8.30 19.50
N VAL A 154 7.37 9.40 20.20
CA VAL A 154 6.81 10.72 19.91
C VAL A 154 7.90 11.73 20.20
N MET A 1 16.69 14.68 -11.70
CA MET A 1 17.04 13.98 -10.46
C MET A 1 16.47 12.57 -10.45
N SER A 2 15.16 12.36 -10.27
CA SER A 2 14.60 11.02 -10.26
C SER A 2 13.17 11.02 -10.80
N VAL A 3 12.54 9.84 -10.77
CA VAL A 3 11.19 9.55 -11.24
C VAL A 3 10.25 9.28 -10.07
N LEU A 4 9.05 8.78 -10.39
CA LEU A 4 7.95 8.35 -9.53
C LEU A 4 7.77 6.85 -9.70
N THR A 5 7.00 6.21 -8.81
CA THR A 5 6.73 4.78 -8.86
C THR A 5 5.57 4.49 -9.85
N ILE A 6 5.29 3.22 -10.16
CA ILE A 6 4.25 2.83 -11.11
C ILE A 6 2.83 3.24 -10.64
N GLY A 7 2.49 2.97 -9.39
CA GLY A 7 1.17 3.28 -8.83
C GLY A 7 0.87 4.76 -8.85
N ASP A 8 1.89 5.60 -8.66
CA ASP A 8 1.77 7.04 -8.65
C ASP A 8 1.28 7.52 -10.01
N LYS A 9 1.80 6.95 -11.10
CA LYS A 9 1.40 7.31 -12.46
C LYS A 9 -0.08 7.04 -12.67
N ARG A 10 -0.59 5.95 -12.08
CA ARG A 10 -1.99 5.59 -12.23
C ARG A 10 -2.89 6.45 -11.35
N LEU A 11 -2.56 6.59 -10.06
CA LEU A 11 -3.36 7.37 -9.13
C LEU A 11 -3.32 8.87 -9.40
N GLY A 12 -2.18 9.43 -9.85
CA GLY A 12 -2.06 10.85 -10.13
C GLY A 12 -3.08 11.26 -11.17
N ALA A 13 -3.10 10.57 -12.31
CA ALA A 13 -4.05 10.86 -13.38
C ALA A 13 -5.50 10.66 -12.91
N ALA A 14 -5.71 9.73 -11.97
CA ALA A 14 -7.02 9.44 -11.42
C ALA A 14 -7.52 10.58 -10.52
N LEU A 15 -6.64 11.34 -9.86
CA LEU A 15 -7.04 12.47 -9.00
C LEU A 15 -7.88 13.45 -9.82
N LEU A 16 -7.37 13.82 -11.00
CA LEU A 16 -8.02 14.75 -11.92
C LEU A 16 -9.35 14.16 -12.39
N ASP A 17 -9.31 12.90 -12.82
CA ASP A 17 -10.47 12.16 -13.32
C ASP A 17 -11.60 12.12 -12.29
N ALA A 18 -11.24 11.97 -11.01
CA ALA A 18 -12.19 11.91 -9.90
C ALA A 18 -12.54 13.31 -9.37
N GLY A 19 -12.02 14.39 -9.96
CA GLY A 19 -12.32 15.75 -9.53
C GLY A 19 -11.76 16.06 -8.13
N LEU A 20 -10.67 15.41 -7.72
CA LEU A 20 -10.10 15.64 -6.40
C LEU A 20 -9.21 16.88 -6.42
N LEU A 21 -8.29 17.01 -7.38
CA LEU A 21 -7.41 18.17 -7.54
C LEU A 21 -7.01 18.31 -9.00
N THR A 22 -6.74 19.55 -9.43
CA THR A 22 -6.36 19.92 -10.78
C THR A 22 -5.03 19.32 -11.24
N ASP A 23 -4.81 19.30 -12.56
CA ASP A 23 -3.60 18.77 -13.16
C ASP A 23 -2.36 19.62 -12.82
N GLU A 24 -2.57 20.93 -12.63
CA GLU A 24 -1.54 21.90 -12.28
C GLU A 24 -1.13 21.68 -10.82
N GLU A 25 -2.13 21.48 -9.94
CA GLU A 25 -1.90 21.25 -8.52
C GLU A 25 -1.07 19.98 -8.38
N LEU A 26 -1.38 18.94 -9.17
CA LEU A 26 -0.64 17.68 -9.15
C LEU A 26 0.78 17.91 -9.68
N GLN A 27 0.95 18.77 -10.69
CA GLN A 27 2.26 19.05 -11.27
C GLN A 27 3.26 19.48 -10.20
N ARG A 28 2.86 20.34 -9.27
CA ARG A 28 3.76 20.79 -8.21
C ARG A 28 4.06 19.65 -7.24
N ALA A 29 3.06 18.84 -6.88
CA ALA A 29 3.27 17.72 -5.95
C ALA A 29 4.18 16.65 -6.55
N LEU A 30 4.15 16.46 -7.88
CA LEU A 30 4.98 15.46 -8.56
C LEU A 30 6.47 15.74 -8.31
N GLU A 31 6.84 17.02 -8.18
CA GLU A 31 8.21 17.44 -7.92
C GLU A 31 8.58 16.98 -6.50
N ARG A 32 7.65 17.16 -5.56
CA ARG A 32 7.76 16.83 -4.14
C ARG A 32 8.11 15.35 -3.94
N HIS A 33 7.70 14.44 -4.83
CA HIS A 33 7.99 13.00 -4.70
C HIS A 33 9.49 12.77 -4.51
N ARG A 34 10.34 13.38 -5.34
CA ARG A 34 11.79 13.16 -5.23
C ARG A 34 12.39 13.83 -4.00
N GLU A 35 11.74 14.83 -3.42
CA GLU A 35 12.25 15.52 -2.25
C GLU A 35 12.10 14.62 -1.02
N VAL A 36 10.97 13.92 -0.87
CA VAL A 36 10.70 13.04 0.28
C VAL A 36 11.00 11.56 0.00
N GLY A 37 11.01 11.14 -1.26
CA GLY A 37 11.28 9.77 -1.70
C GLY A 37 10.07 8.83 -1.61
N GLY A 38 9.04 9.14 -0.83
CA GLY A 38 7.86 8.30 -0.67
C GLY A 38 6.89 8.46 -1.85
N SER A 39 6.01 7.47 -2.01
CA SER A 39 5.00 7.43 -3.06
C SER A 39 4.06 8.65 -2.98
N LEU A 40 3.36 8.97 -4.07
CA LEU A 40 2.42 10.10 -4.21
C LEU A 40 1.37 10.06 -3.11
N ALA A 41 0.85 8.88 -2.76
CA ALA A 41 -0.15 8.75 -1.71
C ALA A 41 0.41 9.12 -0.32
N GLU A 42 1.72 8.94 -0.11
CA GLU A 42 2.38 9.24 1.15
C GLU A 42 2.57 10.75 1.27
N VAL A 43 3.14 11.37 0.23
CA VAL A 43 3.38 12.81 0.23
C VAL A 43 2.03 13.54 0.31
N LEU A 44 0.98 13.03 -0.35
CA LEU A 44 -0.36 13.62 -0.36
C LEU A 44 -0.94 13.70 1.05
N VAL A 45 -0.95 12.58 1.78
CA VAL A 45 -1.52 12.56 3.13
C VAL A 45 -0.66 13.38 4.09
N ASP A 46 0.67 13.39 3.95
CA ASP A 46 1.54 14.17 4.84
C ASP A 46 1.32 15.67 4.58
N MET A 47 1.07 16.07 3.33
CA MET A 47 0.83 17.47 2.96
C MET A 47 -0.63 17.87 3.27
N GLY A 48 -1.45 16.96 3.80
CA GLY A 48 -2.85 17.18 4.14
C GLY A 48 -3.73 17.37 2.91
N LEU A 49 -3.20 17.17 1.69
CA LEU A 49 -3.89 17.34 0.42
C LEU A 49 -5.09 16.40 0.29
N LEU A 50 -4.92 15.12 0.63
CA LEU A 50 -5.97 14.11 0.55
C LEU A 50 -5.81 13.14 1.73
N SER A 51 -6.79 12.25 1.90
CA SER A 51 -6.78 11.23 2.95
C SER A 51 -6.63 9.87 2.30
N GLU A 52 -6.15 8.89 3.09
CA GLU A 52 -5.93 7.52 2.64
C GLU A 52 -7.17 6.96 1.94
N ARG A 53 -8.34 7.08 2.57
CA ARG A 53 -9.57 6.57 1.99
C ARG A 53 -10.03 7.39 0.80
N ARG A 54 -9.74 8.69 0.68
CA ARG A 54 -10.18 9.46 -0.48
C ARG A 54 -9.54 8.86 -1.73
N ILE A 55 -8.25 8.53 -1.65
CA ILE A 55 -7.48 7.94 -2.74
C ILE A 55 -7.99 6.50 -2.93
N ALA A 56 -8.08 5.73 -1.85
CA ALA A 56 -8.53 4.34 -1.88
C ALA A 56 -9.91 4.16 -2.54
N GLN A 57 -10.89 4.98 -2.18
CA GLN A 57 -12.24 4.89 -2.71
C GLN A 57 -12.28 5.06 -4.23
N THR A 58 -11.50 5.97 -4.84
CA THR A 58 -11.54 6.10 -6.29
C THR A 58 -10.92 4.83 -6.91
N ILE A 59 -9.90 4.24 -6.27
CA ILE A 59 -9.24 3.02 -6.77
C ILE A 59 -10.21 1.85 -6.65
N GLU A 60 -10.95 1.77 -5.55
CA GLU A 60 -11.91 0.73 -5.24
C GLU A 60 -12.94 0.56 -6.35
N ASP A 61 -13.59 1.65 -6.75
CA ASP A 61 -14.62 1.60 -7.79
C ASP A 61 -13.99 1.45 -9.18
N ARG A 62 -13.00 2.28 -9.51
CA ARG A 62 -12.39 2.26 -10.84
C ARG A 62 -11.64 0.97 -11.17
N PHE A 63 -11.07 0.26 -10.19
CA PHE A 63 -10.32 -0.97 -10.43
C PHE A 63 -11.01 -2.19 -9.81
N GLY A 64 -12.13 -2.01 -9.11
CA GLY A 64 -12.87 -3.10 -8.48
C GLY A 64 -12.02 -3.86 -7.46
N ILE A 65 -11.10 -3.20 -6.77
CA ILE A 65 -10.23 -3.84 -5.78
C ILE A 65 -10.97 -3.69 -4.44
N PRO A 66 -11.44 -4.78 -3.81
CA PRO A 66 -12.17 -4.73 -2.55
C PRO A 66 -11.33 -4.31 -1.34
N LEU A 67 -12.02 -4.00 -0.25
CA LEU A 67 -11.48 -3.57 1.03
C LEU A 67 -11.76 -4.63 2.09
N VAL A 68 -10.77 -4.93 2.91
CA VAL A 68 -10.82 -5.91 4.00
C VAL A 68 -10.40 -5.21 5.30
N GLU A 69 -10.66 -5.81 6.44
CA GLU A 69 -10.36 -5.29 7.77
C GLU A 69 -9.11 -5.91 8.39
N LEU A 70 -7.93 -5.52 7.87
CA LEU A 70 -6.65 -6.00 8.37
C LEU A 70 -6.42 -5.53 9.82
N HIS A 71 -7.09 -4.45 10.24
CA HIS A 71 -6.97 -3.90 11.58
C HIS A 71 -7.69 -4.79 12.62
N ARG A 72 -8.62 -5.67 12.21
CA ARG A 72 -9.37 -6.57 13.10
C ARG A 72 -9.05 -8.05 12.90
N VAL A 73 -8.43 -8.44 11.78
CA VAL A 73 -8.07 -9.82 11.47
C VAL A 73 -6.91 -10.32 12.34
N GLU A 74 -6.71 -11.64 12.38
CA GLU A 74 -5.64 -12.30 13.09
C GLU A 74 -4.60 -12.74 12.05
N ILE A 75 -3.35 -12.86 12.45
CA ILE A 75 -2.26 -13.25 11.56
C ILE A 75 -1.61 -14.49 12.18
N PRO A 76 -1.87 -15.70 11.62
CA PRO A 76 -1.29 -16.93 12.17
C PRO A 76 0.23 -16.96 11.99
N PRO A 77 0.97 -17.76 12.78
CA PRO A 77 2.41 -17.86 12.65
C PRO A 77 2.84 -18.44 11.30
N LYS A 78 1.94 -19.16 10.60
CA LYS A 78 2.22 -19.77 9.31
C LYS A 78 2.54 -18.72 8.25
N VAL A 79 1.72 -17.68 8.10
CA VAL A 79 1.97 -16.65 7.09
C VAL A 79 3.28 -15.90 7.41
N LYS A 80 3.76 -15.88 8.65
CA LYS A 80 5.02 -15.22 9.02
C LYS A 80 6.21 -15.94 8.37
N ALA A 81 6.04 -17.18 7.91
CA ALA A 81 7.10 -17.94 7.26
C ALA A 81 7.46 -17.31 5.91
N LEU A 82 6.56 -16.52 5.30
CA LEU A 82 6.82 -15.90 4.00
C LEU A 82 7.94 -14.89 4.06
N LEU A 83 7.75 -13.77 4.76
CA LEU A 83 8.72 -12.68 4.89
C LEU A 83 8.56 -11.97 6.25
N PRO A 84 9.61 -11.32 6.78
CA PRO A 84 9.53 -10.61 8.04
C PRO A 84 8.81 -9.25 7.87
N ALA A 85 8.44 -8.64 9.01
CA ALA A 85 7.75 -7.34 9.07
C ALA A 85 8.50 -6.27 8.25
N GLU A 86 9.82 -6.19 8.42
CA GLU A 86 10.68 -5.22 7.75
C GLU A 86 10.64 -5.28 6.22
N LYS A 87 10.63 -6.48 5.62
CA LYS A 87 10.56 -6.62 4.16
C LYS A 87 9.17 -6.16 3.71
N ALA A 88 8.14 -6.54 4.46
CA ALA A 88 6.78 -6.15 4.14
C ALA A 88 6.67 -4.61 4.22
N LYS A 89 7.33 -4.00 5.21
CA LYS A 89 7.34 -2.56 5.45
C LYS A 89 7.90 -1.82 4.23
N GLU A 90 9.05 -2.23 3.69
CA GLU A 90 9.62 -1.56 2.51
C GLU A 90 8.69 -1.74 1.30
N LEU A 91 7.99 -2.87 1.22
CA LEU A 91 7.03 -3.15 0.15
C LEU A 91 5.69 -2.43 0.41
N LYS A 92 5.58 -1.66 1.50
CA LYS A 92 4.38 -0.92 1.94
C LYS A 92 3.16 -1.84 2.00
N ALA A 93 3.37 -3.14 2.18
CA ALA A 93 2.35 -4.18 2.23
C ALA A 93 2.50 -5.03 3.49
N ILE A 94 1.48 -5.83 3.80
CA ILE A 94 1.48 -6.73 4.95
C ILE A 94 0.65 -7.97 4.57
N PRO A 95 1.22 -9.20 4.63
CA PRO A 95 0.48 -10.41 4.31
C PRO A 95 -0.38 -10.79 5.52
N PHE A 96 -1.51 -11.47 5.29
CA PHE A 96 -2.40 -11.88 6.39
C PHE A 96 -2.90 -13.32 6.30
N ALA A 97 -2.85 -13.96 5.12
CA ALA A 97 -3.28 -15.33 4.94
C ALA A 97 -2.34 -15.99 3.93
N LEU A 98 -2.16 -17.30 4.06
CA LEU A 98 -1.29 -18.13 3.23
C LEU A 98 -1.98 -19.48 3.06
N ASP A 99 -2.31 -19.83 1.82
CA ASP A 99 -2.94 -21.10 1.46
C ASP A 99 -1.93 -21.74 0.51
N GLU A 100 -0.99 -22.50 1.09
CA GLU A 100 0.08 -23.17 0.37
C GLU A 100 -0.44 -24.22 -0.61
N GLU A 101 -1.60 -24.80 -0.30
CA GLU A 101 -2.28 -25.84 -1.07
C GLU A 101 -2.69 -25.36 -2.46
N ALA A 102 -2.94 -24.06 -2.60
CA ALA A 102 -3.32 -23.41 -3.85
C ALA A 102 -2.21 -22.45 -4.28
N GLY A 103 -1.20 -22.26 -3.42
CA GLY A 103 -0.08 -21.37 -3.65
C GLY A 103 -0.57 -19.93 -3.71
N VAL A 104 -1.48 -19.54 -2.81
CA VAL A 104 -2.04 -18.18 -2.77
C VAL A 104 -1.66 -17.51 -1.46
N VAL A 105 -1.26 -16.24 -1.51
CA VAL A 105 -0.90 -15.46 -0.32
C VAL A 105 -1.68 -14.14 -0.36
N ARG A 106 -2.54 -13.89 0.63
CA ARG A 106 -3.35 -12.67 0.67
C ARG A 106 -2.52 -11.54 1.28
N VAL A 107 -2.51 -10.37 0.65
CA VAL A 107 -1.72 -9.23 1.13
C VAL A 107 -2.54 -7.95 0.95
N ALA A 108 -2.23 -6.90 1.71
CA ALA A 108 -2.92 -5.62 1.61
C ALA A 108 -1.86 -4.52 1.73
N PHE A 109 -1.95 -3.48 0.91
CA PHE A 109 -1.00 -2.37 0.88
C PHE A 109 -1.67 -1.01 0.74
N LEU A 110 -0.97 0.07 1.11
CA LEU A 110 -1.47 1.45 1.04
C LEU A 110 -1.29 2.05 -0.36
N ASN A 111 -0.64 1.36 -1.29
CA ASN A 111 -0.44 1.84 -2.66
C ASN A 111 -1.07 0.78 -3.59
N PRO A 112 -2.41 0.54 -3.53
CA PRO A 112 -3.10 -0.48 -4.33
C PRO A 112 -2.93 -0.49 -5.86
N LEU A 113 -2.20 0.46 -6.46
CA LEU A 113 -1.97 0.52 -7.91
C LEU A 113 -0.49 0.31 -8.24
N ASP A 114 0.37 0.10 -7.24
CA ASP A 114 1.80 -0.13 -7.44
C ASP A 114 1.97 -1.53 -8.06
N THR A 115 2.05 -1.58 -9.38
CA THR A 115 2.21 -2.83 -10.11
C THR A 115 3.57 -3.46 -9.84
N LEU A 116 4.63 -2.65 -9.67
CA LEU A 116 5.98 -3.18 -9.39
C LEU A 116 5.93 -3.93 -8.08
N SER A 117 5.40 -3.31 -7.03
CA SER A 117 5.32 -3.92 -5.72
C SER A 117 4.54 -5.24 -5.78
N LEU A 118 3.47 -5.32 -6.58
CA LEU A 118 2.70 -6.55 -6.67
C LEU A 118 3.50 -7.64 -7.38
N GLU A 119 4.17 -7.30 -8.48
CA GLU A 119 4.98 -8.22 -9.25
C GLU A 119 6.20 -8.68 -8.45
N GLU A 120 6.79 -7.79 -7.66
CA GLU A 120 7.93 -8.05 -6.79
C GLU A 120 7.47 -9.07 -5.74
N VAL A 121 6.26 -8.88 -5.20
CA VAL A 121 5.70 -9.79 -4.21
C VAL A 121 5.41 -11.14 -4.87
N GLU A 122 4.84 -11.20 -6.08
CA GLU A 122 4.55 -12.46 -6.74
C GLU A 122 5.86 -13.22 -6.98
N ASP A 123 6.87 -12.54 -7.53
CA ASP A 123 8.19 -13.06 -7.86
C ASP A 123 9.04 -13.46 -6.65
N LEU A 124 8.85 -12.83 -5.49
CA LEU A 124 9.63 -13.11 -4.29
C LEU A 124 9.56 -14.55 -3.78
N THR A 125 8.41 -15.23 -3.84
CA THR A 125 8.27 -16.62 -3.37
C THR A 125 7.80 -17.61 -4.45
N GLY A 126 7.33 -17.12 -5.61
CA GLY A 126 6.88 -17.98 -6.71
C GLY A 126 5.41 -18.39 -6.63
N LEU A 127 4.68 -17.89 -5.63
CA LEU A 127 3.26 -18.17 -5.39
C LEU A 127 2.44 -17.01 -5.98
N VAL A 128 1.10 -17.14 -6.07
CA VAL A 128 0.28 -16.05 -6.58
C VAL A 128 -0.12 -15.21 -5.38
N VAL A 129 -0.11 -13.91 -5.56
CA VAL A 129 -0.46 -12.93 -4.55
C VAL A 129 -1.93 -12.54 -4.77
N GLU A 130 -2.71 -12.41 -3.70
CA GLU A 130 -4.11 -12.01 -3.75
C GLU A 130 -4.13 -10.65 -3.06
N PRO A 131 -4.01 -9.55 -3.83
CA PRO A 131 -3.97 -8.20 -3.29
C PRO A 131 -5.34 -7.63 -2.85
N TYR A 132 -5.32 -6.88 -1.75
CA TYR A 132 -6.47 -6.22 -1.13
C TYR A 132 -6.12 -4.79 -0.71
N GLN A 133 -7.12 -3.99 -0.32
CA GLN A 133 -6.92 -2.62 0.14
C GLN A 133 -6.86 -2.63 1.68
N THR A 134 -6.32 -1.55 2.24
CA THR A 134 -6.13 -1.38 3.68
C THR A 134 -5.87 0.10 4.02
N THR A 135 -5.65 0.41 5.29
CA THR A 135 -5.39 1.74 5.83
C THR A 135 -4.13 1.76 6.71
N LYS A 136 -3.67 2.96 7.06
CA LYS A 136 -2.49 3.20 7.90
C LYS A 136 -2.68 2.57 9.27
N SER A 137 -3.88 2.69 9.86
CA SER A 137 -4.19 2.13 11.17
C SER A 137 -3.91 0.62 11.21
N ALA A 138 -4.16 -0.09 10.11
CA ALA A 138 -3.91 -1.52 9.99
C ALA A 138 -2.41 -1.78 9.78
N PHE A 139 -1.73 -0.93 9.01
CA PHE A 139 -0.30 -1.03 8.74
C PHE A 139 0.42 -0.98 10.08
N LEU A 140 0.12 0.07 10.84
CA LEU A 140 0.65 0.34 12.17
C LEU A 140 0.37 -0.84 13.09
N TYR A 141 -0.82 -1.45 13.02
CA TYR A 141 -1.19 -2.58 13.87
C TYR A 141 -0.21 -3.74 13.70
N ALA A 142 0.00 -4.24 12.47
CA ALA A 142 0.94 -5.35 12.28
C ALA A 142 2.38 -4.90 12.54
N LEU A 143 2.75 -3.66 12.19
CA LEU A 143 4.11 -3.16 12.42
C LEU A 143 4.43 -3.21 13.92
N ALA A 144 3.56 -2.62 14.75
CA ALA A 144 3.70 -2.57 16.18
C ALA A 144 3.63 -3.98 16.77
N LYS A 145 2.70 -4.81 16.31
CA LYS A 145 2.57 -6.17 16.81
C LYS A 145 3.84 -6.99 16.56
N HIS A 146 4.44 -6.85 15.38
CA HIS A 146 5.64 -7.59 15.00
C HIS A 146 6.88 -7.09 15.75
N TYR A 147 7.04 -5.77 15.90
CA TYR A 147 8.16 -5.14 16.59
C TYR A 147 7.59 -4.24 17.72
N PRO A 148 7.11 -4.83 18.82
CA PRO A 148 6.53 -4.10 19.94
C PRO A 148 7.55 -3.35 20.79
N GLU A 149 8.84 -3.33 20.41
CA GLU A 149 9.86 -2.61 21.16
C GLU A 149 9.60 -1.12 21.13
N LEU A 150 9.11 -0.60 20.00
CA LEU A 150 8.79 0.80 19.78
C LEU A 150 7.28 1.03 19.71
N GLY A 151 6.50 0.03 19.28
CA GLY A 151 5.04 0.10 19.19
C GLY A 151 4.45 1.24 18.36
N LEU A 152 5.24 1.94 17.53
CA LEU A 152 4.83 3.06 16.69
C LEU A 152 4.25 4.16 17.59
N PRO A 153 5.10 4.97 18.26
CA PRO A 153 4.63 6.03 19.15
C PRO A 153 3.92 7.15 18.39
N VAL A 154 3.26 8.06 19.13
CA VAL A 154 2.51 9.18 18.59
C VAL A 154 2.78 10.41 19.43
N MET A 1 15.44 15.92 -9.45
CA MET A 1 16.15 15.16 -10.49
C MET A 1 15.91 13.66 -10.33
N SER A 2 14.68 13.21 -10.03
CA SER A 2 14.41 11.79 -9.86
C SER A 2 13.10 11.40 -10.55
N VAL A 3 12.92 10.10 -10.84
CA VAL A 3 11.71 9.58 -11.47
C VAL A 3 10.76 9.11 -10.37
N LEU A 4 9.53 8.77 -10.77
CA LEU A 4 8.44 8.27 -9.94
C LEU A 4 8.11 6.83 -10.32
N THR A 5 7.35 6.12 -9.50
CA THR A 5 6.98 4.73 -9.77
C THR A 5 5.82 4.62 -10.76
N ILE A 6 5.47 3.39 -11.14
CA ILE A 6 4.38 3.05 -12.04
C ILE A 6 3.07 3.48 -11.36
N GLY A 7 2.92 3.10 -10.08
CA GLY A 7 1.75 3.39 -9.28
C GLY A 7 1.59 4.90 -9.09
N ASP A 8 2.68 5.63 -8.95
CA ASP A 8 2.68 7.08 -8.76
C ASP A 8 2.09 7.75 -10.01
N LYS A 9 2.39 7.24 -11.20
CA LYS A 9 1.89 7.77 -12.47
C LYS A 9 0.38 7.58 -12.56
N ARG A 10 -0.04 6.32 -12.40
CA ARG A 10 -1.44 5.93 -12.48
C ARG A 10 -2.28 6.64 -11.44
N LEU A 11 -1.86 6.63 -10.17
CA LEU A 11 -2.62 7.29 -9.11
C LEU A 11 -2.65 8.79 -9.34
N GLY A 12 -1.57 9.39 -9.86
CA GLY A 12 -1.52 10.83 -10.12
C GLY A 12 -2.60 11.19 -11.13
N ALA A 13 -2.65 10.49 -12.27
CA ALA A 13 -3.66 10.75 -13.28
C ALA A 13 -5.06 10.47 -12.73
N ALA A 14 -5.19 9.49 -11.82
CA ALA A 14 -6.47 9.15 -11.21
C ALA A 14 -7.04 10.32 -10.41
N LEU A 15 -6.19 11.18 -9.83
CA LEU A 15 -6.64 12.34 -9.05
C LEU A 15 -7.49 13.27 -9.93
N LEU A 16 -6.97 13.61 -11.11
CA LEU A 16 -7.61 14.48 -12.09
C LEU A 16 -8.90 13.82 -12.56
N ASP A 17 -8.79 12.54 -12.96
CA ASP A 17 -9.89 11.73 -13.46
C ASP A 17 -11.02 11.56 -12.45
N ALA A 18 -10.71 11.52 -11.16
CA ALA A 18 -11.67 11.38 -10.08
C ALA A 18 -12.19 12.74 -9.59
N GLY A 19 -11.66 13.85 -10.13
CA GLY A 19 -12.04 15.20 -9.75
C GLY A 19 -11.56 15.58 -8.35
N LEU A 20 -10.59 14.85 -7.79
CA LEU A 20 -10.07 15.11 -6.45
C LEU A 20 -9.28 16.41 -6.38
N LEU A 21 -8.39 16.68 -7.33
CA LEU A 21 -7.57 17.89 -7.36
C LEU A 21 -7.19 18.25 -8.78
N THR A 22 -6.63 19.45 -8.98
CA THR A 22 -6.18 19.98 -10.27
C THR A 22 -4.79 19.46 -10.65
N ASP A 23 -4.45 19.52 -11.93
CA ASP A 23 -3.14 19.07 -12.42
C ASP A 23 -2.01 19.96 -11.88
N GLU A 24 -2.27 21.24 -11.60
CA GLU A 24 -1.27 22.15 -11.05
C GLU A 24 -0.89 21.73 -9.63
N GLU A 25 -1.86 21.21 -8.87
CA GLU A 25 -1.62 20.75 -7.51
C GLU A 25 -0.82 19.45 -7.59
N LEU A 26 -1.15 18.56 -8.54
CA LEU A 26 -0.39 17.31 -8.73
C LEU A 26 1.04 17.68 -9.09
N GLN A 27 1.22 18.67 -9.98
CA GLN A 27 2.53 19.13 -10.43
C GLN A 27 3.40 19.51 -9.22
N ARG A 28 2.82 20.05 -8.14
CA ARG A 28 3.57 20.40 -6.95
C ARG A 28 3.92 19.14 -6.15
N ALA A 29 2.93 18.30 -5.83
CA ALA A 29 3.14 17.06 -5.08
C ALA A 29 4.13 16.13 -5.79
N LEU A 30 4.18 16.18 -7.12
CA LEU A 30 5.06 15.38 -7.94
C LEU A 30 6.51 15.58 -7.49
N GLU A 31 6.94 16.82 -7.27
CA GLU A 31 8.31 17.07 -6.82
C GLU A 31 8.41 16.79 -5.31
N ARG A 32 7.37 17.13 -4.53
CA ARG A 32 7.39 16.91 -3.08
C ARG A 32 7.61 15.44 -2.72
N HIS A 33 6.88 14.48 -3.32
CA HIS A 33 7.08 13.07 -2.99
C HIS A 33 8.52 12.64 -3.27
N ARG A 34 9.14 13.17 -4.35
CA ARG A 34 10.50 12.83 -4.71
C ARG A 34 11.52 13.39 -3.72
N GLU A 35 11.23 14.43 -2.93
CA GLU A 35 12.20 14.94 -1.95
C GLU A 35 12.13 14.15 -0.64
N VAL A 36 11.07 13.35 -0.42
CA VAL A 36 10.86 12.49 0.75
C VAL A 36 11.03 11.00 0.40
N GLY A 37 11.05 10.67 -0.90
CA GLY A 37 11.22 9.35 -1.47
C GLY A 37 10.04 8.40 -1.31
N GLY A 38 8.91 8.84 -0.76
CA GLY A 38 7.75 7.99 -0.59
C GLY A 38 6.94 7.98 -1.88
N SER A 39 5.97 7.08 -1.95
CA SER A 39 5.08 6.97 -3.11
C SER A 39 4.26 8.26 -3.16
N LEU A 40 3.69 8.64 -4.31
CA LEU A 40 2.89 9.86 -4.44
C LEU A 40 1.72 9.87 -3.44
N ALA A 41 1.17 8.70 -3.13
CA ALA A 41 0.06 8.56 -2.18
C ALA A 41 0.52 8.82 -0.74
N GLU A 42 1.79 8.55 -0.43
CA GLU A 42 2.33 8.78 0.90
C GLU A 42 2.42 10.30 1.09
N VAL A 43 2.89 11.05 0.09
CA VAL A 43 2.97 12.50 0.22
C VAL A 43 1.60 13.12 0.41
N LEU A 44 0.57 12.57 -0.24
CA LEU A 44 -0.80 13.08 -0.13
C LEU A 44 -1.28 13.02 1.31
N VAL A 45 -1.18 11.86 1.97
CA VAL A 45 -1.62 11.74 3.36
C VAL A 45 -0.62 12.45 4.30
N ASP A 46 0.67 12.42 4.00
CA ASP A 46 1.72 13.05 4.81
C ASP A 46 1.50 14.57 4.88
N MET A 47 1.12 15.19 3.77
CA MET A 47 0.85 16.62 3.69
C MET A 47 -0.59 16.91 4.13
N GLY A 48 -1.40 15.88 4.39
CA GLY A 48 -2.79 16.02 4.80
C GLY A 48 -3.65 16.55 3.66
N LEU A 49 -3.20 16.40 2.41
CA LEU A 49 -3.90 16.85 1.21
C LEU A 49 -5.12 15.96 1.00
N LEU A 50 -4.94 14.64 1.05
CA LEU A 50 -6.02 13.67 0.87
C LEU A 50 -5.76 12.47 1.76
N SER A 51 -6.82 11.85 2.27
CA SER A 51 -6.70 10.67 3.11
C SER A 51 -6.35 9.48 2.19
N GLU A 52 -5.77 8.40 2.71
CA GLU A 52 -5.44 7.23 1.88
C GLU A 52 -6.71 6.75 1.16
N ARG A 53 -7.81 6.72 1.90
CA ARG A 53 -9.11 6.28 1.43
C ARG A 53 -9.62 7.10 0.25
N ARG A 54 -9.31 8.40 0.11
CA ARG A 54 -9.79 9.16 -1.05
C ARG A 54 -9.20 8.56 -2.32
N ILE A 55 -7.94 8.11 -2.27
CA ILE A 55 -7.27 7.48 -3.40
C ILE A 55 -7.88 6.07 -3.55
N ALA A 56 -8.03 5.35 -2.43
CA ALA A 56 -8.58 4.01 -2.39
C ALA A 56 -9.94 3.89 -3.08
N GLN A 57 -10.86 4.80 -2.78
CA GLN A 57 -12.22 4.86 -3.29
C GLN A 57 -12.30 4.90 -4.81
N THR A 58 -11.54 5.76 -5.48
CA THR A 58 -11.59 5.82 -6.94
C THR A 58 -11.00 4.56 -7.56
N ILE A 59 -9.93 4.00 -6.98
CA ILE A 59 -9.32 2.81 -7.55
C ILE A 59 -10.25 1.60 -7.32
N GLU A 60 -10.89 1.53 -6.15
CA GLU A 60 -11.81 0.47 -5.77
C GLU A 60 -12.91 0.31 -6.82
N ASP A 61 -13.56 1.41 -7.18
CA ASP A 61 -14.63 1.38 -8.15
C ASP A 61 -14.13 1.23 -9.58
N ARG A 62 -12.92 1.70 -9.91
CA ARG A 62 -12.40 1.55 -11.28
C ARG A 62 -11.76 0.19 -11.53
N PHE A 63 -11.35 -0.57 -10.51
CA PHE A 63 -10.69 -1.86 -10.68
C PHE A 63 -11.40 -3.05 -10.02
N GLY A 64 -12.45 -2.86 -9.21
CA GLY A 64 -13.11 -4.01 -8.59
C GLY A 64 -12.23 -4.62 -7.49
N ILE A 65 -11.40 -3.80 -6.84
CA ILE A 65 -10.50 -4.28 -5.78
C ILE A 65 -11.30 -4.31 -4.47
N PRO A 66 -11.36 -5.47 -3.80
CA PRO A 66 -12.07 -5.63 -2.55
C PRO A 66 -11.27 -5.03 -1.38
N LEU A 67 -11.98 -4.34 -0.48
CA LEU A 67 -11.41 -3.73 0.70
C LEU A 67 -11.74 -4.65 1.87
N VAL A 68 -10.75 -5.01 2.66
CA VAL A 68 -10.92 -5.86 3.84
C VAL A 68 -10.84 -4.95 5.07
N GLU A 69 -11.27 -5.43 6.23
CA GLU A 69 -11.19 -4.66 7.45
C GLU A 69 -9.96 -5.21 8.17
N LEU A 70 -8.76 -4.87 7.68
CA LEU A 70 -7.52 -5.33 8.30
C LEU A 70 -7.45 -4.77 9.73
N HIS A 71 -8.08 -3.62 9.99
CA HIS A 71 -8.13 -3.00 11.30
C HIS A 71 -8.90 -3.89 12.30
N ARG A 72 -9.70 -4.82 11.78
CA ARG A 72 -10.54 -5.81 12.47
C ARG A 72 -10.02 -7.23 12.24
N VAL A 73 -8.75 -7.44 11.90
CA VAL A 73 -8.22 -8.78 11.66
C VAL A 73 -6.95 -9.06 12.47
N GLU A 74 -6.63 -10.34 12.57
CA GLU A 74 -5.47 -10.91 13.23
C GLU A 74 -4.52 -11.40 12.13
N ILE A 75 -3.23 -11.40 12.42
CA ILE A 75 -2.18 -11.85 11.51
C ILE A 75 -1.54 -13.02 12.25
N PRO A 76 -1.79 -14.27 11.83
CA PRO A 76 -1.25 -15.46 12.48
C PRO A 76 0.25 -15.64 12.28
N PRO A 77 0.90 -16.52 13.05
CA PRO A 77 2.32 -16.79 12.90
C PRO A 77 2.53 -17.60 11.60
N LYS A 78 1.48 -18.28 11.09
CA LYS A 78 1.54 -19.10 9.88
C LYS A 78 2.04 -18.27 8.70
N VAL A 79 1.42 -17.12 8.44
CA VAL A 79 1.82 -16.26 7.33
C VAL A 79 3.18 -15.60 7.59
N LYS A 80 3.62 -15.49 8.85
CA LYS A 80 4.90 -14.88 9.22
C LYS A 80 6.05 -15.58 8.51
N ALA A 81 5.96 -16.89 8.23
CA ALA A 81 7.02 -17.63 7.56
C ALA A 81 7.31 -17.14 6.14
N LEU A 82 6.41 -16.39 5.47
CA LEU A 82 6.67 -15.90 4.12
C LEU A 82 7.81 -14.89 4.15
N LEU A 83 7.54 -13.72 4.76
CA LEU A 83 8.46 -12.61 4.92
C LEU A 83 8.10 -11.88 6.21
N PRO A 84 9.09 -11.30 6.92
CA PRO A 84 8.83 -10.56 8.15
C PRO A 84 8.20 -9.20 7.82
N ALA A 85 7.60 -8.51 8.81
CA ALA A 85 6.97 -7.21 8.64
C ALA A 85 7.96 -6.19 8.08
N GLU A 86 9.22 -6.26 8.50
CA GLU A 86 10.27 -5.35 8.02
C GLU A 86 10.45 -5.46 6.50
N LYS A 87 10.19 -6.63 5.91
CA LYS A 87 10.32 -6.84 4.48
C LYS A 87 9.03 -6.42 3.77
N ALA A 88 7.88 -6.57 4.43
CA ALA A 88 6.60 -6.16 3.87
C ALA A 88 6.54 -4.62 3.83
N LYS A 89 7.21 -3.98 4.80
CA LYS A 89 7.34 -2.54 5.01
C LYS A 89 7.94 -1.88 3.79
N GLU A 90 9.08 -2.36 3.28
CA GLU A 90 9.73 -1.74 2.12
C GLU A 90 8.79 -1.72 0.90
N LEU A 91 7.90 -2.70 0.78
CA LEU A 91 6.91 -2.82 -0.31
C LEU A 91 5.60 -2.09 0.02
N LYS A 92 5.50 -1.44 1.19
CA LYS A 92 4.31 -0.71 1.67
C LYS A 92 3.09 -1.63 1.79
N ALA A 93 3.30 -2.95 1.94
CA ALA A 93 2.25 -3.96 2.03
C ALA A 93 2.37 -4.77 3.33
N ILE A 94 1.37 -5.62 3.62
CA ILE A 94 1.30 -6.48 4.81
C ILE A 94 0.58 -7.77 4.41
N PRO A 95 1.19 -8.97 4.52
CA PRO A 95 0.53 -10.22 4.21
C PRO A 95 -0.40 -10.58 5.39
N PHE A 96 -1.43 -11.39 5.12
CA PHE A 96 -2.43 -11.82 6.09
C PHE A 96 -2.69 -13.33 6.04
N ALA A 97 -2.64 -13.97 4.87
CA ALA A 97 -2.87 -15.41 4.75
C ALA A 97 -1.77 -16.07 3.94
N LEU A 98 -1.59 -17.38 4.16
CA LEU A 98 -0.63 -18.25 3.51
C LEU A 98 -1.33 -19.58 3.30
N ASP A 99 -1.53 -19.97 2.05
CA ASP A 99 -2.14 -21.23 1.68
C ASP A 99 -1.19 -21.86 0.69
N GLU A 100 -0.21 -22.61 1.18
CA GLU A 100 0.82 -23.26 0.35
C GLU A 100 0.22 -24.35 -0.52
N GLU A 101 -0.86 -24.98 -0.06
CA GLU A 101 -1.57 -26.05 -0.74
C GLU A 101 -2.08 -25.58 -2.10
N ALA A 102 -2.36 -24.27 -2.24
CA ALA A 102 -2.83 -23.63 -3.45
C ALA A 102 -1.78 -22.65 -3.97
N GLY A 103 -0.72 -22.37 -3.21
CA GLY A 103 0.32 -21.44 -3.58
C GLY A 103 -0.30 -20.04 -3.63
N VAL A 104 -1.23 -19.70 -2.72
CA VAL A 104 -1.91 -18.41 -2.69
C VAL A 104 -1.59 -17.68 -1.39
N VAL A 105 -1.29 -16.39 -1.49
CA VAL A 105 -1.03 -15.54 -0.32
C VAL A 105 -1.97 -14.34 -0.42
N ARG A 106 -2.50 -13.87 0.71
CA ARG A 106 -3.41 -12.72 0.73
C ARG A 106 -2.60 -11.58 1.33
N VAL A 107 -2.54 -10.44 0.64
CA VAL A 107 -1.79 -9.28 1.09
C VAL A 107 -2.69 -8.06 1.00
N ALA A 108 -2.38 -7.00 1.75
CA ALA A 108 -3.13 -5.78 1.74
C ALA A 108 -2.12 -4.65 1.78
N PHE A 109 -2.29 -3.67 0.91
CA PHE A 109 -1.46 -2.48 0.78
C PHE A 109 -2.39 -1.29 0.64
N LEU A 110 -1.86 -0.07 0.70
CA LEU A 110 -2.63 1.16 0.59
C LEU A 110 -2.52 1.76 -0.81
N ASN A 111 -1.72 1.18 -1.70
CA ASN A 111 -1.50 1.66 -3.06
C ASN A 111 -1.98 0.62 -4.08
N PRO A 112 -3.30 0.45 -4.29
CA PRO A 112 -3.82 -0.55 -5.23
C PRO A 112 -3.33 -0.36 -6.68
N LEU A 113 -3.06 0.88 -7.11
CA LEU A 113 -2.57 1.12 -8.47
C LEU A 113 -1.08 0.78 -8.58
N ASP A 114 -0.41 0.42 -7.48
CA ASP A 114 0.99 0.06 -7.46
C ASP A 114 1.11 -1.40 -7.88
N THR A 115 1.14 -1.62 -9.19
CA THR A 115 1.27 -2.94 -9.80
C THR A 115 2.63 -3.52 -9.43
N LEU A 116 3.68 -2.67 -9.34
CA LEU A 116 5.03 -3.06 -8.98
C LEU A 116 5.04 -3.79 -7.63
N SER A 117 4.30 -3.28 -6.64
CA SER A 117 4.25 -3.92 -5.32
C SER A 117 3.76 -5.38 -5.43
N LEU A 118 2.82 -5.65 -6.33
CA LEU A 118 2.29 -6.99 -6.56
C LEU A 118 3.29 -7.83 -7.36
N GLU A 119 3.81 -7.26 -8.44
CA GLU A 119 4.77 -7.84 -9.37
C GLU A 119 6.04 -8.28 -8.63
N GLU A 120 6.47 -7.52 -7.61
CA GLU A 120 7.65 -7.86 -6.84
C GLU A 120 7.32 -9.02 -5.91
N VAL A 121 6.13 -9.08 -5.30
CA VAL A 121 5.78 -10.18 -4.39
C VAL A 121 5.70 -11.50 -5.15
N GLU A 122 4.99 -11.54 -6.28
CA GLU A 122 4.88 -12.77 -7.07
C GLU A 122 6.26 -13.21 -7.55
N ASP A 123 7.17 -12.28 -7.84
CA ASP A 123 8.50 -12.62 -8.29
C ASP A 123 9.36 -13.15 -7.14
N LEU A 124 9.37 -12.41 -6.02
CA LEU A 124 10.11 -12.70 -4.79
C LEU A 124 9.66 -13.99 -4.12
N THR A 125 8.49 -14.54 -4.45
CA THR A 125 7.99 -15.76 -3.84
C THR A 125 7.74 -16.88 -4.88
N GLY A 126 7.44 -16.55 -6.14
CA GLY A 126 7.17 -17.52 -7.19
C GLY A 126 5.80 -18.17 -7.05
N LEU A 127 4.85 -17.50 -6.38
CA LEU A 127 3.48 -17.93 -6.10
C LEU A 127 2.49 -16.80 -6.46
N VAL A 128 1.17 -16.99 -6.34
CA VAL A 128 0.16 -15.98 -6.69
C VAL A 128 -0.26 -15.20 -5.45
N VAL A 129 -0.66 -13.93 -5.60
CA VAL A 129 -1.04 -13.08 -4.48
C VAL A 129 -2.38 -12.38 -4.72
N GLU A 130 -3.22 -12.29 -3.68
CA GLU A 130 -4.53 -11.63 -3.74
C GLU A 130 -4.33 -10.17 -3.27
N PRO A 131 -4.47 -9.16 -4.15
CA PRO A 131 -4.29 -7.75 -3.82
C PRO A 131 -5.49 -7.07 -3.13
N TYR A 132 -5.40 -6.78 -1.84
CA TYR A 132 -6.47 -6.10 -1.09
C TYR A 132 -6.01 -4.70 -0.66
N GLN A 133 -6.96 -3.86 -0.22
CA GLN A 133 -6.66 -2.50 0.24
C GLN A 133 -6.58 -2.40 1.77
N THR A 134 -5.94 -1.35 2.29
CA THR A 134 -5.80 -1.12 3.72
C THR A 134 -5.67 0.37 4.06
N THR A 135 -5.61 0.68 5.35
CA THR A 135 -5.50 2.02 5.90
C THR A 135 -4.31 2.12 6.87
N LYS A 136 -3.84 3.33 7.18
CA LYS A 136 -2.70 3.54 8.08
C LYS A 136 -2.96 2.93 9.44
N SER A 137 -4.20 3.02 9.96
CA SER A 137 -4.57 2.48 11.25
C SER A 137 -4.22 1.00 11.36
N ALA A 138 -4.59 0.19 10.35
CA ALA A 138 -4.30 -1.24 10.36
C ALA A 138 -2.82 -1.50 10.05
N PHE A 139 -2.20 -0.65 9.23
CA PHE A 139 -0.80 -0.78 8.85
C PHE A 139 0.07 -0.78 10.11
N LEU A 140 -0.07 0.28 10.91
CA LEU A 140 0.66 0.49 12.15
C LEU A 140 0.52 -0.71 13.10
N TYR A 141 -0.69 -1.26 13.26
CA TYR A 141 -0.93 -2.40 14.14
C TYR A 141 -0.11 -3.64 13.76
N ALA A 142 -0.03 -3.99 12.47
CA ALA A 142 0.74 -5.15 12.03
C ALA A 142 2.23 -4.94 12.31
N LEU A 143 2.73 -3.72 12.06
CA LEU A 143 4.12 -3.37 12.30
C LEU A 143 4.39 -3.54 13.80
N ALA A 144 3.52 -2.96 14.64
CA ALA A 144 3.62 -3.03 16.09
C ALA A 144 3.64 -4.47 16.60
N LYS A 145 2.93 -5.41 15.98
CA LYS A 145 2.95 -6.80 16.45
C LYS A 145 4.37 -7.35 16.37
N HIS A 146 5.07 -7.04 15.29
CA HIS A 146 6.42 -7.51 15.04
C HIS A 146 7.49 -6.67 15.71
N TYR A 147 7.25 -5.38 15.94
CA TYR A 147 8.21 -4.48 16.58
C TYR A 147 7.52 -3.67 17.68
N PRO A 148 7.05 -4.34 18.76
CA PRO A 148 6.37 -3.68 19.86
C PRO A 148 7.33 -2.80 20.67
N GLU A 149 8.64 -3.02 20.51
CA GLU A 149 9.69 -2.28 21.19
C GLU A 149 9.67 -0.80 20.81
N LEU A 150 9.06 -0.45 19.68
CA LEU A 150 8.92 0.94 19.23
C LEU A 150 7.46 1.34 19.38
N GLY A 151 6.51 0.38 19.24
CA GLY A 151 5.08 0.61 19.37
C GLY A 151 4.53 1.74 18.49
N LEU A 152 5.24 2.11 17.41
CA LEU A 152 4.94 3.18 16.45
C LEU A 152 4.82 4.47 17.27
N PRO A 153 5.98 5.09 17.59
CA PRO A 153 6.07 6.29 18.40
C PRO A 153 5.63 7.56 17.68
N VAL A 154 5.64 8.67 18.42
CA VAL A 154 5.29 10.00 17.96
C VAL A 154 6.57 10.81 17.93
N MET A 1 17.30 12.19 -9.47
CA MET A 1 16.27 11.20 -9.81
C MET A 1 14.94 11.92 -10.04
N SER A 2 14.11 11.42 -10.96
CA SER A 2 12.79 11.98 -11.29
C SER A 2 11.74 10.89 -11.55
N VAL A 3 12.10 9.60 -11.54
CA VAL A 3 11.17 8.51 -11.77
C VAL A 3 10.26 8.35 -10.54
N LEU A 4 8.98 8.09 -10.78
CA LEU A 4 7.90 7.87 -9.81
C LEU A 4 7.38 6.43 -9.91
N THR A 5 6.59 5.96 -8.95
CA THR A 5 6.07 4.60 -9.01
C THR A 5 5.10 4.43 -10.20
N ILE A 6 4.81 3.19 -10.60
CA ILE A 6 3.87 2.93 -11.68
C ILE A 6 2.47 3.31 -11.16
N GLY A 7 2.25 3.16 -9.85
CA GLY A 7 1.01 3.49 -9.17
C GLY A 7 0.77 4.99 -9.10
N ASP A 8 1.84 5.78 -8.96
CA ASP A 8 1.80 7.24 -8.87
C ASP A 8 1.18 7.80 -10.15
N LYS A 9 1.59 7.29 -11.31
CA LYS A 9 1.08 7.72 -12.62
C LYS A 9 -0.43 7.51 -12.69
N ARG A 10 -0.84 6.28 -12.38
CA ARG A 10 -2.24 5.87 -12.39
C ARG A 10 -3.07 6.67 -11.41
N LEU A 11 -2.65 6.79 -10.15
CA LEU A 11 -3.42 7.55 -9.15
C LEU A 11 -3.47 9.03 -9.51
N GLY A 12 -2.40 9.56 -10.13
CA GLY A 12 -2.33 10.94 -10.54
C GLY A 12 -3.43 11.22 -11.56
N ALA A 13 -3.48 10.41 -12.63
CA ALA A 13 -4.49 10.57 -13.67
C ALA A 13 -5.90 10.34 -13.11
N ALA A 14 -6.06 9.48 -12.10
CA ALA A 14 -7.35 9.19 -11.50
C ALA A 14 -7.91 10.41 -10.75
N LEU A 15 -7.05 11.16 -10.05
CA LEU A 15 -7.45 12.35 -9.30
C LEU A 15 -8.15 13.34 -10.22
N LEU A 16 -7.56 13.55 -11.41
CA LEU A 16 -8.05 14.46 -12.43
C LEU A 16 -9.42 13.99 -12.93
N ASP A 17 -9.57 12.72 -13.30
CA ASP A 17 -10.86 12.22 -13.82
C ASP A 17 -11.98 12.31 -12.79
N ALA A 18 -11.67 12.02 -11.52
CA ALA A 18 -12.63 12.08 -10.44
C ALA A 18 -12.90 13.54 -10.01
N GLY A 19 -12.20 14.51 -10.60
CA GLY A 19 -12.33 15.94 -10.34
C GLY A 19 -11.89 16.33 -8.93
N LEU A 20 -11.17 15.46 -8.24
CA LEU A 20 -10.70 15.67 -6.88
C LEU A 20 -9.76 16.87 -6.82
N LEU A 21 -8.86 16.99 -7.79
CA LEU A 21 -7.90 18.09 -7.92
C LEU A 21 -7.57 18.26 -9.40
N THR A 22 -6.87 19.34 -9.75
CA THR A 22 -6.49 19.67 -11.11
C THR A 22 -5.13 19.09 -11.51
N ASP A 23 -4.85 19.06 -12.81
CA ASP A 23 -3.60 18.56 -13.39
C ASP A 23 -2.43 19.42 -12.90
N GLU A 24 -2.67 20.71 -12.62
CA GLU A 24 -1.65 21.62 -12.13
C GLU A 24 -1.29 21.28 -10.69
N GLU A 25 -2.30 21.06 -9.84
CA GLU A 25 -2.07 20.71 -8.45
C GLU A 25 -1.36 19.35 -8.38
N LEU A 26 -1.69 18.46 -9.33
CA LEU A 26 -1.10 17.14 -9.45
C LEU A 26 0.39 17.29 -9.77
N GLN A 27 0.71 18.12 -10.77
CA GLN A 27 2.08 18.35 -11.23
C GLN A 27 3.02 18.71 -10.09
N ARG A 28 2.66 19.70 -9.25
CA ARG A 28 3.54 20.10 -8.16
C ARG A 28 3.73 18.97 -7.14
N ALA A 29 2.69 18.17 -6.87
CA ALA A 29 2.82 17.07 -5.92
C ALA A 29 3.83 16.03 -6.42
N LEU A 30 3.94 15.84 -7.74
CA LEU A 30 4.90 14.89 -8.32
C LEU A 30 6.31 15.31 -7.93
N GLU A 31 6.59 16.62 -8.05
CA GLU A 31 7.89 17.18 -7.72
C GLU A 31 8.16 17.05 -6.22
N ARG A 32 7.16 17.35 -5.38
CA ARG A 32 7.29 17.24 -3.92
C ARG A 32 7.65 15.81 -3.51
N HIS A 33 7.11 14.79 -4.19
CA HIS A 33 7.41 13.37 -3.87
C HIS A 33 8.92 13.11 -3.90
N ARG A 34 9.68 13.72 -4.82
CA ARG A 34 11.14 13.50 -4.91
C ARG A 34 11.88 13.97 -3.66
N GLU A 35 11.32 14.85 -2.84
CA GLU A 35 11.96 15.34 -1.62
C GLU A 35 11.74 14.36 -0.45
N VAL A 36 10.80 13.43 -0.56
CA VAL A 36 10.47 12.47 0.50
C VAL A 36 10.65 11.00 0.11
N GLY A 37 10.65 10.69 -1.18
CA GLY A 37 10.80 9.36 -1.75
C GLY A 37 9.57 8.48 -1.61
N GLY A 38 8.65 8.78 -0.69
CA GLY A 38 7.44 7.99 -0.55
C GLY A 38 6.58 8.26 -1.79
N SER A 39 5.71 7.30 -2.10
CA SER A 39 4.80 7.33 -3.23
C SER A 39 3.96 8.61 -3.26
N LEU A 40 3.32 8.90 -4.40
CA LEU A 40 2.47 10.07 -4.57
C LEU A 40 1.36 10.08 -3.51
N ALA A 41 0.88 8.89 -3.12
CA ALA A 41 -0.16 8.74 -2.13
C ALA A 41 0.35 9.03 -0.71
N GLU A 42 1.63 8.75 -0.42
CA GLU A 42 2.23 9.00 0.89
C GLU A 42 2.42 10.50 1.04
N VAL A 43 3.01 11.16 0.05
CA VAL A 43 3.23 12.60 0.11
C VAL A 43 1.87 13.31 0.21
N LEU A 44 0.82 12.81 -0.45
CA LEU A 44 -0.51 13.42 -0.40
C LEU A 44 -1.01 13.47 1.04
N VAL A 45 -0.99 12.33 1.75
CA VAL A 45 -1.47 12.33 3.13
C VAL A 45 -0.50 13.06 4.06
N ASP A 46 0.81 12.93 3.87
CA ASP A 46 1.79 13.58 4.75
C ASP A 46 1.77 15.11 4.61
N MET A 47 1.31 15.63 3.48
CA MET A 47 1.18 17.06 3.23
C MET A 47 -0.21 17.55 3.66
N GLY A 48 -1.07 16.64 4.16
CA GLY A 48 -2.42 16.94 4.60
C GLY A 48 -3.30 17.30 3.40
N LEU A 49 -2.96 16.83 2.20
CA LEU A 49 -3.72 17.12 0.99
C LEU A 49 -4.90 16.18 0.87
N LEU A 50 -4.70 14.87 1.03
CA LEU A 50 -5.80 13.89 0.94
C LEU A 50 -5.50 12.70 1.84
N SER A 51 -6.55 12.13 2.45
CA SER A 51 -6.45 10.97 3.32
C SER A 51 -6.33 9.74 2.42
N GLU A 52 -5.66 8.67 2.86
CA GLU A 52 -5.50 7.45 2.04
C GLU A 52 -6.86 6.91 1.59
N ARG A 53 -7.90 7.03 2.42
CA ARG A 53 -9.25 6.58 2.12
C ARG A 53 -9.74 7.21 0.82
N ARG A 54 -9.45 8.49 0.61
CA ARG A 54 -9.87 9.21 -0.59
C ARG A 54 -9.28 8.59 -1.84
N ILE A 55 -8.01 8.15 -1.77
CA ILE A 55 -7.33 7.51 -2.88
C ILE A 55 -7.96 6.12 -3.05
N ALA A 56 -8.13 5.37 -1.95
CA ALA A 56 -8.72 4.03 -1.95
C ALA A 56 -10.10 4.00 -2.60
N GLN A 57 -10.98 4.94 -2.21
CA GLN A 57 -12.36 5.06 -2.69
C GLN A 57 -12.45 5.16 -4.21
N THR A 58 -11.65 6.04 -4.82
CA THR A 58 -11.70 6.20 -6.27
C THR A 58 -11.10 5.01 -7.01
N ILE A 59 -10.07 4.34 -6.47
CA ILE A 59 -9.44 3.19 -7.12
C ILE A 59 -10.31 1.94 -7.01
N GLU A 60 -10.95 1.72 -5.86
CA GLU A 60 -11.79 0.56 -5.60
C GLU A 60 -12.80 0.38 -6.72
N ASP A 61 -13.42 1.47 -7.16
CA ASP A 61 -14.43 1.42 -8.21
C ASP A 61 -13.83 1.21 -9.61
N ARG A 62 -12.83 2.02 -9.99
CA ARG A 62 -12.21 1.95 -11.32
C ARG A 62 -11.28 0.76 -11.56
N PHE A 63 -10.90 -0.01 -10.53
CA PHE A 63 -10.02 -1.16 -10.69
C PHE A 63 -10.59 -2.43 -10.05
N GLY A 64 -11.65 -2.34 -9.25
CA GLY A 64 -12.26 -3.51 -8.63
C GLY A 64 -11.38 -4.20 -7.59
N ILE A 65 -10.35 -3.52 -7.07
CA ILE A 65 -9.45 -4.09 -6.07
C ILE A 65 -10.18 -3.91 -4.73
N PRO A 66 -10.56 -5.00 -4.04
CA PRO A 66 -11.28 -4.95 -2.79
C PRO A 66 -10.53 -4.31 -1.63
N LEU A 67 -11.30 -3.87 -0.65
CA LEU A 67 -10.85 -3.23 0.58
C LEU A 67 -11.27 -4.12 1.73
N VAL A 68 -10.39 -4.25 2.73
CA VAL A 68 -10.63 -5.06 3.91
C VAL A 68 -10.14 -4.32 5.14
N GLU A 69 -10.82 -4.54 6.25
CA GLU A 69 -10.51 -3.96 7.54
C GLU A 69 -9.41 -4.83 8.14
N LEU A 70 -8.16 -4.55 7.77
CA LEU A 70 -7.00 -5.29 8.27
C LEU A 70 -6.96 -5.22 9.80
N HIS A 71 -7.53 -4.16 10.38
CA HIS A 71 -7.63 -3.93 11.82
C HIS A 71 -8.43 -5.04 12.52
N ARG A 72 -9.23 -5.83 11.79
CA ARG A 72 -10.04 -6.92 12.32
C ARG A 72 -9.53 -8.28 11.84
N VAL A 73 -8.43 -8.38 11.10
CA VAL A 73 -7.90 -9.66 10.66
C VAL A 73 -6.91 -10.13 11.72
N GLU A 74 -6.70 -11.44 11.83
CA GLU A 74 -5.77 -12.04 12.78
C GLU A 74 -4.73 -12.79 11.95
N ILE A 75 -3.53 -12.22 11.84
CA ILE A 75 -2.39 -12.77 11.09
C ILE A 75 -1.81 -13.95 11.89
N PRO A 76 -2.01 -15.22 11.50
CA PRO A 76 -1.48 -16.37 12.24
C PRO A 76 0.03 -16.56 12.01
N PRO A 77 0.70 -17.36 12.85
CA PRO A 77 2.13 -17.63 12.68
C PRO A 77 2.43 -18.44 11.42
N LYS A 78 1.40 -18.98 10.72
CA LYS A 78 1.57 -19.75 9.50
C LYS A 78 1.97 -18.80 8.38
N VAL A 79 1.22 -17.71 8.16
CA VAL A 79 1.55 -16.76 7.12
C VAL A 79 2.82 -15.99 7.48
N LYS A 80 3.14 -15.88 8.78
CA LYS A 80 4.35 -15.18 9.25
C LYS A 80 5.61 -15.75 8.59
N ALA A 81 5.60 -17.02 8.20
CA ALA A 81 6.71 -17.71 7.56
C ALA A 81 7.14 -17.11 6.21
N LEU A 82 6.28 -16.32 5.55
CA LEU A 82 6.62 -15.73 4.25
C LEU A 82 7.72 -14.66 4.30
N LEU A 83 7.46 -13.48 4.89
CA LEU A 83 8.45 -12.41 4.94
C LEU A 83 8.41 -11.60 6.25
N PRO A 84 9.56 -11.09 6.70
CA PRO A 84 9.65 -10.30 7.92
C PRO A 84 8.98 -8.93 7.76
N ALA A 85 8.67 -8.28 8.89
CA ALA A 85 8.04 -6.96 8.97
C ALA A 85 8.82 -5.94 8.15
N GLU A 86 10.15 -5.97 8.21
CA GLU A 86 11.06 -5.09 7.49
C GLU A 86 10.78 -5.13 5.97
N LYS A 87 10.63 -6.33 5.38
CA LYS A 87 10.35 -6.49 3.96
C LYS A 87 8.94 -5.97 3.70
N ALA A 88 7.98 -6.43 4.50
CA ALA A 88 6.57 -6.02 4.39
C ALA A 88 6.46 -4.49 4.41
N LYS A 89 7.27 -3.83 5.23
CA LYS A 89 7.32 -2.38 5.39
C LYS A 89 7.84 -1.72 4.13
N GLU A 90 9.00 -2.12 3.59
CA GLU A 90 9.53 -1.48 2.38
C GLU A 90 8.59 -1.71 1.18
N LEU A 91 7.82 -2.80 1.20
CA LEU A 91 6.82 -3.17 0.19
C LEU A 91 5.48 -2.47 0.46
N LYS A 92 5.32 -1.83 1.64
CA LYS A 92 4.12 -1.12 2.09
C LYS A 92 2.88 -2.04 2.08
N ALA A 93 3.08 -3.37 2.14
CA ALA A 93 2.04 -4.39 2.11
C ALA A 93 2.17 -5.29 3.34
N ILE A 94 1.05 -5.78 3.87
CA ILE A 94 1.01 -6.66 5.04
C ILE A 94 0.33 -7.98 4.63
N PRO A 95 0.96 -9.13 4.93
CA PRO A 95 0.39 -10.44 4.62
C PRO A 95 -0.67 -10.83 5.66
N PHE A 96 -1.62 -11.70 5.31
CA PHE A 96 -2.65 -12.12 6.27
C PHE A 96 -3.15 -13.56 6.11
N ALA A 97 -2.86 -14.24 4.99
CA ALA A 97 -3.28 -15.62 4.76
C ALA A 97 -2.26 -16.29 3.81
N LEU A 98 -1.99 -17.57 4.05
CA LEU A 98 -1.06 -18.41 3.32
C LEU A 98 -1.68 -19.77 3.06
N ASP A 99 -1.88 -20.11 1.79
CA ASP A 99 -2.45 -21.39 1.37
C ASP A 99 -1.48 -21.99 0.37
N GLU A 100 -0.50 -22.74 0.88
CA GLU A 100 0.56 -23.39 0.11
C GLU A 100 0.03 -24.53 -0.77
N GLU A 101 -1.19 -25.01 -0.52
CA GLU A 101 -1.80 -26.09 -1.31
C GLU A 101 -2.20 -25.57 -2.69
N ALA A 102 -2.50 -24.26 -2.75
CA ALA A 102 -2.85 -23.54 -3.94
C ALA A 102 -1.65 -22.72 -4.40
N GLY A 103 -0.74 -22.39 -3.48
CA GLY A 103 0.43 -21.58 -3.74
C GLY A 103 -0.07 -20.13 -3.86
N VAL A 104 -1.06 -19.75 -3.05
CA VAL A 104 -1.67 -18.43 -3.04
C VAL A 104 -1.47 -17.79 -1.66
N VAL A 105 -1.22 -16.49 -1.66
CA VAL A 105 -1.07 -15.67 -0.44
C VAL A 105 -1.97 -14.44 -0.63
N ARG A 106 -2.45 -13.82 0.46
CA ARG A 106 -3.32 -12.64 0.40
C ARG A 106 -2.56 -11.49 1.03
N VAL A 107 -2.46 -10.31 0.40
CA VAL A 107 -1.70 -9.20 0.97
C VAL A 107 -2.51 -7.90 0.84
N ALA A 108 -2.43 -7.02 1.83
CA ALA A 108 -3.15 -5.74 1.83
C ALA A 108 -2.12 -4.61 1.88
N PHE A 109 -2.19 -3.67 0.95
CA PHE A 109 -1.30 -2.52 0.84
C PHE A 109 -2.09 -1.22 0.73
N LEU A 110 -1.40 -0.08 0.84
CA LEU A 110 -2.01 1.25 0.77
C LEU A 110 -2.13 1.77 -0.66
N ASN A 111 -1.33 1.26 -1.59
CA ASN A 111 -1.28 1.67 -2.99
C ASN A 111 -1.70 0.56 -3.93
N PRO A 112 -2.99 0.30 -4.14
CA PRO A 112 -3.44 -0.78 -5.03
C PRO A 112 -2.94 -0.66 -6.48
N LEU A 113 -2.55 0.53 -6.94
CA LEU A 113 -2.05 0.75 -8.29
C LEU A 113 -0.54 0.52 -8.38
N ASP A 114 0.15 0.30 -7.26
CA ASP A 114 1.59 0.05 -7.22
C ASP A 114 1.82 -1.39 -7.65
N THR A 115 1.81 -1.59 -8.97
CA THR A 115 2.00 -2.89 -9.59
C THR A 115 3.43 -3.40 -9.34
N LEU A 116 4.43 -2.51 -9.25
CA LEU A 116 5.81 -2.94 -9.01
C LEU A 116 5.90 -3.73 -7.72
N SER A 117 5.33 -3.21 -6.64
CA SER A 117 5.35 -3.88 -5.35
C SER A 117 4.64 -5.25 -5.42
N LEU A 118 3.65 -5.41 -6.30
CA LEU A 118 2.94 -6.69 -6.44
C LEU A 118 3.80 -7.68 -7.19
N GLU A 119 4.41 -7.27 -8.31
CA GLU A 119 5.30 -8.16 -9.08
C GLU A 119 6.51 -8.51 -8.21
N GLU A 120 6.89 -7.63 -7.28
CA GLU A 120 7.99 -7.86 -6.37
C GLU A 120 7.54 -8.99 -5.43
N VAL A 121 6.35 -8.89 -4.83
CA VAL A 121 5.86 -9.92 -3.92
C VAL A 121 5.78 -11.28 -4.61
N GLU A 122 5.29 -11.39 -5.84
CA GLU A 122 5.24 -12.71 -6.49
C GLU A 122 6.66 -13.18 -6.82
N ASP A 123 7.55 -12.33 -7.35
CA ASP A 123 8.93 -12.69 -7.69
C ASP A 123 9.69 -13.19 -6.46
N LEU A 124 9.55 -12.47 -5.34
CA LEU A 124 10.21 -12.74 -4.07
C LEU A 124 9.92 -14.12 -3.51
N THR A 125 8.78 -14.74 -3.82
CA THR A 125 8.44 -16.07 -3.32
C THR A 125 8.16 -17.10 -4.42
N GLY A 126 7.97 -16.71 -5.68
CA GLY A 126 7.69 -17.65 -6.76
C GLY A 126 6.28 -18.23 -6.67
N LEU A 127 5.34 -17.52 -6.05
CA LEU A 127 3.94 -17.91 -5.84
C LEU A 127 3.00 -16.76 -6.25
N VAL A 128 1.67 -16.93 -6.22
CA VAL A 128 0.71 -15.88 -6.60
C VAL A 128 0.23 -15.15 -5.36
N VAL A 129 -0.13 -13.87 -5.49
CA VAL A 129 -0.61 -13.04 -4.41
C VAL A 129 -1.92 -12.35 -4.80
N GLU A 130 -2.89 -12.28 -3.87
CA GLU A 130 -4.17 -11.63 -4.06
C GLU A 130 -4.03 -10.21 -3.51
N PRO A 131 -4.08 -9.16 -4.34
CA PRO A 131 -3.95 -7.80 -3.88
C PRO A 131 -5.24 -7.25 -3.25
N TYR A 132 -5.12 -6.69 -2.05
CA TYR A 132 -6.18 -6.07 -1.28
C TYR A 132 -5.75 -4.66 -0.83
N GLN A 133 -6.69 -3.85 -0.37
CA GLN A 133 -6.45 -2.49 0.13
C GLN A 133 -6.58 -2.43 1.65
N THR A 134 -6.01 -1.40 2.28
CA THR A 134 -6.06 -1.19 3.73
C THR A 134 -5.75 0.28 4.04
N THR A 135 -6.10 0.74 5.24
CA THR A 135 -5.88 2.10 5.70
C THR A 135 -4.50 2.21 6.38
N LYS A 136 -3.95 3.41 6.54
CA LYS A 136 -2.64 3.63 7.17
C LYS A 136 -2.65 3.16 8.61
N SER A 137 -3.68 3.52 9.40
CA SER A 137 -3.74 3.12 10.79
C SER A 137 -3.79 1.59 10.93
N ALA A 138 -4.55 0.90 10.07
CA ALA A 138 -4.64 -0.54 10.11
C ALA A 138 -3.28 -1.15 9.73
N PHE A 139 -2.62 -0.63 8.69
CA PHE A 139 -1.32 -1.08 8.23
C PHE A 139 -0.29 -0.99 9.37
N LEU A 140 -0.21 0.17 10.03
CA LEU A 140 0.70 0.45 11.14
C LEU A 140 0.56 -0.52 12.31
N TYR A 141 -0.61 -1.11 12.49
CA TYR A 141 -0.90 -2.07 13.55
C TYR A 141 -0.05 -3.35 13.40
N ALA A 142 0.25 -3.78 12.16
CA ALA A 142 1.06 -4.97 11.93
C ALA A 142 2.48 -4.78 12.41
N LEU A 143 3.06 -3.61 12.10
CA LEU A 143 4.44 -3.26 12.46
C LEU A 143 4.59 -3.35 13.98
N ALA A 144 3.72 -2.68 14.74
CA ALA A 144 3.78 -2.69 16.19
C ALA A 144 3.71 -4.12 16.74
N LYS A 145 2.83 -4.96 16.18
CA LYS A 145 2.69 -6.33 16.65
C LYS A 145 3.94 -7.17 16.32
N HIS A 146 4.71 -6.82 15.28
CA HIS A 146 5.92 -7.55 14.91
C HIS A 146 7.09 -7.14 15.77
N TYR A 147 7.30 -5.85 16.05
CA TYR A 147 8.39 -5.38 16.88
C TYR A 147 7.84 -4.59 18.06
N PRO A 148 7.21 -5.29 19.03
CA PRO A 148 6.65 -4.69 20.23
C PRO A 148 7.76 -4.31 21.22
N GLU A 149 9.02 -4.57 20.88
CA GLU A 149 10.20 -4.31 21.69
C GLU A 149 10.31 -2.84 22.10
N LEU A 150 9.93 -1.92 21.21
CA LEU A 150 9.98 -0.49 21.48
C LEU A 150 8.61 0.10 21.82
N GLY A 151 7.54 -0.67 21.68
CA GLY A 151 6.15 -0.30 21.97
C GLY A 151 5.64 1.01 21.38
N LEU A 152 6.32 1.59 20.38
CA LEU A 152 6.04 2.85 19.70
C LEU A 152 6.13 3.97 20.74
N PRO A 153 7.34 4.50 21.00
CA PRO A 153 7.55 5.55 21.99
C PRO A 153 7.09 6.92 21.49
N VAL A 154 7.07 7.84 22.43
CA VAL A 154 6.72 9.25 22.31
C VAL A 154 7.71 9.96 23.21
N MET A 1 18.04 12.28 -8.07
CA MET A 1 16.97 11.33 -8.42
C MET A 1 15.71 12.11 -8.77
N SER A 2 14.96 11.65 -9.78
CA SER A 2 13.75 12.33 -10.24
C SER A 2 12.68 11.37 -10.77
N VAL A 3 12.55 10.14 -10.26
CA VAL A 3 11.57 9.16 -10.78
C VAL A 3 10.49 8.79 -9.76
N LEU A 4 9.30 8.49 -10.28
CA LEU A 4 8.08 8.08 -9.58
C LEU A 4 7.72 6.63 -9.94
N THR A 5 6.82 6.02 -9.18
CA THR A 5 6.39 4.64 -9.40
C THR A 5 5.34 4.55 -10.51
N ILE A 6 5.01 3.33 -10.91
CA ILE A 6 4.02 3.03 -11.94
C ILE A 6 2.64 3.40 -11.36
N GLY A 7 2.41 3.06 -10.09
CA GLY A 7 1.15 3.34 -9.41
C GLY A 7 0.93 4.84 -9.28
N ASP A 8 1.99 5.59 -9.00
CA ASP A 8 1.94 7.04 -8.83
C ASP A 8 1.46 7.70 -10.12
N LYS A 9 2.01 7.29 -11.27
CA LYS A 9 1.63 7.85 -12.57
C LYS A 9 0.12 7.73 -12.76
N ARG A 10 -0.39 6.50 -12.59
CA ARG A 10 -1.79 6.17 -12.75
C ARG A 10 -2.66 6.93 -11.75
N LEU A 11 -2.33 6.90 -10.46
CA LEU A 11 -3.12 7.57 -9.44
C LEU A 11 -3.12 9.09 -9.62
N GLY A 12 -2.00 9.70 -10.02
CA GLY A 12 -1.92 11.14 -10.23
C GLY A 12 -2.98 11.58 -11.23
N ALA A 13 -3.02 10.94 -12.40
CA ALA A 13 -4.01 11.26 -13.42
C ALA A 13 -5.43 10.94 -12.93
N ALA A 14 -5.60 9.94 -12.05
CA ALA A 14 -6.91 9.58 -11.51
C ALA A 14 -7.46 10.66 -10.59
N LEU A 15 -6.62 11.35 -9.81
CA LEU A 15 -7.08 12.42 -8.91
C LEU A 15 -7.77 13.51 -9.72
N LEU A 16 -7.18 13.83 -10.87
CA LEU A 16 -7.68 14.84 -11.80
C LEU A 16 -9.02 14.37 -12.36
N ASP A 17 -9.11 13.13 -12.87
CA ASP A 17 -10.39 12.65 -13.43
C ASP A 17 -11.48 12.59 -12.35
N ALA A 18 -11.12 12.20 -11.14
CA ALA A 18 -12.05 12.11 -10.01
C ALA A 18 -12.43 13.51 -9.49
N GLY A 19 -11.82 14.59 -10.00
CA GLY A 19 -12.09 15.97 -9.61
C GLY A 19 -11.68 16.27 -8.17
N LEU A 20 -10.75 15.50 -7.59
CA LEU A 20 -10.32 15.70 -6.22
C LEU A 20 -9.41 16.92 -6.07
N LEU A 21 -8.50 17.13 -7.02
CA LEU A 21 -7.57 18.26 -7.09
C LEU A 21 -7.24 18.50 -8.57
N THR A 22 -6.55 19.60 -8.91
CA THR A 22 -6.23 19.88 -10.32
C THR A 22 -4.82 19.41 -10.68
N ASP A 23 -4.50 19.50 -11.96
CA ASP A 23 -3.22 19.15 -12.55
C ASP A 23 -2.08 19.95 -11.92
N GLU A 24 -2.38 21.17 -11.44
CA GLU A 24 -1.43 22.06 -10.81
C GLU A 24 -1.02 21.52 -9.43
N GLU A 25 -2.00 21.06 -8.63
CA GLU A 25 -1.72 20.50 -7.31
C GLU A 25 -0.88 19.23 -7.51
N LEU A 26 -1.19 18.46 -8.57
CA LEU A 26 -0.44 17.25 -8.90
C LEU A 26 0.99 17.66 -9.23
N GLN A 27 1.19 18.70 -10.04
CA GLN A 27 2.51 19.20 -10.43
C GLN A 27 3.32 19.57 -9.19
N ARG A 28 2.70 20.27 -8.22
CA ARG A 28 3.39 20.66 -7.00
C ARG A 28 3.81 19.40 -6.21
N ALA A 29 2.87 18.47 -5.99
CA ALA A 29 3.16 17.24 -5.25
C ALA A 29 4.22 16.37 -5.94
N LEU A 30 4.33 16.42 -7.28
CA LEU A 30 5.30 15.65 -8.03
C LEU A 30 6.71 16.03 -7.63
N GLU A 31 6.98 17.32 -7.45
CA GLU A 31 8.30 17.80 -7.04
C GLU A 31 8.54 17.38 -5.58
N ARG A 32 7.60 17.67 -4.67
CA ARG A 32 7.76 17.33 -3.25
C ARG A 32 7.96 15.83 -3.03
N HIS A 33 7.31 14.98 -3.82
CA HIS A 33 7.44 13.53 -3.73
C HIS A 33 8.92 13.12 -3.84
N ARG A 34 9.66 13.75 -4.74
CA ARG A 34 11.08 13.48 -4.97
C ARG A 34 11.94 13.76 -3.75
N GLU A 35 11.46 14.56 -2.79
CA GLU A 35 12.16 14.88 -1.55
C GLU A 35 11.87 13.87 -0.43
N VAL A 36 10.85 13.01 -0.58
CA VAL A 36 10.48 12.01 0.43
C VAL A 36 10.61 10.56 -0.07
N GLY A 37 10.57 10.32 -1.38
CA GLY A 37 10.69 9.02 -2.03
C GLY A 37 9.47 8.11 -1.89
N GLY A 38 8.55 8.39 -0.95
CA GLY A 38 7.35 7.59 -0.77
C GLY A 38 6.38 7.85 -1.91
N SER A 39 5.41 6.96 -2.11
CA SER A 39 4.40 7.05 -3.15
C SER A 39 3.60 8.36 -3.06
N LEU A 40 2.89 8.75 -4.12
CA LEU A 40 2.09 9.98 -4.16
C LEU A 40 1.06 9.94 -3.03
N ALA A 41 0.42 8.80 -2.78
CA ALA A 41 -0.56 8.68 -1.70
C ALA A 41 0.11 8.88 -0.31
N GLU A 42 1.40 8.55 -0.19
CA GLU A 42 2.17 8.69 1.05
C GLU A 42 2.46 10.18 1.29
N VAL A 43 2.83 10.93 0.24
CA VAL A 43 3.11 12.35 0.38
C VAL A 43 1.82 13.15 0.54
N LEU A 44 0.72 12.75 -0.11
CA LEU A 44 -0.57 13.44 -0.01
C LEU A 44 -1.05 13.45 1.43
N VAL A 45 -1.09 12.29 2.09
CA VAL A 45 -1.54 12.24 3.47
C VAL A 45 -0.53 12.92 4.40
N ASP A 46 0.77 12.80 4.13
CA ASP A 46 1.83 13.42 4.94
C ASP A 46 1.73 14.95 4.91
N MET A 47 1.19 15.50 3.82
CA MET A 47 0.96 16.94 3.61
C MET A 47 -0.46 17.31 4.03
N GLY A 48 -1.31 16.34 4.37
CA GLY A 48 -2.69 16.56 4.75
C GLY A 48 -3.52 17.03 3.56
N LEU A 49 -3.04 16.85 2.33
CA LEU A 49 -3.73 17.28 1.11
C LEU A 49 -4.98 16.44 0.93
N LEU A 50 -4.84 15.11 1.02
CA LEU A 50 -5.92 14.15 0.91
C LEU A 50 -5.54 12.98 1.80
N SER A 51 -6.52 12.36 2.44
CA SER A 51 -6.30 11.21 3.30
C SER A 51 -6.06 9.99 2.40
N GLU A 52 -5.26 9.02 2.85
CA GLU A 52 -4.98 7.82 2.07
C GLU A 52 -6.26 7.08 1.65
N ARG A 53 -7.27 7.04 2.52
CA ARG A 53 -8.55 6.39 2.23
C ARG A 53 -9.21 7.02 1.02
N ARG A 54 -8.97 8.30 0.71
CA ARG A 54 -9.57 8.95 -0.45
C ARG A 54 -9.11 8.24 -1.71
N ILE A 55 -7.83 7.85 -1.79
CA ILE A 55 -7.24 7.16 -2.92
C ILE A 55 -7.85 5.75 -2.98
N ALA A 56 -7.83 5.02 -1.86
CA ALA A 56 -8.38 3.67 -1.77
C ALA A 56 -9.84 3.62 -2.26
N GLN A 57 -10.67 4.57 -1.85
CA GLN A 57 -12.08 4.66 -2.22
C GLN A 57 -12.28 4.79 -3.74
N THR A 58 -11.58 5.71 -4.42
CA THR A 58 -11.75 5.84 -5.88
C THR A 58 -11.25 4.56 -6.59
N ILE A 59 -10.22 3.88 -6.07
CA ILE A 59 -9.69 2.67 -6.67
C ILE A 59 -10.67 1.50 -6.43
N GLU A 60 -11.26 1.40 -5.24
CA GLU A 60 -12.21 0.37 -4.85
C GLU A 60 -13.37 0.32 -5.86
N ASP A 61 -13.80 1.50 -6.29
CA ASP A 61 -14.89 1.69 -7.23
C ASP A 61 -14.45 1.56 -8.69
N ARG A 62 -13.31 2.14 -9.08
CA ARG A 62 -12.81 2.10 -10.47
C ARG A 62 -12.12 0.81 -10.87
N PHE A 63 -11.64 -0.03 -9.95
CA PHE A 63 -10.94 -1.28 -10.29
C PHE A 63 -11.49 -2.52 -9.59
N GLY A 64 -12.38 -2.38 -8.60
CA GLY A 64 -12.93 -3.55 -7.93
C GLY A 64 -11.90 -4.30 -7.09
N ILE A 65 -10.88 -3.61 -6.56
CA ILE A 65 -9.86 -4.22 -5.71
C ILE A 65 -10.54 -4.19 -4.34
N PRO A 66 -10.87 -5.35 -3.75
CA PRO A 66 -11.57 -5.40 -2.48
C PRO A 66 -10.68 -4.90 -1.33
N LEU A 67 -11.29 -4.11 -0.46
CA LEU A 67 -10.70 -3.53 0.73
C LEU A 67 -11.02 -4.51 1.86
N VAL A 68 -10.07 -4.74 2.77
CA VAL A 68 -10.24 -5.64 3.91
C VAL A 68 -9.90 -4.85 5.17
N GLU A 69 -10.61 -5.11 6.26
CA GLU A 69 -10.42 -4.42 7.52
C GLU A 69 -9.34 -5.11 8.36
N LEU A 70 -8.07 -4.92 7.96
CA LEU A 70 -6.93 -5.52 8.69
C LEU A 70 -6.86 -4.99 10.12
N HIS A 71 -7.43 -3.80 10.39
CA HIS A 71 -7.42 -3.20 11.73
C HIS A 71 -8.10 -4.11 12.74
N ARG A 72 -9.03 -4.97 12.33
CA ARG A 72 -9.73 -5.91 13.21
C ARG A 72 -9.37 -7.36 12.89
N VAL A 73 -8.37 -7.65 12.05
CA VAL A 73 -7.98 -9.01 11.70
C VAL A 73 -6.65 -9.38 12.37
N GLU A 74 -6.40 -10.67 12.53
CA GLU A 74 -5.22 -11.24 13.15
C GLU A 74 -4.36 -11.89 12.07
N ILE A 75 -3.04 -11.82 12.26
CA ILE A 75 -2.01 -12.35 11.36
C ILE A 75 -1.34 -13.49 12.16
N PRO A 76 -1.64 -14.77 11.89
CA PRO A 76 -1.08 -15.90 12.62
C PRO A 76 0.41 -16.14 12.33
N PRO A 77 1.09 -16.97 13.14
CA PRO A 77 2.50 -17.28 12.94
C PRO A 77 2.75 -18.03 11.63
N LYS A 78 1.70 -18.60 11.02
CA LYS A 78 1.80 -19.33 9.76
C LYS A 78 2.13 -18.37 8.62
N VAL A 79 1.37 -17.29 8.45
CA VAL A 79 1.65 -16.35 7.37
C VAL A 79 2.99 -15.62 7.61
N LYS A 80 3.43 -15.51 8.87
CA LYS A 80 4.69 -14.88 9.25
C LYS A 80 5.87 -15.61 8.56
N ALA A 81 5.70 -16.86 8.12
CA ALA A 81 6.72 -17.63 7.44
C ALA A 81 7.01 -17.10 6.02
N LEU A 82 6.19 -16.21 5.46
CA LEU A 82 6.40 -15.66 4.13
C LEU A 82 7.49 -14.59 4.18
N LEU A 83 7.20 -13.46 4.83
CA LEU A 83 8.12 -12.35 4.95
C LEU A 83 7.99 -11.64 6.29
N PRO A 84 9.06 -11.03 6.82
CA PRO A 84 9.02 -10.31 8.09
C PRO A 84 8.37 -8.92 7.91
N ALA A 85 7.94 -8.31 9.01
CA ALA A 85 7.32 -6.98 9.03
C ALA A 85 8.24 -5.94 8.41
N GLU A 86 9.57 -6.07 8.56
CA GLU A 86 10.52 -5.11 7.98
C GLU A 86 10.41 -5.12 6.45
N LYS A 87 10.16 -6.27 5.82
CA LYS A 87 10.01 -6.34 4.37
C LYS A 87 8.62 -5.82 4.03
N ALA A 88 7.60 -6.14 4.83
CA ALA A 88 6.24 -5.68 4.62
C ALA A 88 6.24 -4.14 4.54
N LYS A 89 7.06 -3.50 5.38
CA LYS A 89 7.20 -2.06 5.44
C LYS A 89 7.70 -1.49 4.12
N GLU A 90 8.82 -2.00 3.57
CA GLU A 90 9.38 -1.49 2.32
C GLU A 90 8.49 -1.84 1.13
N LEU A 91 7.79 -2.98 1.18
CA LEU A 91 6.86 -3.43 0.14
C LEU A 91 5.52 -2.69 0.24
N LYS A 92 5.29 -1.91 1.31
CA LYS A 92 4.05 -1.15 1.53
C LYS A 92 2.82 -2.06 1.54
N ALA A 93 3.02 -3.36 1.80
CA ALA A 93 2.02 -4.42 1.82
C ALA A 93 2.21 -5.30 3.05
N ILE A 94 1.14 -5.90 3.57
CA ILE A 94 1.16 -6.78 4.74
C ILE A 94 0.43 -8.08 4.35
N PRO A 95 0.98 -9.27 4.64
CA PRO A 95 0.34 -10.52 4.29
C PRO A 95 -0.68 -10.92 5.36
N PHE A 96 -1.79 -11.54 4.94
CA PHE A 96 -2.87 -11.99 5.82
C PHE A 96 -2.98 -13.51 5.85
N ALA A 97 -2.82 -14.19 4.71
CA ALA A 97 -2.92 -15.64 4.65
C ALA A 97 -1.83 -16.25 3.77
N LEU A 98 -1.54 -17.52 4.06
CA LEU A 98 -0.56 -18.39 3.44
C LEU A 98 -1.24 -19.74 3.20
N ASP A 99 -1.38 -20.15 1.94
CA ASP A 99 -1.97 -21.43 1.57
C ASP A 99 -0.96 -22.07 0.66
N GLU A 100 -0.02 -22.82 1.25
CA GLU A 100 1.02 -23.51 0.49
C GLU A 100 0.37 -24.67 -0.30
N GLU A 101 -0.76 -25.15 0.19
CA GLU A 101 -1.54 -26.23 -0.42
C GLU A 101 -2.06 -25.83 -1.80
N ALA A 102 -2.25 -24.52 -2.01
CA ALA A 102 -2.72 -23.91 -3.24
C ALA A 102 -1.62 -23.11 -3.93
N GLY A 103 -0.57 -22.77 -3.19
CA GLY A 103 0.56 -21.98 -3.65
C GLY A 103 0.11 -20.53 -3.82
N VAL A 104 -0.76 -20.02 -2.93
CA VAL A 104 -1.28 -18.65 -2.99
C VAL A 104 -1.16 -17.96 -1.63
N VAL A 105 -0.91 -16.65 -1.67
CA VAL A 105 -0.77 -15.79 -0.50
C VAL A 105 -1.74 -14.62 -0.67
N ARG A 106 -2.21 -14.02 0.42
CA ARG A 106 -3.13 -12.88 0.39
C ARG A 106 -2.40 -11.69 0.98
N VAL A 107 -2.35 -10.57 0.27
CA VAL A 107 -1.65 -9.38 0.73
C VAL A 107 -2.57 -8.16 0.62
N ALA A 108 -2.49 -7.27 1.61
CA ALA A 108 -3.27 -6.04 1.69
C ALA A 108 -2.23 -4.91 1.65
N PHE A 109 -2.34 -3.99 0.68
CA PHE A 109 -1.37 -2.91 0.52
C PHE A 109 -1.96 -1.51 0.38
N LEU A 110 -1.10 -0.52 0.63
CA LEU A 110 -1.41 0.91 0.58
C LEU A 110 -1.31 1.53 -0.81
N ASN A 111 -0.73 0.86 -1.80
CA ASN A 111 -0.59 1.39 -3.16
C ASN A 111 -1.11 0.39 -4.19
N PRO A 112 -2.43 0.12 -4.24
CA PRO A 112 -3.04 -0.83 -5.16
C PRO A 112 -2.62 -0.75 -6.64
N LEU A 113 -2.34 0.44 -7.17
CA LEU A 113 -1.94 0.64 -8.56
C LEU A 113 -0.45 0.40 -8.82
N ASP A 114 0.36 0.22 -7.77
CA ASP A 114 1.80 0.00 -7.88
C ASP A 114 2.09 -1.44 -8.29
N THR A 115 2.01 -1.70 -9.59
CA THR A 115 2.25 -3.01 -10.19
C THR A 115 3.64 -3.57 -9.87
N LEU A 116 4.68 -2.73 -9.76
CA LEU A 116 6.04 -3.17 -9.44
C LEU A 116 6.02 -3.91 -8.11
N SER A 117 5.41 -3.28 -7.11
CA SER A 117 5.30 -3.83 -5.78
C SER A 117 4.61 -5.20 -5.80
N LEU A 118 3.62 -5.44 -6.67
CA LEU A 118 2.93 -6.72 -6.74
C LEU A 118 3.77 -7.81 -7.41
N GLU A 119 4.37 -7.50 -8.57
CA GLU A 119 5.19 -8.47 -9.30
C GLU A 119 6.40 -8.90 -8.45
N GLU A 120 6.86 -8.03 -7.56
CA GLU A 120 7.97 -8.26 -6.66
C GLU A 120 7.57 -9.29 -5.59
N VAL A 121 6.37 -9.16 -5.01
CA VAL A 121 5.91 -10.09 -3.98
C VAL A 121 5.85 -11.52 -4.51
N GLU A 122 5.29 -11.73 -5.72
CA GLU A 122 5.21 -13.07 -6.28
C GLU A 122 6.59 -13.62 -6.63
N ASP A 123 7.45 -12.80 -7.26
CA ASP A 123 8.80 -13.21 -7.66
C ASP A 123 9.66 -13.56 -6.44
N LEU A 124 9.52 -12.82 -5.34
CA LEU A 124 10.29 -13.03 -4.12
C LEU A 124 9.97 -14.32 -3.38
N THR A 125 8.83 -14.99 -3.62
CA THR A 125 8.46 -16.24 -2.96
C THR A 125 8.20 -17.41 -3.93
N GLY A 126 7.95 -17.14 -5.22
CA GLY A 126 7.67 -18.20 -6.18
C GLY A 126 6.22 -18.69 -6.05
N LEU A 127 5.31 -17.83 -5.56
CA LEU A 127 3.87 -18.08 -5.36
C LEU A 127 3.08 -16.92 -5.96
N VAL A 128 1.77 -17.07 -6.18
CA VAL A 128 0.90 -16.02 -6.71
C VAL A 128 0.28 -15.31 -5.51
N VAL A 129 -0.04 -14.02 -5.64
CA VAL A 129 -0.60 -13.20 -4.58
C VAL A 129 -1.97 -12.61 -4.95
N GLU A 130 -2.90 -12.60 -4.00
CA GLU A 130 -4.26 -12.08 -4.12
C GLU A 130 -4.16 -10.63 -3.60
N PRO A 131 -4.27 -9.60 -4.48
CA PRO A 131 -4.16 -8.20 -4.12
C PRO A 131 -5.41 -7.54 -3.51
N TYR A 132 -5.30 -7.08 -2.26
CA TYR A 132 -6.36 -6.39 -1.51
C TYR A 132 -5.92 -4.99 -1.09
N GLN A 133 -6.86 -4.12 -0.72
CA GLN A 133 -6.60 -2.77 -0.26
C GLN A 133 -6.66 -2.72 1.27
N THR A 134 -6.13 -1.66 1.86
CA THR A 134 -6.11 -1.42 3.31
C THR A 134 -5.80 0.07 3.53
N THR A 135 -6.09 0.59 4.73
CA THR A 135 -5.87 1.98 5.11
C THR A 135 -4.68 2.07 6.09
N LYS A 136 -4.14 3.26 6.32
CA LYS A 136 -3.00 3.48 7.22
C LYS A 136 -3.29 2.96 8.61
N SER A 137 -4.49 3.15 9.16
CA SER A 137 -4.83 2.68 10.49
C SER A 137 -4.53 1.18 10.63
N ALA A 138 -4.92 0.39 9.63
CA ALA A 138 -4.71 -1.05 9.59
C ALA A 138 -3.25 -1.38 9.30
N PHE A 139 -2.59 -0.63 8.41
CA PHE A 139 -1.19 -0.86 8.07
C PHE A 139 -0.31 -0.73 9.32
N LEU A 140 -0.46 0.41 10.02
CA LEU A 140 0.28 0.74 11.23
C LEU A 140 0.03 -0.32 12.31
N TYR A 141 -1.18 -0.89 12.35
CA TYR A 141 -1.57 -1.91 13.32
C TYR A 141 -0.62 -3.10 13.28
N ALA A 142 -0.44 -3.71 12.10
CA ALA A 142 0.45 -4.87 11.95
C ALA A 142 1.88 -4.48 12.24
N LEU A 143 2.32 -3.34 11.69
CA LEU A 143 3.68 -2.85 11.86
C LEU A 143 4.04 -2.76 13.35
N ALA A 144 3.20 -2.09 14.15
CA ALA A 144 3.40 -1.94 15.58
C ALA A 144 3.34 -3.30 16.28
N LYS A 145 2.39 -4.17 15.91
CA LYS A 145 2.26 -5.49 16.55
C LYS A 145 3.53 -6.31 16.37
N HIS A 146 4.20 -6.18 15.22
CA HIS A 146 5.42 -6.89 14.92
C HIS A 146 6.66 -6.22 15.55
N TYR A 147 6.50 -5.02 16.12
CA TYR A 147 7.58 -4.27 16.76
C TYR A 147 7.04 -3.57 18.03
N PRO A 148 6.67 -4.33 19.09
CA PRO A 148 6.14 -3.73 20.32
C PRO A 148 7.20 -2.86 21.01
N GLU A 149 8.48 -3.15 20.76
CA GLU A 149 9.65 -2.47 21.30
C GLU A 149 9.61 -0.97 20.96
N LEU A 150 9.09 -0.59 19.80
CA LEU A 150 8.94 0.81 19.38
C LEU A 150 7.46 1.20 19.37
N GLY A 151 6.56 0.25 19.10
CA GLY A 151 5.12 0.47 19.05
C GLY A 151 4.67 1.45 17.96
N LEU A 152 5.59 1.83 17.06
CA LEU A 152 5.43 2.77 15.95
C LEU A 152 5.14 4.16 16.54
N PRO A 153 6.20 4.88 16.98
CA PRO A 153 6.11 6.20 17.57
C PRO A 153 5.84 7.27 16.51
N VAL A 154 5.96 8.53 16.91
CA VAL A 154 5.78 9.68 16.04
C VAL A 154 6.91 9.66 15.03
N MET A 1 18.09 14.45 -9.42
CA MET A 1 16.87 14.38 -10.22
C MET A 1 16.44 12.92 -10.31
N SER A 2 15.19 12.59 -9.96
CA SER A 2 14.73 11.21 -9.99
C SER A 2 13.33 11.08 -10.57
N VAL A 3 13.06 9.90 -11.15
CA VAL A 3 11.78 9.54 -11.75
C VAL A 3 10.85 9.01 -10.64
N LEU A 4 9.61 8.69 -11.02
CA LEU A 4 8.58 8.15 -10.14
C LEU A 4 8.24 6.72 -10.53
N THR A 5 7.53 6.05 -9.63
CA THR A 5 7.08 4.69 -9.70
C THR A 5 5.91 4.52 -10.71
N ILE A 6 5.52 3.26 -10.96
CA ILE A 6 4.43 2.91 -11.87
C ILE A 6 3.11 3.34 -11.20
N GLY A 7 2.98 3.11 -9.88
CA GLY A 7 1.79 3.44 -9.11
C GLY A 7 1.48 4.92 -9.17
N ASP A 8 2.49 5.76 -8.99
CA ASP A 8 2.39 7.21 -8.97
C ASP A 8 1.78 7.78 -10.25
N LYS A 9 2.15 7.23 -11.41
CA LYS A 9 1.61 7.69 -12.69
C LYS A 9 0.12 7.41 -12.78
N ARG A 10 -0.26 6.15 -12.55
CA ARG A 10 -1.65 5.72 -12.61
C ARG A 10 -2.49 6.43 -11.56
N LEU A 11 -2.05 6.45 -10.30
CA LEU A 11 -2.79 7.09 -9.22
C LEU A 11 -2.87 8.60 -9.45
N GLY A 12 -1.83 9.24 -10.01
CA GLY A 12 -1.84 10.67 -10.29
C GLY A 12 -3.01 10.96 -11.22
N ALA A 13 -3.11 10.20 -12.32
CA ALA A 13 -4.19 10.34 -13.28
C ALA A 13 -5.54 10.01 -12.61
N ALA A 14 -5.57 9.12 -11.62
CA ALA A 14 -6.81 8.78 -10.90
C ALA A 14 -7.32 9.99 -10.12
N LEU A 15 -6.45 10.87 -9.62
CA LEU A 15 -6.87 12.06 -8.87
C LEU A 15 -7.66 12.95 -9.83
N LEU A 16 -7.14 13.10 -11.05
CA LEU A 16 -7.70 13.88 -12.14
C LEU A 16 -9.05 13.26 -12.54
N ASP A 17 -9.10 11.94 -12.74
CA ASP A 17 -10.32 11.21 -13.12
C ASP A 17 -11.41 11.37 -12.06
N ALA A 18 -11.02 11.37 -10.79
CA ALA A 18 -11.92 11.52 -9.67
C ALA A 18 -12.26 12.99 -9.43
N GLY A 19 -11.51 13.93 -10.02
CA GLY A 19 -11.71 15.38 -9.87
C GLY A 19 -11.34 15.88 -8.47
N LEU A 20 -10.57 15.09 -7.71
CA LEU A 20 -10.16 15.41 -6.34
C LEU A 20 -9.37 16.71 -6.28
N LEU A 21 -8.50 16.96 -7.26
CA LEU A 21 -7.67 18.15 -7.36
C LEU A 21 -7.39 18.43 -8.85
N THR A 22 -6.85 19.62 -9.15
CA THR A 22 -6.53 20.05 -10.50
C THR A 22 -5.14 19.56 -10.91
N ASP A 23 -4.83 19.67 -12.21
CA ASP A 23 -3.55 19.25 -12.76
C ASP A 23 -2.37 20.00 -12.13
N GLU A 24 -2.56 21.24 -11.69
CA GLU A 24 -1.53 22.07 -11.07
C GLU A 24 -1.06 21.46 -9.75
N GLU A 25 -2.00 21.12 -8.87
CA GLU A 25 -1.70 20.54 -7.57
C GLU A 25 -0.96 19.22 -7.75
N LEU A 26 -1.36 18.43 -8.76
CA LEU A 26 -0.73 17.15 -9.07
C LEU A 26 0.68 17.42 -9.61
N GLN A 27 0.84 18.37 -10.52
CA GLN A 27 2.12 18.73 -11.13
C GLN A 27 3.13 19.11 -10.06
N ARG A 28 2.78 20.01 -9.12
CA ARG A 28 3.71 20.40 -8.07
C ARG A 28 4.02 19.22 -7.14
N ALA A 29 3.06 18.34 -6.87
CA ALA A 29 3.29 17.18 -6.00
C ALA A 29 4.38 16.25 -6.51
N LEU A 30 4.58 16.19 -7.83
CA LEU A 30 5.60 15.33 -8.44
C LEU A 30 6.96 15.68 -7.86
N GLU A 31 7.28 16.98 -7.75
CA GLU A 31 8.53 17.46 -7.20
C GLU A 31 8.64 17.07 -5.73
N ARG A 32 7.56 17.28 -4.96
CA ARG A 32 7.54 16.96 -3.53
C ARG A 32 7.88 15.49 -3.28
N HIS A 33 7.38 14.56 -4.09
CA HIS A 33 7.67 13.13 -3.93
C HIS A 33 9.20 12.90 -3.90
N ARG A 34 9.97 13.58 -4.74
CA ARG A 34 11.42 13.41 -4.78
C ARG A 34 12.10 13.87 -3.49
N GLU A 35 11.48 14.70 -2.67
CA GLU A 35 12.06 15.16 -1.41
C GLU A 35 11.82 14.17 -0.26
N VAL A 36 10.91 13.20 -0.43
CA VAL A 36 10.55 12.21 0.58
C VAL A 36 10.87 10.76 0.20
N GLY A 37 10.85 10.43 -1.09
CA GLY A 37 11.09 9.09 -1.62
C GLY A 37 9.87 8.18 -1.44
N GLY A 38 8.84 8.65 -0.71
CA GLY A 38 7.61 7.93 -0.49
C GLY A 38 6.77 8.16 -1.74
N SER A 39 5.91 7.20 -2.09
CA SER A 39 5.07 7.30 -3.27
C SER A 39 4.15 8.53 -3.23
N LEU A 40 3.50 8.88 -4.35
CA LEU A 40 2.59 10.02 -4.46
C LEU A 40 1.46 9.89 -3.43
N ALA A 41 1.07 8.66 -3.08
CA ALA A 41 0.03 8.40 -2.09
C ALA A 41 0.53 8.77 -0.68
N GLU A 42 1.83 8.65 -0.41
CA GLU A 42 2.44 8.98 0.87
C GLU A 42 2.54 10.49 0.97
N VAL A 43 3.11 11.15 -0.05
CA VAL A 43 3.26 12.61 -0.02
C VAL A 43 1.87 13.28 0.06
N LEU A 44 0.84 12.72 -0.57
CA LEU A 44 -0.52 13.26 -0.54
C LEU A 44 -1.03 13.35 0.89
N VAL A 45 -0.95 12.24 1.64
CA VAL A 45 -1.43 12.22 3.01
C VAL A 45 -0.47 12.97 3.93
N ASP A 46 0.84 12.94 3.67
CA ASP A 46 1.82 13.63 4.52
C ASP A 46 1.65 15.13 4.42
N MET A 47 1.36 15.65 3.22
CA MET A 47 1.12 17.08 3.00
C MET A 47 -0.32 17.42 3.47
N GLY A 48 -1.11 16.43 3.90
CA GLY A 48 -2.48 16.60 4.37
C GLY A 48 -3.39 17.00 3.22
N LEU A 49 -3.02 16.72 1.97
CA LEU A 49 -3.80 17.07 0.80
C LEU A 49 -4.97 16.10 0.67
N LEU A 50 -4.75 14.79 0.81
CA LEU A 50 -5.82 13.80 0.72
C LEU A 50 -5.54 12.65 1.67
N SER A 51 -6.61 12.10 2.25
CA SER A 51 -6.55 10.97 3.16
C SER A 51 -6.35 9.73 2.28
N GLU A 52 -5.72 8.67 2.82
CA GLU A 52 -5.48 7.42 2.09
C GLU A 52 -6.79 6.92 1.47
N ARG A 53 -7.87 7.06 2.24
CA ARG A 53 -9.23 6.66 1.90
C ARG A 53 -9.74 7.31 0.62
N ARG A 54 -9.40 8.56 0.32
CA ARG A 54 -9.85 9.23 -0.90
C ARG A 54 -9.26 8.55 -2.13
N ILE A 55 -7.96 8.23 -2.11
CA ILE A 55 -7.30 7.58 -3.23
C ILE A 55 -7.90 6.16 -3.33
N ALA A 56 -8.03 5.47 -2.19
CA ALA A 56 -8.57 4.13 -2.11
C ALA A 56 -9.94 4.03 -2.80
N GLN A 57 -10.84 5.01 -2.56
CA GLN A 57 -12.17 5.04 -3.13
C GLN A 57 -12.22 5.11 -4.66
N THR A 58 -11.45 5.98 -5.32
CA THR A 58 -11.49 6.03 -6.79
C THR A 58 -10.99 4.69 -7.36
N ILE A 59 -10.00 4.06 -6.72
CA ILE A 59 -9.45 2.79 -7.18
C ILE A 59 -10.46 1.66 -6.88
N GLU A 60 -11.14 1.72 -5.73
CA GLU A 60 -12.14 0.75 -5.29
C GLU A 60 -13.20 0.60 -6.35
N ASP A 61 -13.70 1.71 -6.89
CA ASP A 61 -14.74 1.63 -7.91
C ASP A 61 -14.19 1.39 -9.31
N ARG A 62 -13.13 2.11 -9.72
CA ARG A 62 -12.57 1.96 -11.07
C ARG A 62 -11.96 0.58 -11.31
N PHE A 63 -11.47 -0.12 -10.28
CA PHE A 63 -10.85 -1.44 -10.41
C PHE A 63 -11.59 -2.54 -9.64
N GLY A 64 -12.49 -2.23 -8.71
CA GLY A 64 -13.20 -3.26 -7.96
C GLY A 64 -12.30 -3.98 -6.95
N ILE A 65 -11.31 -3.31 -6.38
CA ILE A 65 -10.37 -3.93 -5.43
C ILE A 65 -11.01 -3.95 -4.04
N PRO A 66 -11.05 -5.11 -3.37
CA PRO A 66 -11.65 -5.26 -2.05
C PRO A 66 -10.88 -4.56 -0.94
N LEU A 67 -11.59 -4.24 0.14
CA LEU A 67 -11.08 -3.57 1.33
C LEU A 67 -11.47 -4.42 2.53
N VAL A 68 -10.52 -4.65 3.43
CA VAL A 68 -10.65 -5.45 4.65
C VAL A 68 -10.12 -4.62 5.82
N GLU A 69 -10.50 -4.97 7.05
CA GLU A 69 -10.09 -4.29 8.26
C GLU A 69 -8.95 -5.06 8.90
N LEU A 70 -7.69 -4.71 8.58
CA LEU A 70 -6.53 -5.37 9.18
C LEU A 70 -6.43 -4.95 10.66
N HIS A 71 -7.04 -3.81 11.01
CA HIS A 71 -7.11 -3.24 12.35
C HIS A 71 -8.05 -4.07 13.25
N ARG A 72 -8.93 -4.90 12.66
CA ARG A 72 -9.89 -5.76 13.35
C ARG A 72 -9.53 -7.24 13.13
N VAL A 73 -8.28 -7.56 12.82
CA VAL A 73 -7.86 -8.94 12.58
C VAL A 73 -6.52 -9.21 13.28
N GLU A 74 -6.21 -10.48 13.43
CA GLU A 74 -5.00 -11.01 14.02
C GLU A 74 -4.17 -11.59 12.87
N ILE A 75 -2.84 -11.54 12.97
CA ILE A 75 -1.94 -12.07 11.97
C ILE A 75 -1.24 -13.26 12.65
N PRO A 76 -1.51 -14.52 12.23
CA PRO A 76 -0.92 -15.69 12.86
C PRO A 76 0.59 -15.82 12.60
N PRO A 77 1.28 -16.66 13.38
CA PRO A 77 2.71 -16.89 13.19
C PRO A 77 2.94 -17.66 11.88
N LYS A 78 1.89 -18.33 11.36
CA LYS A 78 1.94 -19.10 10.13
C LYS A 78 2.18 -18.16 8.95
N VAL A 79 1.41 -17.08 8.79
CA VAL A 79 1.66 -16.18 7.67
C VAL A 79 3.01 -15.47 7.86
N LYS A 80 3.45 -15.27 9.12
CA LYS A 80 4.74 -14.63 9.38
C LYS A 80 5.89 -15.47 8.80
N ALA A 81 5.67 -16.75 8.48
CA ALA A 81 6.66 -17.63 7.88
C ALA A 81 7.02 -17.17 6.46
N LEU A 82 6.17 -16.37 5.80
CA LEU A 82 6.43 -15.87 4.45
C LEU A 82 7.61 -14.90 4.50
N LEU A 83 7.39 -13.74 5.14
CA LEU A 83 8.36 -12.69 5.28
C LEU A 83 8.12 -11.91 6.58
N PRO A 84 9.17 -11.33 7.17
CA PRO A 84 9.03 -10.54 8.38
C PRO A 84 8.47 -9.15 8.00
N ALA A 85 7.85 -8.46 8.96
CA ALA A 85 7.25 -7.14 8.80
C ALA A 85 8.27 -6.14 8.24
N GLU A 86 9.55 -6.25 8.61
CA GLU A 86 10.61 -5.35 8.14
C GLU A 86 10.76 -5.37 6.62
N LYS A 87 10.49 -6.53 5.97
CA LYS A 87 10.59 -6.68 4.53
C LYS A 87 9.29 -6.20 3.91
N ALA A 88 8.16 -6.57 4.51
CA ALA A 88 6.85 -6.16 4.01
C ALA A 88 6.75 -4.63 4.02
N LYS A 89 7.38 -3.97 5.00
CA LYS A 89 7.44 -2.52 5.16
C LYS A 89 8.06 -1.90 3.92
N GLU A 90 9.17 -2.45 3.41
CA GLU A 90 9.86 -1.94 2.22
C GLU A 90 8.89 -1.96 1.03
N LEU A 91 8.09 -3.03 0.92
CA LEU A 91 7.09 -3.23 -0.12
C LEU A 91 5.83 -2.38 0.14
N LYS A 92 5.71 -1.70 1.29
CA LYS A 92 4.57 -0.89 1.68
C LYS A 92 3.31 -1.77 1.82
N ALA A 93 3.49 -3.07 2.10
CA ALA A 93 2.43 -4.06 2.24
C ALA A 93 2.52 -4.89 3.52
N ILE A 94 1.50 -5.71 3.78
CA ILE A 94 1.37 -6.60 4.94
C ILE A 94 0.60 -7.87 4.54
N PRO A 95 1.19 -9.07 4.63
CA PRO A 95 0.49 -10.32 4.31
C PRO A 95 -0.42 -10.70 5.49
N PHE A 96 -1.57 -11.32 5.21
CA PHE A 96 -2.56 -11.75 6.19
C PHE A 96 -2.78 -13.27 6.17
N ALA A 97 -2.59 -13.94 5.02
CA ALA A 97 -2.77 -15.40 4.94
C ALA A 97 -1.70 -16.05 4.06
N LEU A 98 -1.53 -17.35 4.26
CA LEU A 98 -0.58 -18.23 3.57
C LEU A 98 -1.33 -19.52 3.22
N ASP A 99 -1.50 -19.78 1.94
CA ASP A 99 -2.16 -20.99 1.43
C ASP A 99 -1.14 -21.53 0.43
N GLU A 100 -0.21 -22.35 0.90
CA GLU A 100 0.85 -22.92 0.06
C GLU A 100 0.26 -23.90 -0.96
N GLU A 101 -0.83 -24.57 -0.58
CA GLU A 101 -1.55 -25.56 -1.36
C GLU A 101 -2.18 -24.94 -2.61
N ALA A 102 -2.48 -23.64 -2.56
CA ALA A 102 -3.05 -22.89 -3.67
C ALA A 102 -1.97 -21.98 -4.27
N GLY A 103 -0.85 -21.82 -3.57
CA GLY A 103 0.27 -20.98 -3.95
C GLY A 103 -0.17 -19.52 -3.91
N VAL A 104 -1.15 -19.14 -3.09
CA VAL A 104 -1.62 -17.76 -3.01
C VAL A 104 -1.45 -17.17 -1.62
N VAL A 105 -0.97 -15.93 -1.58
CA VAL A 105 -0.79 -15.15 -0.36
C VAL A 105 -1.76 -13.98 -0.47
N ARG A 106 -2.28 -13.50 0.65
CA ARG A 106 -3.24 -12.40 0.68
C ARG A 106 -2.47 -11.27 1.32
N VAL A 107 -2.35 -10.14 0.61
CA VAL A 107 -1.60 -8.99 1.09
C VAL A 107 -2.43 -7.73 0.91
N ALA A 108 -2.09 -6.67 1.65
CA ALA A 108 -2.77 -5.39 1.56
C ALA A 108 -1.71 -4.31 1.65
N PHE A 109 -1.80 -3.28 0.81
CA PHE A 109 -0.87 -2.16 0.76
C PHE A 109 -1.62 -0.83 0.70
N LEU A 110 -0.92 0.28 0.92
CA LEU A 110 -1.48 1.63 0.92
C LEU A 110 -1.51 2.27 -0.47
N ASN A 111 -0.98 1.62 -1.51
CA ASN A 111 -0.95 2.14 -2.89
C ASN A 111 -1.45 1.07 -3.86
N PRO A 112 -2.76 0.72 -3.85
CA PRO A 112 -3.33 -0.31 -4.72
C PRO A 112 -3.07 -0.14 -6.21
N LEU A 113 -2.95 1.09 -6.74
CA LEU A 113 -2.71 1.27 -8.17
C LEU A 113 -1.28 0.92 -8.58
N ASP A 114 -0.40 0.60 -7.62
CA ASP A 114 0.99 0.25 -7.84
C ASP A 114 1.08 -1.19 -8.34
N THR A 115 1.38 -1.39 -9.64
CA THR A 115 1.52 -2.71 -10.23
C THR A 115 2.80 -3.39 -9.71
N LEU A 116 3.90 -2.64 -9.53
CA LEU A 116 5.17 -3.15 -9.02
C LEU A 116 4.94 -3.77 -7.66
N SER A 117 3.99 -3.26 -6.86
CA SER A 117 3.70 -3.81 -5.54
C SER A 117 3.34 -5.29 -5.70
N LEU A 118 2.59 -5.65 -6.76
CA LEU A 118 2.19 -7.02 -7.06
C LEU A 118 3.38 -7.81 -7.65
N GLU A 119 3.99 -7.26 -8.70
CA GLU A 119 5.11 -7.85 -9.44
C GLU A 119 6.33 -8.11 -8.54
N GLU A 120 6.59 -7.27 -7.54
CA GLU A 120 7.70 -7.45 -6.63
C GLU A 120 7.39 -8.56 -5.64
N VAL A 121 6.15 -8.68 -5.14
CA VAL A 121 5.80 -9.73 -4.19
C VAL A 121 5.81 -11.10 -4.87
N GLU A 122 5.18 -11.23 -6.05
CA GLU A 122 5.15 -12.50 -6.76
C GLU A 122 6.58 -12.97 -7.04
N ASP A 123 7.49 -12.06 -7.42
CA ASP A 123 8.87 -12.44 -7.70
C ASP A 123 9.62 -12.78 -6.42
N LEU A 124 9.42 -12.01 -5.34
CA LEU A 124 10.10 -12.24 -4.07
C LEU A 124 9.80 -13.62 -3.47
N THR A 125 8.69 -14.28 -3.81
CA THR A 125 8.38 -15.62 -3.29
C THR A 125 8.17 -16.66 -4.41
N GLY A 126 8.02 -16.29 -5.67
CA GLY A 126 7.78 -17.23 -6.75
C GLY A 126 6.37 -17.81 -6.67
N LEU A 127 5.41 -17.09 -6.07
CA LEU A 127 4.01 -17.50 -5.86
C LEU A 127 3.07 -16.38 -6.34
N VAL A 128 1.75 -16.58 -6.31
CA VAL A 128 0.76 -15.58 -6.73
C VAL A 128 0.23 -14.83 -5.50
N VAL A 129 -0.20 -13.58 -5.65
CA VAL A 129 -0.69 -12.75 -4.56
C VAL A 129 -2.05 -12.10 -4.85
N GLU A 130 -2.94 -12.06 -3.85
CA GLU A 130 -4.27 -11.48 -3.89
C GLU A 130 -4.15 -10.10 -3.21
N PRO A 131 -4.13 -8.98 -3.96
CA PRO A 131 -3.99 -7.64 -3.40
C PRO A 131 -5.30 -7.04 -2.87
N TYR A 132 -5.27 -6.58 -1.61
CA TYR A 132 -6.38 -5.96 -0.91
C TYR A 132 -6.01 -4.52 -0.54
N GLN A 133 -7.00 -3.72 -0.11
CA GLN A 133 -6.83 -2.34 0.30
C GLN A 133 -6.74 -2.28 1.83
N THR A 134 -6.23 -1.17 2.40
CA THR A 134 -6.08 -0.99 3.84
C THR A 134 -5.88 0.51 4.15
N THR A 135 -5.80 0.87 5.44
CA THR A 135 -5.58 2.25 5.89
C THR A 135 -4.29 2.29 6.72
N LYS A 136 -3.74 3.49 6.93
CA LYS A 136 -2.50 3.69 7.70
C LYS A 136 -2.65 3.14 9.12
N SER A 137 -3.79 3.33 9.78
CA SER A 137 -4.01 2.82 11.13
C SER A 137 -3.86 1.30 11.14
N ALA A 138 -4.56 0.63 10.20
CA ALA A 138 -4.53 -0.82 10.07
C ALA A 138 -3.15 -1.32 9.66
N PHE A 139 -2.41 -0.52 8.89
CA PHE A 139 -1.09 -0.87 8.43
C PHE A 139 -0.15 -0.87 9.64
N LEU A 140 -0.09 0.24 10.37
CA LEU A 140 0.75 0.41 11.55
C LEU A 140 0.46 -0.65 12.61
N TYR A 141 -0.78 -1.14 12.69
CA TYR A 141 -1.17 -2.18 13.63
C TYR A 141 -0.29 -3.43 13.44
N ALA A 142 -0.10 -3.90 12.20
CA ALA A 142 0.73 -5.07 11.96
C ALA A 142 2.19 -4.82 12.33
N LEU A 143 2.70 -3.61 12.10
CA LEU A 143 4.08 -3.26 12.43
C LEU A 143 4.26 -3.32 13.94
N ALA A 144 3.27 -2.86 14.70
CA ALA A 144 3.31 -2.87 16.16
C ALA A 144 3.26 -4.32 16.65
N LYS A 145 2.35 -5.12 16.08
CA LYS A 145 2.18 -6.52 16.45
C LYS A 145 3.45 -7.33 16.21
N HIS A 146 4.09 -7.18 15.04
CA HIS A 146 5.31 -7.91 14.75
C HIS A 146 6.49 -7.42 15.56
N TYR A 147 6.61 -6.11 15.82
CA TYR A 147 7.73 -5.58 16.58
C TYR A 147 7.28 -4.82 17.82
N PRO A 148 6.85 -5.54 18.88
CA PRO A 148 6.43 -4.94 20.13
C PRO A 148 7.64 -4.40 20.90
N GLU A 149 8.87 -4.63 20.44
CA GLU A 149 10.08 -4.15 21.09
C GLU A 149 10.09 -2.62 21.17
N LEU A 150 9.49 -1.93 20.18
CA LEU A 150 9.46 -0.47 20.19
C LEU A 150 8.11 0.08 20.65
N GLY A 151 7.00 -0.61 20.39
CA GLY A 151 5.64 -0.18 20.76
C GLY A 151 5.20 1.19 20.19
N LEU A 152 6.01 1.85 19.37
CA LEU A 152 5.73 3.16 18.78
C LEU A 152 4.54 3.20 17.82
N PRO A 153 4.43 2.35 16.79
CA PRO A 153 3.30 2.41 15.87
C PRO A 153 2.00 1.95 16.53
N VAL A 154 0.88 2.53 16.09
CA VAL A 154 -0.50 2.29 16.51
C VAL A 154 -1.38 3.11 15.59
N MET A 1 17.53 14.31 -10.31
CA MET A 1 16.08 14.05 -10.46
C MET A 1 15.82 12.56 -10.23
N SER A 2 14.59 12.06 -10.41
CA SER A 2 14.26 10.65 -10.22
C SER A 2 12.95 10.33 -10.97
N VAL A 3 12.41 9.13 -10.76
CA VAL A 3 11.18 8.62 -11.37
C VAL A 3 10.20 8.17 -10.27
N LEU A 4 8.97 7.84 -10.64
CA LEU A 4 7.87 7.38 -9.79
C LEU A 4 7.43 5.93 -10.07
N THR A 5 6.64 5.36 -9.17
CA THR A 5 6.13 3.99 -9.31
C THR A 5 5.04 3.94 -10.38
N ILE A 6 4.53 2.76 -10.74
CA ILE A 6 3.48 2.61 -11.74
C ILE A 6 2.17 3.16 -11.15
N GLY A 7 1.91 2.83 -9.88
CA GLY A 7 0.73 3.24 -9.16
C GLY A 7 0.65 4.74 -9.08
N ASP A 8 1.77 5.41 -8.88
CA ASP A 8 1.83 6.87 -8.78
C ASP A 8 1.31 7.54 -10.05
N LYS A 9 1.57 6.94 -11.22
CA LYS A 9 1.08 7.50 -12.50
C LYS A 9 -0.42 7.34 -12.56
N ARG A 10 -0.88 6.10 -12.36
CA ARG A 10 -2.29 5.75 -12.39
C ARG A 10 -3.09 6.55 -11.38
N LEU A 11 -2.60 6.72 -10.15
CA LEU A 11 -3.28 7.47 -9.10
C LEU A 11 -3.26 8.96 -9.43
N GLY A 12 -2.16 9.47 -10.00
CA GLY A 12 -2.03 10.87 -10.39
C GLY A 12 -3.13 11.18 -11.40
N ALA A 13 -3.23 10.36 -12.44
CA ALA A 13 -4.24 10.51 -13.48
C ALA A 13 -5.64 10.33 -12.85
N ALA A 14 -5.80 9.44 -11.87
CA ALA A 14 -7.08 9.21 -11.21
C ALA A 14 -7.57 10.46 -10.48
N LEU A 15 -6.67 11.29 -9.93
CA LEU A 15 -7.04 12.51 -9.22
C LEU A 15 -7.81 13.40 -10.20
N LEU A 16 -7.26 13.56 -11.40
CA LEU A 16 -7.80 14.34 -12.49
C LEU A 16 -9.10 13.70 -12.98
N ASP A 17 -9.09 12.40 -13.25
CA ASP A 17 -10.24 11.63 -13.74
C ASP A 17 -11.46 11.74 -12.80
N ALA A 18 -11.22 11.77 -11.49
CA ALA A 18 -12.23 11.89 -10.46
C ALA A 18 -12.54 13.36 -10.13
N GLY A 19 -11.86 14.33 -10.74
CA GLY A 19 -12.06 15.75 -10.52
C GLY A 19 -11.64 16.20 -9.11
N LEU A 20 -10.82 15.39 -8.42
CA LEU A 20 -10.35 15.69 -7.07
C LEU A 20 -9.51 16.97 -7.09
N LEU A 21 -8.59 17.10 -8.04
CA LEU A 21 -7.73 18.27 -8.19
C LEU A 21 -7.33 18.42 -9.66
N THR A 22 -6.76 19.56 -10.01
CA THR A 22 -6.30 19.92 -11.34
C THR A 22 -4.89 19.37 -11.57
N ASP A 23 -4.47 19.17 -12.83
CA ASP A 23 -3.12 18.67 -13.15
C ASP A 23 -2.04 19.61 -12.60
N GLU A 24 -2.39 20.90 -12.50
CA GLU A 24 -1.60 22.01 -12.01
C GLU A 24 -1.11 21.74 -10.56
N GLU A 25 -1.92 21.04 -9.77
CA GLU A 25 -1.62 20.67 -8.39
C GLU A 25 -0.63 19.51 -8.40
N LEU A 26 -0.98 18.46 -9.15
CA LEU A 26 -0.20 17.24 -9.32
C LEU A 26 1.23 17.55 -9.79
N GLN A 27 1.36 18.51 -10.70
CA GLN A 27 2.62 18.97 -11.29
C GLN A 27 3.63 19.30 -10.19
N ARG A 28 3.20 20.11 -9.21
CA ARG A 28 3.99 20.58 -8.09
C ARG A 28 4.17 19.47 -7.05
N ALA A 29 3.09 18.78 -6.71
CA ALA A 29 3.10 17.70 -5.72
C ALA A 29 4.12 16.59 -6.05
N LEU A 30 4.25 16.24 -7.33
CA LEU A 30 5.17 15.23 -7.79
C LEU A 30 6.62 15.56 -7.41
N GLU A 31 7.00 16.84 -7.43
CA GLU A 31 8.35 17.24 -7.08
C GLU A 31 8.60 16.94 -5.60
N ARG A 32 7.59 17.08 -4.73
CA ARG A 32 7.72 16.79 -3.31
C ARG A 32 7.83 15.28 -3.10
N HIS A 33 7.20 14.45 -3.95
CA HIS A 33 7.28 12.99 -3.85
C HIS A 33 8.75 12.57 -3.87
N ARG A 34 9.53 13.21 -4.76
CA ARG A 34 10.95 12.93 -4.92
C ARG A 34 11.70 13.23 -3.62
N GLU A 35 11.34 14.29 -2.92
CA GLU A 35 12.01 14.65 -1.69
C GLU A 35 11.72 13.65 -0.56
N VAL A 36 10.60 12.93 -0.56
CA VAL A 36 10.32 11.97 0.52
C VAL A 36 10.84 10.57 0.19
N GLY A 37 11.32 10.31 -1.04
CA GLY A 37 11.84 9.02 -1.46
C GLY A 37 10.73 7.98 -1.68
N GLY A 38 9.57 8.20 -1.07
CA GLY A 38 8.37 7.38 -1.13
C GLY A 38 7.54 7.76 -2.34
N SER A 39 6.46 7.01 -2.54
CA SER A 39 5.52 7.17 -3.63
C SER A 39 4.68 8.45 -3.50
N LEU A 40 4.00 8.83 -4.58
CA LEU A 40 3.11 9.99 -4.67
C LEU A 40 2.02 9.85 -3.59
N ALA A 41 1.60 8.61 -3.36
CA ALA A 41 0.60 8.27 -2.37
C ALA A 41 1.12 8.57 -0.96
N GLU A 42 2.38 8.25 -0.67
CA GLU A 42 2.98 8.48 0.64
C GLU A 42 2.96 9.99 0.92
N VAL A 43 3.45 10.80 -0.01
CA VAL A 43 3.47 12.25 0.14
C VAL A 43 2.05 12.84 0.22
N LEU A 44 1.04 12.29 -0.47
CA LEU A 44 -0.31 12.83 -0.43
C LEU A 44 -0.81 12.95 1.01
N VAL A 45 -0.78 11.86 1.79
CA VAL A 45 -1.23 11.91 3.17
C VAL A 45 -0.19 12.59 4.07
N ASP A 46 1.12 12.46 3.79
CA ASP A 46 2.16 13.08 4.62
C ASP A 46 2.08 14.60 4.62
N MET A 47 1.69 15.18 3.48
CA MET A 47 1.51 16.61 3.29
C MET A 47 0.10 17.02 3.74
N GLY A 48 -0.73 16.05 4.17
CA GLY A 48 -2.09 16.28 4.62
C GLY A 48 -3.00 16.73 3.49
N LEU A 49 -2.67 16.41 2.24
CA LEU A 49 -3.43 16.81 1.07
C LEU A 49 -4.73 16.01 0.96
N LEU A 50 -4.67 14.68 1.08
CA LEU A 50 -5.85 13.82 0.99
C LEU A 50 -5.69 12.63 1.92
N SER A 51 -6.80 12.16 2.50
CA SER A 51 -6.78 11.01 3.39
C SER A 51 -6.57 9.74 2.55
N GLU A 52 -5.94 8.72 3.13
CA GLU A 52 -5.61 7.42 2.52
C GLU A 52 -6.84 6.80 1.83
N ARG A 53 -8.00 6.94 2.48
CA ARG A 53 -9.28 6.41 2.02
C ARG A 53 -9.69 7.01 0.68
N ARG A 54 -9.47 8.31 0.45
CA ARG A 54 -9.87 8.95 -0.82
C ARG A 54 -9.19 8.24 -1.99
N ILE A 55 -7.90 7.94 -1.85
CA ILE A 55 -7.11 7.26 -2.86
C ILE A 55 -7.68 5.84 -3.01
N ALA A 56 -7.87 5.11 -1.90
CA ALA A 56 -8.40 3.75 -1.93
C ALA A 56 -9.72 3.68 -2.71
N GLN A 57 -10.65 4.58 -2.43
CA GLN A 57 -11.96 4.63 -3.08
C GLN A 57 -11.88 4.84 -4.59
N THR A 58 -11.06 5.76 -5.11
CA THR A 58 -10.99 5.95 -6.57
C THR A 58 -10.42 4.69 -7.24
N ILE A 59 -9.51 3.98 -6.56
CA ILE A 59 -8.92 2.76 -7.08
C ILE A 59 -9.97 1.64 -7.03
N GLU A 60 -10.69 1.56 -5.91
CA GLU A 60 -11.73 0.57 -5.66
C GLU A 60 -12.75 0.61 -6.79
N ASP A 61 -13.20 1.80 -7.17
CA ASP A 61 -14.18 1.93 -8.23
C ASP A 61 -13.64 1.61 -9.61
N ARG A 62 -12.48 2.18 -9.99
CA ARG A 62 -11.89 1.97 -11.31
C ARG A 62 -11.34 0.57 -11.56
N PHE A 63 -10.90 -0.17 -10.55
CA PHE A 63 -10.33 -1.51 -10.73
C PHE A 63 -11.11 -2.62 -10.02
N GLY A 64 -11.97 -2.32 -9.05
CA GLY A 64 -12.73 -3.35 -8.34
C GLY A 64 -11.85 -4.16 -7.38
N ILE A 65 -10.86 -3.54 -6.76
CA ILE A 65 -9.94 -4.22 -5.84
C ILE A 65 -10.63 -4.27 -4.46
N PRO A 66 -10.65 -5.43 -3.77
CA PRO A 66 -11.31 -5.60 -2.48
C PRO A 66 -10.60 -4.88 -1.33
N LEU A 67 -11.39 -4.25 -0.46
CA LEU A 67 -10.93 -3.53 0.72
C LEU A 67 -11.31 -4.39 1.93
N VAL A 68 -10.41 -4.53 2.90
CA VAL A 68 -10.61 -5.33 4.11
C VAL A 68 -10.20 -4.56 5.36
N GLU A 69 -10.68 -5.03 6.51
CA GLU A 69 -10.44 -4.45 7.82
C GLU A 69 -9.33 -5.21 8.55
N LEU A 70 -8.07 -4.98 8.16
CA LEU A 70 -6.92 -5.65 8.79
C LEU A 70 -6.82 -5.28 10.28
N HIS A 71 -7.37 -4.15 10.75
CA HIS A 71 -7.32 -3.79 12.17
C HIS A 71 -8.27 -4.68 12.99
N ARG A 72 -9.14 -5.43 12.33
CA ARG A 72 -10.12 -6.35 12.90
C ARG A 72 -9.77 -7.79 12.51
N VAL A 73 -8.52 -8.07 12.15
CA VAL A 73 -8.07 -9.40 11.78
C VAL A 73 -6.80 -9.73 12.57
N GLU A 74 -6.45 -11.01 12.64
CA GLU A 74 -5.26 -11.50 13.33
C GLU A 74 -4.37 -12.15 12.27
N ILE A 75 -3.13 -11.67 12.18
CA ILE A 75 -2.15 -12.18 11.23
C ILE A 75 -1.61 -13.46 11.92
N PRO A 76 -1.86 -14.66 11.41
CA PRO A 76 -1.39 -15.88 12.05
C PRO A 76 0.13 -16.04 11.97
N PRO A 77 0.74 -16.95 12.74
CA PRO A 77 2.18 -17.16 12.68
C PRO A 77 2.58 -17.82 11.35
N LYS A 78 1.67 -18.55 10.70
CA LYS A 78 1.94 -19.23 9.42
C LYS A 78 2.32 -18.23 8.33
N VAL A 79 1.54 -17.17 8.12
CA VAL A 79 1.86 -16.20 7.08
C VAL A 79 3.18 -15.47 7.40
N LYS A 80 3.51 -15.29 8.68
CA LYS A 80 4.75 -14.62 9.11
C LYS A 80 5.99 -15.43 8.67
N ALA A 81 5.82 -16.71 8.30
CA ALA A 81 6.91 -17.56 7.84
C ALA A 81 7.43 -17.05 6.49
N LEU A 82 6.59 -16.38 5.68
CA LEU A 82 6.96 -15.85 4.37
C LEU A 82 8.04 -14.79 4.47
N LEU A 83 7.72 -13.63 5.06
CA LEU A 83 8.64 -12.53 5.21
C LEU A 83 8.42 -11.77 6.53
N PRO A 84 9.47 -11.13 7.08
CA PRO A 84 9.34 -10.36 8.30
C PRO A 84 8.64 -9.02 8.01
N ALA A 85 8.10 -8.40 9.06
CA ALA A 85 7.38 -7.12 9.05
C ALA A 85 8.18 -6.03 8.34
N GLU A 86 9.51 -6.02 8.49
CA GLU A 86 10.44 -5.06 7.90
C GLU A 86 10.39 -5.01 6.36
N LYS A 87 10.33 -6.15 5.69
CA LYS A 87 10.27 -6.19 4.21
C LYS A 87 8.92 -5.66 3.77
N ALA A 88 7.86 -6.11 4.43
CA ALA A 88 6.50 -5.71 4.16
C ALA A 88 6.40 -4.17 4.31
N LYS A 89 7.07 -3.61 5.33
CA LYS A 89 7.11 -2.19 5.64
C LYS A 89 7.67 -1.38 4.47
N GLU A 90 8.85 -1.74 3.94
CA GLU A 90 9.43 -0.99 2.83
C GLU A 90 8.59 -1.10 1.55
N LEU A 91 7.93 -2.24 1.33
CA LEU A 91 7.07 -2.43 0.16
C LEU A 91 5.65 -1.89 0.40
N LYS A 92 5.40 -1.24 1.54
CA LYS A 92 4.14 -0.63 1.95
C LYS A 92 2.94 -1.60 1.88
N ALA A 93 3.13 -2.87 2.19
CA ALA A 93 2.07 -3.89 2.17
C ALA A 93 2.19 -4.76 3.42
N ILE A 94 1.22 -5.64 3.66
CA ILE A 94 1.17 -6.58 4.78
C ILE A 94 0.45 -7.87 4.34
N PRO A 95 1.08 -9.05 4.43
CA PRO A 95 0.44 -10.31 4.07
C PRO A 95 -0.54 -10.71 5.18
N PHE A 96 -1.57 -11.49 4.86
CA PHE A 96 -2.60 -11.94 5.80
C PHE A 96 -2.78 -13.45 5.78
N ALA A 97 -3.03 -14.04 4.60
CA ALA A 97 -3.23 -15.48 4.49
C ALA A 97 -2.09 -16.09 3.67
N LEU A 98 -1.85 -17.38 3.93
CA LEU A 98 -0.83 -18.18 3.29
C LEU A 98 -1.42 -19.55 3.02
N ASP A 99 -1.55 -19.91 1.75
CA ASP A 99 -2.08 -21.20 1.32
C ASP A 99 -1.00 -21.70 0.38
N GLU A 100 -0.01 -22.40 0.92
CA GLU A 100 1.12 -22.93 0.16
C GLU A 100 0.64 -24.00 -0.79
N GLU A 101 -0.36 -24.78 -0.35
CA GLU A 101 -1.01 -25.86 -1.07
C GLU A 101 -1.61 -25.34 -2.39
N ALA A 102 -2.20 -24.15 -2.34
CA ALA A 102 -2.80 -23.49 -3.49
C ALA A 102 -1.78 -22.60 -4.21
N GLY A 103 -0.67 -22.27 -3.55
CA GLY A 103 0.37 -21.41 -4.07
C GLY A 103 -0.15 -19.97 -4.12
N VAL A 104 -1.07 -19.59 -3.21
CA VAL A 104 -1.63 -18.25 -3.17
C VAL A 104 -1.47 -17.60 -1.79
N VAL A 105 -1.10 -16.33 -1.81
CA VAL A 105 -0.96 -15.52 -0.59
C VAL A 105 -1.90 -14.31 -0.73
N ARG A 106 -2.38 -13.76 0.39
CA ARG A 106 -3.27 -12.60 0.37
C ARG A 106 -2.46 -11.45 0.96
N VAL A 107 -2.34 -10.33 0.26
CA VAL A 107 -1.59 -9.17 0.71
C VAL A 107 -2.49 -7.95 0.65
N ALA A 108 -2.30 -6.98 1.53
CA ALA A 108 -3.08 -5.76 1.57
C ALA A 108 -2.10 -4.60 1.60
N PHE A 109 -2.32 -3.60 0.76
CA PHE A 109 -1.47 -2.43 0.65
C PHE A 109 -2.29 -1.15 0.54
N LEU A 110 -1.63 0.00 0.61
CA LEU A 110 -2.24 1.33 0.53
C LEU A 110 -2.23 1.87 -0.91
N ASN A 111 -1.37 1.32 -1.78
CA ASN A 111 -1.18 1.71 -3.18
C ASN A 111 -1.64 0.58 -4.13
N PRO A 112 -2.93 0.20 -4.17
CA PRO A 112 -3.42 -0.88 -5.02
C PRO A 112 -3.15 -0.76 -6.51
N LEU A 113 -3.03 0.46 -7.04
CA LEU A 113 -2.76 0.66 -8.46
C LEU A 113 -1.31 0.35 -8.81
N ASP A 114 -0.41 0.31 -7.81
CA ASP A 114 0.98 0.07 -8.05
C ASP A 114 1.33 -1.36 -8.40
N THR A 115 1.40 -1.60 -9.70
CA THR A 115 1.73 -2.89 -10.26
C THR A 115 3.13 -3.30 -9.80
N LEU A 116 4.05 -2.34 -9.58
CA LEU A 116 5.42 -2.61 -9.15
C LEU A 116 5.38 -3.25 -7.77
N SER A 117 4.71 -2.61 -6.81
CA SER A 117 4.62 -3.15 -5.46
C SER A 117 3.94 -4.53 -5.46
N LEU A 118 2.99 -4.79 -6.39
CA LEU A 118 2.31 -6.06 -6.48
C LEU A 118 3.17 -7.16 -7.10
N GLU A 119 3.75 -6.92 -8.28
CA GLU A 119 4.59 -7.87 -9.01
C GLU A 119 5.84 -8.22 -8.20
N GLU A 120 6.30 -7.31 -7.33
CA GLU A 120 7.45 -7.55 -6.48
C GLU A 120 7.13 -8.67 -5.49
N VAL A 121 5.88 -8.75 -5.01
CA VAL A 121 5.43 -9.77 -4.05
C VAL A 121 5.28 -11.12 -4.73
N GLU A 122 4.74 -11.16 -5.94
CA GLU A 122 4.53 -12.40 -6.68
C GLU A 122 5.89 -13.02 -7.02
N ASP A 123 6.77 -12.21 -7.62
CA ASP A 123 8.12 -12.56 -8.05
C ASP A 123 9.06 -12.88 -6.89
N LEU A 124 8.84 -12.30 -5.71
CA LEU A 124 9.68 -12.54 -4.53
C LEU A 124 9.73 -14.02 -4.16
N THR A 125 8.64 -14.75 -4.41
CA THR A 125 8.54 -16.17 -4.12
C THR A 125 8.20 -17.02 -5.36
N GLY A 126 7.77 -16.41 -6.47
CA GLY A 126 7.42 -17.20 -7.64
C GLY A 126 6.05 -17.86 -7.47
N LEU A 127 5.15 -17.25 -6.69
CA LEU A 127 3.79 -17.71 -6.40
C LEU A 127 2.80 -16.57 -6.70
N VAL A 128 1.48 -16.79 -6.61
CA VAL A 128 0.49 -15.76 -6.91
C VAL A 128 0.06 -15.07 -5.63
N VAL A 129 -0.32 -13.80 -5.76
CA VAL A 129 -0.77 -12.97 -4.66
C VAL A 129 -2.12 -12.36 -5.01
N GLU A 130 -3.03 -12.33 -4.03
CA GLU A 130 -4.38 -11.79 -4.10
C GLU A 130 -4.23 -10.36 -3.52
N PRO A 131 -4.31 -9.30 -4.35
CA PRO A 131 -4.18 -7.91 -3.90
C PRO A 131 -5.44 -7.32 -3.24
N TYR A 132 -5.29 -6.84 -2.00
CA TYR A 132 -6.34 -6.21 -1.21
C TYR A 132 -5.91 -4.78 -0.84
N GLN A 133 -6.85 -3.99 -0.34
CA GLN A 133 -6.64 -2.62 0.10
C GLN A 133 -6.73 -2.56 1.62
N THR A 134 -6.06 -1.59 2.26
CA THR A 134 -6.07 -1.41 3.70
C THR A 134 -5.63 0.03 4.03
N THR A 135 -5.89 0.47 5.26
CA THR A 135 -5.55 1.79 5.77
C THR A 135 -4.25 1.74 6.58
N LYS A 136 -3.64 2.90 6.85
CA LYS A 136 -2.40 2.98 7.62
C LYS A 136 -2.65 2.60 9.07
N SER A 137 -3.85 2.82 9.61
CA SER A 137 -4.20 2.46 10.98
C SER A 137 -3.96 0.95 11.16
N ALA A 138 -4.49 0.14 10.24
CA ALA A 138 -4.33 -1.30 10.27
C ALA A 138 -2.87 -1.72 9.99
N PHE A 139 -2.18 -0.96 9.13
CA PHE A 139 -0.79 -1.19 8.76
C PHE A 139 0.10 -1.06 10.01
N LEU A 140 0.00 0.09 10.69
CA LEU A 140 0.73 0.43 11.90
C LEU A 140 0.50 -0.63 12.96
N TYR A 141 -0.75 -1.09 13.09
CA TYR A 141 -1.14 -2.12 14.05
C TYR A 141 -0.32 -3.40 13.85
N ALA A 142 -0.23 -3.92 12.61
CA ALA A 142 0.55 -5.13 12.35
C ALA A 142 2.00 -4.92 12.76
N LEU A 143 2.59 -3.78 12.38
CA LEU A 143 3.98 -3.46 12.71
C LEU A 143 4.15 -3.52 14.23
N ALA A 144 3.27 -2.84 14.97
CA ALA A 144 3.29 -2.77 16.42
C ALA A 144 3.32 -4.16 17.06
N LYS A 145 2.48 -5.08 16.57
CA LYS A 145 2.43 -6.43 17.11
C LYS A 145 3.59 -7.30 16.62
N HIS A 146 4.13 -7.02 15.43
CA HIS A 146 5.25 -7.79 14.91
C HIS A 146 6.55 -7.45 15.63
N TYR A 147 6.77 -6.19 16.03
CA TYR A 147 7.98 -5.78 16.74
C TYR A 147 7.62 -4.77 17.83
N PRO A 148 7.04 -5.22 18.96
CA PRO A 148 6.65 -4.35 20.07
C PRO A 148 7.85 -3.73 20.81
N GLU A 149 9.08 -4.12 20.49
CA GLU A 149 10.31 -3.64 21.13
C GLU A 149 10.49 -2.13 21.06
N LEU A 150 9.89 -1.40 20.09
CA LEU A 150 10.04 0.05 20.00
C LEU A 150 8.78 0.84 20.38
N GLY A 151 7.63 0.20 20.56
CA GLY A 151 6.32 0.77 20.96
C GLY A 151 5.82 2.09 20.32
N LEU A 152 6.41 2.56 19.21
CA LEU A 152 6.01 3.82 18.57
C LEU A 152 4.74 3.74 17.72
N PRO A 153 4.58 2.84 16.74
CA PRO A 153 3.36 2.79 15.94
C PRO A 153 2.19 2.34 16.80
N VAL A 154 1.12 3.12 16.79
CA VAL A 154 -0.11 2.87 17.52
C VAL A 154 -1.22 2.85 16.49
#